data_7TGK
#
_entry.id   7TGK
#
_cell.length_a   126.407
_cell.length_b   237.528
_cell.length_c   326.829
_cell.angle_alpha   90.000
_cell.angle_beta   90.000
_cell.angle_gamma   90.000
#
_symmetry.space_group_name_H-M   'C 2 2 21'
#
loop_
_entity.id
_entity.type
_entity.pdbx_description
1 polymer 'Desferrioxamine synthetase DesD'
2 non-polymer 'SULFATE ION'
3 non-polymer "ADENOSINE-5'-TRIPHOSPHATE"
4 non-polymer 'MAGNESIUM ION'
5 non-polymer 2-[3-(2-HYDROXY-1,1-DIHYDROXYMETHYL-ETHYLAMINO)-PROPYLAMINO]-2-HYDROXYMETHYL-PROPANE-1,3-DIOL
6 non-polymer (4S)-2-METHYL-2,4-PENTANEDIOL
7 water water
#
_entity_poly.entity_id   1
_entity_poly.type   'polypeptide(L)'
_entity_poly.pdbx_seq_one_letter_code
;MGSSHHHHHHSSGLVPRGSHMSLTDAVAHLSPERWEEANRLLVRKALAEFAHERLFTPEPADGQDGRYVVRSDDGLTSYR
FTAVRRALDHWQVDAGSITRTRDGAELPLAALDFFIELRHTLGLSDEILPVYLEEISSTLSGTCYKLTKPQVTAAGLLEG
GFQALESGMTEGHPCFVANNGRLGFGVDEYLAYAPETAHPVRLVWLAAHRSRAAFTAGAGIDYASFVRQELGEETVERFD
GVLRGRGLDPADYLLIPVHPWQWWNKLSVTFAAEVARQNLVCLGESDDEYLAQQSIRTFFNATHPEKHYVKTALSVLNMG
FMRGLSAAYMEATPAINDWLDRLIDNDPVLKSTGLSIIRERAAVGYRHLEYEAATDRYSPYRKMLAALWRESPVPALRDG
ESLTTMAALVHVDHEGRSVAGELIARSGLAPTAWLRHYLRAYYTPLLHSFYAYDLAFMPHGENTILVLKDGVVQRAVYKD
IAEEIVVMDPDAVLPPEVRRVRAEVPEDMKLLSIFTDVFDCFFRFLAAGLATEEVLAEDDFWRTVAEVTREYQEAHPELD
DRFRQYDLFAPEFALSCLNRLQLRDNRQMVDLADPSAALQLVGTLRNPLAGL
;
_entity_poly.pdbx_strand_id   D,B,E,A,C
#
# COMPACT_ATOMS: atom_id res chain seq x y z
N HIS A 20 -49.94 27.67 -32.33
CA HIS A 20 -51.03 27.21 -31.42
C HIS A 20 -51.73 25.95 -31.91
N MET A 21 -51.74 25.75 -33.23
CA MET A 21 -52.54 24.66 -33.79
C MET A 21 -51.94 23.29 -33.46
N SER A 22 -50.70 23.04 -33.89
CA SER A 22 -50.03 21.79 -33.51
C SER A 22 -49.80 21.73 -32.01
N LEU A 23 -49.47 22.87 -31.39
CA LEU A 23 -49.27 22.89 -29.94
C LEU A 23 -50.51 22.39 -29.23
N THR A 24 -51.67 22.98 -29.53
CA THR A 24 -52.87 22.62 -28.80
C THR A 24 -53.39 21.25 -29.22
N ASP A 25 -53.22 20.88 -30.49
CA ASP A 25 -53.64 19.56 -30.91
C ASP A 25 -52.87 18.46 -30.19
N ALA A 26 -51.57 18.66 -29.94
CA ALA A 26 -50.76 17.58 -29.39
C ALA A 26 -51.20 17.19 -28.01
N VAL A 27 -51.78 18.13 -27.25
CA VAL A 27 -52.24 17.80 -25.90
C VAL A 27 -53.78 17.77 -25.80
N ALA A 28 -54.48 17.74 -26.93
CA ALA A 28 -55.95 17.74 -26.86
C ALA A 28 -56.46 16.50 -26.15
N HIS A 29 -55.78 15.36 -26.23
CA HIS A 29 -56.27 14.20 -25.50
C HIS A 29 -56.22 14.38 -23.98
N LEU A 30 -55.45 15.36 -23.49
CA LEU A 30 -55.35 15.62 -22.06
C LEU A 30 -56.46 16.59 -21.67
N SER A 31 -57.61 16.05 -21.28
CA SER A 31 -58.74 16.83 -20.82
C SER A 31 -59.08 16.43 -19.39
N PRO A 32 -59.88 17.25 -18.67
CA PRO A 32 -60.23 16.90 -17.27
C PRO A 32 -61.01 15.60 -17.12
N GLU A 33 -61.99 15.34 -18.00
CA GLU A 33 -62.83 14.15 -17.88
C GLU A 33 -62.03 12.88 -18.18
N ARG A 34 -61.24 12.88 -19.27
CA ARG A 34 -60.41 11.71 -19.56
C ARG A 34 -59.38 11.49 -18.45
N TRP A 35 -58.84 12.56 -17.89
CA TRP A 35 -57.88 12.36 -16.82
C TRP A 35 -58.52 11.73 -15.57
N GLU A 36 -59.73 12.19 -15.22
CA GLU A 36 -60.47 11.60 -14.11
C GLU A 36 -60.69 10.11 -14.35
N GLU A 37 -61.18 9.76 -15.54
CA GLU A 37 -61.41 8.35 -15.86
C GLU A 37 -60.11 7.54 -15.80
N ALA A 38 -59.01 8.07 -16.34
CA ALA A 38 -57.75 7.35 -16.30
C ALA A 38 -57.28 7.14 -14.86
N ASN A 39 -57.42 8.16 -14.03
CA ASN A 39 -56.94 8.00 -12.66
C ASN A 39 -57.76 7.00 -11.90
N ARG A 40 -59.08 6.98 -12.11
CA ARG A 40 -59.92 5.96 -11.47
C ARG A 40 -59.49 4.57 -11.91
N LEU A 41 -59.27 4.38 -13.21
CA LEU A 41 -58.90 3.04 -13.70
C LEU A 41 -57.54 2.62 -13.15
N LEU A 42 -56.59 3.55 -13.07
CA LEU A 42 -55.24 3.15 -12.67
C LEU A 42 -55.16 2.87 -11.18
N VAL A 43 -55.87 3.67 -10.37
CA VAL A 43 -55.97 3.37 -8.94
C VAL A 43 -56.70 2.04 -8.71
N ARG A 44 -57.72 1.74 -9.52
CA ARG A 44 -58.35 0.42 -9.43
C ARG A 44 -57.33 -0.69 -9.63
N LYS A 45 -56.52 -0.56 -10.68
CA LYS A 45 -55.51 -1.58 -10.95
C LYS A 45 -54.50 -1.66 -9.82
N ALA A 46 -54.11 -0.52 -9.25
CA ALA A 46 -53.11 -0.53 -8.18
C ALA A 46 -53.66 -1.22 -6.94
N LEU A 47 -54.88 -0.90 -6.55
CA LEU A 47 -55.47 -1.60 -5.41
C LEU A 47 -55.49 -3.11 -5.66
N ALA A 48 -55.90 -3.51 -6.86
CA ALA A 48 -56.04 -4.93 -7.17
C ALA A 48 -54.71 -5.65 -7.11
N GLU A 49 -53.72 -5.15 -7.83
CA GLU A 49 -52.46 -5.86 -7.98
C GLU A 49 -51.58 -5.71 -6.74
N PHE A 50 -51.63 -4.57 -6.04
CA PHE A 50 -50.84 -4.46 -4.82
C PHE A 50 -51.45 -5.30 -3.72
N ALA A 51 -52.77 -5.51 -3.77
CA ALA A 51 -53.38 -6.48 -2.88
C ALA A 51 -52.95 -7.90 -3.23
N HIS A 52 -52.97 -8.24 -4.52
CA HIS A 52 -52.53 -9.56 -4.95
C HIS A 52 -51.12 -9.86 -4.45
N GLU A 53 -50.22 -8.87 -4.51
CA GLU A 53 -48.83 -9.05 -4.11
C GLU A 53 -48.60 -8.79 -2.62
N ARG A 54 -49.67 -8.56 -1.85
CA ARG A 54 -49.65 -8.45 -0.39
C ARG A 54 -48.80 -7.25 0.07
N LEU A 55 -48.69 -6.23 -0.78
CA LEU A 55 -48.10 -4.96 -0.35
C LEU A 55 -48.99 -4.32 0.72
N PHE A 56 -50.29 -4.51 0.63
CA PHE A 56 -51.19 -4.22 1.74
C PHE A 56 -52.25 -5.31 1.74
N THR A 57 -52.91 -5.44 2.89
CA THR A 57 -53.99 -6.42 3.04
C THR A 57 -55.29 -5.66 3.23
N PRO A 58 -56.17 -5.60 2.24
CA PRO A 58 -57.44 -4.88 2.42
C PRO A 58 -58.23 -5.46 3.60
N GLU A 59 -58.64 -4.56 4.53
CA GLU A 59 -59.37 -4.93 5.73
C GLU A 59 -60.85 -4.87 5.41
N PRO A 60 -61.64 -5.89 5.77
CA PRO A 60 -63.08 -5.81 5.46
C PRO A 60 -63.70 -4.62 6.17
N ALA A 61 -64.51 -3.86 5.47
CA ALA A 61 -65.20 -2.73 6.07
C ALA A 61 -66.45 -3.30 6.74
N ASP A 62 -66.62 -3.05 8.03
CA ASP A 62 -67.75 -3.61 8.76
C ASP A 62 -69.07 -3.21 8.10
N GLY A 63 -69.97 -4.18 7.97
CA GLY A 63 -71.32 -3.94 7.51
C GLY A 63 -71.69 -4.46 6.15
N GLN A 64 -70.76 -4.46 5.19
CA GLN A 64 -71.03 -4.91 3.83
C GLN A 64 -70.11 -6.05 3.46
N ASP A 65 -70.65 -6.98 2.65
CA ASP A 65 -69.95 -8.22 2.38
C ASP A 65 -68.65 -8.07 1.60
N GLY A 66 -68.69 -7.33 0.50
CA GLY A 66 -67.51 -7.19 -0.32
C GLY A 66 -66.83 -5.84 -0.38
N ARG A 67 -66.99 -5.03 0.67
CA ARG A 67 -66.34 -3.73 0.80
C ARG A 67 -65.10 -3.82 1.68
N TYR A 68 -64.04 -3.12 1.26
CA TYR A 68 -62.76 -3.15 1.92
C TYR A 68 -62.18 -1.75 2.02
N VAL A 69 -61.15 -1.61 2.86
CA VAL A 69 -60.44 -0.34 3.06
C VAL A 69 -58.93 -0.60 3.02
N VAL A 70 -58.19 0.30 2.38
CA VAL A 70 -56.73 0.33 2.38
C VAL A 70 -56.26 1.72 2.80
N ARG A 71 -55.25 1.80 3.64
CA ARG A 71 -54.83 3.09 4.17
C ARG A 71 -53.44 3.48 3.71
N SER A 72 -53.21 4.79 3.70
CA SER A 72 -51.90 5.38 3.42
C SER A 72 -50.90 5.00 4.50
N ASP A 73 -49.65 5.37 4.25
CA ASP A 73 -48.58 5.10 5.20
C ASP A 73 -48.93 5.61 6.60
N ASP A 74 -49.43 6.84 6.70
CA ASP A 74 -49.71 7.49 7.98
C ASP A 74 -51.10 7.16 8.51
N GLY A 75 -51.85 6.32 7.81
CA GLY A 75 -53.14 5.88 8.27
C GLY A 75 -54.28 6.86 8.09
N LEU A 76 -53.99 8.10 7.72
CA LEU A 76 -55.00 9.13 7.75
C LEU A 76 -55.82 9.19 6.47
N THR A 77 -55.34 8.64 5.36
CA THR A 77 -56.12 8.58 4.13
C THR A 77 -56.61 7.17 3.95
N SER A 78 -57.91 7.04 3.64
CA SER A 78 -58.55 5.75 3.41
C SER A 78 -59.10 5.64 2.00
N TYR A 79 -58.79 4.52 1.33
CA TYR A 79 -59.34 4.16 0.03
C TYR A 79 -60.29 3.01 0.28
N ARG A 80 -61.58 3.23 -0.01
CA ARG A 80 -62.63 2.25 0.22
C ARG A 80 -63.16 1.78 -1.11
N PHE A 81 -63.46 0.50 -1.20
CA PHE A 81 -63.84 -0.05 -2.49
C PHE A 81 -64.54 -1.38 -2.29
N THR A 82 -65.30 -1.80 -3.30
CA THR A 82 -65.81 -3.17 -3.34
C THR A 82 -64.96 -4.00 -4.30
N ALA A 83 -64.87 -5.29 -4.01
CA ALA A 83 -64.07 -6.21 -4.80
C ALA A 83 -64.67 -7.60 -4.75
N VAL A 84 -64.65 -8.29 -5.89
CA VAL A 84 -64.95 -9.72 -5.93
C VAL A 84 -63.63 -10.46 -5.87
N ARG A 85 -63.56 -11.46 -5.00
CA ARG A 85 -62.34 -12.23 -4.82
C ARG A 85 -62.40 -13.53 -5.60
N ARG A 86 -61.32 -13.82 -6.33
CA ARG A 86 -61.28 -14.92 -7.27
C ARG A 86 -60.00 -15.71 -7.07
N ALA A 87 -59.93 -16.83 -7.78
CA ALA A 87 -58.84 -17.76 -7.58
C ALA A 87 -57.52 -17.08 -7.86
N LEU A 88 -56.44 -17.65 -7.27
CA LEU A 88 -55.08 -17.11 -7.29
C LEU A 88 -55.03 -15.73 -6.61
N ASP A 89 -55.82 -15.56 -5.56
CA ASP A 89 -55.83 -14.31 -4.80
C ASP A 89 -56.05 -13.13 -5.73
N HIS A 90 -57.01 -13.26 -6.62
CA HIS A 90 -57.26 -12.20 -7.56
C HIS A 90 -58.30 -11.26 -6.96
N TRP A 91 -58.03 -9.97 -6.97
CA TRP A 91 -58.94 -8.96 -6.43
C TRP A 91 -59.53 -8.20 -7.62
N GLN A 92 -60.79 -8.50 -7.94
CA GLN A 92 -61.52 -7.81 -9.01
C GLN A 92 -62.14 -6.58 -8.36
N VAL A 93 -61.33 -5.52 -8.25
CA VAL A 93 -61.77 -4.28 -7.64
C VAL A 93 -62.69 -3.57 -8.61
N ASP A 94 -63.84 -3.11 -8.12
CA ASP A 94 -64.79 -2.37 -8.93
C ASP A 94 -64.38 -0.89 -9.00
N ALA A 95 -64.19 -0.40 -10.22
CA ALA A 95 -63.66 0.94 -10.42
C ALA A 95 -64.59 1.99 -9.87
N GLY A 96 -65.90 1.85 -10.12
CA GLY A 96 -66.93 2.82 -9.73
C GLY A 96 -67.09 3.00 -8.24
N SER A 97 -66.69 2.01 -7.45
CA SER A 97 -66.90 2.03 -6.01
C SER A 97 -65.78 2.74 -5.25
N ILE A 98 -64.69 3.10 -5.90
CA ILE A 98 -63.55 3.57 -5.12
C ILE A 98 -63.83 4.98 -4.62
N THR A 99 -63.61 5.19 -3.34
CA THR A 99 -63.60 6.52 -2.75
C THR A 99 -62.32 6.73 -1.96
N ARG A 100 -61.98 8.00 -1.78
CA ARG A 100 -60.82 8.42 -1.01
C ARG A 100 -61.27 9.48 -0.02
N THR A 101 -60.92 9.28 1.25
CA THR A 101 -61.35 10.18 2.32
C THR A 101 -60.16 10.44 3.23
N ARG A 102 -60.02 11.71 3.64
CA ARG A 102 -59.00 12.12 4.58
C ARG A 102 -59.50 13.29 5.42
N ASP A 103 -59.24 13.24 6.73
CA ASP A 103 -59.66 14.30 7.65
C ASP A 103 -61.17 14.52 7.61
N GLY A 104 -61.91 13.42 7.46
CA GLY A 104 -63.36 13.51 7.39
C GLY A 104 -63.91 14.13 6.13
N ALA A 105 -63.10 14.29 5.10
CA ALA A 105 -63.53 14.89 3.83
C ALA A 105 -63.19 13.97 2.66
N GLU A 106 -64.08 13.93 1.68
CA GLU A 106 -63.83 13.16 0.47
C GLU A 106 -62.88 13.91 -0.46
N LEU A 107 -61.95 13.17 -1.07
CA LEU A 107 -60.96 13.74 -1.96
C LEU A 107 -61.06 13.07 -3.34
N PRO A 108 -60.69 13.78 -4.40
CA PRO A 108 -60.66 13.18 -5.74
C PRO A 108 -59.58 12.12 -5.85
N LEU A 109 -59.83 11.15 -6.74
CA LEU A 109 -58.89 10.07 -7.00
C LEU A 109 -57.73 10.55 -7.86
N ALA A 110 -56.49 10.33 -7.40
CA ALA A 110 -55.30 10.77 -8.12
C ALA A 110 -54.17 9.75 -7.91
N ALA A 111 -53.78 9.07 -8.97
CA ALA A 111 -52.78 8.03 -8.85
C ALA A 111 -51.47 8.58 -8.31
N LEU A 112 -51.09 9.78 -8.74
CA LEU A 112 -49.84 10.34 -8.23
C LEU A 112 -49.89 10.45 -6.71
N ASP A 113 -50.96 11.07 -6.17
CA ASP A 113 -51.10 11.18 -4.73
C ASP A 113 -51.11 9.81 -4.08
N PHE A 114 -51.77 8.84 -4.71
CA PHE A 114 -51.81 7.49 -4.19
C PHE A 114 -50.40 6.96 -3.94
N PHE A 115 -49.53 7.09 -4.92
CA PHE A 115 -48.19 6.55 -4.73
C PHE A 115 -47.39 7.35 -3.72
N ILE A 116 -47.64 8.66 -3.63
CA ILE A 116 -46.92 9.45 -2.63
C ILE A 116 -47.38 9.08 -1.22
N GLU A 117 -48.69 8.91 -1.04
CA GLU A 117 -49.25 8.55 0.26
C GLU A 117 -48.77 7.16 0.73
N LEU A 118 -48.47 6.28 -0.22
CA LEU A 118 -48.09 4.91 0.06
C LEU A 118 -46.63 4.64 -0.26
N ARG A 119 -45.79 5.66 -0.33
CA ARG A 119 -44.42 5.46 -0.77
C ARG A 119 -43.68 4.44 0.07
N HIS A 120 -43.90 4.43 1.38
CA HIS A 120 -43.17 3.49 2.24
C HIS A 120 -43.80 2.11 2.24
N THR A 121 -45.14 2.04 2.22
CA THR A 121 -45.79 0.75 2.12
C THR A 121 -45.34 0.00 0.86
N LEU A 122 -45.11 0.72 -0.24
CA LEU A 122 -44.76 0.12 -1.52
C LEU A 122 -43.26 -0.03 -1.73
N GLY A 123 -42.45 0.40 -0.77
CA GLY A 123 -41.01 0.25 -0.96
C GLY A 123 -40.41 1.14 -2.04
N LEU A 124 -40.97 2.33 -2.24
CA LEU A 124 -40.42 3.27 -3.21
C LEU A 124 -39.38 4.16 -2.51
N SER A 125 -38.11 4.02 -2.91
CA SER A 125 -37.05 4.88 -2.38
C SER A 125 -37.24 6.31 -2.88
N ASP A 126 -36.50 7.22 -2.24
CA ASP A 126 -36.58 8.63 -2.59
C ASP A 126 -36.02 8.87 -3.97
N GLU A 127 -35.04 8.06 -4.39
CA GLU A 127 -34.47 8.23 -5.72
C GLU A 127 -35.45 7.77 -6.79
N ILE A 128 -36.18 6.69 -6.53
CA ILE A 128 -36.99 6.09 -7.57
C ILE A 128 -38.35 6.74 -7.63
N LEU A 129 -38.93 7.17 -6.51
CA LEU A 129 -40.30 7.67 -6.52
C LEU A 129 -40.59 8.70 -7.60
N PRO A 130 -39.77 9.75 -7.81
CA PRO A 130 -40.12 10.75 -8.84
C PRO A 130 -40.11 10.17 -10.26
N VAL A 131 -39.16 9.29 -10.56
CA VAL A 131 -39.16 8.71 -11.89
C VAL A 131 -40.37 7.80 -12.04
N TYR A 132 -40.69 7.05 -11.00
CA TYR A 132 -41.86 6.17 -11.03
C TYR A 132 -43.12 6.98 -11.25
N LEU A 133 -43.19 8.17 -10.65
CA LEU A 133 -44.34 9.05 -10.88
C LEU A 133 -44.40 9.51 -12.33
N GLU A 134 -43.25 9.75 -12.96
CA GLU A 134 -43.27 10.04 -14.38
C GLU A 134 -43.83 8.86 -15.17
N GLU A 135 -43.46 7.63 -14.81
CA GLU A 135 -44.01 6.47 -15.53
C GLU A 135 -45.53 6.37 -15.35
N ILE A 136 -45.99 6.68 -14.15
CA ILE A 136 -47.43 6.69 -13.88
C ILE A 136 -48.12 7.76 -14.74
N SER A 137 -47.53 8.96 -14.76
CA SER A 137 -48.09 10.04 -15.54
C SER A 137 -48.19 9.70 -17.00
N SER A 138 -47.14 9.09 -17.58
CA SER A 138 -47.22 8.73 -18.99
C SER A 138 -48.22 7.62 -19.23
N THR A 139 -48.30 6.64 -18.33
CA THR A 139 -49.32 5.61 -18.47
C THR A 139 -50.70 6.23 -18.52
N LEU A 140 -50.95 7.22 -17.62
CA LEU A 140 -52.24 7.89 -17.56
C LEU A 140 -52.51 8.68 -18.84
N SER A 141 -51.45 9.32 -19.37
CA SER A 141 -51.59 10.10 -20.60
C SER A 141 -51.93 9.21 -21.78
N GLY A 142 -51.29 8.04 -21.84
CA GLY A 142 -51.66 7.06 -22.86
C GLY A 142 -53.10 6.59 -22.74
N THR A 143 -53.57 6.38 -21.51
CA THR A 143 -54.98 6.03 -21.35
C THR A 143 -55.89 7.15 -21.86
N CYS A 144 -55.52 8.42 -21.61
CA CYS A 144 -56.33 9.52 -22.14
C CYS A 144 -56.35 9.51 -23.66
N TYR A 145 -55.19 9.27 -24.27
CA TYR A 145 -55.19 9.18 -25.72
C TYR A 145 -56.09 8.05 -26.20
N LYS A 146 -56.03 6.89 -25.54
CA LYS A 146 -56.82 5.74 -25.95
C LYS A 146 -58.30 6.05 -25.79
N LEU A 147 -58.64 6.87 -24.79
CA LEU A 147 -60.01 7.31 -24.59
C LEU A 147 -60.48 8.24 -25.67
N THR A 148 -59.55 8.86 -26.41
CA THR A 148 -59.87 9.70 -27.55
C THR A 148 -60.22 8.93 -28.80
N LYS A 149 -59.81 7.70 -28.91
CA LYS A 149 -59.95 6.96 -30.16
C LYS A 149 -61.38 6.48 -30.35
N PRO A 150 -61.78 6.20 -31.59
CA PRO A 150 -63.15 5.69 -31.80
C PRO A 150 -63.39 4.44 -30.98
N GLN A 151 -64.53 4.38 -30.29
CA GLN A 151 -64.92 3.17 -29.60
C GLN A 151 -65.13 2.04 -30.60
N VAL A 152 -64.59 0.88 -30.26
CA VAL A 152 -64.62 -0.28 -31.13
C VAL A 152 -65.02 -1.47 -30.27
N THR A 153 -65.95 -2.27 -30.74
CA THR A 153 -66.32 -3.47 -30.00
C THR A 153 -65.29 -4.57 -30.24
N ALA A 154 -65.38 -5.64 -29.44
CA ALA A 154 -64.54 -6.81 -29.67
C ALA A 154 -64.72 -7.31 -31.09
N ALA A 155 -65.98 -7.36 -31.56
CA ALA A 155 -66.28 -7.77 -32.93
C ALA A 155 -65.69 -6.78 -33.91
N GLY A 156 -65.78 -5.49 -33.62
CA GLY A 156 -65.14 -4.53 -34.50
C GLY A 156 -63.63 -4.72 -34.61
N LEU A 157 -62.95 -5.01 -33.49
CA LEU A 157 -61.52 -5.30 -33.58
C LEU A 157 -61.26 -6.52 -34.45
N LEU A 158 -62.02 -7.60 -34.23
CA LEU A 158 -61.82 -8.78 -35.07
C LEU A 158 -62.04 -8.47 -36.55
N GLU A 159 -63.00 -7.60 -36.86
CA GLU A 159 -63.22 -7.23 -38.25
C GLU A 159 -62.05 -6.44 -38.82
N GLY A 160 -61.49 -5.52 -38.03
CA GLY A 160 -60.36 -4.73 -38.49
C GLY A 160 -59.17 -5.61 -38.85
N GLY A 161 -58.92 -6.66 -38.07
CA GLY A 161 -57.83 -7.59 -38.38
C GLY A 161 -56.62 -7.46 -37.46
N PHE A 162 -55.52 -8.03 -37.90
CA PHE A 162 -54.34 -8.27 -37.05
C PHE A 162 -53.81 -6.98 -36.39
N GLN A 163 -53.62 -5.92 -37.17
CA GLN A 163 -53.09 -4.67 -36.63
C GLN A 163 -54.14 -3.82 -35.95
N ALA A 164 -55.40 -3.91 -36.33
CA ALA A 164 -56.44 -3.25 -35.54
C ALA A 164 -56.46 -3.82 -34.13
N LEU A 165 -56.27 -5.13 -34.02
CA LEU A 165 -56.13 -5.73 -32.70
C LEU A 165 -54.82 -5.29 -32.03
N GLU A 166 -53.71 -5.30 -32.76
CA GLU A 166 -52.43 -4.97 -32.14
C GLU A 166 -52.43 -3.56 -31.57
N SER A 167 -52.81 -2.58 -32.35
CA SER A 167 -52.86 -1.22 -31.85
C SER A 167 -54.14 -0.92 -31.07
N GLY A 168 -55.12 -1.83 -31.02
CA GLY A 168 -56.35 -1.60 -30.26
C GLY A 168 -56.31 -2.08 -28.82
N MET A 169 -55.28 -2.84 -28.47
CA MET A 169 -55.08 -3.22 -27.08
C MET A 169 -54.90 -1.97 -26.21
N THR A 170 -55.53 -1.98 -25.04
CA THR A 170 -55.52 -0.82 -24.16
C THR A 170 -54.82 -1.07 -22.83
N GLU A 171 -54.80 -2.31 -22.33
CA GLU A 171 -54.31 -2.53 -20.98
C GLU A 171 -52.80 -2.49 -20.91
N GLY A 172 -52.09 -3.09 -21.87
CA GLY A 172 -50.71 -3.45 -21.64
C GLY A 172 -50.62 -4.67 -20.72
N HIS A 173 -49.43 -4.86 -20.21
CA HIS A 173 -49.19 -5.96 -19.29
C HIS A 173 -50.17 -5.93 -18.12
N PRO A 174 -50.85 -7.06 -17.83
CA PRO A 174 -51.96 -7.03 -16.86
C PRO A 174 -51.52 -6.96 -15.41
N CYS A 175 -50.26 -7.24 -15.09
CA CYS A 175 -49.83 -7.14 -13.71
C CYS A 175 -49.23 -5.76 -13.39
N PHE A 176 -48.28 -5.32 -14.23
CA PHE A 176 -47.54 -4.11 -13.91
C PHE A 176 -48.44 -2.89 -13.99
N VAL A 177 -48.46 -2.11 -12.90
CA VAL A 177 -49.26 -0.90 -12.84
C VAL A 177 -48.63 0.21 -13.69
N ALA A 178 -47.33 0.48 -13.50
CA ALA A 178 -46.59 1.45 -14.32
C ALA A 178 -46.00 0.77 -15.56
N ASN A 179 -46.89 0.39 -16.45
CA ASN A 179 -46.47 -0.51 -17.52
C ASN A 179 -46.23 0.19 -18.84
N ASN A 180 -46.62 1.45 -18.99
CA ASN A 180 -46.57 2.12 -20.28
C ASN A 180 -45.91 3.48 -20.15
N GLY A 181 -44.71 3.52 -19.57
CA GLY A 181 -44.04 4.80 -19.37
C GLY A 181 -43.46 5.39 -20.64
N ARG A 182 -42.76 4.59 -21.40
CA ARG A 182 -42.09 5.08 -22.61
C ARG A 182 -41.30 6.37 -22.31
N LEU A 183 -40.55 6.38 -21.20
CA LEU A 183 -39.86 7.60 -20.78
C LEU A 183 -38.76 7.96 -21.77
N GLY A 184 -38.83 9.16 -22.30
CA GLY A 184 -37.89 9.60 -23.30
C GLY A 184 -38.62 10.23 -24.45
N PHE A 185 -39.85 9.79 -24.70
CA PHE A 185 -40.73 10.39 -25.70
C PHE A 185 -41.23 11.76 -25.22
N GLY A 186 -41.02 12.80 -26.00
CA GLY A 186 -41.88 13.97 -25.87
C GLY A 186 -43.29 13.68 -26.37
N VAL A 187 -44.24 14.60 -26.11
CA VAL A 187 -45.64 14.33 -26.47
C VAL A 187 -45.79 14.15 -27.99
N ASP A 188 -45.05 14.93 -28.80
CA ASP A 188 -45.07 14.73 -30.26
C ASP A 188 -44.49 13.37 -30.64
N GLU A 189 -43.43 12.93 -29.96
CA GLU A 189 -42.88 11.62 -30.23
C GLU A 189 -43.83 10.52 -29.76
N TYR A 190 -44.54 10.73 -28.65
CA TYR A 190 -45.58 9.78 -28.30
C TYR A 190 -46.58 9.63 -29.44
N LEU A 191 -47.07 10.76 -29.96
CA LEU A 191 -48.11 10.69 -31.00
C LEU A 191 -47.56 10.01 -32.24
N ALA A 192 -46.28 10.21 -32.55
CA ALA A 192 -45.76 9.61 -33.77
C ALA A 192 -45.40 8.13 -33.62
N TYR A 193 -44.98 7.69 -32.44
CA TYR A 193 -44.36 6.39 -32.30
C TYR A 193 -45.09 5.40 -31.40
N ALA A 194 -46.02 5.81 -30.59
CA ALA A 194 -46.66 4.86 -29.68
C ALA A 194 -47.53 3.87 -30.47
N PRO A 195 -47.54 2.59 -30.08
CA PRO A 195 -48.29 1.60 -30.87
C PRO A 195 -49.78 1.86 -30.91
N GLU A 196 -50.36 2.40 -29.85
CA GLU A 196 -51.79 2.66 -29.80
C GLU A 196 -52.21 3.84 -30.67
N THR A 197 -51.27 4.68 -31.15
CA THR A 197 -51.64 5.71 -32.12
C THR A 197 -51.65 5.17 -33.56
N ALA A 198 -50.93 4.09 -33.82
CA ALA A 198 -50.97 3.46 -35.13
C ALA A 198 -50.64 4.41 -36.26
N HIS A 199 -49.72 5.39 -36.05
CA HIS A 199 -49.29 6.25 -37.14
C HIS A 199 -48.14 5.60 -37.92
N PRO A 200 -48.17 5.60 -39.26
CA PRO A 200 -47.06 4.99 -40.02
C PRO A 200 -45.72 5.59 -39.67
N VAL A 201 -44.71 4.72 -39.66
CA VAL A 201 -43.35 5.13 -39.36
C VAL A 201 -42.45 4.69 -40.51
N ARG A 202 -41.54 5.57 -40.89
CA ARG A 202 -40.46 5.21 -41.81
C ARG A 202 -39.17 5.02 -41.03
N LEU A 203 -38.53 3.87 -41.22
CA LEU A 203 -37.27 3.59 -40.53
C LEU A 203 -36.14 4.39 -41.16
N VAL A 204 -35.14 4.69 -40.36
CA VAL A 204 -33.95 5.38 -40.82
C VAL A 204 -32.90 4.31 -41.10
N TRP A 205 -32.24 4.38 -42.26
CA TRP A 205 -31.25 3.38 -42.64
C TRP A 205 -29.89 4.02 -42.54
N LEU A 206 -28.97 3.32 -41.88
CA LEU A 206 -27.60 3.74 -41.74
C LEU A 206 -26.72 2.71 -42.42
N ALA A 207 -25.60 3.18 -42.99
CA ALA A 207 -24.49 2.35 -43.46
C ALA A 207 -23.44 2.32 -42.35
N ALA A 208 -23.06 1.14 -41.93
CA ALA A 208 -22.19 0.96 -40.78
C ALA A 208 -20.96 0.24 -41.26
N HIS A 209 -19.80 0.81 -40.98
CA HIS A 209 -18.54 0.28 -41.46
C HIS A 209 -18.23 -1.08 -40.83
N ARG A 210 -17.68 -1.99 -41.63
CA ARG A 210 -17.49 -3.39 -41.24
C ARG A 210 -16.38 -3.58 -40.22
N SER A 211 -15.57 -2.56 -39.96
CA SER A 211 -14.68 -2.63 -38.82
C SER A 211 -15.41 -2.62 -37.49
N ARG A 212 -16.69 -2.19 -37.46
CA ARG A 212 -17.45 -2.09 -36.20
C ARG A 212 -18.76 -2.85 -36.22
N ALA A 213 -19.35 -3.09 -37.39
CA ALA A 213 -20.66 -3.71 -37.51
C ALA A 213 -20.55 -5.08 -38.15
N ALA A 214 -21.32 -6.03 -37.62
CA ALA A 214 -21.36 -7.40 -38.11
C ALA A 214 -22.80 -7.85 -38.34
N PHE A 215 -23.03 -8.50 -39.48
CA PHE A 215 -24.31 -9.07 -39.87
C PHE A 215 -24.25 -10.57 -39.75
N THR A 216 -25.19 -11.15 -39.01
CA THR A 216 -25.31 -12.59 -38.83
C THR A 216 -26.62 -13.08 -39.42
N ALA A 217 -26.52 -14.13 -40.23
CA ALA A 217 -27.64 -14.68 -40.98
C ALA A 217 -27.99 -16.07 -40.46
N GLY A 218 -29.29 -16.38 -40.38
CA GLY A 218 -29.71 -17.73 -40.04
C GLY A 218 -29.47 -18.65 -41.21
N ALA A 219 -29.60 -19.95 -40.95
CA ALA A 219 -29.37 -20.94 -42.00
C ALA A 219 -30.23 -20.67 -43.22
N GLY A 220 -29.59 -20.64 -44.38
CA GLY A 220 -30.27 -20.38 -45.63
C GLY A 220 -30.35 -18.92 -46.01
N ILE A 221 -29.86 -18.00 -45.17
CA ILE A 221 -29.96 -16.57 -45.39
C ILE A 221 -28.65 -16.09 -45.97
N ASP A 222 -28.76 -15.18 -46.94
CA ASP A 222 -27.62 -14.57 -47.60
C ASP A 222 -27.78 -13.05 -47.52
N TYR A 223 -26.73 -12.34 -47.10
CA TYR A 223 -26.83 -10.90 -46.86
C TYR A 223 -27.34 -10.16 -48.08
N ALA A 224 -26.70 -10.38 -49.24
CA ALA A 224 -27.07 -9.62 -50.45
C ALA A 224 -28.52 -9.84 -50.85
N SER A 225 -28.96 -11.11 -50.93
CA SER A 225 -30.33 -11.39 -51.34
C SER A 225 -31.33 -11.00 -50.26
N PHE A 226 -30.92 -11.12 -48.98
CA PHE A 226 -31.78 -10.71 -47.89
C PHE A 226 -32.11 -9.21 -48.00
N VAL A 227 -31.08 -8.41 -48.22
CA VAL A 227 -31.32 -6.97 -48.30
C VAL A 227 -32.08 -6.64 -49.56
N ARG A 228 -31.78 -7.33 -50.67
CA ARG A 228 -32.51 -7.06 -51.90
C ARG A 228 -34.01 -7.35 -51.74
N GLN A 229 -34.35 -8.46 -51.08
CA GLN A 229 -35.76 -8.78 -50.86
C GLN A 229 -36.41 -7.78 -49.92
N GLU A 230 -35.71 -7.34 -48.87
CA GLU A 230 -36.32 -6.43 -47.89
C GLU A 230 -36.49 -5.01 -48.45
N LEU A 231 -35.52 -4.53 -49.22
CA LEU A 231 -35.55 -3.16 -49.70
C LEU A 231 -35.91 -3.00 -51.18
N GLY A 232 -35.59 -3.98 -52.03
CA GLY A 232 -35.77 -3.77 -53.46
C GLY A 232 -34.53 -3.16 -54.09
N GLU A 233 -34.27 -3.53 -55.35
CA GLU A 233 -33.02 -3.10 -56.01
C GLU A 233 -32.93 -1.60 -56.18
N GLU A 234 -34.06 -0.91 -56.35
CA GLU A 234 -34.02 0.53 -56.54
C GLU A 234 -33.46 1.23 -55.30
N THR A 235 -34.03 0.93 -54.13
CA THR A 235 -33.55 1.53 -52.89
C THR A 235 -32.14 1.09 -52.58
N VAL A 236 -31.82 -0.16 -52.87
CA VAL A 236 -30.46 -0.62 -52.63
C VAL A 236 -29.47 0.21 -53.39
N GLU A 237 -29.77 0.44 -54.68
CA GLU A 237 -28.82 1.23 -55.45
C GLU A 237 -28.82 2.69 -55.03
N ARG A 238 -29.95 3.25 -54.66
CA ARG A 238 -29.99 4.63 -54.16
C ARG A 238 -29.06 4.78 -52.95
N PHE A 239 -29.12 3.83 -52.02
CA PHE A 239 -28.23 3.83 -50.87
C PHE A 239 -26.78 3.65 -51.31
N ASP A 240 -26.54 2.72 -52.25
CA ASP A 240 -25.21 2.53 -52.83
C ASP A 240 -24.66 3.85 -53.39
N GLY A 241 -25.52 4.64 -54.03
CA GLY A 241 -25.12 5.89 -54.63
C GLY A 241 -24.85 6.96 -53.61
N VAL A 242 -25.58 6.94 -52.50
CA VAL A 242 -25.25 7.85 -51.41
C VAL A 242 -23.83 7.56 -50.92
N LEU A 243 -23.50 6.28 -50.74
CA LEU A 243 -22.15 5.95 -50.28
C LEU A 243 -21.07 6.35 -51.31
N ARG A 244 -21.32 6.05 -52.60
CA ARG A 244 -20.33 6.39 -53.62
C ARG A 244 -20.17 7.91 -53.76
N GLY A 245 -21.25 8.66 -53.59
CA GLY A 245 -21.14 10.11 -53.64
C GLY A 245 -20.20 10.69 -52.61
N ARG A 246 -20.05 10.02 -51.47
CA ARG A 246 -19.09 10.43 -50.43
C ARG A 246 -17.73 9.81 -50.65
N GLY A 247 -17.52 9.13 -51.78
CA GLY A 247 -16.23 8.55 -52.05
C GLY A 247 -15.95 7.26 -51.31
N LEU A 248 -16.99 6.55 -50.95
CA LEU A 248 -16.85 5.36 -50.14
C LEU A 248 -17.20 4.11 -50.96
N ASP A 249 -16.57 3.01 -50.59
CA ASP A 249 -16.83 1.70 -51.20
C ASP A 249 -17.98 1.01 -50.46
N PRO A 250 -19.12 0.77 -51.13
CA PRO A 250 -20.25 0.12 -50.43
C PRO A 250 -19.93 -1.23 -49.86
N ALA A 251 -18.91 -1.92 -50.38
CA ALA A 251 -18.56 -3.24 -49.88
C ALA A 251 -18.01 -3.19 -48.47
N ASP A 252 -17.62 -2.00 -48.00
CA ASP A 252 -17.08 -1.82 -46.65
C ASP A 252 -18.17 -1.62 -45.60
N TYR A 253 -19.43 -1.60 -46.01
CA TYR A 253 -20.52 -1.16 -45.15
C TYR A 253 -21.62 -2.21 -45.11
N LEU A 254 -22.39 -2.15 -44.03
CA LEU A 254 -23.57 -2.97 -43.81
C LEU A 254 -24.76 -2.06 -43.56
N LEU A 255 -25.96 -2.54 -43.84
CA LEU A 255 -27.14 -1.74 -43.55
C LEU A 255 -27.66 -2.05 -42.14
N ILE A 256 -28.02 -1.00 -41.40
CA ILE A 256 -28.66 -1.14 -40.10
C ILE A 256 -29.89 -0.24 -40.07
N PRO A 257 -31.10 -0.78 -39.89
CA PRO A 257 -32.28 0.07 -39.73
C PRO A 257 -32.35 0.52 -38.28
N VAL A 258 -32.83 1.74 -38.09
CA VAL A 258 -32.87 2.40 -36.81
C VAL A 258 -34.22 3.06 -36.59
N HIS A 259 -34.67 3.03 -35.32
CA HIS A 259 -35.86 3.75 -34.89
C HIS A 259 -35.59 5.24 -35.06
N PRO A 260 -36.53 6.01 -35.63
CA PRO A 260 -36.24 7.44 -35.84
C PRO A 260 -35.92 8.19 -34.57
N TRP A 261 -36.59 7.86 -33.47
CA TRP A 261 -36.32 8.50 -32.20
C TRP A 261 -34.88 8.26 -31.83
N GLN A 262 -34.43 7.02 -32.06
CA GLN A 262 -33.07 6.65 -31.72
C GLN A 262 -32.08 7.44 -32.55
N TRP A 263 -32.37 7.63 -33.84
CA TRP A 263 -31.46 8.39 -34.68
C TRP A 263 -31.41 9.85 -34.25
N TRP A 264 -32.57 10.51 -34.19
CA TRP A 264 -32.58 11.95 -33.94
C TRP A 264 -32.10 12.29 -32.53
N ASN A 265 -32.34 11.41 -31.54
CA ASN A 265 -32.05 11.76 -30.15
C ASN A 265 -30.79 11.11 -29.58
N LYS A 266 -30.34 9.98 -30.12
CA LYS A 266 -29.20 9.29 -29.53
C LYS A 266 -28.05 9.11 -30.52
N LEU A 267 -28.26 8.46 -31.65
CA LEU A 267 -27.14 8.13 -32.53
C LEU A 267 -26.50 9.36 -33.16
N SER A 268 -27.29 10.33 -33.63
CA SER A 268 -26.68 11.51 -34.20
C SER A 268 -25.97 12.41 -33.19
N VAL A 269 -26.12 12.15 -31.88
CA VAL A 269 -25.54 12.98 -30.82
C VAL A 269 -24.54 12.16 -30.02
N THR A 270 -25.03 11.13 -29.31
CA THR A 270 -24.11 10.26 -28.55
C THR A 270 -23.05 9.59 -29.43
N PHE A 271 -23.41 9.11 -30.63
CA PHE A 271 -22.42 8.56 -31.56
C PHE A 271 -22.01 9.58 -32.63
N ALA A 272 -22.00 10.89 -32.33
CA ALA A 272 -21.59 11.85 -33.35
C ALA A 272 -20.19 11.56 -33.90
N ALA A 273 -19.25 11.08 -33.06
CA ALA A 273 -17.91 10.78 -33.58
C ALA A 273 -17.94 9.72 -34.68
N GLU A 274 -18.82 8.72 -34.54
CA GLU A 274 -18.94 7.66 -35.53
C GLU A 274 -19.57 8.19 -36.81
N VAL A 275 -20.55 9.10 -36.68
CA VAL A 275 -21.18 9.66 -37.86
C VAL A 275 -20.19 10.55 -38.60
N ALA A 276 -19.51 11.43 -37.87
CA ALA A 276 -18.58 12.36 -38.50
C ALA A 276 -17.45 11.62 -39.21
N ARG A 277 -16.86 10.59 -38.59
CA ARG A 277 -15.75 9.87 -39.21
C ARG A 277 -16.20 8.88 -40.28
N GLN A 278 -17.51 8.81 -40.55
CA GLN A 278 -18.06 7.95 -41.57
C GLN A 278 -17.98 6.46 -41.21
N ASN A 279 -17.82 6.14 -39.92
CA ASN A 279 -18.14 4.78 -39.47
C ASN A 279 -19.62 4.51 -39.57
N LEU A 280 -20.45 5.55 -39.50
CA LEU A 280 -21.88 5.50 -39.76
C LEU A 280 -22.24 6.57 -40.77
N VAL A 281 -23.08 6.20 -41.73
CA VAL A 281 -23.50 7.13 -42.76
C VAL A 281 -25.01 7.04 -42.82
N CYS A 282 -25.67 8.17 -42.65
CA CYS A 282 -27.12 8.24 -42.73
C CYS A 282 -27.55 8.13 -44.20
N LEU A 283 -28.31 7.08 -44.51
CA LEU A 283 -28.75 6.86 -45.89
C LEU A 283 -30.10 7.46 -46.19
N GLY A 284 -30.95 7.65 -45.20
CA GLY A 284 -32.28 8.19 -45.41
C GLY A 284 -33.35 7.21 -44.97
N GLU A 285 -34.58 7.51 -45.37
CA GLU A 285 -35.72 6.73 -44.93
C GLU A 285 -36.00 5.56 -45.87
N SER A 286 -36.65 4.55 -45.33
CA SER A 286 -37.21 3.43 -46.09
C SER A 286 -38.45 3.88 -46.85
N ASP A 287 -38.78 3.16 -47.92
CA ASP A 287 -40.02 3.42 -48.65
C ASP A 287 -41.24 2.80 -47.95
N ASP A 288 -41.09 1.59 -47.43
CA ASP A 288 -42.21 0.93 -46.76
C ASP A 288 -42.58 1.67 -45.48
N GLU A 289 -43.85 1.59 -45.14
CA GLU A 289 -44.36 2.17 -43.93
C GLU A 289 -44.52 1.09 -42.88
N TYR A 290 -44.15 1.44 -41.63
CA TYR A 290 -44.11 0.49 -40.52
C TYR A 290 -45.07 0.91 -39.41
N LEU A 291 -45.51 -0.09 -38.68
CA LEU A 291 -46.37 0.14 -37.53
C LEU A 291 -45.69 -0.44 -36.29
N ALA A 292 -45.56 0.37 -35.27
CA ALA A 292 -45.03 -0.09 -33.99
C ALA A 292 -45.97 -1.10 -33.37
N GLN A 293 -45.42 -2.21 -32.89
CA GLN A 293 -46.14 -3.27 -32.22
C GLN A 293 -46.20 -2.98 -30.73
N GLN A 294 -46.80 -3.88 -29.96
CA GLN A 294 -47.03 -3.63 -28.54
C GLN A 294 -45.73 -3.40 -27.77
N SER A 295 -44.63 -4.01 -28.19
CA SER A 295 -43.31 -3.84 -27.59
C SER A 295 -42.67 -2.47 -27.93
N ILE A 296 -43.32 -1.65 -28.76
CA ILE A 296 -42.93 -0.28 -29.15
C ILE A 296 -41.76 -0.28 -30.14
N ARG A 297 -40.72 -1.02 -29.85
CA ARG A 297 -39.50 -0.95 -30.63
C ARG A 297 -39.46 -1.93 -31.81
N THR A 298 -40.43 -2.81 -31.94
CA THR A 298 -40.52 -3.77 -33.02
C THR A 298 -41.63 -3.33 -33.96
N PHE A 299 -41.36 -3.41 -35.26
CA PHE A 299 -42.19 -2.82 -36.31
C PHE A 299 -42.68 -3.88 -37.30
N PHE A 300 -43.97 -3.85 -37.56
CA PHE A 300 -44.59 -4.64 -38.59
C PHE A 300 -44.58 -3.83 -39.89
N ASN A 301 -44.30 -4.49 -41.00
CA ASN A 301 -44.29 -3.79 -42.28
C ASN A 301 -45.73 -3.70 -42.82
N ALA A 302 -46.35 -2.51 -42.78
CA ALA A 302 -47.72 -2.38 -43.27
C ALA A 302 -47.81 -2.36 -44.80
N THR A 303 -46.80 -1.80 -45.46
CA THR A 303 -46.82 -1.79 -46.92
C THR A 303 -46.75 -3.20 -47.49
N HIS A 304 -45.91 -4.06 -46.91
CA HIS A 304 -45.74 -5.45 -47.34
C HIS A 304 -45.80 -6.35 -46.11
N PRO A 305 -47.01 -6.76 -45.70
CA PRO A 305 -47.14 -7.54 -44.46
C PRO A 305 -46.34 -8.83 -44.47
N GLU A 306 -45.94 -9.31 -45.65
CA GLU A 306 -45.20 -10.56 -45.76
C GLU A 306 -43.73 -10.39 -45.44
N LYS A 307 -43.23 -9.16 -45.49
CA LYS A 307 -41.84 -8.89 -45.15
C LYS A 307 -41.60 -9.00 -43.64
N HIS A 308 -40.32 -8.96 -43.27
CA HIS A 308 -39.92 -9.19 -41.89
C HIS A 308 -40.35 -8.03 -40.97
N TYR A 309 -40.64 -8.39 -39.71
CA TYR A 309 -40.59 -7.41 -38.65
C TYR A 309 -39.16 -6.90 -38.53
N VAL A 310 -39.03 -5.62 -38.15
CA VAL A 310 -37.74 -5.03 -37.76
C VAL A 310 -37.80 -4.66 -36.28
N LYS A 311 -36.94 -5.27 -35.48
CA LYS A 311 -36.81 -4.94 -34.07
C LYS A 311 -35.59 -4.03 -33.94
N THR A 312 -35.81 -2.85 -33.35
CA THR A 312 -34.82 -1.79 -33.27
C THR A 312 -34.41 -1.53 -31.82
N ALA A 313 -33.26 -0.89 -31.68
CA ALA A 313 -32.78 -0.45 -30.38
C ALA A 313 -33.46 0.87 -30.02
N LEU A 314 -34.12 0.91 -28.85
CA LEU A 314 -34.84 2.11 -28.41
C LEU A 314 -34.58 2.38 -26.94
N SER A 315 -33.75 3.41 -26.72
CA SER A 315 -33.19 3.76 -25.42
C SER A 315 -34.19 4.63 -24.66
N VAL A 316 -35.39 4.09 -24.49
CA VAL A 316 -36.40 4.66 -23.62
C VAL A 316 -36.64 3.61 -22.53
N LEU A 317 -37.10 4.08 -21.37
CA LEU A 317 -37.46 3.20 -20.25
C LEU A 317 -38.92 2.74 -20.35
N ASN A 318 -39.14 1.43 -20.30
CA ASN A 318 -40.52 0.95 -20.27
C ASN A 318 -40.59 -0.33 -19.45
N MET A 319 -41.48 -0.32 -18.46
CA MET A 319 -41.83 -1.49 -17.71
C MET A 319 -40.61 -2.25 -17.23
N GLY A 320 -39.71 -1.54 -16.54
CA GLY A 320 -38.60 -2.10 -15.82
C GLY A 320 -37.28 -2.23 -16.56
N PHE A 321 -37.22 -1.91 -17.86
CA PHE A 321 -35.98 -2.04 -18.62
C PHE A 321 -35.90 -0.93 -19.67
N MET A 322 -34.68 -0.46 -19.91
CA MET A 322 -34.34 0.30 -21.11
C MET A 322 -34.46 -0.62 -22.31
N ARG A 323 -34.96 -0.11 -23.44
CA ARG A 323 -35.32 -1.00 -24.52
C ARG A 323 -34.31 -0.95 -25.67
N GLY A 324 -33.04 -0.75 -25.36
CA GLY A 324 -32.00 -0.86 -26.34
C GLY A 324 -31.83 -2.32 -26.74
N LEU A 325 -30.84 -2.57 -27.60
CA LEU A 325 -30.62 -3.91 -28.15
C LEU A 325 -29.12 -4.16 -28.16
N SER A 326 -28.70 -5.23 -27.50
CA SER A 326 -27.30 -5.56 -27.28
C SER A 326 -26.64 -6.00 -28.59
N ALA A 327 -25.60 -5.29 -29.01
CA ALA A 327 -24.84 -5.67 -30.21
C ALA A 327 -24.13 -7.00 -30.04
N ALA A 328 -23.54 -7.27 -28.87
CA ALA A 328 -22.84 -8.54 -28.69
C ALA A 328 -23.76 -9.77 -28.81
N TYR A 329 -25.02 -9.69 -28.43
CA TYR A 329 -25.89 -10.86 -28.47
C TYR A 329 -26.40 -11.17 -29.88
N MET A 330 -26.35 -10.19 -30.79
CA MET A 330 -26.89 -10.42 -32.13
C MET A 330 -26.24 -11.61 -32.85
N GLU A 331 -24.94 -11.78 -32.65
CA GLU A 331 -24.24 -12.79 -33.41
C GLU A 331 -24.80 -14.17 -33.18
N ALA A 332 -25.30 -14.50 -31.99
CA ALA A 332 -25.80 -15.85 -31.79
C ALA A 332 -27.31 -15.95 -31.96
N THR A 333 -27.99 -14.85 -32.23
CA THR A 333 -29.45 -14.88 -32.19
C THR A 333 -30.04 -15.74 -33.30
N PRO A 334 -29.70 -15.59 -34.59
CA PRO A 334 -30.28 -16.50 -35.61
C PRO A 334 -30.01 -17.97 -35.36
N ALA A 335 -28.77 -18.31 -34.99
CA ALA A 335 -28.43 -19.70 -34.76
C ALA A 335 -29.31 -20.31 -33.67
N ILE A 336 -29.51 -19.60 -32.57
CA ILE A 336 -30.37 -20.11 -31.49
C ILE A 336 -31.78 -20.34 -32.02
N ASN A 337 -32.30 -19.39 -32.81
CA ASN A 337 -33.59 -19.61 -33.41
C ASN A 337 -33.58 -20.86 -34.28
N ASP A 338 -32.57 -21.00 -35.15
CA ASP A 338 -32.52 -22.19 -35.99
C ASP A 338 -32.55 -23.43 -35.12
N TRP A 339 -31.78 -23.41 -34.02
CA TRP A 339 -31.74 -24.57 -33.16
C TRP A 339 -33.14 -24.91 -32.66
N LEU A 340 -33.86 -23.91 -32.12
CA LEU A 340 -35.15 -24.19 -31.52
C LEU A 340 -36.11 -24.65 -32.59
N ASP A 341 -36.00 -24.05 -33.76
CA ASP A 341 -36.89 -24.43 -34.83
C ASP A 341 -36.74 -25.93 -35.12
N ARG A 342 -35.49 -26.40 -35.22
CA ARG A 342 -35.30 -27.81 -35.51
C ARG A 342 -35.83 -28.65 -34.38
N LEU A 343 -35.60 -28.23 -33.13
CA LEU A 343 -36.14 -29.00 -32.01
C LEU A 343 -37.67 -29.14 -32.17
N ILE A 344 -38.36 -28.02 -32.43
CA ILE A 344 -39.82 -28.08 -32.57
C ILE A 344 -40.16 -29.01 -33.71
N ASP A 345 -39.34 -28.95 -34.73
CA ASP A 345 -39.60 -29.66 -35.95
C ASP A 345 -39.42 -31.15 -35.80
N ASN A 346 -38.53 -31.61 -34.92
CA ASN A 346 -38.27 -33.04 -34.80
C ASN A 346 -39.06 -33.69 -33.68
N ASP A 347 -39.94 -32.95 -33.02
CA ASP A 347 -40.65 -33.52 -31.90
C ASP A 347 -42.10 -33.72 -32.29
N PRO A 348 -42.60 -34.96 -32.34
CA PRO A 348 -43.99 -35.19 -32.78
C PRO A 348 -45.06 -34.62 -31.83
N VAL A 349 -44.79 -34.58 -30.53
CA VAL A 349 -45.72 -33.96 -29.59
C VAL A 349 -45.92 -32.49 -29.93
N LEU A 350 -44.82 -31.76 -30.13
CA LEU A 350 -44.91 -30.34 -30.47
C LEU A 350 -45.54 -30.16 -31.84
N LYS A 351 -45.24 -31.08 -32.76
CA LYS A 351 -45.83 -30.99 -34.10
C LYS A 351 -47.35 -31.18 -34.07
N SER A 352 -47.84 -32.10 -33.24
CA SER A 352 -49.27 -32.34 -33.18
C SER A 352 -50.03 -31.15 -32.61
N THR A 353 -49.37 -30.27 -31.84
CA THR A 353 -50.02 -29.04 -31.38
C THR A 353 -50.04 -27.96 -32.47
N GLY A 354 -49.32 -28.11 -33.57
CA GLY A 354 -49.19 -27.03 -34.53
C GLY A 354 -48.26 -25.88 -34.13
N LEU A 355 -47.54 -26.02 -33.01
CA LEU A 355 -46.67 -24.95 -32.54
C LEU A 355 -45.69 -24.52 -33.62
N SER A 356 -45.49 -23.21 -33.72
CA SER A 356 -44.34 -22.71 -34.47
C SER A 356 -43.78 -21.48 -33.77
N ILE A 357 -42.56 -21.12 -34.14
CA ILE A 357 -42.00 -19.81 -33.80
C ILE A 357 -41.88 -19.03 -35.10
N ILE A 358 -41.92 -17.70 -35.01
CA ILE A 358 -41.45 -16.83 -36.07
C ILE A 358 -40.00 -16.51 -35.75
N ARG A 359 -39.10 -17.04 -36.55
CA ARG A 359 -37.68 -16.98 -36.24
C ARG A 359 -37.17 -15.55 -36.36
N GLU A 360 -36.22 -15.23 -35.49
CA GLU A 360 -35.26 -14.13 -35.69
C GLU A 360 -34.27 -14.66 -36.72
N ARG A 361 -34.41 -14.24 -37.98
CA ARG A 361 -33.70 -14.82 -39.13
C ARG A 361 -32.37 -14.14 -39.39
N ALA A 362 -32.26 -12.84 -39.10
CA ALA A 362 -31.04 -12.09 -39.33
C ALA A 362 -30.89 -11.02 -38.26
N ALA A 363 -29.66 -10.66 -37.97
CA ALA A 363 -29.36 -9.69 -36.91
C ALA A 363 -28.12 -8.91 -37.29
N VAL A 364 -28.03 -7.67 -36.82
CA VAL A 364 -26.85 -6.87 -37.10
C VAL A 364 -26.50 -6.09 -35.83
N GLY A 365 -25.22 -6.04 -35.52
CA GLY A 365 -24.77 -5.37 -34.30
C GLY A 365 -23.62 -4.43 -34.61
N TYR A 366 -23.59 -3.32 -33.89
CA TYR A 366 -22.55 -2.30 -33.98
C TYR A 366 -21.78 -2.22 -32.66
N ARG A 367 -20.47 -2.48 -32.70
CA ARG A 367 -19.64 -2.49 -31.49
C ARG A 367 -18.94 -1.12 -31.37
N HIS A 368 -19.41 -0.29 -30.43
CA HIS A 368 -18.84 1.03 -30.15
C HIS A 368 -17.65 0.86 -29.19
N LEU A 369 -16.44 0.89 -29.77
CA LEU A 369 -15.26 0.47 -29.01
C LEU A 369 -14.99 1.40 -27.82
N GLU A 370 -15.16 2.69 -28.02
CA GLU A 370 -14.90 3.62 -26.92
C GLU A 370 -15.93 3.47 -25.80
N TYR A 371 -17.21 3.35 -26.15
CA TYR A 371 -18.19 3.21 -25.10
C TYR A 371 -18.03 1.87 -24.41
N GLU A 372 -17.62 0.81 -25.14
CA GLU A 372 -17.35 -0.46 -24.49
C GLU A 372 -16.22 -0.33 -23.49
N ALA A 373 -15.13 0.35 -23.88
CA ALA A 373 -14.02 0.55 -22.94
C ALA A 373 -14.43 1.38 -21.73
N ALA A 374 -15.39 2.28 -21.90
CA ALA A 374 -15.77 3.22 -20.83
C ALA A 374 -16.87 2.70 -19.90
N THR A 375 -17.43 1.53 -20.14
CA THR A 375 -18.58 1.07 -19.39
C THR A 375 -18.39 -0.40 -19.06
N ASP A 376 -19.34 -1.01 -18.36
CA ASP A 376 -19.29 -2.44 -18.08
C ASP A 376 -20.33 -3.14 -18.94
N ARG A 377 -20.34 -4.47 -18.90
CA ARG A 377 -21.12 -5.24 -19.85
C ARG A 377 -22.62 -4.99 -19.74
N TYR A 378 -23.08 -4.37 -18.67
CA TYR A 378 -24.52 -4.17 -18.48
C TYR A 378 -24.99 -2.79 -18.96
N SER A 379 -24.10 -1.96 -19.48
CA SER A 379 -24.39 -0.55 -19.71
C SER A 379 -25.38 -0.37 -20.83
N PRO A 380 -26.30 0.60 -20.68
CA PRO A 380 -27.16 0.95 -21.81
C PRO A 380 -26.40 1.50 -22.98
N TYR A 381 -25.18 1.97 -22.76
CA TYR A 381 -24.38 2.54 -23.83
C TYR A 381 -23.92 1.50 -24.85
N ARG A 382 -23.99 0.22 -24.47
CA ARG A 382 -23.65 -0.88 -25.38
C ARG A 382 -24.83 -1.45 -26.13
N LYS A 383 -26.03 -0.85 -25.94
CA LYS A 383 -27.28 -1.35 -26.49
C LYS A 383 -27.99 -0.32 -27.36
N MET A 384 -27.25 0.61 -27.94
CA MET A 384 -27.86 1.72 -28.64
C MET A 384 -27.97 1.52 -30.14
N LEU A 385 -27.24 0.53 -30.68
CA LEU A 385 -27.24 0.36 -32.13
C LEU A 385 -27.12 -1.14 -32.45
N ALA A 386 -28.28 -1.71 -32.75
CA ALA A 386 -28.37 -3.08 -33.21
C ALA A 386 -29.80 -3.24 -33.71
N ALA A 387 -30.02 -4.28 -34.52
CA ALA A 387 -31.33 -4.56 -35.09
C ALA A 387 -31.43 -6.04 -35.41
N LEU A 388 -32.66 -6.54 -35.44
CA LEU A 388 -32.86 -7.89 -35.93
C LEU A 388 -34.13 -7.91 -36.78
N TRP A 389 -34.21 -8.93 -37.64
CA TRP A 389 -35.33 -9.15 -38.54
C TRP A 389 -36.03 -10.45 -38.16
N ARG A 390 -37.34 -10.38 -37.99
CA ARG A 390 -38.13 -11.51 -37.52
C ARG A 390 -39.15 -11.87 -38.59
N GLU A 391 -39.29 -13.15 -38.92
CA GLU A 391 -40.27 -13.60 -39.90
C GLU A 391 -41.65 -13.04 -39.61
N SER A 392 -42.38 -12.67 -40.67
CA SER A 392 -43.81 -12.37 -40.55
C SER A 392 -44.62 -13.66 -40.43
N PRO A 393 -45.68 -13.66 -39.60
CA PRO A 393 -46.57 -14.85 -39.56
C PRO A 393 -47.62 -14.86 -40.66
N VAL A 394 -47.71 -13.77 -41.43
CA VAL A 394 -48.76 -13.64 -42.45
C VAL A 394 -48.61 -14.71 -43.53
N PRO A 395 -47.42 -14.99 -44.07
CA PRO A 395 -47.34 -15.96 -45.18
C PRO A 395 -47.90 -17.33 -44.85
N ALA A 396 -47.78 -17.80 -43.62
CA ALA A 396 -48.21 -19.15 -43.32
C ALA A 396 -49.70 -19.26 -43.16
N LEU A 397 -50.43 -18.16 -43.28
CA LEU A 397 -51.87 -18.21 -43.11
C LEU A 397 -52.52 -19.03 -44.21
N ARG A 398 -53.45 -19.92 -43.81
CA ARG A 398 -54.25 -20.74 -44.70
C ARG A 398 -55.61 -20.07 -44.87
N ASP A 399 -56.44 -20.70 -45.70
CA ASP A 399 -57.73 -20.15 -46.04
C ASP A 399 -58.60 -20.09 -44.80
N GLY A 400 -59.25 -18.94 -44.59
CA GLY A 400 -60.09 -18.71 -43.42
C GLY A 400 -59.36 -18.41 -42.11
N GLU A 401 -58.03 -18.35 -42.11
CA GLU A 401 -57.27 -18.10 -40.90
C GLU A 401 -56.95 -16.61 -40.71
N SER A 402 -56.98 -16.18 -39.45
CA SER A 402 -56.61 -14.83 -39.06
C SER A 402 -55.69 -14.90 -37.85
N LEU A 403 -55.11 -13.73 -37.50
CA LEU A 403 -54.07 -13.62 -36.48
C LEU A 403 -54.49 -12.66 -35.38
N THR A 404 -54.15 -13.00 -34.14
CA THR A 404 -54.33 -12.01 -33.08
C THR A 404 -53.30 -12.19 -31.99
N THR A 405 -52.87 -11.07 -31.40
CA THR A 405 -52.08 -11.16 -30.19
C THR A 405 -52.91 -11.87 -29.14
N MET A 406 -52.24 -12.74 -28.34
CA MET A 406 -52.93 -13.44 -27.25
C MET A 406 -53.44 -12.45 -26.21
N ALA A 407 -52.83 -11.25 -26.17
CA ALA A 407 -53.27 -10.22 -25.24
C ALA A 407 -54.71 -9.86 -25.48
N ALA A 408 -55.21 -10.02 -26.72
CA ALA A 408 -56.60 -9.71 -27.04
C ALA A 408 -57.55 -10.55 -26.19
N LEU A 409 -57.13 -11.77 -25.80
CA LEU A 409 -58.05 -12.62 -25.04
C LEU A 409 -58.48 -11.95 -23.74
N VAL A 410 -57.63 -11.10 -23.14
CA VAL A 410 -58.00 -10.38 -21.93
C VAL A 410 -58.29 -8.89 -22.22
N HIS A 411 -58.50 -8.53 -23.49
CA HIS A 411 -58.98 -7.19 -23.78
C HIS A 411 -60.50 -7.14 -23.66
N VAL A 412 -61.02 -6.20 -22.85
CA VAL A 412 -62.46 -6.01 -22.69
C VAL A 412 -62.85 -4.65 -23.28
N ASP A 413 -63.92 -4.60 -24.08
CA ASP A 413 -64.30 -3.39 -24.80
C ASP A 413 -65.21 -2.53 -23.92
N HIS A 414 -65.72 -1.45 -24.50
CA HIS A 414 -66.58 -0.51 -23.78
C HIS A 414 -67.94 -1.08 -23.38
N GLU A 415 -68.33 -2.25 -23.88
CA GLU A 415 -69.58 -2.88 -23.49
C GLU A 415 -69.37 -4.04 -22.51
N GLY A 416 -68.14 -4.26 -22.04
CA GLY A 416 -67.87 -5.39 -21.17
C GLY A 416 -67.62 -6.75 -21.78
N ARG A 417 -67.57 -6.86 -23.09
CA ARG A 417 -67.32 -8.11 -23.78
C ARG A 417 -65.82 -8.22 -24.10
N SER A 418 -65.21 -9.33 -23.76
CA SER A 418 -63.82 -9.55 -24.13
C SER A 418 -63.66 -10.16 -25.52
N VAL A 419 -62.46 -10.06 -26.09
CA VAL A 419 -62.29 -10.70 -27.38
C VAL A 419 -62.41 -12.21 -27.26
N ALA A 420 -61.98 -12.78 -26.12
CA ALA A 420 -62.23 -14.21 -25.90
C ALA A 420 -63.73 -14.52 -25.91
N GLY A 421 -64.54 -13.69 -25.26
CA GLY A 421 -65.98 -13.94 -25.27
C GLY A 421 -66.57 -13.82 -26.66
N GLU A 422 -66.16 -12.80 -27.41
CA GLU A 422 -66.63 -12.69 -28.78
C GLU A 422 -66.25 -13.92 -29.61
N LEU A 423 -65.00 -14.39 -29.51
CA LEU A 423 -64.60 -15.57 -30.28
C LEU A 423 -65.39 -16.81 -29.85
N ILE A 424 -65.60 -17.00 -28.53
CA ILE A 424 -66.39 -18.14 -28.07
C ILE A 424 -67.78 -18.10 -28.68
N ALA A 425 -68.44 -16.94 -28.60
CA ALA A 425 -69.79 -16.80 -29.16
C ALA A 425 -69.80 -17.07 -30.66
N ARG A 426 -68.85 -16.49 -31.41
CA ARG A 426 -68.82 -16.65 -32.86
C ARG A 426 -68.54 -18.07 -33.27
N SER A 427 -67.81 -18.82 -32.43
CA SER A 427 -67.44 -20.19 -32.79
C SER A 427 -68.61 -21.15 -32.67
N GLY A 428 -69.61 -20.81 -31.88
CA GLY A 428 -70.68 -21.74 -31.63
C GLY A 428 -70.34 -22.90 -30.72
N LEU A 429 -69.13 -22.91 -30.14
CA LEU A 429 -68.74 -23.98 -29.26
C LEU A 429 -69.14 -23.66 -27.81
N ALA A 430 -69.26 -24.71 -27.00
CA ALA A 430 -69.39 -24.50 -25.57
C ALA A 430 -68.08 -23.90 -25.04
N PRO A 431 -68.14 -23.02 -24.03
CA PRO A 431 -66.90 -22.37 -23.56
C PRO A 431 -65.74 -23.32 -23.22
N THR A 432 -66.00 -24.40 -22.50
CA THR A 432 -64.89 -25.30 -22.18
C THR A 432 -64.28 -25.93 -23.43
N ALA A 433 -65.07 -26.21 -24.46
CA ALA A 433 -64.53 -26.84 -25.66
C ALA A 433 -63.64 -25.85 -26.41
N TRP A 434 -64.10 -24.60 -26.55
CA TRP A 434 -63.28 -23.55 -27.14
C TRP A 434 -61.96 -23.40 -26.37
N LEU A 435 -62.08 -23.31 -25.03
CA LEU A 435 -60.91 -23.16 -24.17
C LEU A 435 -59.96 -24.34 -24.34
N ARG A 436 -60.51 -25.54 -24.48
CA ARG A 436 -59.66 -26.70 -24.66
C ARG A 436 -58.81 -26.57 -25.93
N HIS A 437 -59.40 -26.11 -27.04
CA HIS A 437 -58.57 -25.93 -28.23
C HIS A 437 -57.46 -24.90 -27.97
N TYR A 438 -57.85 -23.77 -27.37
CA TYR A 438 -56.84 -22.75 -27.07
C TYR A 438 -55.71 -23.33 -26.20
N LEU A 439 -56.04 -24.10 -25.19
CA LEU A 439 -55.05 -24.63 -24.28
C LEU A 439 -54.16 -25.64 -24.98
N ARG A 440 -54.70 -26.50 -25.85
CA ARG A 440 -53.83 -27.45 -26.56
C ARG A 440 -52.84 -26.73 -27.48
N ALA A 441 -53.27 -25.60 -28.06
CA ALA A 441 -52.36 -24.88 -28.93
C ALA A 441 -51.30 -24.13 -28.14
N TYR A 442 -51.66 -23.54 -27.01
CA TYR A 442 -50.78 -22.60 -26.31
C TYR A 442 -50.07 -23.19 -25.10
N TYR A 443 -50.78 -23.95 -24.29
CA TYR A 443 -50.30 -24.44 -23.00
C TYR A 443 -49.61 -25.79 -23.09
N THR A 444 -50.13 -26.73 -23.90
CA THR A 444 -49.51 -28.05 -24.01
C THR A 444 -48.06 -27.99 -24.49
N PRO A 445 -47.69 -27.18 -25.47
CA PRO A 445 -46.27 -27.08 -25.82
C PRO A 445 -45.41 -26.60 -24.67
N LEU A 446 -45.90 -25.71 -23.81
CA LEU A 446 -45.13 -25.29 -22.63
C LEU A 446 -44.88 -26.46 -21.67
N LEU A 447 -45.91 -27.27 -21.43
CA LEU A 447 -45.71 -28.45 -20.58
C LEU A 447 -44.63 -29.35 -21.17
N HIS A 448 -44.74 -29.62 -22.47
CA HIS A 448 -43.80 -30.56 -23.04
C HIS A 448 -42.40 -29.97 -23.08
N SER A 449 -42.26 -28.69 -23.41
CA SER A 449 -40.94 -28.05 -23.37
C SER A 449 -40.31 -28.17 -21.98
N PHE A 450 -41.08 -27.90 -20.93
CA PHE A 450 -40.54 -28.03 -19.58
C PHE A 450 -40.14 -29.47 -19.27
N TYR A 451 -41.09 -30.42 -19.42
CA TYR A 451 -40.87 -31.77 -18.92
C TYR A 451 -39.91 -32.57 -19.78
N ALA A 452 -39.92 -32.38 -21.10
CA ALA A 452 -39.01 -33.12 -21.97
C ALA A 452 -37.70 -32.40 -22.24
N TYR A 453 -37.63 -31.08 -22.12
CA TYR A 453 -36.39 -30.41 -22.53
C TYR A 453 -35.82 -29.45 -21.49
N ASP A 454 -36.41 -29.31 -20.31
CA ASP A 454 -36.04 -28.26 -19.36
C ASP A 454 -36.11 -26.86 -19.99
N LEU A 455 -36.97 -26.69 -20.98
CA LEU A 455 -37.02 -25.44 -21.73
C LEU A 455 -38.18 -24.58 -21.23
N ALA A 456 -37.89 -23.30 -20.98
CA ALA A 456 -38.89 -22.32 -20.58
C ALA A 456 -38.87 -21.14 -21.53
N PHE A 457 -40.05 -20.62 -21.86
CA PHE A 457 -40.19 -19.42 -22.69
C PHE A 457 -40.50 -18.25 -21.76
N MET A 458 -40.90 -17.09 -22.32
CA MET A 458 -41.60 -16.01 -21.60
C MET A 458 -42.98 -15.81 -22.25
N PRO A 459 -43.90 -16.71 -22.01
CA PRO A 459 -45.09 -16.84 -22.87
C PRO A 459 -46.28 -15.95 -22.50
N HIS A 460 -46.04 -14.65 -22.37
CA HIS A 460 -47.12 -13.73 -22.02
C HIS A 460 -47.92 -13.33 -23.26
N GLY A 461 -48.88 -12.42 -23.06
CA GLY A 461 -49.79 -12.07 -24.13
C GLY A 461 -49.13 -11.42 -25.33
N GLU A 462 -48.07 -10.65 -25.09
CA GLU A 462 -47.41 -9.97 -26.18
C GLU A 462 -46.43 -10.88 -26.92
N ASN A 463 -45.99 -11.97 -26.30
CA ASN A 463 -45.06 -12.88 -26.97
C ASN A 463 -45.74 -14.04 -27.69
N THR A 464 -47.08 -14.04 -27.69
CA THR A 464 -47.85 -15.13 -28.27
C THR A 464 -48.83 -14.56 -29.27
N ILE A 465 -48.86 -15.17 -30.46
CA ILE A 465 -49.87 -14.90 -31.47
C ILE A 465 -50.71 -16.15 -31.67
N LEU A 466 -52.02 -15.95 -31.77
CA LEU A 466 -52.96 -17.04 -32.00
C LEU A 466 -53.46 -17.01 -33.44
N VAL A 467 -53.53 -18.19 -34.05
CA VAL A 467 -54.12 -18.40 -35.37
C VAL A 467 -55.56 -18.87 -35.18
N LEU A 468 -56.49 -18.10 -35.72
CA LEU A 468 -57.91 -18.32 -35.54
C LEU A 468 -58.54 -18.80 -36.83
N LYS A 469 -59.50 -19.72 -36.71
CA LYS A 469 -60.33 -20.12 -37.83
C LYS A 469 -61.70 -20.50 -37.28
N ASP A 470 -62.75 -19.89 -37.86
CA ASP A 470 -64.13 -20.11 -37.39
C ASP A 470 -64.26 -19.73 -35.94
N GLY A 471 -63.47 -18.75 -35.51
CA GLY A 471 -63.47 -18.30 -34.14
C GLY A 471 -62.74 -19.20 -33.17
N VAL A 472 -62.03 -20.20 -33.67
CA VAL A 472 -61.39 -21.21 -32.85
C VAL A 472 -59.88 -21.10 -33.01
N VAL A 473 -59.16 -21.26 -31.89
CA VAL A 473 -57.71 -21.22 -31.94
C VAL A 473 -57.24 -22.50 -32.61
N GLN A 474 -56.55 -22.35 -33.75
CA GLN A 474 -55.99 -23.50 -34.44
C GLN A 474 -54.60 -23.86 -33.93
N ARG A 475 -53.76 -22.85 -33.63
CA ARG A 475 -52.37 -23.06 -33.22
C ARG A 475 -51.80 -21.74 -32.67
N ALA A 476 -50.63 -21.86 -32.07
CA ALA A 476 -49.92 -20.73 -31.47
C ALA A 476 -48.59 -20.50 -32.18
N VAL A 477 -48.17 -19.23 -32.20
CA VAL A 477 -46.90 -18.78 -32.73
C VAL A 477 -46.20 -18.06 -31.60
N TYR A 478 -45.01 -18.52 -31.26
CA TYR A 478 -44.22 -17.92 -30.20
C TYR A 478 -43.20 -17.02 -30.86
N LYS A 479 -42.92 -15.87 -30.23
CA LYS A 479 -41.88 -14.97 -30.72
C LYS A 479 -41.07 -14.43 -29.53
N ASP A 480 -39.98 -13.69 -29.82
CA ASP A 480 -39.05 -13.13 -28.83
C ASP A 480 -38.31 -14.29 -28.19
N ILE A 481 -37.34 -14.84 -28.92
CA ILE A 481 -36.83 -16.19 -28.66
C ILE A 481 -35.42 -16.18 -28.06
N ALA A 482 -34.46 -15.72 -28.82
CA ALA A 482 -33.07 -15.89 -28.37
C ALA A 482 -32.80 -15.19 -27.03
N GLU A 483 -33.36 -14.02 -26.83
CA GLU A 483 -33.13 -13.31 -25.58
C GLU A 483 -33.99 -13.83 -24.44
N GLU A 484 -35.01 -14.65 -24.66
CA GLU A 484 -35.94 -15.02 -23.58
C GLU A 484 -35.86 -16.48 -23.15
N ILE A 485 -35.56 -17.42 -24.06
CA ILE A 485 -35.63 -18.83 -23.66
C ILE A 485 -34.52 -19.14 -22.65
N VAL A 486 -34.77 -20.15 -21.81
CA VAL A 486 -33.83 -20.64 -20.81
C VAL A 486 -33.88 -22.16 -20.78
N VAL A 487 -32.73 -22.81 -20.78
CA VAL A 487 -32.67 -24.25 -20.59
C VAL A 487 -32.20 -24.47 -19.16
N MET A 488 -33.05 -25.04 -18.31
CA MET A 488 -32.83 -25.06 -16.87
C MET A 488 -32.01 -26.29 -16.46
N ASP A 489 -30.81 -26.36 -17.03
CA ASP A 489 -29.90 -27.48 -16.82
C ASP A 489 -28.51 -27.00 -17.20
N PRO A 490 -27.68 -26.63 -16.22
CA PRO A 490 -26.33 -26.10 -16.54
C PRO A 490 -25.45 -27.05 -17.32
N ASP A 491 -25.68 -28.36 -17.26
CA ASP A 491 -24.86 -29.34 -17.97
C ASP A 491 -25.56 -29.88 -19.23
N ALA A 492 -26.61 -29.22 -19.71
CA ALA A 492 -27.32 -29.72 -20.87
C ALA A 492 -26.37 -29.75 -22.06
N VAL A 493 -26.52 -30.78 -22.89
CA VAL A 493 -25.71 -30.97 -24.10
C VAL A 493 -26.33 -30.18 -25.23
N LEU A 494 -25.58 -29.21 -25.74
CA LEU A 494 -26.12 -28.28 -26.71
C LEU A 494 -25.03 -27.87 -27.69
N PRO A 495 -25.39 -27.46 -28.90
CA PRO A 495 -24.40 -26.91 -29.80
C PRO A 495 -23.71 -25.68 -29.13
N PRO A 496 -22.46 -25.41 -29.50
CA PRO A 496 -21.72 -24.32 -28.82
C PRO A 496 -22.45 -22.98 -28.83
N GLU A 497 -22.88 -22.52 -30.01
CA GLU A 497 -23.47 -21.20 -30.13
C GLU A 497 -24.77 -21.08 -29.40
N VAL A 498 -25.29 -22.20 -28.87
CA VAL A 498 -26.55 -22.18 -28.12
C VAL A 498 -26.35 -22.35 -26.62
N ARG A 499 -25.15 -22.74 -26.16
CA ARG A 499 -24.98 -23.14 -24.77
C ARG A 499 -25.29 -22.01 -23.80
N ARG A 500 -25.20 -20.76 -24.24
CA ARG A 500 -25.48 -19.65 -23.33
C ARG A 500 -26.93 -19.59 -22.87
N VAL A 501 -27.86 -20.27 -23.56
CA VAL A 501 -29.22 -20.21 -23.07
C VAL A 501 -29.39 -21.06 -21.81
N ARG A 502 -28.42 -21.89 -21.45
CA ARG A 502 -28.49 -22.65 -20.20
C ARG A 502 -28.38 -21.75 -18.97
N ALA A 503 -29.04 -22.17 -17.90
CA ALA A 503 -29.00 -21.38 -16.68
C ALA A 503 -29.16 -22.30 -15.51
N GLU A 504 -28.73 -21.81 -14.34
CA GLU A 504 -28.86 -22.49 -13.05
C GLU A 504 -30.06 -21.92 -12.32
N VAL A 505 -31.14 -22.69 -12.25
CA VAL A 505 -32.37 -22.27 -11.61
C VAL A 505 -32.63 -23.15 -10.40
N PRO A 506 -32.85 -22.59 -9.22
CA PRO A 506 -33.09 -23.45 -8.06
C PRO A 506 -34.19 -24.46 -8.38
N GLU A 507 -34.04 -25.65 -7.81
CA GLU A 507 -34.96 -26.74 -8.08
C GLU A 507 -36.40 -26.32 -7.83
N ASP A 508 -36.72 -25.89 -6.61
CA ASP A 508 -38.11 -25.52 -6.30
C ASP A 508 -38.57 -24.22 -6.98
N MET A 509 -37.82 -23.64 -7.92
CA MET A 509 -38.30 -22.50 -8.69
C MET A 509 -38.48 -22.83 -10.17
N LYS A 510 -38.02 -23.98 -10.65
CA LYS A 510 -38.10 -24.27 -12.08
C LYS A 510 -39.54 -24.26 -12.58
N LEU A 511 -40.45 -24.87 -11.82
CA LEU A 511 -41.84 -24.98 -12.26
C LEU A 511 -42.58 -23.66 -12.15
N LEU A 512 -41.96 -22.65 -11.51
CA LEU A 512 -42.54 -21.31 -11.58
C LEU A 512 -42.65 -20.84 -13.02
N SER A 513 -41.82 -21.39 -13.91
CA SER A 513 -41.98 -21.00 -15.31
C SER A 513 -43.40 -21.27 -15.84
N ILE A 514 -44.09 -22.24 -15.25
CA ILE A 514 -45.51 -22.40 -15.52
C ILE A 514 -46.36 -21.66 -14.48
N PHE A 515 -46.07 -21.83 -13.20
CA PHE A 515 -46.97 -21.32 -12.17
C PHE A 515 -47.08 -19.80 -12.22
N THR A 516 -45.96 -19.11 -12.41
CA THR A 516 -45.96 -17.65 -12.45
C THR A 516 -46.34 -17.15 -13.84
N ASP A 517 -45.58 -17.53 -14.86
CA ASP A 517 -45.72 -16.89 -16.17
C ASP A 517 -47.03 -17.27 -16.85
N VAL A 518 -47.55 -18.47 -16.60
CA VAL A 518 -48.79 -18.88 -17.26
C VAL A 518 -49.96 -18.70 -16.30
N PHE A 519 -49.93 -19.41 -15.17
CA PHE A 519 -51.11 -19.41 -14.34
C PHE A 519 -51.33 -18.02 -13.72
N ASP A 520 -50.35 -17.53 -12.96
CA ASP A 520 -50.60 -16.36 -12.12
C ASP A 520 -50.53 -15.05 -12.88
N CYS A 521 -49.89 -15.03 -14.05
CA CYS A 521 -49.73 -13.81 -14.80
C CYS A 521 -50.60 -13.70 -16.05
N PHE A 522 -51.24 -14.78 -16.48
CA PHE A 522 -52.16 -14.68 -17.60
C PHE A 522 -53.48 -15.40 -17.34
N PHE A 523 -53.45 -16.68 -16.94
CA PHE A 523 -54.73 -17.37 -16.75
C PHE A 523 -55.52 -16.75 -15.60
N ARG A 524 -54.85 -16.20 -14.60
CA ARG A 524 -55.62 -15.58 -13.53
C ARG A 524 -56.59 -14.52 -14.06
N PHE A 525 -56.10 -13.71 -15.00
CA PHE A 525 -56.90 -12.67 -15.60
C PHE A 525 -57.93 -13.24 -16.57
N LEU A 526 -57.56 -14.26 -17.37
CA LEU A 526 -58.51 -14.78 -18.35
C LEU A 526 -59.67 -15.47 -17.64
N ALA A 527 -59.36 -16.25 -16.60
CA ALA A 527 -60.39 -16.97 -15.84
C ALA A 527 -61.30 -15.99 -15.13
N ALA A 528 -60.70 -15.01 -14.41
CA ALA A 528 -61.52 -14.01 -13.74
C ALA A 528 -62.37 -13.24 -14.75
N GLY A 529 -61.83 -12.91 -15.92
CA GLY A 529 -62.59 -12.12 -16.86
C GLY A 529 -63.75 -12.91 -17.44
N LEU A 530 -63.49 -14.13 -17.89
CA LEU A 530 -64.58 -14.94 -18.41
C LEU A 530 -65.63 -15.22 -17.34
N ALA A 531 -65.26 -15.29 -16.07
CA ALA A 531 -66.29 -15.44 -15.04
C ALA A 531 -67.10 -14.17 -14.86
N THR A 532 -66.43 -13.01 -14.68
CA THR A 532 -67.22 -11.78 -14.48
C THR A 532 -68.09 -11.51 -15.70
N GLU A 533 -67.61 -11.90 -16.88
CA GLU A 533 -68.35 -11.76 -18.13
C GLU A 533 -69.49 -12.75 -18.23
N GLU A 534 -69.58 -13.68 -17.31
CA GLU A 534 -70.67 -14.67 -17.30
C GLU A 534 -70.64 -15.57 -18.54
N VAL A 535 -69.44 -15.88 -19.00
CA VAL A 535 -69.25 -16.83 -20.07
C VAL A 535 -68.87 -18.20 -19.52
N LEU A 536 -67.99 -18.25 -18.52
CA LEU A 536 -67.42 -19.50 -18.04
C LEU A 536 -67.06 -19.36 -16.57
N ALA A 537 -67.54 -20.29 -15.75
CA ALA A 537 -67.26 -20.23 -14.33
C ALA A 537 -65.80 -20.61 -14.08
N GLU A 538 -65.26 -20.03 -13.00
CA GLU A 538 -63.87 -20.27 -12.63
C GLU A 538 -63.56 -21.75 -12.51
N ASP A 539 -64.39 -22.49 -11.76
CA ASP A 539 -64.15 -23.91 -11.57
C ASP A 539 -64.06 -24.61 -12.90
N ASP A 540 -64.92 -24.25 -13.88
CA ASP A 540 -64.87 -24.93 -15.17
C ASP A 540 -63.59 -24.60 -15.90
N PHE A 541 -63.16 -23.33 -15.85
CA PHE A 541 -61.88 -22.93 -16.44
C PHE A 541 -60.76 -23.81 -15.92
N TRP A 542 -60.56 -23.81 -14.59
CA TRP A 542 -59.42 -24.50 -14.01
C TRP A 542 -59.54 -26.01 -14.13
N ARG A 543 -60.77 -26.53 -14.16
CA ARG A 543 -60.93 -27.95 -14.37
C ARG A 543 -60.48 -28.32 -15.77
N THR A 544 -60.78 -27.45 -16.75
CA THR A 544 -60.32 -27.67 -18.12
C THR A 544 -58.80 -27.63 -18.21
N VAL A 545 -58.18 -26.70 -17.49
CA VAL A 545 -56.72 -26.67 -17.47
C VAL A 545 -56.21 -27.99 -16.88
N ALA A 546 -56.81 -28.44 -15.78
CA ALA A 546 -56.35 -29.70 -15.18
C ALA A 546 -56.51 -30.87 -16.17
N GLU A 547 -57.62 -30.88 -16.90
CA GLU A 547 -57.89 -31.94 -17.86
C GLU A 547 -56.85 -31.96 -18.96
N VAL A 548 -56.46 -30.78 -19.49
CA VAL A 548 -55.45 -30.73 -20.54
C VAL A 548 -54.09 -31.15 -20.01
N THR A 549 -53.79 -30.79 -18.76
CA THR A 549 -52.53 -31.20 -18.16
C THR A 549 -52.45 -32.73 -18.07
N ARG A 550 -53.53 -33.39 -17.60
CA ARG A 550 -53.56 -34.85 -17.53
C ARG A 550 -53.62 -35.47 -18.91
N GLU A 551 -54.27 -34.81 -19.85
CA GLU A 551 -54.25 -35.31 -21.21
C GLU A 551 -52.84 -35.42 -21.75
N TYR A 552 -51.99 -34.40 -21.52
CA TYR A 552 -50.57 -34.48 -21.92
C TYR A 552 -49.82 -35.52 -21.09
N GLN A 553 -49.93 -35.46 -19.76
CA GLN A 553 -49.09 -36.33 -18.92
C GLN A 553 -49.40 -37.83 -19.11
N GLU A 554 -50.67 -38.21 -19.23
CA GLU A 554 -51.01 -39.63 -19.36
C GLU A 554 -50.52 -40.21 -20.67
N ALA A 555 -50.30 -39.35 -21.65
CA ALA A 555 -49.80 -39.76 -22.95
C ALA A 555 -48.29 -40.00 -22.92
N HIS A 556 -47.61 -39.73 -21.82
CA HIS A 556 -46.16 -39.83 -21.78
C HIS A 556 -45.73 -40.37 -20.44
N PRO A 557 -46.08 -41.64 -20.16
CA PRO A 557 -45.68 -42.27 -18.88
C PRO A 557 -44.18 -42.41 -18.72
N GLU A 558 -43.42 -42.42 -19.82
CA GLU A 558 -41.96 -42.43 -19.70
C GLU A 558 -41.39 -41.18 -18.99
N LEU A 559 -42.20 -40.13 -18.78
CA LEU A 559 -41.77 -38.94 -18.05
C LEU A 559 -42.36 -38.89 -16.66
N ASP A 560 -42.95 -39.99 -16.17
CA ASP A 560 -43.63 -39.94 -14.88
C ASP A 560 -42.74 -39.42 -13.75
N ASP A 561 -41.46 -39.80 -13.74
CA ASP A 561 -40.54 -39.33 -12.71
C ASP A 561 -40.51 -37.81 -12.68
N ARG A 562 -40.31 -37.20 -13.85
CA ARG A 562 -40.31 -35.74 -13.88
C ARG A 562 -41.67 -35.18 -13.47
N PHE A 563 -42.77 -35.89 -13.83
CA PHE A 563 -44.09 -35.41 -13.42
C PHE A 563 -44.20 -35.39 -11.90
N ARG A 564 -43.60 -36.38 -11.24
CA ARG A 564 -43.63 -36.36 -9.79
C ARG A 564 -42.66 -35.35 -9.21
N GLN A 565 -41.51 -35.15 -9.87
CA GLN A 565 -40.52 -34.22 -9.36
C GLN A 565 -41.05 -32.79 -9.40
N TYR A 566 -41.77 -32.43 -10.45
CA TYR A 566 -42.32 -31.08 -10.67
C TYR A 566 -43.82 -31.25 -10.75
N ASP A 567 -44.46 -31.19 -9.60
CA ASP A 567 -45.85 -31.55 -9.44
C ASP A 567 -46.70 -30.32 -9.74
N LEU A 568 -47.32 -30.32 -10.92
CA LEU A 568 -48.26 -29.26 -11.28
C LEU A 568 -49.57 -29.32 -10.49
N PHE A 569 -49.80 -30.39 -9.71
CA PHE A 569 -51.01 -30.56 -8.91
C PHE A 569 -50.74 -30.36 -7.42
N ALA A 570 -49.58 -29.78 -7.08
CA ALA A 570 -49.25 -29.54 -5.68
C ALA A 570 -50.26 -28.60 -5.04
N PRO A 571 -50.51 -28.74 -3.73
CA PRO A 571 -51.56 -27.90 -3.10
C PRO A 571 -51.27 -26.41 -3.20
N GLU A 572 -50.01 -26.01 -3.28
CA GLU A 572 -49.63 -24.60 -3.22
C GLU A 572 -48.39 -24.36 -4.06
N PHE A 573 -48.21 -23.10 -4.46
CA PHE A 573 -46.92 -22.70 -5.01
C PHE A 573 -46.61 -21.26 -4.64
N ALA A 574 -45.37 -20.87 -4.83
CA ALA A 574 -44.96 -19.56 -4.37
C ALA A 574 -45.69 -18.42 -5.10
N LEU A 575 -45.97 -17.36 -4.37
CA LEU A 575 -46.40 -16.09 -4.94
C LEU A 575 -45.17 -15.28 -5.34
N SER A 576 -44.94 -15.14 -6.63
CA SER A 576 -43.84 -14.34 -7.17
C SER A 576 -44.42 -13.00 -7.61
N CYS A 577 -43.95 -11.91 -7.00
CA CYS A 577 -44.58 -10.60 -7.14
C CYS A 577 -43.90 -9.83 -8.24
N LEU A 578 -44.67 -9.35 -9.20
CA LEU A 578 -44.08 -8.65 -10.33
C LEU A 578 -43.88 -7.16 -10.04
N ASN A 579 -44.89 -6.46 -9.52
CA ASN A 579 -44.72 -5.03 -9.28
C ASN A 579 -43.61 -4.76 -8.28
N ARG A 580 -43.43 -5.65 -7.30
CA ARG A 580 -42.36 -5.46 -6.31
C ARG A 580 -41.00 -5.35 -6.97
N LEU A 581 -40.76 -6.10 -8.05
CA LEU A 581 -39.52 -5.95 -8.80
C LEU A 581 -39.34 -4.53 -9.35
N GLN A 582 -40.37 -4.00 -9.99
CA GLN A 582 -40.23 -2.70 -10.61
C GLN A 582 -40.15 -1.62 -9.56
N LEU A 583 -40.85 -1.77 -8.44
CA LEU A 583 -40.78 -0.79 -7.36
C LEU A 583 -39.41 -0.79 -6.72
N ARG A 584 -38.71 -1.94 -6.73
CA ARG A 584 -37.40 -1.99 -6.10
C ARG A 584 -36.33 -1.37 -6.99
N ASP A 585 -36.42 -1.66 -8.28
CA ASP A 585 -35.46 -1.16 -9.26
C ASP A 585 -36.22 -0.75 -10.52
N ASN A 586 -36.40 0.56 -10.68
CA ASN A 586 -37.12 1.14 -11.81
C ASN A 586 -36.45 0.81 -13.15
N ARG A 587 -35.13 0.75 -13.18
CA ARG A 587 -34.40 0.75 -14.44
C ARG A 587 -33.97 -0.62 -14.91
N GLN A 588 -33.83 -1.59 -14.02
CA GLN A 588 -33.31 -2.92 -14.34
C GLN A 588 -33.94 -3.86 -13.31
N MET A 589 -35.18 -4.26 -13.60
CA MET A 589 -35.99 -5.01 -12.64
C MET A 589 -35.30 -6.28 -12.15
N VAL A 590 -34.53 -6.91 -13.06
CA VAL A 590 -33.88 -8.20 -12.88
C VAL A 590 -32.47 -8.05 -13.43
N ASP A 591 -31.55 -8.84 -12.90
CA ASP A 591 -30.16 -8.75 -13.33
C ASP A 591 -30.03 -9.21 -14.77
N LEU A 592 -30.45 -10.43 -15.04
CA LEU A 592 -30.33 -11.05 -16.37
C LEU A 592 -29.06 -11.89 -16.49
N ALA A 593 -28.06 -11.62 -15.68
CA ALA A 593 -26.98 -12.59 -15.48
C ALA A 593 -27.40 -13.65 -14.46
N ASP A 594 -28.30 -13.30 -13.52
CA ASP A 594 -28.86 -14.21 -12.51
C ASP A 594 -30.32 -13.84 -12.28
N PRO A 595 -31.21 -14.19 -13.23
CA PRO A 595 -32.57 -13.62 -13.17
C PRO A 595 -33.38 -14.07 -11.98
N SER A 596 -33.07 -15.22 -11.37
CA SER A 596 -33.85 -15.70 -10.23
C SER A 596 -33.53 -14.98 -8.92
N ALA A 597 -32.39 -14.28 -8.83
CA ALA A 597 -32.01 -13.66 -7.58
C ALA A 597 -32.85 -12.44 -7.24
N ALA A 598 -33.41 -11.76 -8.21
CA ALA A 598 -34.20 -10.58 -7.92
C ALA A 598 -35.65 -10.91 -7.59
N LEU A 599 -36.09 -12.17 -7.82
CA LEU A 599 -37.50 -12.51 -7.63
C LEU A 599 -37.86 -12.39 -6.17
N GLN A 600 -39.09 -11.94 -5.90
CA GLN A 600 -39.59 -11.69 -4.55
C GLN A 600 -40.78 -12.62 -4.32
N LEU A 601 -40.49 -13.73 -3.64
CA LEU A 601 -41.50 -14.72 -3.29
C LEU A 601 -42.05 -14.35 -1.92
N VAL A 602 -43.36 -14.19 -1.82
CA VAL A 602 -44.01 -13.70 -0.60
C VAL A 602 -45.12 -14.71 -0.27
N GLY A 603 -44.77 -15.73 0.46
CA GLY A 603 -45.80 -16.69 0.80
C GLY A 603 -46.18 -17.55 -0.39
N THR A 604 -47.38 -18.11 -0.32
CA THR A 604 -47.83 -19.07 -1.31
C THR A 604 -49.26 -18.78 -1.70
N LEU A 605 -49.63 -19.31 -2.85
CA LEU A 605 -50.96 -19.29 -3.42
C LEU A 605 -51.51 -20.72 -3.43
N ARG A 606 -52.81 -20.83 -3.24
CA ARG A 606 -53.49 -22.11 -3.39
C ARG A 606 -53.59 -22.47 -4.88
N ASN A 607 -53.05 -23.64 -5.24
CA ASN A 607 -53.00 -24.06 -6.64
C ASN A 607 -54.41 -24.42 -7.11
N PRO A 608 -54.96 -23.73 -8.11
CA PRO A 608 -56.32 -24.09 -8.52
C PRO A 608 -56.42 -25.51 -9.08
N LEU A 609 -55.31 -26.13 -9.47
CA LEU A 609 -55.40 -27.49 -10.00
C LEU A 609 -55.40 -28.57 -8.92
N ALA A 610 -55.22 -28.20 -7.66
CA ALA A 610 -55.05 -29.20 -6.61
C ALA A 610 -56.30 -30.04 -6.44
N GLY A 611 -57.44 -29.39 -6.37
CA GLY A 611 -58.67 -30.14 -6.28
C GLY A 611 -59.06 -30.82 -7.58
N LEU A 612 -59.37 -30.01 -8.59
CA LEU A 612 -59.70 -30.46 -9.92
C LEU A 612 -58.68 -31.49 -10.46
N HIS B 20 41.38 -23.23 -8.11
CA HIS B 20 42.06 -22.54 -6.97
C HIS B 20 42.99 -21.45 -7.44
N MET B 21 43.56 -21.60 -8.65
CA MET B 21 44.58 -20.68 -9.14
C MET B 21 43.99 -19.32 -9.52
N SER B 22 43.03 -19.31 -10.45
CA SER B 22 42.34 -18.06 -10.77
C SER B 22 41.57 -17.53 -9.55
N LEU B 23 41.00 -18.44 -8.74
CA LEU B 23 40.32 -17.99 -7.54
C LEU B 23 41.25 -17.21 -6.62
N THR B 24 42.40 -17.77 -6.28
CA THR B 24 43.30 -17.12 -5.32
C THR B 24 44.08 -15.95 -5.95
N ASP B 25 44.39 -16.04 -7.23
CA ASP B 25 45.00 -14.92 -7.92
C ASP B 25 44.07 -13.71 -8.01
N ALA B 26 42.76 -13.91 -8.20
CA ALA B 26 41.90 -12.76 -8.41
C ALA B 26 41.83 -11.88 -7.16
N VAL B 27 42.05 -12.45 -5.97
CA VAL B 27 42.09 -11.68 -4.71
C VAL B 27 43.51 -11.56 -4.14
N ALA B 28 44.53 -11.91 -4.92
CA ALA B 28 45.89 -11.81 -4.38
C ALA B 28 46.27 -10.39 -3.94
N HIS B 29 45.73 -9.35 -4.55
CA HIS B 29 46.04 -8.00 -4.11
C HIS B 29 45.48 -7.69 -2.75
N LEU B 30 44.53 -8.45 -2.24
CA LEU B 30 44.00 -8.22 -0.90
C LEU B 30 44.86 -8.98 0.10
N SER B 31 45.88 -8.31 0.63
CA SER B 31 46.75 -8.84 1.67
C SER B 31 46.70 -7.96 2.94
N PRO B 32 47.15 -8.49 4.07
CA PRO B 32 47.08 -7.67 5.30
C PRO B 32 47.88 -6.37 5.23
N GLU B 33 49.07 -6.41 4.64
CA GLU B 33 49.91 -5.21 4.62
C GLU B 33 49.33 -4.12 3.69
N ARG B 34 48.90 -4.51 2.49
CA ARG B 34 48.27 -3.56 1.58
C ARG B 34 46.96 -3.04 2.12
N TRP B 35 46.18 -3.87 2.81
CA TRP B 35 44.94 -3.39 3.41
C TRP B 35 45.22 -2.39 4.53
N GLU B 36 46.24 -2.65 5.37
CA GLU B 36 46.58 -1.69 6.42
C GLU B 36 46.95 -0.34 5.82
N GLU B 37 47.79 -0.35 4.79
CA GLU B 37 48.20 0.89 4.13
C GLU B 37 46.99 1.60 3.51
N ALA B 38 46.09 0.84 2.86
CA ALA B 38 44.93 1.45 2.22
C ALA B 38 44.03 2.13 3.24
N ASN B 39 43.82 1.47 4.39
CA ASN B 39 42.96 2.04 5.42
C ASN B 39 43.59 3.28 6.03
N ARG B 40 44.91 3.25 6.26
CA ARG B 40 45.60 4.45 6.78
C ARG B 40 45.44 5.62 5.82
N LEU B 41 45.64 5.38 4.53
CA LEU B 41 45.48 6.45 3.54
C LEU B 41 44.04 6.97 3.50
N LEU B 42 43.06 6.09 3.58
CA LEU B 42 41.71 6.58 3.41
C LEU B 42 41.22 7.29 4.65
N VAL B 43 41.62 6.83 5.84
CA VAL B 43 41.30 7.57 7.05
C VAL B 43 41.97 8.93 7.04
N ARG B 44 43.22 9.03 6.56
CA ARG B 44 43.87 10.34 6.42
C ARG B 44 43.04 11.27 5.54
N LYS B 45 42.57 10.79 4.39
CA LYS B 45 41.74 11.62 3.52
C LYS B 45 40.42 11.99 4.21
N ALA B 46 39.83 11.06 4.95
CA ALA B 46 38.54 11.33 5.61
C ALA B 46 38.68 12.42 6.67
N LEU B 47 39.71 12.30 7.51
CA LEU B 47 39.98 13.33 8.50
C LEU B 47 40.18 14.69 7.85
N ALA B 48 40.98 14.73 6.78
CA ALA B 48 41.27 15.98 6.11
C ALA B 48 40.02 16.61 5.51
N GLU B 49 39.27 15.82 4.71
CA GLU B 49 38.18 16.39 3.93
C GLU B 49 36.93 16.61 4.75
N PHE B 50 36.65 15.76 5.74
CA PHE B 50 35.52 16.01 6.61
C PHE B 50 35.82 17.18 7.53
N ALA B 51 37.12 17.45 7.83
CA ALA B 51 37.47 18.66 8.56
C ALA B 51 37.26 19.88 7.68
N HIS B 52 37.70 19.82 6.42
CA HIS B 52 37.44 20.92 5.48
C HIS B 52 35.95 21.27 5.39
N GLU B 53 35.07 20.26 5.40
CA GLU B 53 33.64 20.50 5.27
C GLU B 53 32.99 20.73 6.61
N ARG B 54 33.75 20.82 7.69
CA ARG B 54 33.20 21.15 9.00
C ARG B 54 32.22 20.11 9.51
N LEU B 55 32.36 18.86 9.07
CA LEU B 55 31.57 17.79 9.67
C LEU B 55 32.00 17.54 11.10
N PHE B 56 33.28 17.75 11.37
CA PHE B 56 33.76 17.87 12.73
C PHE B 56 34.87 18.91 12.74
N THR B 57 35.16 19.42 13.94
CA THR B 57 36.18 20.44 14.17
C THR B 57 37.31 19.78 14.96
N PRO B 58 38.45 19.48 14.34
CA PRO B 58 39.53 18.85 15.09
C PRO B 58 39.94 19.71 16.27
N GLU B 59 40.05 19.10 17.46
CA GLU B 59 40.45 19.90 18.61
C GLU B 59 41.96 19.94 18.70
N PRO B 60 42.55 21.11 18.93
CA PRO B 60 44.00 21.17 19.21
C PRO B 60 44.34 20.30 20.42
N ALA B 61 45.35 19.46 20.33
CA ALA B 61 45.76 18.57 21.45
C ALA B 61 46.50 19.46 22.45
N ASP B 62 46.22 19.35 23.76
CA ASP B 62 46.97 20.11 24.78
C ASP B 62 48.41 19.63 24.66
N GLY B 63 49.39 20.53 24.78
CA GLY B 63 50.76 20.07 24.57
C GLY B 63 51.24 20.31 23.16
N GLN B 64 51.42 19.27 22.34
CA GLN B 64 52.08 19.43 21.01
C GLN B 64 51.25 20.39 20.15
N ASP B 65 51.90 21.33 19.45
CA ASP B 65 51.22 22.26 18.51
C ASP B 65 51.13 21.46 17.21
N GLY B 66 50.05 21.61 16.46
CA GLY B 66 49.83 20.84 15.26
C GLY B 66 49.31 19.44 15.44
N ARG B 67 49.11 18.97 16.67
CA ARG B 67 48.46 17.66 16.93
C ARG B 67 46.98 17.99 17.12
N TYR B 68 46.06 17.10 16.76
CA TYR B 68 44.63 17.30 16.88
C TYR B 68 43.98 15.97 17.21
N VAL B 69 42.75 16.05 17.70
CA VAL B 69 41.96 14.87 18.03
C VAL B 69 40.55 15.04 17.47
N VAL B 70 40.00 13.98 16.87
CA VAL B 70 38.60 13.88 16.45
C VAL B 70 38.02 12.63 17.10
N ARG B 71 36.80 12.72 17.61
CA ARG B 71 36.22 11.61 18.34
C ARG B 71 34.99 11.05 17.63
N SER B 72 34.72 9.77 17.91
CA SER B 72 33.52 9.10 17.44
C SER B 72 32.27 9.75 18.03
N ASP B 73 31.12 9.30 17.54
CA ASP B 73 29.84 9.81 18.03
C ASP B 73 29.74 9.72 19.56
N ASP B 74 30.11 8.56 20.13
CA ASP B 74 29.94 8.35 21.55
C ASP B 74 31.11 8.87 22.35
N GLY B 75 32.10 9.50 21.71
CA GLY B 75 33.24 10.10 22.40
C GLY B 75 34.31 9.12 22.85
N LEU B 76 34.07 7.82 22.79
CA LEU B 76 35.00 6.87 23.38
C LEU B 76 36.13 6.45 22.47
N THR B 77 36.01 6.61 21.15
CA THR B 77 37.13 6.37 20.25
C THR B 77 37.75 7.71 19.83
N SER B 78 39.08 7.81 19.92
CA SER B 78 39.80 9.03 19.60
C SER B 78 40.75 8.78 18.45
N TYR B 79 40.73 9.65 17.45
CA TYR B 79 41.67 9.68 16.34
C TYR B 79 42.56 10.89 16.52
N ARG B 80 43.87 10.64 16.66
CA ARG B 80 44.84 11.68 16.92
C ARG B 80 45.81 11.75 15.77
N PHE B 81 46.20 12.97 15.42
CA PHE B 81 47.00 13.13 14.21
C PHE B 81 47.63 14.50 14.17
N THR B 82 48.68 14.63 13.38
CA THR B 82 49.22 15.94 13.10
C THR B 82 48.76 16.39 11.72
N ALA B 83 48.68 17.70 11.54
CA ALA B 83 48.25 18.26 10.27
C ALA B 83 48.90 19.63 10.11
N VAL B 84 49.27 19.97 8.87
CA VAL B 84 49.63 21.34 8.50
C VAL B 84 48.39 21.98 7.88
N ARG B 85 48.06 23.18 8.31
CA ARG B 85 46.84 23.84 7.83
C ARG B 85 47.19 24.84 6.75
N ARG B 86 46.43 24.82 5.67
CA ARG B 86 46.79 25.55 4.46
C ARG B 86 45.59 26.35 3.99
N ALA B 87 45.80 27.19 2.98
CA ALA B 87 44.75 28.10 2.52
C ALA B 87 43.51 27.32 2.06
N LEU B 88 42.37 28.02 2.12
CA LEU B 88 41.05 27.45 1.81
C LEU B 88 40.68 26.34 2.80
N ASP B 89 41.09 26.52 4.04
CA ASP B 89 40.80 25.59 5.12
C ASP B 89 41.26 24.18 4.77
N HIS B 90 42.48 24.08 4.28
CA HIS B 90 42.98 22.79 3.83
C HIS B 90 43.68 22.14 5.01
N TRP B 91 43.37 20.89 5.28
CA TRP B 91 44.02 20.12 6.34
C TRP B 91 44.97 19.10 5.68
N GLN B 92 46.28 19.37 5.70
CA GLN B 92 47.27 18.39 5.23
C GLN B 92 47.58 17.44 6.39
N VAL B 93 46.70 16.44 6.56
CA VAL B 93 46.84 15.46 7.63
C VAL B 93 47.96 14.50 7.27
N ASP B 94 48.83 14.23 8.24
CA ASP B 94 49.93 13.29 8.03
C ASP B 94 49.45 11.86 8.28
N ALA B 95 49.57 11.00 7.26
CA ALA B 95 49.04 9.63 7.36
C ALA B 95 49.76 8.83 8.45
N GLY B 96 51.08 8.96 8.52
CA GLY B 96 51.87 8.23 9.51
C GLY B 96 51.59 8.63 10.94
N SER B 97 51.08 9.83 11.16
CA SER B 97 50.90 10.28 12.53
C SER B 97 49.59 9.76 13.13
N ILE B 98 48.71 9.15 12.34
CA ILE B 98 47.35 8.88 12.82
C ILE B 98 47.37 7.71 13.79
N THR B 99 46.74 7.88 14.96
CA THR B 99 46.51 6.78 15.89
C THR B 99 45.03 6.75 16.23
N ARG B 100 44.56 5.57 16.61
CA ARG B 100 43.18 5.35 16.96
C ARG B 100 43.20 4.62 18.29
N THR B 101 42.47 5.17 19.27
CA THR B 101 42.50 4.72 20.64
C THR B 101 41.08 4.59 21.22
N ARG B 102 40.86 3.49 21.92
CA ARG B 102 39.58 3.25 22.58
C ARG B 102 39.83 2.46 23.85
N ASP B 103 39.17 2.88 24.94
CA ASP B 103 39.33 2.20 26.23
C ASP B 103 40.80 2.15 26.63
N GLY B 104 41.53 3.21 26.31
CA GLY B 104 42.94 3.30 26.62
C GLY B 104 43.87 2.41 25.82
N ALA B 105 43.42 1.77 24.75
CA ALA B 105 44.28 0.90 23.95
C ALA B 105 44.26 1.33 22.50
N GLU B 106 45.42 1.25 21.84
CA GLU B 106 45.49 1.56 20.43
C GLU B 106 44.89 0.45 19.60
N LEU B 107 44.17 0.83 18.54
CA LEU B 107 43.48 -0.08 17.63
C LEU B 107 44.00 0.11 16.21
N PRO B 108 43.96 -0.91 15.39
CA PRO B 108 44.33 -0.70 13.98
C PRO B 108 43.35 0.26 13.31
N LEU B 109 43.85 1.00 12.32
CA LEU B 109 43.02 1.90 11.55
C LEU B 109 42.11 1.11 10.61
N ALA B 110 40.80 1.40 10.67
CA ALA B 110 39.78 0.71 9.88
C ALA B 110 38.74 1.72 9.39
N ALA B 111 38.77 2.00 8.09
CA ALA B 111 37.87 2.98 7.51
C ALA B 111 36.41 2.61 7.72
N LEU B 112 36.09 1.32 7.59
CA LEU B 112 34.71 0.88 7.84
C LEU B 112 34.25 1.23 9.27
N ASP B 113 35.05 0.83 10.28
CA ASP B 113 34.73 1.17 11.67
C ASP B 113 34.62 2.67 11.85
N PHE B 114 35.51 3.41 11.17
CA PHE B 114 35.50 4.87 11.24
C PHE B 114 34.12 5.41 10.88
N PHE B 115 33.56 4.94 9.77
CA PHE B 115 32.26 5.49 9.34
C PHE B 115 31.13 5.00 10.24
N ILE B 116 31.24 3.79 10.76
CA ILE B 116 30.20 3.34 11.69
C ILE B 116 30.25 4.15 12.99
N GLU B 117 31.46 4.42 13.50
CA GLU B 117 31.66 5.20 14.72
C GLU B 117 31.17 6.63 14.58
N LEU B 118 31.18 7.20 13.38
CA LEU B 118 30.80 8.59 13.15
C LEU B 118 29.54 8.69 12.33
N ARG B 119 28.73 7.64 12.29
CA ARG B 119 27.61 7.64 11.37
C ARG B 119 26.68 8.83 11.60
N HIS B 120 26.46 9.21 12.86
CA HIS B 120 25.54 10.31 13.12
C HIS B 120 26.23 11.64 12.91
N THR B 121 27.49 11.78 13.31
CA THR B 121 28.20 13.02 13.01
C THR B 121 28.25 13.27 11.51
N LEU B 122 28.39 12.22 10.71
CA LEU B 122 28.54 12.39 9.26
C LEU B 122 27.20 12.41 8.54
N GLY B 123 26.08 12.25 9.25
CA GLY B 123 24.77 12.27 8.61
C GLY B 123 24.49 11.08 7.73
N LEU B 124 25.02 9.91 8.08
CA LEU B 124 24.75 8.68 7.33
C LEU B 124 23.52 8.02 7.93
N SER B 125 22.43 8.01 7.15
CA SER B 125 21.21 7.36 7.58
C SER B 125 21.41 5.86 7.60
N ASP B 126 20.49 5.16 8.26
CA ASP B 126 20.53 3.70 8.31
C ASP B 126 20.38 3.11 6.92
N GLU B 127 19.64 3.76 6.03
CA GLU B 127 19.44 3.21 4.70
C GLU B 127 20.72 3.31 3.85
N ILE B 128 21.43 4.43 3.97
CA ILE B 128 22.59 4.68 3.11
C ILE B 128 23.87 4.05 3.67
N LEU B 129 23.99 3.96 4.99
CA LEU B 129 25.26 3.53 5.57
C LEU B 129 25.80 2.24 4.98
N PRO B 130 25.02 1.15 4.87
CA PRO B 130 25.61 -0.12 4.39
C PRO B 130 26.12 -0.03 2.98
N VAL B 131 25.40 0.69 2.09
CA VAL B 131 25.83 0.81 0.71
C VAL B 131 27.06 1.68 0.64
N TYR B 132 27.10 2.74 1.46
CA TYR B 132 28.28 3.58 1.52
C TYR B 132 29.48 2.77 1.98
N LEU B 133 29.29 1.84 2.94
CA LEU B 133 30.41 1.01 3.38
C LEU B 133 30.88 0.11 2.24
N GLU B 134 29.96 -0.34 1.39
CA GLU B 134 30.40 -1.09 0.21
C GLU B 134 31.30 -0.23 -0.70
N GLU B 135 30.92 1.03 -0.87
CA GLU B 135 31.76 1.90 -1.70
C GLU B 135 33.13 2.11 -1.06
N ILE B 136 33.16 2.28 0.26
CA ILE B 136 34.42 2.41 0.96
C ILE B 136 35.26 1.16 0.77
N SER B 137 34.63 -0.01 0.95
CA SER B 137 35.34 -1.27 0.81
C SER B 137 35.95 -1.41 -0.56
N SER B 138 35.22 -1.02 -1.62
CA SER B 138 35.74 -1.17 -2.98
C SER B 138 36.84 -0.19 -3.25
N THR B 139 36.71 1.05 -2.74
CA THR B 139 37.78 2.04 -2.86
C THR B 139 39.07 1.54 -2.22
N LEU B 140 38.96 0.93 -1.02
CA LEU B 140 40.10 0.31 -0.35
C LEU B 140 40.69 -0.84 -1.18
N SER B 141 39.83 -1.70 -1.77
CA SER B 141 40.32 -2.80 -2.61
C SER B 141 41.06 -2.27 -3.81
N GLY B 142 40.56 -1.18 -4.40
CA GLY B 142 41.24 -0.59 -5.53
C GLY B 142 42.62 -0.10 -5.14
N THR B 143 42.71 0.53 -3.97
CA THR B 143 44.02 0.98 -3.51
C THR B 143 44.96 -0.20 -3.34
N CYS B 144 44.48 -1.31 -2.75
CA CYS B 144 45.31 -2.52 -2.66
C CYS B 144 45.78 -3.02 -4.02
N TYR B 145 44.89 -3.05 -5.02
CA TYR B 145 45.36 -3.42 -6.35
C TYR B 145 46.45 -2.46 -6.85
N LYS B 146 46.25 -1.15 -6.64
CA LYS B 146 47.21 -0.16 -7.13
C LYS B 146 48.54 -0.32 -6.42
N LEU B 147 48.54 -0.72 -5.15
CA LEU B 147 49.79 -0.97 -4.44
C LEU B 147 50.52 -2.20 -4.96
N THR B 148 49.85 -3.10 -5.66
CA THR B 148 50.47 -4.24 -6.33
C THR B 148 51.24 -3.87 -7.59
N LYS B 149 50.95 -2.73 -8.21
CA LYS B 149 51.52 -2.44 -9.54
C LYS B 149 52.99 -2.06 -9.37
N PRO B 150 53.78 -2.13 -10.43
CA PRO B 150 55.15 -1.62 -10.34
C PRO B 150 55.14 -0.17 -9.89
N GLN B 151 56.05 0.16 -8.98
CA GLN B 151 56.27 1.55 -8.60
C GLN B 151 56.81 2.34 -9.77
N VAL B 152 56.24 3.52 -9.99
CA VAL B 152 56.62 4.36 -11.11
C VAL B 152 56.77 5.79 -10.59
N THR B 153 57.85 6.44 -10.97
CA THR B 153 58.01 7.84 -10.59
C THR B 153 57.19 8.74 -11.52
N ALA B 154 57.09 10.02 -11.14
CA ALA B 154 56.49 11.00 -12.02
C ALA B 154 57.19 10.99 -13.37
N ALA B 155 58.52 10.93 -13.36
CA ALA B 155 59.25 10.88 -14.62
C ALA B 155 58.95 9.59 -15.37
N GLY B 156 58.85 8.47 -14.66
CA GLY B 156 58.43 7.24 -15.32
C GLY B 156 57.06 7.35 -15.99
N LEU B 157 56.11 8.01 -15.33
CA LEU B 157 54.80 8.19 -15.92
C LEU B 157 54.85 9.02 -17.19
N LEU B 158 55.57 10.16 -17.13
CA LEU B 158 55.74 10.99 -18.33
C LEU B 158 56.41 10.22 -19.45
N GLU B 159 57.39 9.35 -19.12
CA GLU B 159 58.05 8.55 -20.14
C GLU B 159 57.09 7.53 -20.75
N GLY B 160 56.24 6.92 -19.93
CA GLY B 160 55.23 5.99 -20.44
C GLY B 160 54.27 6.63 -21.43
N GLY B 161 53.87 7.88 -21.20
CA GLY B 161 52.95 8.57 -22.10
C GLY B 161 51.52 8.72 -21.57
N PHE B 162 50.62 9.05 -22.50
CA PHE B 162 49.25 9.48 -22.19
C PHE B 162 48.46 8.43 -21.38
N GLN B 163 48.48 7.20 -21.84
CA GLN B 163 47.72 6.16 -21.14
C GLN B 163 48.43 5.61 -19.91
N ALA B 164 49.77 5.68 -19.87
CA ALA B 164 50.51 5.40 -18.63
C ALA B 164 50.10 6.40 -17.55
N LEU B 165 49.99 7.68 -17.91
CA LEU B 165 49.48 8.65 -16.96
C LEU B 165 48.03 8.37 -16.60
N GLU B 166 47.19 8.07 -17.60
CA GLU B 166 45.75 7.87 -17.39
C GLU B 166 45.47 6.73 -16.42
N SER B 167 46.07 5.56 -16.67
CA SER B 167 45.91 4.40 -15.81
C SER B 167 46.84 4.42 -14.61
N GLY B 168 47.81 5.33 -14.54
CA GLY B 168 48.65 5.40 -13.37
C GLY B 168 48.13 6.28 -12.28
N MET B 169 47.09 7.09 -12.53
CA MET B 169 46.52 7.90 -11.46
C MET B 169 45.97 6.98 -10.39
N THR B 170 46.19 7.33 -9.13
CA THR B 170 45.78 6.55 -7.98
C THR B 170 44.72 7.23 -7.11
N GLU B 171 44.69 8.54 -7.02
CA GLU B 171 43.83 9.16 -6.02
C GLU B 171 42.35 9.11 -6.41
N GLY B 172 42.05 9.37 -7.68
CA GLY B 172 40.68 9.70 -8.04
C GLY B 172 40.38 11.15 -7.69
N HIS B 173 39.08 11.47 -7.67
CA HIS B 173 38.61 12.80 -7.31
C HIS B 173 39.20 13.16 -5.96
N PRO B 174 39.84 14.35 -5.84
CA PRO B 174 40.59 14.66 -4.60
C PRO B 174 39.72 14.99 -3.42
N CYS B 175 38.44 15.32 -3.60
CA CYS B 175 37.56 15.62 -2.47
C CYS B 175 36.79 14.39 -1.97
N PHE B 176 36.17 13.62 -2.86
CA PHE B 176 35.28 12.56 -2.43
C PHE B 176 36.11 11.43 -1.81
N VAL B 177 35.71 11.03 -0.61
CA VAL B 177 36.34 9.92 0.09
C VAL B 177 35.93 8.59 -0.53
N ALA B 178 34.63 8.35 -0.74
CA ALA B 178 34.15 7.12 -1.36
C ALA B 178 34.01 7.33 -2.87
N ASN B 179 35.14 7.48 -3.55
CA ASN B 179 35.16 7.99 -4.91
C ASN B 179 35.33 6.92 -5.97
N ASN B 180 35.66 5.68 -5.59
CA ASN B 180 36.00 4.62 -6.53
C ASN B 180 35.23 3.35 -6.19
N GLY B 181 33.92 3.47 -6.00
CA GLY B 181 33.16 2.30 -5.62
C GLY B 181 32.99 1.31 -6.75
N ARG B 182 32.63 1.79 -7.94
CA ARG B 182 32.31 0.90 -9.06
C ARG B 182 31.34 -0.24 -8.64
N LEU B 183 30.31 0.08 -7.88
CA LEU B 183 29.44 -0.97 -7.33
C LEU B 183 28.68 -1.66 -8.45
N GLY B 184 28.82 -2.98 -8.54
CA GLY B 184 28.28 -3.78 -9.62
C GLY B 184 29.38 -4.68 -10.15
N PHE B 185 30.66 -4.27 -10.05
CA PHE B 185 31.72 -5.17 -10.48
C PHE B 185 31.94 -6.30 -9.48
N GLY B 186 31.90 -7.55 -9.91
CA GLY B 186 32.56 -8.58 -9.14
C GLY B 186 34.08 -8.40 -9.24
N VAL B 187 34.82 -9.18 -8.45
CA VAL B 187 36.28 -9.00 -8.39
C VAL B 187 36.91 -9.29 -9.75
N ASP B 188 36.40 -10.31 -10.47
CA ASP B 188 36.93 -10.60 -11.79
C ASP B 188 36.60 -9.46 -12.75
N GLU B 189 35.42 -8.88 -12.63
CA GLU B 189 35.06 -7.77 -13.48
C GLU B 189 35.87 -6.54 -13.12
N TYR B 190 36.15 -6.31 -11.84
CA TYR B 190 37.07 -5.25 -11.47
C TYR B 190 38.41 -5.42 -12.18
N LEU B 191 38.97 -6.63 -12.13
CA LEU B 191 40.27 -6.84 -12.77
C LEU B 191 40.17 -6.63 -14.27
N ALA B 192 39.04 -6.98 -14.86
CA ALA B 192 38.99 -6.82 -16.31
C ALA B 192 38.73 -5.40 -16.77
N TYR B 193 38.01 -4.61 -15.99
CA TYR B 193 37.43 -3.36 -16.46
C TYR B 193 37.90 -2.08 -15.76
N ALA B 194 38.47 -2.13 -14.56
CA ALA B 194 38.86 -0.90 -13.88
C ALA B 194 40.00 -0.23 -14.65
N PRO B 195 39.98 1.11 -14.78
CA PRO B 195 41.01 1.78 -15.58
C PRO B 195 42.44 1.63 -15.05
N GLU B 196 42.60 1.55 -13.72
CA GLU B 196 43.92 1.37 -13.12
C GLU B 196 44.53 -0.01 -13.38
N THR B 197 43.76 -1.02 -13.85
CA THR B 197 44.34 -2.31 -14.26
C THR B 197 44.83 -2.25 -15.69
N ALA B 198 44.33 -1.33 -16.48
CA ALA B 198 44.85 -1.12 -17.82
C ALA B 198 44.82 -2.39 -18.65
N HIS B 199 43.83 -3.26 -18.44
CA HIS B 199 43.70 -4.44 -19.27
C HIS B 199 42.93 -4.10 -20.54
N PRO B 200 43.39 -4.55 -21.71
CA PRO B 200 42.62 -4.30 -22.94
C PRO B 200 41.19 -4.86 -22.85
N VAL B 201 40.25 -4.13 -23.42
CA VAL B 201 38.84 -4.51 -23.47
C VAL B 201 38.39 -4.47 -24.93
N ARG B 202 37.61 -5.46 -25.32
CA ARG B 202 36.91 -5.46 -26.59
C ARG B 202 35.44 -5.12 -26.35
N LEU B 203 34.97 -4.09 -27.04
CA LEU B 203 33.58 -3.67 -26.93
C LEU B 203 32.69 -4.67 -27.65
N VAL B 204 31.45 -4.77 -27.19
CA VAL B 204 30.44 -5.60 -27.80
C VAL B 204 29.65 -4.73 -28.75
N TRP B 205 29.45 -5.19 -29.98
CA TRP B 205 28.68 -4.45 -30.95
C TRP B 205 27.30 -5.09 -31.10
N LEU B 206 26.27 -4.25 -31.07
CA LEU B 206 24.89 -4.68 -31.23
C LEU B 206 24.32 -3.97 -32.45
N ALA B 207 23.44 -4.66 -33.14
CA ALA B 207 22.57 -4.05 -34.11
C ALA B 207 21.22 -3.77 -33.44
N ALA B 208 20.79 -2.53 -33.53
CA ALA B 208 19.58 -2.04 -32.87
C ALA B 208 18.63 -1.60 -33.96
N HIS B 209 17.39 -2.08 -33.89
CA HIS B 209 16.36 -1.78 -34.88
C HIS B 209 16.02 -0.31 -34.84
N ARG B 210 15.85 0.29 -36.02
CA ARG B 210 15.65 1.73 -36.18
C ARG B 210 14.27 2.20 -35.76
N SER B 211 13.33 1.29 -35.47
CA SER B 211 12.09 1.68 -34.84
C SER B 211 12.32 2.15 -33.42
N ARG B 212 13.43 1.81 -32.80
CA ARG B 212 13.74 2.21 -31.44
C ARG B 212 15.09 2.90 -31.27
N ALA B 213 16.02 2.80 -32.25
CA ALA B 213 17.35 3.38 -32.11
C ALA B 213 17.53 4.52 -33.11
N ALA B 214 18.18 5.58 -32.69
CA ALA B 214 18.42 6.73 -33.56
C ALA B 214 19.88 7.12 -33.43
N PHE B 215 20.54 7.39 -34.56
CA PHE B 215 21.92 7.86 -34.68
C PHE B 215 21.86 9.33 -35.06
N THR B 216 22.53 10.17 -34.29
CA THR B 216 22.59 11.59 -34.51
C THR B 216 24.04 11.97 -34.84
N ALA B 217 24.21 12.67 -35.96
CA ALA B 217 25.53 12.99 -36.44
C ALA B 217 25.82 14.47 -36.23
N GLY B 218 27.01 14.78 -35.75
CA GLY B 218 27.45 16.16 -35.73
C GLY B 218 27.78 16.67 -37.12
N ALA B 219 28.00 17.98 -37.20
CA ALA B 219 28.33 18.62 -38.47
C ALA B 219 29.52 17.93 -39.11
N GLY B 220 29.37 17.55 -40.38
CA GLY B 220 30.45 16.89 -41.09
C GLY B 220 30.49 15.38 -40.97
N ILE B 221 29.60 14.78 -40.20
CA ILE B 221 29.58 13.34 -39.96
C ILE B 221 28.47 12.73 -40.81
N ASP B 222 28.75 11.57 -41.36
CA ASP B 222 27.83 10.78 -42.17
C ASP B 222 27.84 9.37 -41.61
N TYR B 223 26.66 8.79 -41.37
CA TYR B 223 26.59 7.50 -40.70
C TYR B 223 27.43 6.43 -41.43
N ALA B 224 27.20 6.26 -42.72
CA ALA B 224 27.87 5.18 -43.46
C ALA B 224 29.39 5.35 -43.46
N SER B 225 29.89 6.56 -43.79
CA SER B 225 31.33 6.77 -43.78
C SER B 225 31.91 6.74 -42.35
N PHE B 226 31.17 7.24 -41.36
CA PHE B 226 31.61 7.19 -39.97
C PHE B 226 31.80 5.75 -39.51
N VAL B 227 30.84 4.89 -39.80
CA VAL B 227 30.97 3.51 -39.38
C VAL B 227 32.09 2.84 -40.15
N ARG B 228 32.25 3.15 -41.44
CA ARG B 228 33.34 2.56 -42.20
C ARG B 228 34.70 2.96 -41.65
N GLN B 229 34.87 4.23 -41.29
CA GLN B 229 36.15 4.66 -40.73
C GLN B 229 36.40 4.03 -39.36
N GLU B 230 35.36 3.91 -38.50
CA GLU B 230 35.58 3.39 -37.15
C GLU B 230 35.82 1.88 -37.13
N LEU B 231 35.12 1.12 -37.96
CA LEU B 231 35.24 -0.34 -37.94
C LEU B 231 36.07 -0.94 -39.08
N GLY B 232 36.12 -0.33 -40.25
CA GLY B 232 36.74 -0.99 -41.40
C GLY B 232 35.73 -1.76 -42.23
N GLU B 233 35.99 -1.81 -43.53
CA GLU B 233 35.03 -2.40 -44.47
C GLU B 233 34.82 -3.87 -44.21
N GLU B 234 35.86 -4.60 -43.82
CA GLU B 234 35.69 -6.02 -43.57
C GLU B 234 34.66 -6.27 -42.46
N THR B 235 34.81 -5.57 -41.33
CA THR B 235 33.92 -5.81 -40.19
C THR B 235 32.50 -5.38 -40.50
N VAL B 236 32.35 -4.26 -41.22
CA VAL B 236 31.03 -3.84 -41.66
C VAL B 236 30.34 -4.92 -42.45
N GLU B 237 31.04 -5.50 -43.41
CA GLU B 237 30.40 -6.56 -44.17
C GLU B 237 30.17 -7.84 -43.37
N ARG B 238 31.08 -8.20 -42.49
CA ARG B 238 30.84 -9.35 -41.62
C ARG B 238 29.55 -9.15 -40.80
N PHE B 239 29.38 -8.00 -40.16
CA PHE B 239 28.15 -7.67 -39.44
C PHE B 239 26.93 -7.70 -40.34
N ASP B 240 27.05 -7.14 -41.56
CA ASP B 240 25.99 -7.18 -42.55
C ASP B 240 25.56 -8.63 -42.84
N GLY B 241 26.55 -9.51 -42.92
CA GLY B 241 26.28 -10.89 -43.23
C GLY B 241 25.65 -11.61 -42.08
N VAL B 242 26.04 -11.28 -40.86
CA VAL B 242 25.34 -11.83 -39.71
C VAL B 242 23.86 -11.48 -39.77
N LEU B 243 23.55 -10.20 -40.00
CA LEU B 243 22.14 -9.78 -40.02
C LEU B 243 21.38 -10.49 -41.15
N ARG B 244 21.98 -10.55 -42.36
CA ARG B 244 21.24 -11.16 -43.46
C ARG B 244 21.07 -12.65 -43.22
N GLY B 245 22.08 -13.32 -42.66
CA GLY B 245 21.94 -14.72 -42.34
C GLY B 245 20.81 -14.97 -41.38
N ARG B 246 20.46 -13.98 -40.55
CA ARG B 246 19.30 -14.16 -39.68
C ARG B 246 17.99 -13.67 -40.33
N GLY B 247 17.99 -13.37 -41.61
CA GLY B 247 16.78 -12.92 -42.23
C GLY B 247 16.46 -11.49 -41.91
N LEU B 248 17.47 -10.69 -41.54
CA LEU B 248 17.31 -9.28 -41.19
C LEU B 248 18.01 -8.38 -42.21
N ASP B 249 17.33 -7.29 -42.52
CA ASP B 249 17.82 -6.33 -43.50
C ASP B 249 18.73 -5.35 -42.78
N PRO B 250 20.02 -5.28 -43.09
CA PRO B 250 20.92 -4.36 -42.37
C PRO B 250 20.49 -2.91 -42.43
N ALA B 251 19.74 -2.50 -43.43
CA ALA B 251 19.32 -1.10 -43.50
C ALA B 251 18.30 -0.74 -42.41
N ASP B 252 17.70 -1.73 -41.76
CA ASP B 252 16.74 -1.51 -40.69
C ASP B 252 17.39 -1.34 -39.33
N TYR B 253 18.73 -1.43 -39.27
CA TYR B 253 19.46 -1.51 -38.01
C TYR B 253 20.54 -0.45 -37.98
N LEU B 254 20.94 -0.08 -36.78
CA LEU B 254 22.05 0.82 -36.47
C LEU B 254 23.01 0.11 -35.52
N LEU B 255 24.25 0.55 -35.51
CA LEU B 255 25.26 -0.04 -34.63
C LEU B 255 25.27 0.70 -33.31
N ILE B 256 25.35 -0.07 -32.23
CA ILE B 256 25.57 0.50 -30.91
C ILE B 256 26.69 -0.29 -30.24
N PRO B 257 27.84 0.35 -29.93
CA PRO B 257 28.83 -0.32 -29.05
C PRO B 257 28.43 -0.24 -27.59
N VAL B 258 28.64 -1.35 -26.86
CA VAL B 258 28.28 -1.47 -25.45
C VAL B 258 29.42 -2.08 -24.64
N HIS B 259 29.50 -1.64 -23.40
CA HIS B 259 30.43 -2.16 -22.42
C HIS B 259 30.12 -3.63 -22.16
N PRO B 260 31.12 -4.51 -22.17
CA PRO B 260 30.80 -5.94 -21.96
C PRO B 260 30.08 -6.21 -20.66
N TRP B 261 30.42 -5.52 -19.57
CA TRP B 261 29.66 -5.70 -18.34
C TRP B 261 28.19 -5.44 -18.56
N GLN B 262 27.87 -4.37 -19.31
CA GLN B 262 26.49 -3.98 -19.53
C GLN B 262 25.78 -5.03 -20.34
N TRP B 263 26.46 -5.60 -21.31
CA TRP B 263 25.82 -6.63 -22.11
C TRP B 263 25.55 -7.87 -21.28
N TRP B 264 26.59 -8.38 -20.61
CA TRP B 264 26.46 -9.66 -19.95
C TRP B 264 25.53 -9.58 -18.74
N ASN B 265 25.49 -8.43 -18.08
CA ASN B 265 24.75 -8.34 -16.83
C ASN B 265 23.43 -7.63 -16.95
N LYS B 266 23.26 -6.75 -17.94
CA LYS B 266 22.06 -5.94 -18.05
C LYS B 266 21.35 -6.15 -19.36
N LEU B 267 21.98 -5.91 -20.48
CA LEU B 267 21.20 -5.91 -21.71
C LEU B 267 20.67 -7.30 -22.03
N SER B 268 21.48 -8.33 -21.87
CA SER B 268 21.05 -9.67 -22.19
C SER B 268 19.99 -10.19 -21.23
N VAL B 269 19.75 -9.52 -20.10
CA VAL B 269 18.81 -9.98 -19.06
C VAL B 269 17.63 -9.04 -18.94
N THR B 270 17.89 -7.79 -18.52
CA THR B 270 16.83 -6.78 -18.43
C THR B 270 16.18 -6.51 -19.80
N PHE B 271 16.99 -6.47 -20.88
CA PHE B 271 16.43 -6.24 -22.21
C PHE B 271 16.28 -7.53 -22.97
N ALA B 272 16.06 -8.66 -22.28
CA ALA B 272 15.95 -9.94 -22.98
C ALA B 272 14.85 -9.93 -24.06
N ALA B 273 13.74 -9.19 -23.81
CA ALA B 273 12.65 -9.15 -24.77
C ALA B 273 13.11 -8.54 -26.07
N GLU B 274 13.99 -7.52 -26.01
CA GLU B 274 14.46 -6.83 -27.20
C GLU B 274 15.38 -7.74 -28.00
N VAL B 275 16.21 -8.51 -27.30
CA VAL B 275 17.12 -9.44 -27.95
C VAL B 275 16.32 -10.55 -28.61
N ALA B 276 15.37 -11.12 -27.87
CA ALA B 276 14.65 -12.28 -28.39
C ALA B 276 13.87 -11.91 -29.65
N ARG B 277 13.24 -10.75 -29.64
CA ARG B 277 12.46 -10.29 -30.78
C ARG B 277 13.31 -9.66 -31.88
N GLN B 278 14.61 -9.58 -31.71
CA GLN B 278 15.51 -9.05 -32.72
C GLN B 278 15.36 -7.54 -32.93
N ASN B 279 14.79 -6.81 -31.95
CA ASN B 279 15.05 -5.36 -31.90
C ASN B 279 16.52 -5.09 -31.61
N LEU B 280 17.19 -5.98 -30.90
CA LEU B 280 18.63 -5.95 -30.67
C LEU B 280 19.21 -7.28 -31.05
N VAL B 281 20.38 -7.24 -31.72
CA VAL B 281 21.11 -8.42 -32.19
C VAL B 281 22.57 -8.28 -31.80
N CYS B 282 23.10 -9.26 -31.10
CA CYS B 282 24.50 -9.25 -30.73
C CYS B 282 25.32 -9.65 -31.95
N LEU B 283 26.21 -8.74 -32.41
CA LEU B 283 27.07 -8.95 -33.56
C LEU B 283 28.43 -9.51 -33.20
N GLY B 284 28.91 -9.34 -31.97
CA GLY B 284 30.19 -9.85 -31.51
C GLY B 284 31.11 -8.74 -31.02
N GLU B 285 32.36 -9.09 -30.81
CA GLU B 285 33.35 -8.17 -30.27
C GLU B 285 34.03 -7.36 -31.38
N SER B 286 34.54 -6.20 -31.00
CA SER B 286 35.34 -5.37 -31.90
C SER B 286 36.72 -6.00 -32.10
N ASP B 287 37.36 -5.68 -33.22
CA ASP B 287 38.75 -6.09 -33.40
C ASP B 287 39.72 -5.20 -32.64
N ASP B 288 39.49 -3.88 -32.64
CA ASP B 288 40.35 -2.94 -31.91
C ASP B 288 40.26 -3.19 -30.41
N GLU B 289 41.36 -2.90 -29.72
CA GLU B 289 41.47 -3.07 -28.28
C GLU B 289 41.33 -1.72 -27.62
N TYR B 290 40.54 -1.65 -26.56
CA TYR B 290 40.19 -0.40 -25.91
C TYR B 290 40.69 -0.39 -24.48
N LEU B 291 40.96 0.82 -23.98
CA LEU B 291 41.44 1.03 -22.63
C LEU B 291 40.47 1.93 -21.89
N ALA B 292 39.98 1.45 -20.75
CA ALA B 292 39.07 2.22 -19.92
C ALA B 292 39.78 3.46 -19.39
N GLN B 293 39.11 4.63 -19.44
CA GLN B 293 39.67 5.87 -18.92
C GLN B 293 39.25 6.06 -17.47
N GLN B 294 39.68 7.19 -16.91
CA GLN B 294 39.43 7.41 -15.51
C GLN B 294 37.94 7.39 -15.18
N SER B 295 37.08 7.77 -16.13
CA SER B 295 35.62 7.75 -15.97
C SER B 295 35.03 6.32 -16.03
N ILE B 296 35.84 5.30 -16.35
CA ILE B 296 35.51 3.87 -16.33
C ILE B 296 34.73 3.48 -17.56
N ARG B 297 33.71 4.29 -17.91
CA ARG B 297 32.77 3.94 -18.97
C ARG B 297 33.16 4.50 -20.35
N THR B 298 34.16 5.35 -20.42
CA THR B 298 34.68 5.85 -21.69
C THR B 298 36.00 5.15 -22.00
N PHE B 299 36.17 4.81 -23.27
CA PHE B 299 37.25 3.96 -23.75
C PHE B 299 38.08 4.68 -24.81
N PHE B 300 39.40 4.62 -24.64
CA PHE B 300 40.39 5.07 -25.61
C PHE B 300 40.74 3.89 -26.50
N ASN B 301 40.89 4.13 -27.80
CA ASN B 301 41.18 3.05 -28.77
C ASN B 301 42.69 2.83 -28.77
N ALA B 302 43.15 1.75 -28.15
CA ALA B 302 44.59 1.54 -28.01
C ALA B 302 45.22 1.09 -29.31
N THR B 303 44.48 0.31 -30.11
CA THR B 303 45.00 -0.15 -31.38
C THR B 303 45.19 1.02 -32.34
N HIS B 304 44.23 1.95 -32.38
CA HIS B 304 44.31 3.10 -33.28
C HIS B 304 44.03 4.37 -32.48
N PRO B 305 45.05 4.93 -31.84
CA PRO B 305 44.80 6.06 -30.93
C PRO B 305 44.10 7.24 -31.58
N GLU B 306 44.16 7.37 -32.91
CA GLU B 306 43.53 8.49 -33.59
C GLU B 306 42.02 8.32 -33.72
N LYS B 307 41.50 7.10 -33.59
CA LYS B 307 40.07 6.88 -33.70
C LYS B 307 39.40 7.45 -32.46
N HIS B 308 38.06 7.47 -32.51
CA HIS B 308 37.24 8.10 -31.48
C HIS B 308 37.29 7.31 -30.18
N TYR B 309 37.20 8.03 -29.07
CA TYR B 309 36.79 7.44 -27.80
C TYR B 309 35.35 6.96 -27.94
N VAL B 310 35.02 5.89 -27.21
CA VAL B 310 33.66 5.38 -27.12
C VAL B 310 33.21 5.51 -25.66
N LYS B 311 32.20 6.34 -25.43
CA LYS B 311 31.57 6.50 -24.13
C LYS B 311 30.31 5.64 -24.11
N THR B 312 30.25 4.70 -23.16
CA THR B 312 29.22 3.69 -23.07
C THR B 312 28.35 3.90 -21.84
N ALA B 313 27.17 3.28 -21.87
CA ALA B 313 26.26 3.22 -20.73
C ALA B 313 26.71 2.12 -19.79
N LEU B 314 26.92 2.46 -18.52
CA LEU B 314 27.42 1.52 -17.50
C LEU B 314 26.63 1.71 -16.21
N SER B 315 25.76 0.73 -15.95
CA SER B 315 24.82 0.84 -14.84
C SER B 315 25.46 0.33 -13.56
N VAL B 316 26.58 0.95 -13.22
CA VAL B 316 27.23 0.77 -11.93
C VAL B 316 27.18 2.10 -11.19
N LEU B 317 27.23 2.01 -9.86
CA LEU B 317 27.26 3.20 -9.02
C LEU B 317 28.70 3.65 -8.79
N ASN B 318 28.96 4.93 -9.06
CA ASN B 318 30.29 5.45 -8.75
C ASN B 318 30.21 6.92 -8.39
N MET B 319 30.68 7.26 -7.20
CA MET B 319 30.86 8.63 -6.75
C MET B 319 29.60 9.47 -6.97
N GLY B 320 28.49 8.98 -6.43
CA GLY B 320 27.28 9.74 -6.37
C GLY B 320 26.30 9.58 -7.51
N PHE B 321 26.63 8.83 -8.56
CA PHE B 321 25.72 8.65 -9.70
C PHE B 321 25.82 7.26 -10.31
N MET B 322 24.70 6.73 -10.80
CA MET B 322 24.75 5.62 -11.74
C MET B 322 25.32 6.11 -13.06
N ARG B 323 26.14 5.30 -13.72
CA ARG B 323 26.89 5.77 -14.88
C ARG B 323 26.29 5.30 -16.20
N GLY B 324 24.97 5.16 -16.25
CA GLY B 324 24.26 4.97 -17.50
C GLY B 324 24.36 6.22 -18.38
N LEU B 325 23.73 6.11 -19.54
CA LEU B 325 23.75 7.19 -20.51
C LEU B 325 22.35 7.35 -21.09
N SER B 326 21.82 8.55 -21.05
CA SER B 326 20.45 8.83 -21.45
C SER B 326 20.30 8.70 -22.95
N ALA B 327 19.40 7.81 -23.38
CA ALA B 327 19.11 7.66 -24.79
C ALA B 327 18.50 8.93 -25.34
N ALA B 328 17.62 9.58 -24.57
CA ALA B 328 16.92 10.77 -25.06
C ALA B 328 17.87 11.94 -25.29
N TYR B 329 18.89 12.07 -24.47
CA TYR B 329 19.77 13.22 -24.56
C TYR B 329 20.78 13.10 -25.72
N MET B 330 20.97 11.90 -26.28
CA MET B 330 21.93 11.73 -27.37
C MET B 330 21.58 12.61 -28.57
N GLU B 331 20.29 12.75 -28.85
CA GLU B 331 19.85 13.49 -30.03
C GLU B 331 20.35 14.92 -30.00
N ALA B 332 20.51 15.52 -28.84
CA ALA B 332 20.98 16.90 -28.80
C ALA B 332 22.51 17.04 -28.64
N THR B 333 23.22 15.94 -28.40
CA THR B 333 24.59 16.06 -27.91
C THR B 333 25.52 16.57 -28.97
N PRO B 334 25.57 16.03 -30.17
CA PRO B 334 26.54 16.56 -31.14
C PRO B 334 26.35 18.05 -31.47
N ALA B 335 25.10 18.47 -31.68
CA ALA B 335 24.82 19.85 -32.03
C ALA B 335 25.34 20.80 -30.96
N ILE B 336 25.13 20.49 -29.70
CA ILE B 336 25.66 21.35 -28.65
C ILE B 336 27.17 21.47 -28.77
N ASN B 337 27.85 20.34 -29.02
CA ASN B 337 29.30 20.40 -29.22
C ASN B 337 29.64 21.28 -30.43
N ASP B 338 28.93 21.07 -31.56
CA ASP B 338 29.19 21.86 -32.75
C ASP B 338 29.07 23.33 -32.41
N TRP B 339 28.01 23.67 -31.66
CA TRP B 339 27.77 25.06 -31.29
C TRP B 339 28.96 25.60 -30.51
N LEU B 340 29.38 24.88 -29.46
CA LEU B 340 30.47 25.40 -28.64
C LEU B 340 31.78 25.48 -29.44
N ASP B 341 32.01 24.50 -30.31
CA ASP B 341 33.25 24.54 -31.07
C ASP B 341 33.30 25.83 -31.88
N ARG B 342 32.18 26.18 -32.52
CA ARG B 342 32.18 27.38 -33.32
C ARG B 342 32.37 28.60 -32.44
N LEU B 343 31.75 28.59 -31.26
CA LEU B 343 31.90 29.70 -30.33
C LEU B 343 33.37 29.91 -30.01
N ILE B 344 34.08 28.80 -29.74
CA ILE B 344 35.50 28.90 -29.42
C ILE B 344 36.26 29.44 -30.61
N ASP B 345 35.87 29.02 -31.80
CA ASP B 345 36.64 29.32 -32.99
C ASP B 345 36.46 30.77 -33.40
N ASN B 346 35.32 31.36 -33.05
CA ASN B 346 34.99 32.72 -33.45
C ASN B 346 35.31 33.75 -32.40
N ASP B 347 35.92 33.35 -31.28
CA ASP B 347 36.25 34.27 -30.19
C ASP B 347 37.76 34.48 -30.12
N PRO B 348 38.24 35.69 -30.35
CA PRO B 348 39.71 35.88 -30.38
C PRO B 348 40.41 35.64 -29.04
N VAL B 349 39.79 35.96 -27.91
CA VAL B 349 40.41 35.68 -26.61
C VAL B 349 40.60 34.17 -26.39
N LEU B 350 39.54 33.40 -26.65
CA LEU B 350 39.65 31.95 -26.47
C LEU B 350 40.65 31.39 -27.47
N LYS B 351 40.68 31.93 -28.69
CA LYS B 351 41.64 31.45 -29.68
C LYS B 351 43.08 31.71 -29.23
N SER B 352 43.30 32.89 -28.62
CA SER B 352 44.63 33.24 -28.17
C SER B 352 45.06 32.35 -27.02
N THR B 353 44.14 31.77 -26.26
CA THR B 353 44.57 30.83 -25.21
C THR B 353 44.94 29.45 -25.75
N GLY B 354 44.69 29.18 -27.04
CA GLY B 354 44.84 27.84 -27.58
C GLY B 354 43.76 26.84 -27.18
N LEU B 355 42.71 27.27 -26.48
CA LEU B 355 41.69 26.32 -26.03
C LEU B 355 41.08 25.52 -27.17
N SER B 356 40.79 24.25 -26.90
CA SER B 356 39.95 23.44 -27.76
C SER B 356 39.09 22.51 -26.91
N ILE B 357 38.03 21.99 -27.52
CA ILE B 357 37.29 20.87 -26.95
C ILE B 357 37.54 19.69 -27.85
N ILE B 358 37.50 18.47 -27.30
CA ILE B 358 37.31 17.26 -28.11
C ILE B 358 35.81 16.99 -28.19
N ARG B 359 35.24 17.21 -29.37
CA ARG B 359 33.81 17.16 -29.51
C ARG B 359 33.28 15.73 -29.36
N GLU B 360 32.07 15.65 -28.79
CA GLU B 360 31.21 14.48 -28.97
C GLU B 360 30.61 14.58 -30.38
N ARG B 361 31.13 13.77 -31.31
CA ARG B 361 30.89 13.96 -32.75
C ARG B 361 29.65 13.23 -33.26
N ALA B 362 29.31 12.11 -32.64
CA ALA B 362 28.16 11.31 -33.03
C ALA B 362 27.64 10.61 -31.80
N ALA B 363 26.35 10.26 -31.82
CA ALA B 363 25.72 9.60 -30.69
C ALA B 363 24.58 8.70 -31.16
N VAL B 364 24.30 7.68 -30.38
CA VAL B 364 23.19 6.79 -30.74
C VAL B 364 22.43 6.44 -29.47
N GLY B 365 21.11 6.42 -29.55
CA GLY B 365 20.29 6.08 -28.41
C GLY B 365 19.23 5.05 -28.75
N TYR B 366 18.92 4.22 -27.77
CA TYR B 366 17.87 3.22 -27.90
C TYR B 366 16.77 3.58 -26.93
N ARG B 367 15.56 3.71 -27.44
CA ARG B 367 14.38 4.05 -26.64
C ARG B 367 13.61 2.76 -26.28
N HIS B 368 13.70 2.35 -25.03
CA HIS B 368 12.98 1.17 -24.56
C HIS B 368 11.56 1.59 -24.23
N LEU B 369 10.58 1.26 -25.09
CA LEU B 369 9.25 1.84 -24.97
C LEU B 369 8.53 1.38 -23.71
N GLU B 370 8.68 0.11 -23.37
CA GLU B 370 8.02 -0.39 -22.20
C GLU B 370 8.64 0.21 -20.94
N TYR B 371 9.99 0.26 -20.86
CA TYR B 371 10.59 0.84 -19.66
C TYR B 371 10.32 2.33 -19.57
N GLU B 372 10.29 3.03 -20.69
CA GLU B 372 9.88 4.42 -20.61
C GLU B 372 8.46 4.54 -20.04
N ALA B 373 7.52 3.68 -20.48
CA ALA B 373 6.15 3.74 -19.98
C ALA B 373 6.07 3.42 -18.51
N ALA B 374 6.98 2.58 -18.04
CA ALA B 374 6.91 2.06 -16.68
C ALA B 374 7.67 2.91 -15.67
N THR B 375 8.38 3.97 -16.11
CA THR B 375 9.27 4.75 -15.24
C THR B 375 9.06 6.23 -15.52
N ASP B 376 9.75 7.09 -14.78
CA ASP B 376 9.69 8.52 -14.99
C ASP B 376 10.99 9.01 -15.67
N ARG B 377 11.06 10.33 -15.88
CA ARG B 377 12.07 10.93 -16.74
C ARG B 377 13.49 10.64 -16.25
N TYR B 378 13.68 10.38 -14.96
CA TYR B 378 15.02 10.26 -14.42
C TYR B 378 15.45 8.82 -14.14
N SER B 379 14.68 7.84 -14.55
CA SER B 379 14.93 6.47 -14.16
C SER B 379 16.26 5.95 -14.70
N PRO B 380 17.00 5.19 -13.92
CA PRO B 380 18.16 4.49 -14.51
C PRO B 380 17.78 3.51 -15.60
N TYR B 381 16.50 3.06 -15.66
CA TYR B 381 16.07 2.16 -16.72
C TYR B 381 15.99 2.86 -18.07
N ARG B 382 15.97 4.20 -18.09
CA ARG B 382 16.04 4.89 -19.37
C ARG B 382 17.47 5.20 -19.81
N LYS B 383 18.49 4.74 -19.07
CA LYS B 383 19.89 5.09 -19.30
C LYS B 383 20.76 3.85 -19.51
N MET B 384 20.16 2.77 -19.96
CA MET B 384 20.85 1.50 -20.03
C MET B 384 21.48 1.21 -21.37
N LEU B 385 21.09 1.94 -22.40
CA LEU B 385 21.58 1.60 -23.74
C LEU B 385 21.70 2.89 -24.54
N ALA B 386 22.92 3.37 -24.67
CA ALA B 386 23.25 4.54 -25.47
C ALA B 386 24.77 4.59 -25.55
N ALA B 387 25.26 5.36 -26.52
CA ALA B 387 26.69 5.51 -26.65
C ALA B 387 27.01 6.79 -27.40
N LEU B 388 28.20 7.32 -27.16
CA LEU B 388 28.64 8.41 -28.02
C LEU B 388 30.12 8.27 -28.34
N TRP B 389 30.50 8.94 -29.39
CA TRP B 389 31.84 8.92 -29.92
C TRP B 389 32.45 10.30 -29.74
N ARG B 390 33.65 10.34 -29.16
CA ARG B 390 34.37 11.58 -28.88
C ARG B 390 35.71 11.63 -29.62
N GLU B 391 36.00 12.76 -30.25
CA GLU B 391 37.27 12.96 -30.96
C GLU B 391 38.45 12.57 -30.09
N SER B 392 39.44 11.90 -30.66
CA SER B 392 40.72 11.69 -30.00
C SER B 392 41.52 13.01 -30.03
N PRO B 393 42.24 13.34 -28.95
CA PRO B 393 43.12 14.53 -28.99
C PRO B 393 44.48 14.27 -29.67
N VAL B 394 44.78 13.03 -30.02
CA VAL B 394 46.09 12.69 -30.56
C VAL B 394 46.32 13.33 -31.92
N PRO B 395 45.38 13.29 -32.86
CA PRO B 395 45.70 13.81 -34.20
C PRO B 395 46.18 15.25 -34.22
N ALA B 396 45.71 16.10 -33.32
CA ALA B 396 46.10 17.50 -33.33
C ALA B 396 47.46 17.74 -32.71
N LEU B 397 48.13 16.73 -32.17
CA LEU B 397 49.45 16.95 -31.58
C LEU B 397 50.47 17.28 -32.67
N ARG B 398 51.22 18.35 -32.48
CA ARG B 398 52.34 18.71 -33.32
C ARG B 398 53.64 18.24 -32.66
N ASP B 399 54.75 18.47 -33.37
CA ASP B 399 56.04 17.95 -32.94
C ASP B 399 56.48 18.39 -31.54
N GLY B 400 56.95 17.43 -30.76
CA GLY B 400 57.38 17.64 -29.39
C GLY B 400 56.24 17.72 -28.36
N GLU B 401 54.97 17.62 -28.76
CA GLU B 401 53.85 17.79 -27.85
C GLU B 401 53.38 16.43 -27.33
N SER B 402 52.97 16.39 -26.07
CA SER B 402 52.43 15.18 -25.46
C SER B 402 51.18 15.56 -24.68
N LEU B 403 50.45 14.55 -24.20
CA LEU B 403 49.16 14.73 -23.54
C LEU B 403 49.24 14.20 -22.12
N THR B 404 48.58 14.89 -21.20
CA THR B 404 48.33 14.30 -19.89
C THR B 404 46.98 14.75 -19.33
N THR B 405 46.30 13.85 -18.62
CA THR B 405 45.15 14.27 -17.84
C THR B 405 45.59 15.32 -16.84
N MET B 406 44.77 16.36 -16.61
CA MET B 406 45.14 17.38 -15.63
C MET B 406 45.19 16.81 -14.21
N ALA B 407 44.51 15.68 -13.98
CA ALA B 407 44.59 15.03 -12.68
C ALA B 407 46.03 14.69 -12.31
N ALA B 408 46.89 14.43 -13.30
CA ALA B 408 48.28 14.10 -13.03
C ALA B 408 48.95 15.23 -12.23
N LEU B 409 48.49 16.49 -12.39
CA LEU B 409 49.18 17.58 -11.70
C LEU B 409 49.16 17.40 -10.19
N VAL B 410 48.15 16.73 -9.64
CA VAL B 410 48.06 16.49 -8.21
C VAL B 410 48.35 15.03 -7.88
N HIS B 411 48.95 14.29 -8.82
CA HIS B 411 49.43 12.95 -8.52
C HIS B 411 50.83 13.00 -7.93
N VAL B 412 50.98 12.40 -6.74
CA VAL B 412 52.26 12.33 -6.04
C VAL B 412 52.77 10.90 -6.08
N ASP B 413 54.04 10.71 -6.45
CA ASP B 413 54.55 9.35 -6.59
C ASP B 413 55.06 8.85 -5.23
N HIS B 414 55.65 7.66 -5.21
CA HIS B 414 56.12 7.01 -3.98
C HIS B 414 57.34 7.72 -3.39
N GLU B 415 57.96 8.65 -4.13
CA GLU B 415 59.10 9.43 -3.65
C GLU B 415 58.71 10.83 -3.22
N GLY B 416 57.41 11.15 -3.23
CA GLY B 416 56.92 12.44 -2.81
C GLY B 416 56.96 13.46 -3.90
N ARG B 417 57.24 13.07 -5.12
CA ARG B 417 57.30 13.99 -6.24
C ARG B 417 55.99 13.95 -7.03
N SER B 418 55.44 15.13 -7.29
CA SER B 418 54.25 15.23 -8.10
C SER B 418 54.64 15.36 -9.55
N VAL B 419 53.69 15.01 -10.43
CA VAL B 419 53.90 15.21 -11.86
C VAL B 419 54.08 16.69 -12.16
N ALA B 420 53.36 17.58 -11.45
CA ALA B 420 53.59 19.03 -11.61
C ALA B 420 55.01 19.43 -11.23
N GLY B 421 55.52 18.86 -10.15
CA GLY B 421 56.89 19.15 -9.75
C GLY B 421 57.89 18.64 -10.77
N GLU B 422 57.68 17.43 -11.27
CA GLU B 422 58.56 16.92 -12.31
C GLU B 422 58.52 17.82 -13.54
N LEU B 423 57.34 18.25 -13.95
CA LEU B 423 57.29 19.09 -15.15
C LEU B 423 57.95 20.43 -14.90
N ILE B 424 57.72 21.01 -13.72
CA ILE B 424 58.38 22.27 -13.42
C ILE B 424 59.90 22.12 -13.51
N ALA B 425 60.46 21.10 -12.83
CA ALA B 425 61.91 20.87 -12.83
C ALA B 425 62.43 20.66 -14.25
N ARG B 426 61.77 19.81 -15.01
CA ARG B 426 62.23 19.54 -16.37
C ARG B 426 62.14 20.75 -17.29
N SER B 427 61.20 21.66 -17.03
CA SER B 427 61.03 22.80 -17.92
C SER B 427 62.13 23.82 -17.76
N GLY B 428 62.85 23.81 -16.63
CA GLY B 428 63.86 24.80 -16.36
C GLY B 428 63.32 26.16 -15.99
N LEU B 429 62.02 26.33 -15.80
CA LEU B 429 61.42 27.61 -15.51
C LEU B 429 61.29 27.80 -14.01
N ALA B 430 61.21 29.05 -13.58
CA ALA B 430 60.79 29.32 -12.22
C ALA B 430 59.34 28.83 -12.00
N PRO B 431 59.05 28.28 -10.82
CA PRO B 431 57.70 27.74 -10.59
C PRO B 431 56.57 28.69 -10.93
N THR B 432 56.66 29.97 -10.56
CA THR B 432 55.56 30.87 -10.86
C THR B 432 55.39 31.03 -12.36
N ALA B 433 56.48 30.99 -13.12
CA ALA B 433 56.40 31.18 -14.57
C ALA B 433 55.73 29.97 -15.22
N TRP B 434 56.12 28.77 -14.78
CA TRP B 434 55.47 27.57 -15.26
C TRP B 434 53.98 27.60 -14.95
N LEU B 435 53.67 27.96 -13.71
CA LEU B 435 52.28 28.03 -13.26
C LEU B 435 51.51 29.02 -14.10
N ARG B 436 52.13 30.15 -14.45
CA ARG B 436 51.45 31.14 -15.27
C ARG B 436 51.08 30.59 -16.65
N HIS B 437 51.98 29.80 -17.28
CA HIS B 437 51.60 29.21 -18.56
C HIS B 437 50.39 28.29 -18.38
N TYR B 438 50.44 27.42 -17.36
CA TYR B 438 49.32 26.51 -17.09
C TYR B 438 48.03 27.28 -16.86
N LEU B 439 48.08 28.34 -16.06
CA LEU B 439 46.88 29.11 -15.79
C LEU B 439 46.34 29.80 -17.06
N ARG B 440 47.21 30.33 -17.92
CA ARG B 440 46.68 30.96 -19.12
C ARG B 440 46.03 29.93 -20.03
N ALA B 441 46.53 28.70 -20.00
CA ALA B 441 45.93 27.69 -20.87
C ALA B 441 44.58 27.18 -20.32
N TYR B 442 44.50 26.95 -19.02
CA TYR B 442 43.38 26.26 -18.39
C TYR B 442 42.36 27.17 -17.77
N TYR B 443 42.81 28.23 -17.08
CA TYR B 443 42.00 29.05 -16.19
C TYR B 443 41.45 30.29 -16.89
N THR B 444 42.27 30.97 -17.69
CA THR B 444 41.77 32.11 -18.46
C THR B 444 40.56 31.78 -19.31
N PRO B 445 40.49 30.67 -20.03
CA PRO B 445 39.25 30.40 -20.76
C PRO B 445 38.03 30.26 -19.86
N LEU B 446 38.19 29.77 -18.62
CA LEU B 446 37.04 29.68 -17.73
C LEU B 446 36.55 31.07 -17.34
N LEU B 447 37.50 31.97 -17.07
CA LEU B 447 37.12 33.32 -16.72
C LEU B 447 36.36 33.95 -17.87
N HIS B 448 36.89 33.82 -19.08
CA HIS B 448 36.23 34.49 -20.21
C HIS B 448 34.86 33.86 -20.53
N SER B 449 34.76 32.53 -20.48
CA SER B 449 33.46 31.89 -20.64
C SER B 449 32.44 32.43 -19.63
N PHE B 450 32.84 32.53 -18.37
CA PHE B 450 31.91 33.04 -17.36
C PHE B 450 31.53 34.49 -17.65
N TYR B 451 32.52 35.36 -17.82
CA TYR B 451 32.21 36.78 -17.83
C TYR B 451 31.61 37.22 -19.16
N ALA B 452 32.03 36.65 -20.28
CA ALA B 452 31.53 37.06 -21.59
C ALA B 452 30.35 36.22 -22.06
N TYR B 453 30.15 35.01 -21.53
CA TYR B 453 29.08 34.19 -22.06
C TYR B 453 28.17 33.57 -21.02
N ASP B 454 28.38 33.82 -19.72
CA ASP B 454 27.63 33.12 -18.69
C ASP B 454 27.78 31.62 -18.81
N LEU B 455 28.93 31.19 -19.33
CA LEU B 455 29.16 29.79 -19.64
C LEU B 455 30.00 29.16 -18.54
N ALA B 456 29.54 28.04 -17.98
CA ALA B 456 30.27 27.30 -16.96
C ALA B 456 30.45 25.87 -17.43
N PHE B 457 31.61 25.28 -17.14
CA PHE B 457 31.97 23.91 -17.44
C PHE B 457 31.92 23.12 -16.14
N MET B 458 32.41 21.88 -16.17
CA MET B 458 32.81 21.10 -15.00
C MET B 458 34.31 20.77 -15.08
N PRO B 459 35.16 21.73 -14.84
CA PRO B 459 36.58 21.62 -15.22
C PRO B 459 37.48 20.93 -14.17
N HIS B 460 37.10 19.76 -13.72
CA HIS B 460 37.96 19.07 -12.79
C HIS B 460 39.10 18.38 -13.56
N GLY B 461 39.91 17.64 -12.82
CA GLY B 461 41.10 17.06 -13.39
C GLY B 461 40.83 16.01 -14.45
N GLU B 462 39.70 15.30 -14.36
CA GLU B 462 39.38 14.27 -15.32
C GLU B 462 38.76 14.85 -16.58
N ASN B 463 38.21 16.06 -16.51
CA ASN B 463 37.60 16.68 -17.69
C ASN B 463 38.54 17.56 -18.46
N THR B 464 39.79 17.65 -18.07
CA THR B 464 40.73 18.55 -18.66
C THR B 464 41.93 17.73 -19.04
N ILE B 465 42.39 17.89 -20.28
CA ILE B 465 43.65 17.33 -20.77
C ILE B 465 44.62 18.47 -21.07
N LEU B 466 45.88 18.31 -20.71
CA LEU B 466 46.90 19.33 -20.92
C LEU B 466 47.85 18.86 -21.99
N VAL B 467 48.20 19.78 -22.89
CA VAL B 467 49.19 19.55 -23.95
C VAL B 467 50.53 20.13 -23.49
N LEU B 468 51.55 19.27 -23.43
CA LEU B 468 52.86 19.61 -22.90
C LEU B 468 53.85 19.67 -24.04
N LYS B 469 54.77 20.63 -23.93
CA LYS B 469 55.94 20.72 -24.79
C LYS B 469 57.06 21.33 -23.95
N ASP B 470 58.22 20.66 -23.93
CA ASP B 470 59.37 21.10 -23.13
C ASP B 470 58.99 21.20 -21.66
N GLY B 471 58.04 20.36 -21.24
CA GLY B 471 57.57 20.39 -19.86
C GLY B 471 56.66 21.54 -19.52
N VAL B 472 56.22 22.32 -20.49
CA VAL B 472 55.42 23.50 -20.25
C VAL B 472 54.02 23.26 -20.85
N VAL B 473 52.98 23.66 -20.13
CA VAL B 473 51.62 23.56 -20.64
C VAL B 473 51.46 24.56 -21.78
N GLN B 474 51.15 24.06 -22.98
CA GLN B 474 50.94 24.88 -24.17
C GLN B 474 49.48 25.31 -24.31
N ARG B 475 48.55 24.41 -23.98
CA ARG B 475 47.12 24.63 -24.15
C ARG B 475 46.36 23.51 -23.44
N ALA B 476 45.07 23.74 -23.25
CA ALA B 476 44.18 22.80 -22.60
C ALA B 476 43.09 22.31 -23.56
N VAL B 477 42.62 21.08 -23.32
CA VAL B 477 41.55 20.43 -24.05
C VAL B 477 40.49 20.05 -23.04
N TYR B 478 39.27 20.52 -23.26
CA TYR B 478 38.13 20.24 -22.40
C TYR B 478 37.29 19.14 -23.04
N LYS B 479 36.73 18.28 -22.19
CA LYS B 479 35.85 17.22 -22.67
C LYS B 479 34.67 17.04 -21.73
N ASP B 480 33.71 16.18 -22.12
CA ASP B 480 32.48 15.96 -21.35
C ASP B 480 31.65 17.23 -21.36
N ILE B 481 31.03 17.51 -22.51
CA ILE B 481 30.55 18.85 -22.85
C ILE B 481 29.02 18.93 -22.75
N ALA B 482 28.32 18.16 -23.57
CA ALA B 482 26.88 18.37 -23.66
C ALA B 482 26.18 18.12 -22.33
N GLU B 483 26.66 17.16 -21.55
CA GLU B 483 26.09 16.84 -20.26
C GLU B 483 26.46 17.83 -19.19
N GLU B 484 27.54 18.61 -19.37
CA GLU B 484 28.03 19.40 -18.25
C GLU B 484 27.84 20.90 -18.38
N ILE B 485 27.92 21.48 -19.58
CA ILE B 485 27.99 22.94 -19.65
C ILE B 485 26.65 23.54 -19.24
N VAL B 486 26.70 24.75 -18.69
CA VAL B 486 25.49 25.49 -18.31
C VAL B 486 25.67 26.93 -18.78
N VAL B 487 24.64 27.48 -19.42
CA VAL B 487 24.59 28.90 -19.68
C VAL B 487 23.69 29.50 -18.62
N MET B 488 24.28 30.31 -17.74
CA MET B 488 23.61 30.78 -16.53
C MET B 488 22.83 32.05 -16.83
N ASP B 489 21.91 31.92 -17.77
CA ASP B 489 21.02 33.00 -18.18
C ASP B 489 19.79 32.38 -18.86
N PRO B 490 18.66 32.28 -18.15
CA PRO B 490 17.46 31.63 -18.76
C PRO B 490 16.98 32.29 -20.03
N ASP B 491 17.31 33.56 -20.28
CA ASP B 491 16.81 34.28 -21.45
C ASP B 491 17.89 34.47 -22.52
N ALA B 492 19.00 33.74 -22.44
CA ALA B 492 20.04 33.88 -23.43
C ALA B 492 19.54 33.49 -24.82
N VAL B 493 20.02 34.21 -25.82
CA VAL B 493 19.69 33.95 -27.23
C VAL B 493 20.63 32.89 -27.78
N LEU B 494 20.10 31.74 -28.16
CA LEU B 494 20.90 30.58 -28.54
C LEU B 494 20.15 29.85 -29.63
N PRO B 495 20.84 29.09 -30.47
CA PRO B 495 20.10 28.25 -31.43
C PRO B 495 19.20 27.34 -30.72
N PRO B 496 18.09 26.86 -31.35
CA PRO B 496 17.09 26.06 -30.65
C PRO B 496 17.65 24.83 -29.98
N GLU B 497 18.42 24.00 -30.69
CA GLU B 497 18.90 22.72 -30.17
C GLU B 497 19.88 22.89 -29.00
N VAL B 498 20.33 24.11 -28.70
CA VAL B 498 21.25 24.37 -27.60
C VAL B 498 20.55 25.01 -26.41
N ARG B 499 19.31 25.48 -26.60
CA ARG B 499 18.62 26.22 -25.54
C ARG B 499 18.44 25.51 -24.21
N ARG B 500 18.41 24.17 -24.21
CA ARG B 500 18.20 23.46 -22.96
C ARG B 500 19.38 23.64 -22.01
N VAL B 501 20.57 24.00 -22.52
CA VAL B 501 21.71 24.14 -21.61
C VAL B 501 21.55 25.38 -20.75
N ARG B 502 20.62 26.29 -21.07
CA ARG B 502 20.32 27.43 -20.18
C ARG B 502 19.67 26.96 -18.88
N ALA B 503 19.97 27.67 -17.80
CA ALA B 503 19.49 27.30 -16.47
C ALA B 503 19.39 28.56 -15.61
N GLU B 504 18.59 28.44 -14.58
CA GLU B 504 18.36 29.51 -13.62
C GLU B 504 19.24 29.17 -12.44
N VAL B 505 20.27 29.96 -12.23
CA VAL B 505 21.19 29.79 -11.12
C VAL B 505 21.10 31.04 -10.25
N PRO B 506 20.89 30.91 -8.96
CA PRO B 506 20.80 32.12 -8.13
C PRO B 506 22.03 33.00 -8.37
N GLU B 507 21.81 34.30 -8.29
CA GLU B 507 22.86 35.28 -8.57
C GLU B 507 24.12 35.01 -7.72
N ASP B 508 23.98 35.01 -6.40
CA ASP B 508 25.15 34.84 -5.52
C ASP B 508 25.76 33.42 -5.52
N MET B 509 25.36 32.57 -6.44
CA MET B 509 25.93 31.24 -6.59
C MET B 509 26.60 31.08 -7.95
N LYS B 510 26.42 32.01 -8.89
CA LYS B 510 26.97 31.81 -10.23
C LYS B 510 28.50 31.69 -10.19
N LEU B 511 29.13 32.54 -9.41
CA LEU B 511 30.59 32.52 -9.40
C LEU B 511 31.14 31.30 -8.65
N LEU B 512 30.28 30.52 -7.98
CA LEU B 512 30.77 29.27 -7.41
C LEU B 512 31.36 28.39 -8.50
N SER B 513 30.90 28.57 -9.74
CA SER B 513 31.48 27.81 -10.83
C SER B 513 32.99 27.98 -10.92
N ILE B 514 33.51 29.14 -10.49
CA ILE B 514 34.96 29.30 -10.32
C ILE B 514 35.40 28.97 -8.89
N PHE B 515 34.70 29.55 -7.91
CA PHE B 515 35.17 29.46 -6.52
C PHE B 515 35.19 28.00 -6.06
N THR B 516 34.13 27.22 -6.35
CA THR B 516 34.08 25.82 -5.91
C THR B 516 34.86 24.87 -6.84
N ASP B 517 34.50 24.85 -8.13
CA ASP B 517 35.04 23.85 -9.06
C ASP B 517 36.51 24.08 -9.36
N VAL B 518 36.98 25.31 -9.34
CA VAL B 518 38.38 25.52 -9.64
C VAL B 518 39.18 25.73 -8.37
N PHE B 519 38.89 26.80 -7.60
CA PHE B 519 39.75 27.13 -6.46
C PHE B 519 39.65 26.07 -5.37
N ASP B 520 38.45 25.82 -4.83
CA ASP B 520 38.36 24.95 -3.66
C ASP B 520 38.41 23.46 -3.98
N CYS B 521 38.19 23.03 -5.23
CA CYS B 521 38.20 21.61 -5.57
C CYS B 521 39.40 21.14 -6.39
N PHE B 522 40.23 22.05 -6.87
CA PHE B 522 41.43 21.62 -7.58
C PHE B 522 42.65 22.45 -7.15
N PHE B 523 42.57 23.79 -7.21
CA PHE B 523 43.76 24.61 -6.88
C PHE B 523 44.13 24.45 -5.41
N ARG B 524 43.16 24.28 -4.55
CA ARG B 524 43.52 24.05 -3.15
C ARG B 524 44.49 22.88 -2.99
N PHE B 525 44.27 21.79 -3.75
CA PHE B 525 45.15 20.63 -3.68
C PHE B 525 46.48 20.89 -4.37
N LEU B 526 46.46 21.58 -5.53
CA LEU B 526 47.69 21.81 -6.28
C LEU B 526 48.62 22.72 -5.49
N ALA B 527 48.06 23.78 -4.91
CA ALA B 527 48.86 24.74 -4.15
C ALA B 527 49.40 24.08 -2.89
N ALA B 528 48.54 23.36 -2.14
CA ALA B 528 49.02 22.64 -0.96
C ALA B 528 50.10 21.62 -1.32
N GLY B 529 49.95 20.93 -2.45
CA GLY B 529 50.94 19.92 -2.81
C GLY B 529 52.27 20.53 -3.19
N LEU B 530 52.24 21.57 -4.03
CA LEU B 530 53.49 22.21 -4.41
C LEU B 530 54.18 22.87 -3.21
N ALA B 531 53.43 23.35 -2.22
CA ALA B 531 54.09 23.86 -1.03
C ALA B 531 54.71 22.72 -0.22
N THR B 532 53.96 21.65 0.02
CA THR B 532 54.50 20.52 0.79
C THR B 532 55.73 19.94 0.12
N GLU B 533 55.74 19.92 -1.19
CA GLU B 533 56.84 19.44 -2.00
C GLU B 533 58.00 20.41 -2.04
N GLU B 534 57.85 21.61 -1.44
CA GLU B 534 58.91 22.61 -1.37
C GLU B 534 59.30 23.12 -2.75
N VAL B 535 58.32 23.23 -3.63
CA VAL B 535 58.51 23.78 -4.97
C VAL B 535 58.04 25.22 -5.05
N LEU B 536 56.92 25.53 -4.39
CA LEU B 536 56.27 26.83 -4.55
C LEU B 536 55.47 27.11 -3.30
N ALA B 537 55.71 28.27 -2.70
CA ALA B 537 54.98 28.64 -1.49
C ALA B 537 53.54 28.98 -1.84
N GLU B 538 52.63 28.81 -0.88
CA GLU B 538 51.21 29.10 -1.10
C GLU B 538 50.97 30.53 -1.59
N ASP B 539 51.63 31.50 -0.95
CA ASP B 539 51.44 32.90 -1.29
C ASP B 539 51.80 33.13 -2.74
N ASP B 540 52.88 32.51 -3.22
CA ASP B 540 53.30 32.72 -4.61
C ASP B 540 52.29 32.12 -5.57
N PHE B 541 51.79 30.92 -5.25
CA PHE B 541 50.74 30.28 -6.04
C PHE B 541 49.55 31.23 -6.19
N TRP B 542 49.00 31.67 -5.06
CA TRP B 542 47.74 32.43 -5.11
C TRP B 542 47.98 33.82 -5.68
N ARG B 543 49.14 34.38 -5.49
CA ARG B 543 49.42 35.65 -6.12
C ARG B 543 49.49 35.50 -7.63
N THR B 544 50.03 34.39 -8.10
CA THR B 544 50.05 34.15 -9.55
C THR B 544 48.62 33.99 -10.07
N VAL B 545 47.76 33.30 -9.34
CA VAL B 545 46.35 33.23 -9.81
C VAL B 545 45.70 34.63 -9.84
N ALA B 546 45.89 35.42 -8.80
CA ALA B 546 45.37 36.77 -8.82
C ALA B 546 45.94 37.56 -9.99
N GLU B 547 47.24 37.42 -10.27
CA GLU B 547 47.88 38.16 -11.37
C GLU B 547 47.29 37.76 -12.71
N VAL B 548 47.06 36.46 -12.92
CA VAL B 548 46.42 36.02 -14.17
C VAL B 548 44.95 36.49 -14.27
N THR B 549 44.25 36.51 -13.14
CA THR B 549 42.90 37.06 -13.14
C THR B 549 42.89 38.53 -13.56
N ARG B 550 43.81 39.35 -13.03
CA ARG B 550 43.88 40.78 -13.41
C ARG B 550 44.38 40.95 -14.83
N GLU B 551 45.28 40.08 -15.26
CA GLU B 551 45.71 40.13 -16.65
C GLU B 551 44.54 39.95 -17.59
N TYR B 552 43.63 39.01 -17.29
CA TYR B 552 42.41 38.89 -18.09
C TYR B 552 41.50 40.12 -17.92
N GLN B 553 41.19 40.52 -16.69
CA GLN B 553 40.17 41.55 -16.48
C GLN B 553 40.58 42.91 -17.04
N GLU B 554 41.84 43.32 -16.84
CA GLU B 554 42.31 44.64 -17.32
C GLU B 554 42.30 44.73 -18.84
N ALA B 555 42.32 43.59 -19.51
CA ALA B 555 42.30 43.58 -20.96
C ALA B 555 40.89 43.75 -21.52
N HIS B 556 39.85 43.78 -20.69
CA HIS B 556 38.47 43.84 -21.18
C HIS B 556 37.63 44.75 -20.29
N PRO B 557 37.92 46.06 -20.32
CA PRO B 557 37.17 47.03 -19.49
C PRO B 557 35.71 47.16 -19.89
N GLU B 558 35.35 46.77 -21.11
CA GLU B 558 33.94 46.73 -21.50
C GLU B 558 33.13 45.75 -20.65
N LEU B 559 33.77 44.93 -19.82
CA LEU B 559 33.08 44.01 -18.93
C LEU B 559 33.20 44.42 -17.46
N ASP B 560 33.64 45.65 -17.20
CA ASP B 560 33.89 46.04 -15.82
C ASP B 560 32.67 45.87 -14.92
N ASP B 561 31.48 46.19 -15.43
CA ASP B 561 30.26 46.00 -14.65
C ASP B 561 30.15 44.55 -14.18
N ARG B 562 30.34 43.61 -15.10
CA ARG B 562 30.25 42.22 -14.69
C ARG B 562 31.37 41.88 -13.73
N PHE B 563 32.57 42.49 -13.93
CA PHE B 563 33.67 42.23 -13.01
C PHE B 563 33.27 42.68 -11.60
N ARG B 564 32.53 43.79 -11.49
CA ARG B 564 32.07 44.20 -10.17
C ARG B 564 30.91 43.37 -9.70
N GLN B 565 30.02 42.91 -10.60
CA GLN B 565 28.87 42.14 -10.17
C GLN B 565 29.29 40.79 -9.59
N TYR B 566 30.29 40.14 -10.19
CA TYR B 566 30.77 38.83 -9.75
C TYR B 566 32.25 39.03 -9.40
N ASP B 567 32.50 39.35 -8.14
CA ASP B 567 33.80 39.82 -7.65
C ASP B 567 34.67 38.62 -7.27
N LEU B 568 35.65 38.32 -8.11
CA LEU B 568 36.58 37.24 -7.76
C LEU B 568 37.54 37.61 -6.64
N PHE B 569 37.59 38.88 -6.26
CA PHE B 569 38.48 39.32 -5.20
C PHE B 569 37.73 39.63 -3.92
N ALA B 570 36.49 39.17 -3.79
CA ALA B 570 35.73 39.40 -2.57
C ALA B 570 36.45 38.79 -1.38
N PRO B 571 36.26 39.33 -0.19
CA PRO B 571 37.03 38.82 0.96
C PRO B 571 36.76 37.36 1.26
N GLU B 572 35.55 36.86 0.99
CA GLU B 572 35.16 35.51 1.34
C GLU B 572 34.22 34.97 0.28
N PHE B 573 34.07 33.64 0.25
CA PHE B 573 33.02 33.03 -0.56
C PHE B 573 32.53 31.75 0.11
N ALA B 574 31.37 31.28 -0.31
CA ALA B 574 30.73 30.18 0.40
C ALA B 574 31.54 28.88 0.32
N LEU B 575 31.54 28.14 1.41
CA LEU B 575 32.09 26.78 1.45
C LEU B 575 31.03 25.81 0.99
N SER B 576 31.20 25.26 -0.22
CA SER B 576 30.26 24.32 -0.80
C SER B 576 30.83 22.91 -0.63
N CYS B 577 30.14 22.09 0.16
CA CYS B 577 30.68 20.81 0.60
C CYS B 577 30.27 19.71 -0.37
N LEU B 578 31.25 18.98 -0.89
CA LEU B 578 30.98 17.89 -1.82
C LEU B 578 30.64 16.56 -1.14
N ASN B 579 31.45 16.15 -0.15
CA ASN B 579 31.19 14.86 0.50
C ASN B 579 29.82 14.87 1.14
N ARG B 580 29.37 16.01 1.69
CA ARG B 580 28.03 16.06 2.29
C ARG B 580 26.96 15.68 1.25
N LEU B 581 27.17 16.05 -0.01
CA LEU B 581 26.23 15.67 -1.05
C LEU B 581 26.09 14.16 -1.14
N GLN B 582 27.22 13.45 -1.19
CA GLN B 582 27.25 11.99 -1.32
C GLN B 582 26.81 11.32 -0.03
N LEU B 583 27.13 11.89 1.12
CA LEU B 583 26.62 11.32 2.37
C LEU B 583 25.11 11.42 2.46
N ARG B 584 24.50 12.50 1.92
CA ARG B 584 23.05 12.66 2.03
C ARG B 584 22.29 11.78 1.02
N ASP B 585 22.79 11.67 -0.20
CA ASP B 585 22.17 10.82 -1.21
C ASP B 585 23.26 10.08 -1.99
N ASN B 586 23.45 8.82 -1.64
CA ASN B 586 24.45 7.95 -2.25
C ASN B 586 24.22 7.75 -3.74
N ARG B 587 22.97 7.70 -4.18
CA ARG B 587 22.65 7.21 -5.51
C ARG B 587 22.48 8.31 -6.52
N GLN B 588 22.15 9.52 -6.07
CA GLN B 588 21.86 10.61 -6.96
C GLN B 588 22.21 11.87 -6.17
N MET B 589 23.50 12.21 -6.18
CA MET B 589 24.00 13.30 -5.35
C MET B 589 23.24 14.60 -5.56
N VAL B 590 22.80 14.83 -6.78
CA VAL B 590 22.20 16.10 -7.19
C VAL B 590 21.04 15.78 -8.12
N ASP B 591 20.01 16.61 -8.05
CA ASP B 591 18.90 16.59 -8.99
C ASP B 591 19.36 17.25 -10.29
N LEU B 592 19.45 16.47 -11.36
CA LEU B 592 19.98 17.00 -12.62
C LEU B 592 19.08 18.07 -13.24
N ALA B 593 17.82 18.15 -12.83
CA ALA B 593 16.93 19.22 -13.29
C ALA B 593 17.11 20.52 -12.50
N ASP B 594 17.57 20.44 -11.24
CA ASP B 594 17.82 21.60 -10.40
C ASP B 594 19.10 21.35 -9.61
N PRO B 595 20.25 21.34 -10.29
CA PRO B 595 21.48 20.86 -9.60
C PRO B 595 21.96 21.74 -8.47
N SER B 596 21.62 23.04 -8.45
CA SER B 596 22.03 23.90 -7.35
C SER B 596 21.20 23.71 -6.07
N ALA B 597 20.06 23.01 -6.13
CA ALA B 597 19.22 22.91 -4.93
C ALA B 597 19.79 21.96 -3.90
N ALA B 598 20.61 21.00 -4.30
CA ALA B 598 21.17 20.06 -3.34
C ALA B 598 22.46 20.57 -2.71
N LEU B 599 22.99 21.70 -3.16
CA LEU B 599 24.27 22.16 -2.62
C LEU B 599 24.14 22.44 -1.12
N GLN B 600 25.20 22.14 -0.39
CA GLN B 600 25.21 22.39 1.05
C GLN B 600 26.29 23.44 1.33
N LEU B 601 25.84 24.68 1.52
CA LEU B 601 26.72 25.80 1.82
C LEU B 601 26.81 25.90 3.33
N VAL B 602 28.02 25.82 3.87
CA VAL B 602 28.23 25.76 5.32
C VAL B 602 29.27 26.83 5.64
N GLY B 603 28.81 28.05 5.88
CA GLY B 603 29.75 29.08 6.18
C GLY B 603 30.56 29.55 4.98
N THR B 604 31.68 30.19 5.26
CA THR B 604 32.45 30.83 4.22
C THR B 604 33.92 30.49 4.39
N LEU B 605 34.65 30.64 3.31
CA LEU B 605 36.10 30.50 3.23
C LEU B 605 36.70 31.86 2.92
N ARG B 606 37.90 32.09 3.47
CA ARG B 606 38.70 33.26 3.14
C ARG B 606 39.21 33.13 1.72
N ASN B 607 38.92 34.12 0.90
CA ASN B 607 39.35 34.11 -0.51
C ASN B 607 40.84 34.40 -0.56
N PRO B 608 41.67 33.47 -1.06
CA PRO B 608 43.11 33.76 -1.12
C PRO B 608 43.47 34.90 -2.06
N LEU B 609 42.62 35.28 -3.00
CA LEU B 609 42.94 36.40 -3.86
C LEU B 609 42.59 37.75 -3.25
N ALA B 610 41.97 37.79 -2.07
CA ALA B 610 41.44 39.05 -1.53
C ALA B 610 42.57 40.01 -1.26
N GLY B 611 43.63 39.55 -0.60
CA GLY B 611 44.78 40.39 -0.42
C GLY B 611 45.63 40.59 -1.67
N LEU B 612 46.19 39.49 -2.17
CA LEU B 612 47.09 39.50 -3.31
C LEU B 612 46.49 40.17 -4.55
N HIS C 20 41.99 -35.11 38.47
CA HIS C 20 40.85 -34.50 37.72
C HIS C 20 39.54 -34.71 38.45
N MET C 21 39.45 -35.80 39.23
CA MET C 21 38.19 -36.20 39.85
C MET C 21 37.74 -35.21 40.94
N SER C 22 38.61 -34.91 41.91
CA SER C 22 38.27 -33.88 42.90
C SER C 22 38.16 -32.50 42.22
N LEU C 23 39.03 -32.22 41.25
CA LEU C 23 38.92 -30.98 40.49
C LEU C 23 37.56 -30.87 39.82
N THR C 24 37.15 -31.90 39.08
CA THR C 24 35.91 -31.83 38.31
C THR C 24 34.69 -31.95 39.22
N ASP C 25 34.78 -32.74 40.28
CA ASP C 25 33.66 -32.85 41.19
C ASP C 25 33.38 -31.55 41.91
N ALA C 26 34.42 -30.80 42.26
CA ALA C 26 34.22 -29.57 43.00
C ALA C 26 33.42 -28.54 42.20
N VAL C 27 33.51 -28.55 40.86
CA VAL C 27 32.73 -27.61 40.04
C VAL C 27 31.57 -28.31 39.31
N ALA C 28 31.27 -29.57 39.65
CA ALA C 28 30.21 -30.30 38.95
C ALA C 28 28.84 -29.63 39.09
N HIS C 29 28.59 -28.90 40.17
CA HIS C 29 27.32 -28.20 40.25
C HIS C 29 27.17 -27.09 39.22
N LEU C 30 28.28 -26.66 38.60
CA LEU C 30 28.22 -25.57 37.62
C LEU C 30 27.97 -26.18 36.25
N SER C 31 26.72 -26.34 35.90
CA SER C 31 26.35 -26.88 34.60
C SER C 31 25.53 -25.85 33.81
N PRO C 32 25.42 -26.01 32.50
CA PRO C 32 24.67 -25.01 31.72
C PRO C 32 23.21 -24.87 32.14
N GLU C 33 22.54 -25.99 32.43
CA GLU C 33 21.12 -25.97 32.77
C GLU C 33 20.88 -25.31 34.13
N ARG C 34 21.66 -25.69 35.15
CA ARG C 34 21.52 -25.05 36.45
C ARG C 34 21.91 -23.59 36.38
N TRP C 35 22.94 -23.25 35.59
CA TRP C 35 23.31 -21.84 35.48
C TRP C 35 22.19 -21.01 34.83
N GLU C 36 21.55 -21.56 33.79
CA GLU C 36 20.40 -20.89 33.17
C GLU C 36 19.27 -20.67 34.18
N GLU C 37 18.90 -21.72 34.92
CA GLU C 37 17.84 -21.59 35.92
C GLU C 37 18.21 -20.56 36.98
N ALA C 38 19.47 -20.60 37.46
CA ALA C 38 19.89 -19.69 38.53
C ALA C 38 19.83 -18.24 38.07
N ASN C 39 20.28 -17.99 36.83
CA ASN C 39 20.25 -16.63 36.31
C ASN C 39 18.83 -16.15 36.12
N ARG C 40 17.92 -17.02 35.63
CA ARG C 40 16.51 -16.65 35.49
C ARG C 40 15.92 -16.24 36.84
N LEU C 41 16.18 -17.04 37.89
CA LEU C 41 15.65 -16.71 39.21
C LEU C 41 16.24 -15.39 39.75
N LEU C 42 17.54 -15.17 39.52
CA LEU C 42 18.17 -13.98 40.08
C LEU C 42 17.73 -12.71 39.36
N VAL C 43 17.59 -12.77 38.03
CA VAL C 43 17.03 -11.64 37.27
C VAL C 43 15.58 -11.38 37.70
N ARG C 44 14.80 -12.44 37.94
CA ARG C 44 13.45 -12.25 38.48
C ARG C 44 13.49 -11.45 39.78
N LYS C 45 14.36 -11.85 40.73
CA LYS C 45 14.42 -11.13 42.01
C LYS C 45 14.92 -9.69 41.82
N ALA C 46 15.86 -9.49 40.90
CA ALA C 46 16.36 -8.15 40.66
C ALA C 46 15.25 -7.25 40.12
N LEU C 47 14.51 -7.72 39.12
CA LEU C 47 13.42 -6.93 38.58
C LEU C 47 12.39 -6.60 39.66
N ALA C 48 12.01 -7.62 40.44
CA ALA C 48 11.00 -7.39 41.49
C ALA C 48 11.48 -6.35 42.52
N GLU C 49 12.68 -6.55 43.08
CA GLU C 49 13.09 -5.73 44.22
C GLU C 49 13.60 -4.37 43.79
N PHE C 50 14.27 -4.27 42.63
CA PHE C 50 14.66 -2.96 42.15
C PHE C 50 13.43 -2.16 41.71
N ALA C 51 12.35 -2.82 41.26
CA ALA C 51 11.07 -2.11 41.10
C ALA C 51 10.52 -1.67 42.45
N HIS C 52 10.57 -2.54 43.47
CA HIS C 52 10.07 -2.13 44.78
C HIS C 52 10.78 -0.87 45.26
N GLU C 53 12.08 -0.78 45.01
CA GLU C 53 12.87 0.35 45.49
C GLU C 53 12.89 1.51 44.50
N ARG C 54 12.14 1.43 43.41
CA ARG C 54 11.99 2.53 42.45
C ARG C 54 13.31 2.90 41.80
N LEU C 55 14.23 1.95 41.71
CA LEU C 55 15.43 2.16 40.90
C LEU C 55 15.08 2.27 39.43
N PHE C 56 14.08 1.53 38.98
CA PHE C 56 13.42 1.76 37.70
C PHE C 56 11.92 1.55 37.87
N THR C 57 11.15 2.15 36.96
CA THR C 57 9.70 2.04 37.02
C THR C 57 9.21 1.23 35.83
N PRO C 58 8.82 -0.03 36.00
CA PRO C 58 8.41 -0.85 34.85
C PRO C 58 7.28 -0.22 34.08
N GLU C 59 7.44 -0.14 32.73
CA GLU C 59 6.40 0.50 31.94
C GLU C 59 5.34 -0.52 31.60
N PRO C 60 4.05 -0.18 31.77
CA PRO C 60 2.98 -1.09 31.37
C PRO C 60 3.08 -1.48 29.90
N ALA C 61 2.65 -2.71 29.62
CA ALA C 61 2.79 -3.38 28.35
C ALA C 61 2.04 -2.68 27.22
N ASP C 62 2.56 -2.89 26.00
CA ASP C 62 1.91 -2.51 24.75
C ASP C 62 0.40 -2.49 24.86
N GLY C 63 -0.23 -3.65 25.09
CA GLY C 63 -1.65 -3.70 25.37
C GLY C 63 -2.07 -4.88 26.21
N GLN C 64 -1.20 -5.26 27.15
CA GLN C 64 -1.40 -6.45 27.95
C GLN C 64 -1.57 -6.09 29.42
N ASP C 65 -2.46 -6.80 30.10
CA ASP C 65 -2.66 -6.64 31.52
C ASP C 65 -1.62 -7.46 32.28
N GLY C 66 -0.81 -6.76 33.10
CA GLY C 66 0.19 -7.37 33.93
C GLY C 66 1.52 -7.63 33.27
N ARG C 67 1.73 -7.21 32.02
CA ARG C 67 3.04 -7.32 31.34
C ARG C 67 3.72 -5.95 31.32
N TYR C 68 5.05 -5.96 31.50
CA TYR C 68 5.80 -4.73 31.74
C TYR C 68 7.14 -4.84 31.01
N VAL C 69 7.81 -3.68 30.91
CA VAL C 69 9.13 -3.59 30.26
C VAL C 69 10.06 -2.70 31.10
N VAL C 70 11.30 -3.14 31.23
CA VAL C 70 12.37 -2.39 31.87
C VAL C 70 13.53 -2.37 30.91
N ARG C 71 14.19 -1.24 30.73
CA ARG C 71 15.23 -1.13 29.71
C ARG C 71 16.57 -0.87 30.36
N SER C 72 17.64 -1.25 29.66
CA SER C 72 19.00 -0.94 30.09
C SER C 72 19.22 0.58 30.08
N ASP C 73 20.37 0.98 30.61
CA ASP C 73 20.73 2.40 30.62
C ASP C 73 20.59 3.03 29.23
N ASP C 74 21.10 2.36 28.20
CA ASP C 74 21.13 2.91 26.85
C ASP C 74 19.83 2.64 26.08
N GLY C 75 18.81 2.03 26.71
CA GLY C 75 17.53 1.82 26.09
C GLY C 75 17.43 0.69 25.11
N LEU C 76 18.54 0.10 24.71
CA LEU C 76 18.54 -0.85 23.61
C LEU C 76 18.25 -2.28 24.03
N THR C 77 18.44 -2.62 25.31
CA THR C 77 18.08 -3.93 25.81
C THR C 77 16.78 -3.79 26.60
N SER C 78 15.81 -4.68 26.30
CA SER C 78 14.50 -4.67 26.95
C SER C 78 14.27 -5.97 27.69
N TYR C 79 13.85 -5.87 28.95
CA TYR C 79 13.41 -7.00 29.78
C TYR C 79 11.89 -6.91 29.88
N ARG C 80 11.22 -7.92 29.39
CA ARG C 80 9.78 -7.95 29.41
C ARG C 80 9.32 -9.06 30.34
N PHE C 81 8.26 -8.79 31.09
CA PHE C 81 7.88 -9.79 32.09
C PHE C 81 6.47 -9.51 32.58
N THR C 82 5.81 -10.56 33.08
CA THR C 82 4.52 -10.37 33.73
C THR C 82 4.74 -10.36 35.24
N ALA C 83 3.88 -9.65 35.94
CA ALA C 83 3.99 -9.53 37.39
C ALA C 83 2.61 -9.28 37.97
N VAL C 84 2.33 -9.87 39.12
CA VAL C 84 1.16 -9.53 39.94
C VAL C 84 1.61 -8.52 41.01
N ARG C 85 0.86 -7.44 41.17
CA ARG C 85 1.23 -6.37 42.09
C ARG C 85 0.44 -6.52 43.39
N ARG C 86 1.12 -6.42 44.53
CA ARG C 86 0.53 -6.70 45.84
C ARG C 86 0.95 -5.60 46.77
N ALA C 87 0.44 -5.65 47.99
CA ALA C 87 0.57 -4.58 48.95
C ALA C 87 2.02 -4.28 49.29
N LEU C 88 2.25 -3.08 49.79
CA LEU C 88 3.59 -2.57 50.06
C LEU C 88 4.43 -2.54 48.79
N ASP C 89 3.77 -2.21 47.67
CA ASP C 89 4.43 -2.07 46.39
C ASP C 89 5.26 -3.30 46.05
N HIS C 90 4.66 -4.45 46.21
CA HIS C 90 5.35 -5.71 45.98
C HIS C 90 5.10 -6.15 44.55
N TRP C 91 6.18 -6.49 43.85
CA TRP C 91 6.10 -6.97 42.48
C TRP C 91 6.39 -8.47 42.46
N GLN C 92 5.35 -9.28 42.28
CA GLN C 92 5.52 -10.72 42.14
C GLN C 92 5.78 -10.98 40.67
N VAL C 93 7.05 -10.84 40.30
CA VAL C 93 7.48 -11.06 38.91
C VAL C 93 7.49 -12.56 38.63
N ASP C 94 6.94 -12.94 37.48
CA ASP C 94 6.90 -14.36 37.11
C ASP C 94 8.22 -14.72 36.42
N ALA C 95 8.94 -15.69 36.97
CA ALA C 95 10.26 -16.00 36.46
C ALA C 95 10.19 -16.51 35.02
N GLY C 96 9.24 -17.40 34.73
CA GLY C 96 9.13 -17.98 33.39
C GLY C 96 8.77 -16.98 32.30
N SER C 97 8.17 -15.85 32.66
CA SER C 97 7.73 -14.89 31.67
C SER C 97 8.84 -13.96 31.19
N ILE C 98 10.00 -13.97 31.82
CA ILE C 98 11.01 -12.94 31.54
C ILE C 98 11.67 -13.21 30.18
N THR C 99 11.72 -12.19 29.34
CA THR C 99 12.48 -12.26 28.10
C THR C 99 13.40 -11.06 28.07
N ARG C 100 14.47 -11.21 27.33
CA ARG C 100 15.50 -10.19 27.17
C ARG C 100 15.73 -10.03 25.69
N THR C 101 15.66 -8.80 25.20
CA THR C 101 15.68 -8.54 23.77
C THR C 101 16.64 -7.41 23.47
N ARG C 102 17.46 -7.62 22.45
CA ARG C 102 18.33 -6.55 22.00
C ARG C 102 18.51 -6.66 20.48
N ASP C 103 18.39 -5.53 19.77
CA ASP C 103 18.58 -5.54 18.32
C ASP C 103 17.62 -6.52 17.64
N GLY C 104 16.39 -6.59 18.13
CA GLY C 104 15.35 -7.46 17.62
C GLY C 104 15.56 -8.94 17.86
N ALA C 105 16.51 -9.35 18.70
CA ALA C 105 16.78 -10.75 18.93
C ALA C 105 16.70 -11.06 20.42
N GLU C 106 16.18 -12.24 20.73
CA GLU C 106 16.10 -12.71 22.12
C GLU C 106 17.49 -13.13 22.57
N LEU C 107 17.84 -12.80 23.80
CA LEU C 107 19.11 -13.14 24.40
C LEU C 107 18.90 -13.99 25.65
N PRO C 108 19.86 -14.84 25.99
CA PRO C 108 19.76 -15.60 27.25
C PRO C 108 19.84 -14.64 28.43
N LEU C 109 19.18 -15.04 29.51
CA LEU C 109 19.20 -14.25 30.74
C LEU C 109 20.55 -14.44 31.42
N ALA C 110 21.19 -13.30 31.74
CA ALA C 110 22.50 -13.26 32.40
C ALA C 110 22.50 -12.14 33.41
N ALA C 111 22.48 -12.50 34.70
CA ALA C 111 22.48 -11.48 35.75
C ALA C 111 23.69 -10.56 35.63
N LEU C 112 24.86 -11.09 35.25
CA LEU C 112 26.05 -10.25 35.14
C LEU C 112 25.81 -9.16 34.10
N ASP C 113 25.35 -9.56 32.91
CA ASP C 113 25.03 -8.60 31.87
C ASP C 113 23.95 -7.63 32.34
N PHE C 114 22.97 -8.12 33.11
CA PHE C 114 21.93 -7.26 33.67
C PHE C 114 22.54 -6.12 34.46
N PHE C 115 23.44 -6.43 35.37
CA PHE C 115 23.99 -5.33 36.16
C PHE C 115 24.92 -4.43 35.35
N ILE C 116 25.63 -4.97 34.36
CA ILE C 116 26.48 -4.08 33.57
C ILE C 116 25.62 -3.15 32.70
N GLU C 117 24.56 -3.69 32.09
CA GLU C 117 23.64 -2.92 31.26
C GLU C 117 22.96 -1.80 32.04
N LEU C 118 22.74 -2.00 33.34
CA LEU C 118 22.00 -1.06 34.18
C LEU C 118 22.90 -0.41 35.22
N ARG C 119 24.21 -0.39 34.99
CA ARG C 119 25.12 0.07 36.02
C ARG C 119 24.79 1.50 36.46
N HIS C 120 24.39 2.35 35.52
CA HIS C 120 24.18 3.75 35.88
C HIS C 120 22.79 3.92 36.48
N THR C 121 21.81 3.21 35.96
CA THR C 121 20.48 3.26 36.57
C THR C 121 20.54 2.83 38.04
N LEU C 122 21.38 1.85 38.34
CA LEU C 122 21.46 1.25 39.66
C LEU C 122 22.44 1.97 40.57
N GLY C 123 23.11 3.03 40.10
CA GLY C 123 24.06 3.75 40.93
C GLY C 123 25.29 2.95 41.31
N LEU C 124 25.74 2.03 40.47
CA LEU C 124 26.95 1.24 40.73
C LEU C 124 28.16 1.97 40.14
N SER C 125 29.04 2.46 41.01
CA SER C 125 30.27 3.11 40.59
C SER C 125 31.23 2.11 39.93
N ASP C 126 32.22 2.67 39.23
CA ASP C 126 33.28 1.87 38.61
C ASP C 126 34.10 1.08 39.63
N GLU C 127 34.29 1.61 40.84
CA GLU C 127 35.04 0.89 41.87
C GLU C 127 34.25 -0.31 42.43
N ILE C 128 32.93 -0.16 42.62
CA ILE C 128 32.15 -1.24 43.23
C ILE C 128 31.66 -2.27 42.21
N LEU C 129 31.40 -1.86 40.99
CA LEU C 129 30.78 -2.79 40.03
C LEU C 129 31.47 -4.15 39.93
N PRO C 130 32.80 -4.26 39.71
CA PRO C 130 33.42 -5.60 39.56
C PRO C 130 33.29 -6.48 40.82
N VAL C 131 33.41 -5.90 42.02
CA VAL C 131 33.26 -6.71 43.25
C VAL C 131 31.82 -7.12 43.42
N TYR C 132 30.88 -6.22 43.10
CA TYR C 132 29.47 -6.60 43.11
C TYR C 132 29.18 -7.75 42.15
N LEU C 133 29.84 -7.74 40.99
CA LEU C 133 29.65 -8.85 40.06
C LEU C 133 30.16 -10.14 40.65
N GLU C 134 31.28 -10.09 41.40
CA GLU C 134 31.76 -11.30 42.05
C GLU C 134 30.72 -11.83 43.02
N GLU C 135 30.11 -10.94 43.80
CA GLU C 135 29.07 -11.38 44.73
C GLU C 135 27.88 -12.00 44.01
N ILE C 136 27.48 -11.41 42.88
CA ILE C 136 26.41 -11.99 42.05
C ILE C 136 26.80 -13.38 41.57
N SER C 137 28.04 -13.52 41.07
CA SER C 137 28.51 -14.81 40.56
C SER C 137 28.47 -15.87 41.65
N SER C 138 28.88 -15.52 42.88
CA SER C 138 28.85 -16.49 43.96
C SER C 138 27.43 -16.83 44.39
N THR C 139 26.53 -15.83 44.45
CA THR C 139 25.12 -16.13 44.70
C THR C 139 24.55 -17.10 43.65
N LEU C 140 24.85 -16.87 42.37
CA LEU C 140 24.40 -17.79 41.32
C LEU C 140 24.99 -19.21 41.47
N SER C 141 26.29 -19.28 41.82
CA SER C 141 26.99 -20.56 42.01
C SER C 141 26.37 -21.31 43.16
N GLY C 142 26.04 -20.60 44.24
CA GLY C 142 25.36 -21.20 45.36
C GLY C 142 24.01 -21.75 44.96
N THR C 143 23.30 -21.02 44.07
CA THR C 143 22.01 -21.53 43.58
C THR C 143 22.19 -22.81 42.80
N CYS C 144 23.22 -22.88 41.96
CA CYS C 144 23.47 -24.13 41.25
C CYS C 144 23.73 -25.27 42.22
N TYR C 145 24.53 -25.03 43.26
CA TYR C 145 24.72 -26.11 44.22
C TYR C 145 23.39 -26.53 44.83
N LYS C 146 22.57 -25.56 45.20
CA LYS C 146 21.31 -25.92 45.84
C LYS C 146 20.41 -26.72 44.89
N LEU C 147 20.52 -26.46 43.58
CA LEU C 147 19.80 -27.22 42.57
C LEU C 147 20.33 -28.63 42.44
N THR C 148 21.56 -28.86 42.90
CA THR C 148 22.10 -30.22 42.93
C THR C 148 21.52 -31.08 44.06
N LYS C 149 20.96 -30.47 45.10
CA LYS C 149 20.55 -31.23 46.27
C LYS C 149 19.25 -32.00 46.00
N PRO C 150 18.97 -33.04 46.78
CA PRO C 150 17.69 -33.72 46.65
C PRO C 150 16.52 -32.76 46.84
N GLN C 151 15.52 -32.87 45.97
CA GLN C 151 14.33 -32.07 46.17
C GLN C 151 13.64 -32.54 47.44
N VAL C 152 13.23 -31.59 48.26
CA VAL C 152 12.55 -31.87 49.52
C VAL C 152 11.36 -30.95 49.58
N THR C 153 10.21 -31.48 49.96
CA THR C 153 9.01 -30.66 50.11
C THR C 153 9.04 -29.95 51.46
N ALA C 154 8.13 -28.99 51.63
CA ALA C 154 7.99 -28.36 52.95
C ALA C 154 7.73 -29.41 54.04
N ALA C 155 6.87 -30.39 53.76
CA ALA C 155 6.66 -31.46 54.72
C ALA C 155 7.95 -32.25 54.94
N GLY C 156 8.70 -32.53 53.88
CA GLY C 156 9.98 -33.19 54.06
C GLY C 156 10.96 -32.41 54.93
N LEU C 157 11.00 -31.10 54.77
CA LEU C 157 11.85 -30.31 55.64
C LEU C 157 11.41 -30.42 57.09
N LEU C 158 10.10 -30.30 57.34
CA LEU C 158 9.60 -30.40 58.71
C LEU C 158 9.94 -31.76 59.31
N GLU C 159 9.86 -32.81 58.49
CA GLU C 159 10.21 -34.14 58.98
C GLU C 159 11.69 -34.25 59.29
N GLY C 160 12.54 -33.65 58.45
CA GLY C 160 13.97 -33.70 58.69
C GLY C 160 14.38 -33.04 59.98
N GLY C 161 13.73 -31.94 60.34
CA GLY C 161 13.96 -31.28 61.62
C GLY C 161 14.68 -29.95 61.49
N PHE C 162 15.17 -29.49 62.66
CA PHE C 162 15.71 -28.14 62.84
C PHE C 162 16.86 -27.85 61.86
N GLN C 163 17.82 -28.76 61.75
CA GLN C 163 18.94 -28.47 60.86
C GLN C 163 18.63 -28.77 59.42
N ALA C 164 17.69 -29.69 59.13
CA ALA C 164 17.24 -29.86 57.75
C ALA C 164 16.57 -28.59 57.24
N LEU C 165 15.80 -27.92 58.12
CA LEU C 165 15.23 -26.62 57.78
C LEU C 165 16.32 -25.56 57.64
N GLU C 166 17.28 -25.51 58.59
CA GLU C 166 18.31 -24.48 58.56
C GLU C 166 19.12 -24.58 57.27
N SER C 167 19.66 -25.74 56.97
CA SER C 167 20.47 -25.90 55.78
C SER C 167 19.64 -26.05 54.52
N GLY C 168 18.31 -26.19 54.62
CA GLY C 168 17.47 -26.33 53.45
C GLY C 168 16.97 -25.04 52.90
N MET C 169 17.19 -23.94 53.61
CA MET C 169 16.78 -22.65 53.08
C MET C 169 17.56 -22.34 51.81
N THR C 170 16.88 -21.79 50.81
CA THR C 170 17.52 -21.47 49.54
C THR C 170 17.56 -19.98 49.22
N GLU C 171 16.63 -19.19 49.75
CA GLU C 171 16.53 -17.82 49.25
C GLU C 171 17.60 -16.92 49.83
N GLY C 172 17.84 -17.03 51.13
CA GLY C 172 18.60 -16.05 51.84
C GLY C 172 17.71 -14.88 52.17
N HIS C 173 18.33 -13.76 52.53
CA HIS C 173 17.57 -12.55 52.82
C HIS C 173 16.65 -12.24 51.63
N PRO C 174 15.36 -12.04 51.86
CA PRO C 174 14.42 -11.92 50.73
C PRO C 174 14.51 -10.59 49.95
N CYS C 175 15.12 -9.54 50.48
CA CYS C 175 15.26 -8.29 49.73
C CYS C 175 16.56 -8.23 48.93
N PHE C 176 17.72 -8.48 49.58
CA PHE C 176 19.01 -8.26 48.94
C PHE C 176 19.22 -9.24 47.78
N VAL C 177 19.52 -8.68 46.62
CA VAL C 177 19.78 -9.52 45.46
C VAL C 177 21.13 -10.22 45.57
N ALA C 178 22.18 -9.47 45.89
CA ALA C 178 23.52 -10.04 46.04
C ALA C 178 23.73 -10.43 47.49
N ASN C 179 23.02 -11.47 47.94
CA ASN C 179 22.91 -11.78 49.36
C ASN C 179 23.80 -12.94 49.82
N ASN C 180 24.40 -13.69 48.91
CA ASN C 180 25.17 -14.87 49.30
C ASN C 180 26.54 -14.88 48.63
N GLY C 181 27.25 -13.78 48.73
CA GLY C 181 28.55 -13.71 48.09
C GLY C 181 29.62 -14.58 48.75
N ARG C 182 29.75 -14.51 50.08
CA ARG C 182 30.83 -15.23 50.80
C ARG C 182 32.19 -15.01 50.14
N LEU C 183 32.53 -13.77 49.79
CA LEU C 183 33.76 -13.51 49.05
C LEU C 183 34.96 -13.80 49.91
N GLY C 184 35.82 -14.69 49.45
CA GLY C 184 36.97 -15.19 50.18
C GLY C 184 37.01 -16.71 50.11
N PHE C 185 35.87 -17.39 50.01
CA PHE C 185 35.87 -18.84 49.82
C PHE C 185 36.33 -19.21 48.39
N GLY C 186 37.36 -20.05 48.30
CA GLY C 186 37.55 -20.83 47.09
C GLY C 186 36.44 -21.83 46.93
N VAL C 187 36.38 -22.48 45.78
CA VAL C 187 35.26 -23.38 45.53
C VAL C 187 35.30 -24.57 46.50
N ASP C 188 36.49 -25.11 46.79
CA ASP C 188 36.61 -26.15 47.83
C ASP C 188 36.17 -25.63 49.21
N GLU C 189 36.49 -24.38 49.53
CA GLU C 189 36.07 -23.84 50.81
C GLU C 189 34.58 -23.61 50.86
N TYR C 190 33.97 -23.18 49.74
CA TYR C 190 32.51 -23.11 49.66
C TYR C 190 31.90 -24.48 50.00
N LEU C 191 32.36 -25.54 49.33
CA LEU C 191 31.78 -26.86 49.55
C LEU C 191 31.99 -27.31 51.00
N ALA C 192 33.10 -26.94 51.63
CA ALA C 192 33.27 -27.41 53.01
C ALA C 192 32.49 -26.57 54.02
N TYR C 193 32.28 -25.26 53.76
CA TYR C 193 31.85 -24.34 54.81
C TYR C 193 30.48 -23.66 54.60
N ALA C 194 29.91 -23.69 53.40
CA ALA C 194 28.65 -23.00 53.18
C ALA C 194 27.52 -23.74 53.90
N PRO C 195 26.58 -23.01 54.50
CA PRO C 195 25.55 -23.69 55.31
C PRO C 195 24.64 -24.61 54.51
N GLU C 196 24.41 -24.25 53.25
CA GLU C 196 23.56 -25.06 52.39
C GLU C 196 24.21 -26.39 52.01
N THR C 197 25.53 -26.57 52.16
CA THR C 197 26.11 -27.89 51.93
C THR C 197 26.01 -28.80 53.16
N ALA C 198 25.83 -28.23 54.35
CA ALA C 198 25.61 -29.01 55.57
C ALA C 198 26.72 -30.02 55.80
N HIS C 199 27.94 -29.68 55.43
CA HIS C 199 29.04 -30.60 55.72
C HIS C 199 29.57 -30.39 57.14
N PRO C 200 29.78 -31.45 57.91
CA PRO C 200 30.33 -31.26 59.25
C PRO C 200 31.65 -30.52 59.22
N VAL C 201 31.82 -29.64 60.20
CA VAL C 201 33.03 -28.85 60.37
C VAL C 201 33.59 -29.07 61.78
N ARG C 202 34.89 -29.19 61.88
CA ARG C 202 35.57 -29.20 63.17
C ARG C 202 36.24 -27.83 63.39
N LEU C 203 35.94 -27.20 64.54
CA LEU C 203 36.54 -25.91 64.84
C LEU C 203 38.00 -26.11 65.23
N VAL C 204 38.81 -25.07 64.95
CA VAL C 204 40.21 -25.07 65.34
C VAL C 204 40.28 -24.35 66.68
N TRP C 205 40.97 -24.96 67.65
CA TRP C 205 41.11 -24.37 68.98
C TRP C 205 42.50 -23.80 69.12
N LEU C 206 42.56 -22.57 69.65
CA LEU C 206 43.79 -21.87 69.94
C LEU C 206 43.90 -21.59 71.44
N ALA C 207 45.12 -21.61 71.92
CA ALA C 207 45.44 -21.10 73.24
C ALA C 207 45.98 -19.69 73.03
N ALA C 208 45.38 -18.71 73.70
CA ALA C 208 45.74 -17.30 73.58
C ALA C 208 46.24 -16.79 74.93
N HIS C 209 47.40 -16.16 74.91
CA HIS C 209 48.02 -15.68 76.13
C HIS C 209 47.18 -14.58 76.78
N ARG C 210 47.04 -14.64 78.11
CA ARG C 210 46.17 -13.71 78.84
C ARG C 210 46.72 -12.29 78.89
N SER C 211 47.95 -12.07 78.48
CA SER C 211 48.41 -10.71 78.30
C SER C 211 47.73 -10.03 77.10
N ARG C 212 47.11 -10.79 76.18
CA ARG C 212 46.45 -10.23 75.01
C ARG C 212 44.97 -10.65 74.89
N ALA C 213 44.55 -11.75 75.50
CA ALA C 213 43.20 -12.27 75.32
C ALA C 213 42.42 -12.20 76.63
N ALA C 214 41.14 -11.89 76.53
CA ALA C 214 40.25 -11.73 77.67
C ALA C 214 39.00 -12.57 77.45
N PHE C 215 38.61 -13.27 78.50
CA PHE C 215 37.40 -14.08 78.55
C PHE C 215 36.40 -13.31 79.40
N THR C 216 35.25 -12.99 78.83
CA THR C 216 34.20 -12.28 79.55
C THR C 216 32.99 -13.20 79.72
N ALA C 217 32.56 -13.35 80.96
CA ALA C 217 31.55 -14.33 81.31
C ALA C 217 30.24 -13.68 81.71
N GLY C 218 29.15 -14.21 81.19
CA GLY C 218 27.84 -13.81 81.69
C GLY C 218 27.57 -14.35 83.10
N ALA C 219 26.48 -13.85 83.69
CA ALA C 219 26.11 -14.25 85.05
C ALA C 219 26.00 -15.76 85.16
N GLY C 220 26.66 -16.30 86.16
CA GLY C 220 26.70 -17.71 86.42
C GLY C 220 27.81 -18.47 85.74
N ILE C 221 28.63 -17.82 84.93
CA ILE C 221 29.63 -18.51 84.12
C ILE C 221 30.96 -18.41 84.85
N ASP C 222 31.68 -19.53 84.85
CA ASP C 222 33.01 -19.67 85.42
C ASP C 222 33.88 -20.27 84.31
N TYR C 223 35.06 -19.69 84.10
CA TYR C 223 35.86 -20.09 82.95
C TYR C 223 36.21 -21.57 82.98
N ALA C 224 36.78 -22.05 84.10
CA ALA C 224 37.26 -23.43 84.18
C ALA C 224 36.12 -24.42 83.96
N SER C 225 35.01 -24.23 84.67
CA SER C 225 33.88 -25.12 84.50
C SER C 225 33.21 -24.96 83.13
N PHE C 226 33.21 -23.75 82.57
CA PHE C 226 32.61 -23.56 81.26
C PHE C 226 33.34 -24.37 80.21
N VAL C 227 34.68 -24.26 80.21
CA VAL C 227 35.45 -25.01 79.21
C VAL C 227 35.35 -26.49 79.48
N ARG C 228 35.28 -26.91 80.76
CA ARG C 228 35.07 -28.32 81.04
C ARG C 228 33.74 -28.82 80.46
N GLN C 229 32.66 -28.04 80.60
CA GLN C 229 31.37 -28.48 80.06
C GLN C 229 31.38 -28.51 78.54
N GLU C 230 32.02 -27.53 77.89
CA GLU C 230 31.97 -27.45 76.44
C GLU C 230 32.88 -28.47 75.78
N LEU C 231 34.05 -28.75 76.36
CA LEU C 231 35.04 -29.60 75.73
C LEU C 231 35.16 -30.99 76.33
N GLY C 232 34.88 -31.16 77.60
CA GLY C 232 35.18 -32.42 78.27
C GLY C 232 36.56 -32.42 78.89
N GLU C 233 36.69 -33.12 80.03
CA GLU C 233 37.96 -33.11 80.77
C GLU C 233 39.08 -33.72 79.93
N GLU C 234 38.77 -34.78 79.19
CA GLU C 234 39.78 -35.41 78.34
C GLU C 234 40.43 -34.38 77.41
N THR C 235 39.61 -33.68 76.62
CA THR C 235 40.15 -32.74 75.65
C THR C 235 40.82 -31.57 76.34
N VAL C 236 40.27 -31.11 77.46
CA VAL C 236 40.91 -30.03 78.19
C VAL C 236 42.32 -30.41 78.59
N GLU C 237 42.49 -31.64 79.12
CA GLU C 237 43.82 -32.10 79.51
C GLU C 237 44.71 -32.32 78.29
N ARG C 238 44.17 -32.79 77.16
CA ARG C 238 44.99 -32.92 75.95
C ARG C 238 45.55 -31.55 75.51
N PHE C 239 44.70 -30.52 75.48
CA PHE C 239 45.16 -29.17 75.14
C PHE C 239 46.17 -28.69 76.16
N ASP C 240 45.91 -28.96 77.44
CA ASP C 240 46.86 -28.67 78.49
C ASP C 240 48.22 -29.30 78.18
N GLY C 241 48.20 -30.53 77.66
CA GLY C 241 49.42 -31.24 77.35
C GLY C 241 50.15 -30.69 76.16
N VAL C 242 49.42 -30.19 75.16
CA VAL C 242 50.08 -29.48 74.05
C VAL C 242 50.87 -28.30 74.59
N LEU C 243 50.22 -27.51 75.45
CA LEU C 243 50.92 -26.35 76.02
C LEU C 243 52.13 -26.79 76.84
N ARG C 244 51.98 -27.84 77.67
CA ARG C 244 53.10 -28.28 78.50
C ARG C 244 54.22 -28.84 77.65
N GLY C 245 53.88 -29.49 76.55
CA GLY C 245 54.89 -30.03 75.66
C GLY C 245 55.74 -28.94 75.06
N ARG C 246 55.17 -27.75 74.87
CA ARG C 246 55.96 -26.64 74.38
C ARG C 246 56.67 -25.88 75.50
N GLY C 247 56.64 -26.37 76.73
CA GLY C 247 57.24 -25.64 77.83
C GLY C 247 56.44 -24.44 78.31
N LEU C 248 55.13 -24.45 78.11
CA LEU C 248 54.26 -23.33 78.46
C LEU C 248 53.37 -23.69 79.65
N ASP C 249 53.03 -22.66 80.44
CA ASP C 249 52.19 -22.84 81.61
C ASP C 249 50.74 -22.61 81.23
N PRO C 250 49.86 -23.61 81.33
CA PRO C 250 48.46 -23.40 80.95
C PRO C 250 47.73 -22.31 81.72
N ALA C 251 48.16 -21.94 82.93
CA ALA C 251 47.47 -20.85 83.62
C ALA C 251 47.61 -19.51 82.91
N ASP C 252 48.57 -19.37 82.00
CA ASP C 252 48.78 -18.13 81.27
C ASP C 252 47.89 -17.99 80.04
N TYR C 253 47.08 -19.00 79.71
CA TYR C 253 46.37 -19.04 78.44
C TYR C 253 44.89 -19.30 78.66
N LEU C 254 44.10 -18.88 77.68
CA LEU C 254 42.68 -19.18 77.61
C LEU C 254 42.39 -19.72 76.20
N LEU C 255 41.24 -20.36 76.05
CA LEU C 255 40.84 -20.98 74.79
C LEU C 255 40.00 -20.07 73.90
N ILE C 256 40.34 -20.06 72.61
CA ILE C 256 39.56 -19.37 71.59
C ILE C 256 39.27 -20.35 70.46
N PRO C 257 38.01 -20.65 70.17
CA PRO C 257 37.71 -21.44 68.97
C PRO C 257 37.65 -20.53 67.76
N VAL C 258 38.13 -21.03 66.62
CA VAL C 258 38.19 -20.26 65.38
C VAL C 258 37.71 -21.09 64.18
N HIS C 259 37.14 -20.38 63.21
CA HIS C 259 36.74 -20.96 61.94
C HIS C 259 37.96 -21.45 61.18
N PRO C 260 37.94 -22.68 60.65
CA PRO C 260 39.15 -23.20 59.96
C PRO C 260 39.60 -22.32 58.80
N TRP C 261 38.65 -21.75 58.03
CA TRP C 261 39.03 -20.80 56.99
C TRP C 261 39.84 -19.65 57.59
N GLN C 262 39.40 -19.13 58.74
CA GLN C 262 40.05 -18.00 59.37
C GLN C 262 41.46 -18.38 59.82
N TRP C 263 41.61 -19.59 60.33
CA TRP C 263 42.93 -20.02 60.74
C TRP C 263 43.84 -20.15 59.54
N TRP C 264 43.44 -20.94 58.55
CA TRP C 264 44.35 -21.30 57.49
C TRP C 264 44.71 -20.11 56.62
N ASN C 265 43.77 -19.18 56.43
CA ASN C 265 43.95 -18.09 55.48
C ASN C 265 44.35 -16.77 56.13
N LYS C 266 44.01 -16.53 57.40
CA LYS C 266 44.24 -15.23 58.03
C LYS C 266 45.13 -15.30 59.26
N LEU C 267 44.76 -16.04 60.28
CA LEU C 267 45.49 -15.94 61.55
C LEU C 267 46.89 -16.51 61.43
N SER C 268 47.03 -17.61 60.72
CA SER C 268 48.32 -18.24 60.59
C SER C 268 49.24 -17.41 59.72
N VAL C 269 48.72 -16.38 59.03
CA VAL C 269 49.50 -15.57 58.09
C VAL C 269 49.56 -14.13 58.59
N THR C 270 48.42 -13.46 58.63
CA THR C 270 48.38 -12.10 59.18
C THR C 270 48.87 -12.05 60.64
N PHE C 271 48.54 -13.04 61.47
CA PHE C 271 48.99 -13.03 62.87
C PHE C 271 50.19 -13.95 63.11
N ALA C 272 51.04 -14.15 62.09
CA ALA C 272 52.15 -15.09 62.21
C ALA C 272 53.06 -14.71 63.38
N ALA C 273 53.23 -13.41 63.64
CA ALA C 273 54.10 -13.03 64.76
C ALA C 273 53.55 -13.52 66.10
N GLU C 274 52.23 -13.50 66.28
CA GLU C 274 51.63 -13.94 67.53
C GLU C 274 51.76 -15.45 67.70
N VAL C 275 51.62 -16.20 66.59
CA VAL C 275 51.82 -17.65 66.65
C VAL C 275 53.27 -18.00 66.95
N ALA C 276 54.20 -17.34 66.25
CA ALA C 276 55.60 -17.72 66.39
C ALA C 276 56.09 -17.43 67.80
N ARG C 277 55.68 -16.28 68.36
CA ARG C 277 56.06 -15.89 69.70
C ARG C 277 55.24 -16.59 70.77
N GLN C 278 54.30 -17.45 70.39
CA GLN C 278 53.51 -18.26 71.32
C GLN C 278 52.57 -17.41 72.16
N ASN C 279 52.24 -16.20 71.71
CA ASN C 279 51.02 -15.56 72.16
C ASN C 279 49.76 -16.32 71.70
N LEU C 280 49.83 -17.02 70.58
CA LEU C 280 48.78 -17.92 70.11
C LEU C 280 49.43 -19.26 69.79
N VAL C 281 48.79 -20.33 70.24
CA VAL C 281 49.30 -21.68 70.04
C VAL C 281 48.16 -22.48 69.45
N CYS C 282 48.40 -23.09 68.30
CA CYS C 282 47.42 -23.97 67.69
C CYS C 282 47.36 -25.28 68.48
N LEU C 283 46.21 -25.56 69.07
CA LEU C 283 46.02 -26.76 69.87
C LEU C 283 45.47 -27.97 69.10
N GLY C 284 44.77 -27.75 68.00
CA GLY C 284 44.20 -28.80 67.18
C GLY C 284 42.70 -28.65 67.00
N GLU C 285 42.09 -29.71 66.51
CA GLU C 285 40.68 -29.68 66.21
C GLU C 285 39.83 -30.11 67.40
N SER C 286 38.58 -29.66 67.37
CA SER C 286 37.57 -30.13 68.29
C SER C 286 37.16 -31.57 67.94
N ASP C 287 36.66 -32.29 68.96
CA ASP C 287 36.06 -33.59 68.72
C ASP C 287 34.63 -33.47 68.19
N ASP C 288 33.85 -32.52 68.70
CA ASP C 288 32.48 -32.35 68.27
C ASP C 288 32.46 -31.88 66.83
N GLU C 289 31.41 -32.25 66.14
CA GLU C 289 31.19 -31.85 64.76
C GLU C 289 30.16 -30.75 64.73
N TYR C 290 30.42 -29.71 63.94
CA TYR C 290 29.61 -28.51 63.90
C TYR C 290 29.02 -28.31 62.51
N LEU C 291 27.89 -27.60 62.47
CA LEU C 291 27.17 -27.29 61.24
C LEU C 291 26.99 -25.78 61.12
N ALA C 292 27.46 -25.23 60.00
CA ALA C 292 27.31 -23.81 59.75
C ALA C 292 25.82 -23.44 59.66
N GLN C 293 25.41 -22.40 60.34
CA GLN C 293 24.05 -21.90 60.26
C GLN C 293 23.97 -20.87 59.12
N GLN C 294 22.78 -20.29 58.92
CA GLN C 294 22.56 -19.40 57.78
C GLN C 294 23.50 -18.20 57.79
N SER C 295 23.96 -17.76 58.97
CA SER C 295 24.92 -16.66 59.10
C SER C 295 26.36 -17.04 58.66
N ILE C 296 26.64 -18.31 58.35
CA ILE C 296 27.92 -18.82 57.87
C ILE C 296 28.94 -18.94 58.99
N ARG C 297 29.08 -17.88 59.80
CA ARG C 297 30.14 -17.79 60.81
C ARG C 297 29.72 -18.34 62.17
N THR C 298 28.45 -18.70 62.33
CA THR C 298 27.96 -19.31 63.55
C THR C 298 27.66 -20.79 63.35
N PHE C 299 28.05 -21.59 64.33
CA PHE C 299 28.00 -23.05 64.23
C PHE C 299 27.11 -23.64 65.32
N PHE C 300 26.22 -24.53 64.88
CA PHE C 300 25.44 -25.41 65.75
C PHE C 300 26.22 -26.69 66.01
N ASN C 301 26.15 -27.17 67.24
CA ASN C 301 26.87 -28.39 67.62
C ASN C 301 26.02 -29.60 67.25
N ALA C 302 26.40 -30.31 66.19
CA ALA C 302 25.66 -31.47 65.72
C ALA C 302 25.86 -32.71 66.60
N THR C 303 27.06 -32.91 67.17
CA THR C 303 27.26 -34.02 68.09
C THR C 303 26.46 -33.88 69.38
N HIS C 304 26.37 -32.67 69.93
CA HIS C 304 25.62 -32.43 71.16
C HIS C 304 24.76 -31.18 70.96
N PRO C 305 23.56 -31.34 70.41
CA PRO C 305 22.74 -30.14 70.09
C PRO C 305 22.45 -29.26 71.29
N GLU C 306 22.58 -29.77 72.52
CA GLU C 306 22.33 -28.97 73.71
C GLU C 306 23.50 -28.07 74.08
N LYS C 307 24.69 -28.32 73.51
CA LYS C 307 25.81 -27.45 73.78
C LYS C 307 25.64 -26.14 73.03
N HIS C 308 26.50 -25.18 73.36
CA HIS C 308 26.37 -23.83 72.84
C HIS C 308 26.70 -23.76 71.34
N TYR C 309 26.04 -22.82 70.65
CA TYR C 309 26.52 -22.34 69.37
C TYR C 309 27.88 -21.67 69.59
N VAL C 310 28.75 -21.76 68.59
CA VAL C 310 30.00 -21.01 68.56
C VAL C 310 29.93 -20.03 67.40
N LYS C 311 30.00 -18.72 67.71
CA LYS C 311 30.08 -17.68 66.69
C LYS C 311 31.53 -17.21 66.51
N THR C 312 32.02 -17.30 65.29
CA THR C 312 33.43 -17.09 64.98
C THR C 312 33.60 -15.82 64.15
N ALA C 313 34.82 -15.28 64.20
CA ALA C 313 35.22 -14.19 63.31
C ALA C 313 35.59 -14.78 61.95
N LEU C 314 34.97 -14.27 60.87
CA LEU C 314 35.16 -14.75 59.50
C LEU C 314 35.28 -13.55 58.59
N SER C 315 36.51 -13.29 58.16
CA SER C 315 36.86 -12.11 57.38
C SER C 315 36.57 -12.39 55.92
N VAL C 316 35.30 -12.70 55.68
CA VAL C 316 34.74 -12.86 54.36
C VAL C 316 33.68 -11.77 54.21
N LEU C 317 33.46 -11.34 52.97
CA LEU C 317 32.42 -10.37 52.64
C LEU C 317 31.12 -11.08 52.30
N ASN C 318 30.05 -10.71 53.01
CA ASN C 318 28.72 -11.24 52.72
C ASN C 318 27.67 -10.21 53.04
N MET C 319 26.86 -9.89 52.03
CA MET C 319 25.68 -9.04 52.18
C MET C 319 25.97 -7.76 52.94
N GLY C 320 26.93 -7.00 52.45
CA GLY C 320 27.15 -5.66 52.91
C GLY C 320 28.14 -5.50 54.04
N PHE C 321 28.66 -6.59 54.61
CA PHE C 321 29.61 -6.47 55.71
C PHE C 321 30.67 -7.57 55.66
N MET C 322 31.90 -7.20 56.04
CA MET C 322 32.90 -8.19 56.40
C MET C 322 32.44 -8.86 57.69
N ARG C 323 32.62 -10.18 57.80
CA ARG C 323 32.01 -10.91 58.91
C ARG C 323 33.01 -11.25 60.01
N GLY C 324 34.02 -10.40 60.22
CA GLY C 324 34.83 -10.49 61.42
C GLY C 324 34.03 -10.17 62.70
N LEU C 325 34.73 -10.27 63.82
CA LEU C 325 34.09 -10.11 65.12
C LEU C 325 35.00 -9.28 66.02
N SER C 326 34.42 -8.22 66.55
CA SER C 326 35.17 -7.25 67.32
C SER C 326 35.59 -7.84 68.66
N ALA C 327 36.90 -7.88 68.92
CA ALA C 327 37.39 -8.29 70.24
C ALA C 327 36.99 -7.28 71.32
N ALA C 328 37.06 -5.99 71.01
CA ALA C 328 36.75 -5.00 72.04
C ALA C 328 35.30 -5.10 72.48
N TYR C 329 34.40 -5.44 71.56
CA TYR C 329 32.97 -5.46 71.90
C TYR C 329 32.61 -6.71 72.72
N MET C 330 33.45 -7.76 72.67
CA MET C 330 33.11 -8.97 73.42
C MET C 330 32.93 -8.68 74.91
N GLU C 331 33.72 -7.75 75.46
CA GLU C 331 33.67 -7.43 76.88
C GLU C 331 32.27 -7.00 77.31
N ALA C 332 31.50 -6.38 76.44
CA ALA C 332 30.17 -5.91 76.85
C ALA C 332 29.06 -6.89 76.53
N THR C 333 29.36 -7.97 75.79
CA THR C 333 28.28 -8.73 75.15
C THR C 333 27.48 -9.54 76.16
N PRO C 334 28.09 -10.35 77.02
CA PRO C 334 27.24 -11.14 77.95
C PRO C 334 26.37 -10.29 78.87
N ALA C 335 26.91 -9.21 79.42
CA ALA C 335 26.12 -8.43 80.36
C ALA C 335 24.86 -7.88 79.69
N ILE C 336 25.00 -7.39 78.45
CA ILE C 336 23.82 -6.87 77.77
C ILE C 336 22.77 -7.95 77.67
N ASN C 337 23.20 -9.17 77.30
CA ASN C 337 22.27 -10.29 77.23
C ASN C 337 21.65 -10.54 78.60
N ASP C 338 22.48 -10.54 79.66
CA ASP C 338 21.95 -10.74 81.01
C ASP C 338 20.87 -9.70 81.29
N TRP C 339 21.13 -8.44 80.91
CA TRP C 339 20.13 -7.41 81.12
C TRP C 339 18.86 -7.74 80.36
N LEU C 340 18.97 -8.02 79.07
CA LEU C 340 17.74 -8.17 78.28
C LEU C 340 16.93 -9.35 78.77
N ASP C 341 17.62 -10.46 79.07
CA ASP C 341 16.92 -11.64 79.59
C ASP C 341 16.14 -11.29 80.85
N ARG C 342 16.77 -10.57 81.78
CA ARG C 342 16.06 -10.22 83.01
C ARG C 342 14.89 -9.27 82.71
N LEU C 343 15.07 -8.32 81.78
CA LEU C 343 13.97 -7.44 81.40
C LEU C 343 12.79 -8.25 80.87
N ILE C 344 13.06 -9.22 80.00
CA ILE C 344 11.97 -10.03 79.49
C ILE C 344 11.29 -10.78 80.63
N ASP C 345 12.08 -11.22 81.60
CA ASP C 345 11.54 -12.07 82.66
C ASP C 345 10.69 -11.26 83.61
N ASN C 346 10.97 -9.95 83.77
CA ASN C 346 10.23 -9.12 84.72
C ASN C 346 9.06 -8.36 84.10
N ASP C 347 8.76 -8.58 82.83
CA ASP C 347 7.67 -7.87 82.17
C ASP C 347 6.55 -8.84 81.83
N PRO C 348 5.35 -8.67 82.41
CA PRO C 348 4.30 -9.69 82.19
C PRO C 348 3.80 -9.76 80.76
N VAL C 349 3.78 -8.65 80.04
CA VAL C 349 3.40 -8.72 78.62
C VAL C 349 4.36 -9.62 77.86
N LEU C 350 5.67 -9.41 78.02
CA LEU C 350 6.63 -10.22 77.29
C LEU C 350 6.60 -11.67 77.75
N LYS C 351 6.44 -11.92 79.06
CA LYS C 351 6.37 -13.29 79.56
C LYS C 351 5.13 -14.02 79.04
N SER C 352 3.99 -13.33 78.95
CA SER C 352 2.78 -14.01 78.48
C SER C 352 2.86 -14.36 76.99
N THR C 353 3.70 -13.66 76.23
CA THR C 353 3.87 -14.04 74.83
C THR C 353 4.77 -15.25 74.70
N GLY C 354 5.43 -15.65 75.78
CA GLY C 354 6.41 -16.72 75.74
C GLY C 354 7.75 -16.35 75.16
N LEU C 355 7.99 -15.08 74.86
CA LEU C 355 9.26 -14.67 74.29
C LEU C 355 10.45 -15.12 75.15
N SER C 356 11.50 -15.57 74.48
CA SER C 356 12.80 -15.72 75.11
C SER C 356 13.89 -15.32 74.12
N ILE C 357 15.07 -15.04 74.66
CA ILE C 357 16.27 -14.92 73.85
C ILE C 357 17.16 -16.10 74.19
N ILE C 358 17.95 -16.55 73.23
CA ILE C 358 19.05 -17.45 73.52
C ILE C 358 20.27 -16.55 73.73
N ARG C 359 20.73 -16.47 74.97
CA ARG C 359 21.72 -15.47 75.34
C ARG C 359 23.09 -15.82 74.77
N GLU C 360 23.84 -14.77 74.41
CA GLU C 360 25.30 -14.85 74.27
C GLU C 360 25.89 -14.89 75.67
N ARG C 361 26.34 -16.07 76.11
CA ARG C 361 26.66 -16.36 77.50
C ARG C 361 28.12 -16.08 77.88
N ALA C 362 29.02 -16.25 76.92
CA ALA C 362 30.45 -16.05 77.13
C ALA C 362 31.06 -15.56 75.82
N ALA C 363 32.18 -14.85 75.98
CA ALA C 363 32.86 -14.30 74.82
C ALA C 363 34.33 -14.24 75.12
N VAL C 364 35.13 -14.26 74.06
CA VAL C 364 36.58 -14.18 74.17
C VAL C 364 37.07 -13.25 73.06
N GLY C 365 37.98 -12.40 73.42
CA GLY C 365 38.56 -11.45 72.49
C GLY C 365 40.06 -11.40 72.60
N TYR C 366 40.72 -11.20 71.47
CA TYR C 366 42.17 -11.05 71.37
C TYR C 366 42.50 -9.63 70.94
N ARG C 367 43.24 -8.89 71.75
CA ARG C 367 43.63 -7.52 71.42
C ARG C 367 45.01 -7.56 70.77
N HIS C 368 45.05 -7.37 69.45
CA HIS C 368 46.32 -7.33 68.71
C HIS C 368 46.86 -5.91 68.81
N LEU C 369 47.88 -5.73 69.66
CA LEU C 369 48.34 -4.38 70.02
C LEU C 369 48.95 -3.67 68.83
N GLU C 370 49.74 -4.36 68.01
CA GLU C 370 50.38 -3.72 66.87
C GLU C 370 49.36 -3.30 65.81
N TYR C 371 48.41 -4.18 65.47
CA TYR C 371 47.41 -3.78 64.47
C TYR C 371 46.49 -2.70 65.00
N GLU C 372 46.20 -2.69 66.30
CA GLU C 372 45.45 -1.57 66.87
C GLU C 372 46.19 -0.24 66.70
N ALA C 373 47.49 -0.24 67.02
CA ALA C 373 48.33 0.93 66.84
C ALA C 373 48.42 1.35 65.36
N ALA C 374 48.24 0.43 64.42
CA ALA C 374 48.36 0.71 63.00
C ALA C 374 47.04 1.03 62.29
N THR C 375 45.89 0.97 62.96
CA THR C 375 44.60 1.09 62.28
C THR C 375 43.70 2.04 63.06
N ASP C 376 42.50 2.26 62.54
CA ASP C 376 41.46 3.08 63.13
C ASP C 376 40.42 2.19 63.77
N ARG C 377 39.41 2.85 64.37
CA ARG C 377 38.46 2.21 65.29
C ARG C 377 37.69 1.08 64.64
N TYR C 378 37.38 1.17 63.36
CA TYR C 378 36.53 0.16 62.74
C TYR C 378 37.24 -0.79 61.78
N SER C 379 38.57 -0.82 61.81
CA SER C 379 39.32 -1.58 60.84
C SER C 379 38.98 -3.07 60.92
N PRO C 380 38.86 -3.75 59.78
CA PRO C 380 38.72 -5.21 59.81
C PRO C 380 39.91 -5.92 60.45
N TYR C 381 41.07 -5.27 60.59
CA TYR C 381 42.22 -5.87 61.27
C TYR C 381 41.99 -5.99 62.78
N ARG C 382 40.99 -5.30 63.32
CA ARG C 382 40.66 -5.44 64.73
C ARG C 382 39.56 -6.47 64.96
N LYS C 383 39.11 -7.15 63.91
CA LYS C 383 37.94 -8.02 63.97
C LYS C 383 38.29 -9.41 63.47
N MET C 384 39.56 -9.77 63.55
CA MET C 384 40.00 -11.04 63.01
C MET C 384 40.03 -12.18 64.02
N LEU C 385 39.96 -11.89 65.33
CA LEU C 385 40.08 -12.98 66.31
C LEU C 385 39.24 -12.68 67.56
N ALA C 386 38.06 -13.28 67.57
CA ALA C 386 37.13 -13.18 68.68
C ALA C 386 36.12 -14.29 68.47
N ALA C 387 35.42 -14.65 69.53
CA ALA C 387 34.41 -15.68 69.42
C ALA C 387 33.42 -15.50 70.55
N LEU C 388 32.21 -16.00 70.35
CA LEU C 388 31.27 -16.04 71.46
C LEU C 388 30.46 -17.32 71.47
N TRP C 389 29.90 -17.64 72.63
CA TRP C 389 29.11 -18.84 72.84
C TRP C 389 27.66 -18.42 73.09
N ARG C 390 26.75 -19.02 72.35
CA ARG C 390 25.33 -18.70 72.44
C ARG C 390 24.54 -19.92 72.89
N GLU C 391 23.62 -19.73 73.83
CA GLU C 391 22.76 -20.80 74.30
C GLU C 391 22.13 -21.56 73.15
N SER C 392 22.04 -22.88 73.30
CA SER C 392 21.23 -23.69 72.39
C SER C 392 19.75 -23.52 72.74
N PRO C 393 18.85 -23.48 71.76
CA PRO C 393 17.42 -23.50 72.06
C PRO C 393 16.82 -24.88 72.32
N VAL C 394 17.57 -25.95 72.11
CA VAL C 394 17.08 -27.32 72.21
C VAL C 394 16.70 -27.65 73.65
N PRO C 395 17.50 -27.30 74.68
CA PRO C 395 17.10 -27.73 76.06
C PRO C 395 15.72 -27.26 76.53
N ALA C 396 15.25 -26.10 76.12
CA ALA C 396 13.96 -25.63 76.60
C ALA C 396 12.77 -26.26 75.89
N LEU C 397 12.99 -27.12 74.90
CA LEU C 397 11.89 -27.74 74.17
C LEU C 397 11.08 -28.63 75.11
N ARG C 398 9.76 -28.48 75.09
CA ARG C 398 8.88 -29.35 75.85
C ARG C 398 8.35 -30.44 74.94
N ASP C 399 7.52 -31.32 75.48
CA ASP C 399 7.04 -32.47 74.74
C ASP C 399 6.25 -32.03 73.51
N GLY C 400 6.58 -32.63 72.37
CA GLY C 400 5.93 -32.31 71.12
C GLY C 400 6.40 -31.04 70.43
N GLU C 401 7.39 -30.34 70.96
CA GLU C 401 7.81 -29.06 70.38
C GLU C 401 8.97 -29.28 69.42
N SER C 402 9.02 -28.48 68.36
CA SER C 402 10.11 -28.49 67.40
C SER C 402 10.51 -27.06 67.06
N LEU C 403 11.64 -26.93 66.40
CA LEU C 403 12.24 -25.63 66.12
C LEU C 403 12.30 -25.39 64.62
N THR C 404 12.07 -24.14 64.22
CA THR C 404 12.42 -23.75 62.87
C THR C 404 12.86 -22.30 62.78
N THR C 405 13.85 -21.99 61.93
CA THR C 405 14.11 -20.58 61.63
C THR C 405 12.86 -19.96 61.03
N MET C 406 12.58 -18.71 61.42
CA MET C 406 11.42 -18.03 60.86
C MET C 406 11.53 -17.82 59.34
N ALA C 407 12.73 -17.87 58.78
CA ALA C 407 12.89 -17.78 57.34
C ALA C 407 12.16 -18.90 56.61
N ALA C 408 11.94 -20.05 57.28
CA ALA C 408 11.22 -21.15 56.64
C ALA C 408 9.82 -20.70 56.25
N LEU C 409 9.26 -19.74 56.99
CA LEU C 409 7.90 -19.33 56.68
C LEU C 409 7.77 -18.82 55.25
N VAL C 410 8.82 -18.24 54.68
CA VAL C 410 8.73 -17.76 53.30
C VAL C 410 9.54 -18.65 52.35
N HIS C 411 9.90 -19.85 52.75
CA HIS C 411 10.55 -20.78 51.84
C HIS C 411 9.48 -21.54 51.07
N VAL C 412 9.60 -21.55 49.74
CA VAL C 412 8.67 -22.24 48.84
C VAL C 412 9.41 -23.42 48.23
N ASP C 413 8.77 -24.59 48.25
CA ASP C 413 9.41 -25.79 47.73
C ASP C 413 9.14 -25.93 46.21
N HIS C 414 9.60 -27.04 45.61
CA HIS C 414 9.49 -27.24 44.17
C HIS C 414 8.07 -27.40 43.70
N GLU C 415 7.09 -27.57 44.60
CA GLU C 415 5.68 -27.74 44.26
C GLU C 415 4.87 -26.49 44.50
N GLY C 416 5.51 -25.37 44.84
CA GLY C 416 4.79 -24.15 45.14
C GLY C 416 4.26 -24.07 46.56
N ARG C 417 4.64 -25.01 47.42
CA ARG C 417 4.17 -25.11 48.79
C ARG C 417 5.18 -24.45 49.73
N SER C 418 4.70 -23.54 50.57
CA SER C 418 5.58 -22.91 51.55
C SER C 418 5.50 -23.65 52.88
N VAL C 419 6.55 -23.49 53.68
CA VAL C 419 6.50 -24.14 55.00
C VAL C 419 5.37 -23.54 55.83
N ALA C 420 5.13 -22.24 55.70
CA ALA C 420 4.00 -21.65 56.40
C ALA C 420 2.68 -22.30 55.97
N GLY C 421 2.51 -22.52 54.66
CA GLY C 421 1.29 -23.17 54.19
C GLY C 421 1.17 -24.59 54.68
N GLU C 422 2.28 -25.34 54.65
CA GLU C 422 2.27 -26.71 55.16
C GLU C 422 1.90 -26.72 56.64
N LEU C 423 2.44 -25.78 57.42
CA LEU C 423 2.09 -25.76 58.83
C LEU C 423 0.63 -25.38 59.05
N ILE C 424 0.12 -24.43 58.27
CA ILE C 424 -1.29 -24.05 58.39
C ILE C 424 -2.18 -25.26 58.13
N ALA C 425 -1.90 -25.97 57.04
CA ALA C 425 -2.70 -27.17 56.74
C ALA C 425 -2.57 -28.20 57.85
N ARG C 426 -1.36 -28.47 58.29
CA ARG C 426 -1.13 -29.50 59.29
C ARG C 426 -1.78 -29.16 60.62
N SER C 427 -1.96 -27.87 60.91
CA SER C 427 -2.54 -27.50 62.20
C SER C 427 -4.04 -27.73 62.26
N GLY C 428 -4.71 -27.78 61.11
CA GLY C 428 -6.16 -27.89 61.10
C GLY C 428 -6.88 -26.62 61.47
N LEU C 429 -6.18 -25.52 61.67
CA LEU C 429 -6.81 -24.26 62.04
C LEU C 429 -7.12 -23.45 60.78
N ALA C 430 -8.00 -22.46 60.95
CA ALA C 430 -8.24 -21.49 59.90
C ALA C 430 -6.98 -20.65 59.71
N PRO C 431 -6.65 -20.25 58.47
CA PRO C 431 -5.42 -19.48 58.25
C PRO C 431 -5.27 -18.24 59.12
N THR C 432 -6.32 -17.43 59.27
CA THR C 432 -6.23 -16.26 60.13
C THR C 432 -5.95 -16.65 61.57
N ALA C 433 -6.47 -17.79 62.05
CA ALA C 433 -6.23 -18.19 63.43
C ALA C 433 -4.78 -18.61 63.64
N TRP C 434 -4.24 -19.42 62.74
CA TRP C 434 -2.82 -19.76 62.77
C TRP C 434 -1.97 -18.50 62.77
N LEU C 435 -2.31 -17.55 61.87
CA LEU C 435 -1.57 -16.31 61.76
C LEU C 435 -1.62 -15.53 63.05
N ARG C 436 -2.75 -15.56 63.74
CA ARG C 436 -2.88 -14.84 65.01
C ARG C 436 -1.95 -15.44 66.05
N HIS C 437 -1.84 -16.77 66.09
CA HIS C 437 -0.86 -17.35 67.00
C HIS C 437 0.57 -16.88 66.66
N TYR C 438 0.92 -16.95 65.37
CA TYR C 438 2.26 -16.53 64.99
C TYR C 438 2.53 -15.07 65.37
N LEU C 439 1.58 -14.18 65.10
CA LEU C 439 1.78 -12.75 65.36
C LEU C 439 1.86 -12.48 66.85
N ARG C 440 1.01 -13.16 67.65
CA ARG C 440 1.09 -12.97 69.09
C ARG C 440 2.43 -13.43 69.65
N ALA C 441 3.04 -14.45 69.01
CA ALA C 441 4.33 -14.95 69.48
C ALA C 441 5.50 -14.06 69.05
N TYR C 442 5.49 -13.59 67.80
CA TYR C 442 6.62 -12.90 67.21
C TYR C 442 6.50 -11.38 67.20
N TYR C 443 5.32 -10.84 66.84
CA TYR C 443 5.10 -9.43 66.55
C TYR C 443 4.71 -8.62 67.80
N THR C 444 3.86 -9.16 68.66
CA THR C 444 3.48 -8.41 69.86
C THR C 444 4.64 -8.03 70.75
N PRO C 445 5.64 -8.90 71.00
CA PRO C 445 6.81 -8.45 71.76
C PRO C 445 7.53 -7.28 71.09
N LEU C 446 7.57 -7.21 69.76
CA LEU C 446 8.22 -6.09 69.08
C LEU C 446 7.48 -4.80 69.37
N LEU C 447 6.14 -4.84 69.32
CA LEU C 447 5.32 -3.68 69.65
C LEU C 447 5.59 -3.25 71.08
N HIS C 448 5.58 -4.20 72.01
CA HIS C 448 5.76 -3.80 73.40
C HIS C 448 7.19 -3.29 73.66
N SER C 449 8.20 -3.94 73.09
CA SER C 449 9.56 -3.45 73.25
C SER C 449 9.66 -2.00 72.77
N PHE C 450 9.09 -1.71 71.59
CA PHE C 450 9.13 -0.34 71.08
C PHE C 450 8.40 0.62 72.01
N TYR C 451 7.13 0.35 72.33
CA TYR C 451 6.32 1.36 72.99
C TYR C 451 6.69 1.50 74.45
N ALA C 452 7.04 0.41 75.12
CA ALA C 452 7.33 0.47 76.54
C ALA C 452 8.80 0.69 76.87
N TYR C 453 9.74 0.39 75.95
CA TYR C 453 11.17 0.49 76.29
C TYR C 453 12.02 1.21 75.22
N ASP C 454 11.40 1.69 74.14
CA ASP C 454 12.16 2.30 73.05
C ASP C 454 13.21 1.32 72.52
N LEU C 455 12.91 0.03 72.59
CA LEU C 455 13.85 -1.03 72.27
C LEU C 455 13.53 -1.60 70.90
N ALA C 456 14.54 -1.66 70.04
CA ALA C 456 14.38 -2.24 68.72
C ALA C 456 15.37 -3.38 68.54
N PHE C 457 14.93 -4.45 67.87
CA PHE C 457 15.77 -5.58 67.49
C PHE C 457 16.11 -5.44 66.00
N MET C 458 16.74 -6.47 65.44
CA MET C 458 16.81 -6.69 63.99
C MET C 458 16.11 -8.01 63.68
N PRO C 459 14.78 -8.02 63.73
CA PRO C 459 14.05 -9.29 63.84
C PRO C 459 13.69 -9.94 62.51
N HIS C 460 14.68 -10.13 61.65
CA HIS C 460 14.43 -10.76 60.36
C HIS C 460 14.36 -12.28 60.49
N GLY C 461 14.24 -12.94 59.35
CA GLY C 461 14.01 -14.38 59.37
C GLY C 461 15.15 -15.18 59.98
N GLU C 462 16.40 -14.71 59.83
CA GLU C 462 17.57 -15.42 60.31
C GLU C 462 17.83 -15.17 61.77
N ASN C 463 17.32 -14.07 62.33
CA ASN C 463 17.44 -13.79 63.76
C ASN C 463 16.27 -14.28 64.59
N THR C 464 15.30 -14.98 64.01
CA THR C 464 14.13 -15.43 64.76
C THR C 464 14.01 -16.94 64.62
N ILE C 465 13.79 -17.62 65.74
CA ILE C 465 13.49 -19.05 65.74
C ILE C 465 12.08 -19.24 66.27
N LEU C 466 11.29 -20.08 65.64
CA LEU C 466 9.93 -20.35 66.04
C LEU C 466 9.83 -21.73 66.67
N VAL C 467 9.06 -21.83 67.76
CA VAL C 467 8.76 -23.10 68.40
C VAL C 467 7.38 -23.56 67.96
N LEU C 468 7.32 -24.76 67.39
CA LEU C 468 6.11 -25.33 66.83
C LEU C 468 5.61 -26.47 67.72
N LYS C 469 4.28 -26.57 67.81
CA LYS C 469 3.61 -27.71 68.42
C LYS C 469 2.27 -27.86 67.72
N ASP C 470 2.00 -29.05 67.17
CA ASP C 470 0.76 -29.31 66.44
C ASP C 470 0.62 -28.39 65.23
N GLY C 471 1.75 -28.03 64.62
CA GLY C 471 1.78 -27.14 63.48
C GLY C 471 1.55 -25.69 63.80
N VAL C 472 1.50 -25.33 65.08
CA VAL C 472 1.13 -24.00 65.53
C VAL C 472 2.33 -23.36 66.21
N VAL C 473 2.57 -22.09 65.93
CA VAL C 473 3.64 -21.37 66.59
C VAL C 473 3.27 -21.14 68.05
N GLN C 474 4.03 -21.74 68.96
CA GLN C 474 3.81 -21.56 70.39
C GLN C 474 4.53 -20.33 70.94
N ARG C 475 5.75 -20.04 70.47
CA ARG C 475 6.55 -18.95 71.01
C ARG C 475 7.73 -18.67 70.08
N ALA C 476 8.35 -17.52 70.31
CA ALA C 476 9.46 -17.08 69.49
C ALA C 476 10.72 -16.98 70.33
N VAL C 477 11.86 -17.21 69.69
CA VAL C 477 13.18 -17.08 70.28
C VAL C 477 13.97 -16.08 69.45
N TYR C 478 14.51 -15.05 70.09
CA TYR C 478 15.34 -14.07 69.41
C TYR C 478 16.82 -14.36 69.67
N LYS C 479 17.64 -14.08 68.65
CA LYS C 479 19.08 -14.20 68.80
C LYS C 479 19.77 -13.02 68.11
N ASP C 480 21.10 -12.96 68.29
CA ASP C 480 21.93 -11.87 67.77
C ASP C 480 21.52 -10.56 68.48
N ILE C 481 21.95 -10.46 69.73
CA ILE C 481 21.38 -9.49 70.64
C ILE C 481 22.30 -8.27 70.84
N ALA C 482 23.48 -8.51 71.42
CA ALA C 482 24.32 -7.40 71.85
C ALA C 482 24.75 -6.51 70.69
N GLU C 483 24.98 -7.08 69.51
CA GLU C 483 25.39 -6.32 68.32
C GLU C 483 24.24 -5.57 67.66
N GLU C 484 23.00 -5.94 67.92
CA GLU C 484 21.87 -5.46 67.12
C GLU C 484 20.93 -4.51 67.87
N ILE C 485 20.69 -4.73 69.16
CA ILE C 485 19.61 -3.99 69.81
C ILE C 485 19.99 -2.51 69.92
N VAL C 486 18.97 -1.66 69.92
CA VAL C 486 19.12 -0.23 70.10
C VAL C 486 18.03 0.23 71.05
N VAL C 487 18.40 0.99 72.04
CA VAL C 487 17.45 1.71 72.88
C VAL C 487 17.43 3.14 72.35
N MET C 488 16.31 3.53 71.76
CA MET C 488 16.18 4.80 71.07
C MET C 488 15.80 5.92 72.05
N ASP C 489 16.67 6.12 73.03
CA ASP C 489 16.52 7.13 74.07
C ASP C 489 17.90 7.39 74.68
N PRO C 490 18.60 8.45 74.25
CA PRO C 490 19.97 8.68 74.79
C PRO C 490 20.03 8.85 76.29
N ASP C 491 18.93 9.23 76.93
CA ASP C 491 18.93 9.49 78.38
C ASP C 491 18.27 8.38 79.18
N ALA C 492 18.06 7.21 78.59
CA ALA C 492 17.43 6.10 79.29
C ALA C 492 18.30 5.64 80.47
N VAL C 493 17.64 5.27 81.56
CA VAL C 493 18.34 4.78 82.75
C VAL C 493 18.60 3.29 82.57
N LEU C 494 19.87 2.92 82.53
CA LEU C 494 20.26 1.55 82.21
C LEU C 494 21.51 1.21 82.99
N PRO C 495 21.78 -0.07 83.21
CA PRO C 495 23.06 -0.48 83.87
C PRO C 495 24.25 0.03 83.11
N PRO C 496 25.41 0.16 83.76
CA PRO C 496 26.57 0.77 83.08
C PRO C 496 26.90 0.07 81.78
N GLU C 497 27.17 -1.23 81.85
CA GLU C 497 27.65 -1.99 80.70
C GLU C 497 26.60 -2.12 79.60
N VAL C 498 25.35 -1.71 79.86
CA VAL C 498 24.29 -1.72 78.85
C VAL C 498 24.09 -0.35 78.23
N ARG C 499 24.61 0.72 78.86
CA ARG C 499 24.31 2.05 78.35
C ARG C 499 24.80 2.27 76.92
N ARG C 500 25.77 1.48 76.45
CA ARG C 500 26.28 1.70 75.11
C ARG C 500 25.23 1.44 74.04
N VAL C 501 24.17 0.69 74.34
CA VAL C 501 23.19 0.39 73.29
C VAL C 501 22.22 1.55 73.04
N ARG C 502 22.24 2.58 73.88
CA ARG C 502 21.43 3.76 73.62
C ARG C 502 21.95 4.49 72.39
N ALA C 503 21.04 5.06 71.61
CA ALA C 503 21.43 5.80 70.41
C ALA C 503 20.40 6.89 70.12
N GLU C 504 20.85 7.91 69.38
CA GLU C 504 20.04 9.03 68.96
C GLU C 504 19.48 8.73 67.58
N VAL C 505 18.19 8.44 67.52
CA VAL C 505 17.49 8.13 66.28
C VAL C 505 16.45 9.23 66.05
N PRO C 506 16.41 9.84 64.86
CA PRO C 506 15.45 10.94 64.63
C PRO C 506 14.03 10.55 64.98
N GLU C 507 13.21 11.48 65.42
CA GLU C 507 11.81 11.19 65.84
C GLU C 507 11.05 10.44 64.74
N ASP C 508 11.17 10.86 63.48
CA ASP C 508 10.34 10.32 62.36
C ASP C 508 10.86 9.00 61.78
N MET C 509 12.00 8.46 62.21
CA MET C 509 12.58 7.18 61.72
C MET C 509 12.56 6.10 62.82
N LYS C 510 12.01 6.38 64.00
CA LYS C 510 12.05 5.44 65.15
C LYS C 510 11.10 4.25 64.86
N LEU C 511 9.88 4.45 64.35
CA LEU C 511 8.90 3.42 64.04
C LEU C 511 9.24 2.67 62.77
N LEU C 512 10.27 3.11 62.02
CA LEU C 512 10.77 2.27 60.93
C LEU C 512 11.25 0.92 61.46
N SER C 513 11.66 0.89 62.74
CA SER C 513 12.05 -0.41 63.30
C SER C 513 10.92 -1.42 63.16
N ILE C 514 9.68 -0.96 63.12
CA ILE C 514 8.56 -1.85 62.77
C ILE C 514 8.25 -1.75 61.28
N PHE C 515 8.13 -0.53 60.74
CA PHE C 515 7.59 -0.38 59.38
C PHE C 515 8.49 -1.07 58.36
N THR C 516 9.79 -0.85 58.49
CA THR C 516 10.70 -1.44 57.52
C THR C 516 11.05 -2.89 57.88
N ASP C 517 11.57 -3.09 59.09
CA ASP C 517 12.17 -4.38 59.42
C ASP C 517 11.15 -5.48 59.49
N VAL C 518 9.92 -5.16 59.89
CA VAL C 518 8.86 -6.17 60.01
C VAL C 518 7.93 -6.14 58.80
N PHE C 519 7.31 -4.99 58.55
CA PHE C 519 6.30 -4.94 57.48
C PHE C 519 6.93 -5.08 56.09
N ASP C 520 7.79 -4.15 55.74
CA ASP C 520 8.29 -4.09 54.37
C ASP C 520 9.39 -5.11 54.07
N CYS C 521 10.06 -5.66 55.08
CA CYS C 521 11.15 -6.61 54.83
C CYS C 521 10.81 -8.05 55.20
N PHE C 522 9.67 -8.32 55.85
CA PHE C 522 9.27 -9.70 56.08
C PHE C 522 7.78 -9.94 55.81
N PHE C 523 6.88 -9.17 56.44
CA PHE C 523 5.45 -9.45 56.22
C PHE C 523 5.04 -9.25 54.76
N ARG C 524 5.67 -8.30 54.05
CA ARG C 524 5.35 -8.12 52.63
C ARG C 524 5.52 -9.42 51.85
N PHE C 525 6.61 -10.15 52.13
CA PHE C 525 6.86 -11.43 51.45
C PHE C 525 5.96 -12.55 51.99
N LEU C 526 5.71 -12.60 53.30
CA LEU C 526 4.84 -13.65 53.83
C LEU C 526 3.40 -13.50 53.35
N ALA C 527 2.85 -12.28 53.40
CA ALA C 527 1.51 -12.02 52.92
C ALA C 527 1.39 -12.29 51.42
N ALA C 528 2.35 -11.79 50.62
CA ALA C 528 2.28 -12.08 49.20
C ALA C 528 2.37 -13.58 48.92
N GLY C 529 3.22 -14.29 49.65
CA GLY C 529 3.38 -15.70 49.39
C GLY C 529 2.15 -16.49 49.77
N LEU C 530 1.57 -16.21 50.94
CA LEU C 530 0.35 -16.91 51.31
C LEU C 530 -0.81 -16.58 50.39
N ALA C 531 -0.85 -15.37 49.81
CA ALA C 531 -1.89 -15.06 48.83
C ALA C 531 -1.67 -15.82 47.52
N THR C 532 -0.44 -15.74 46.97
CA THR C 532 -0.13 -16.45 45.72
C THR C 532 -0.38 -17.95 45.85
N GLU C 533 -0.10 -18.51 47.04
CA GLU C 533 -0.32 -19.93 47.32
C GLU C 533 -1.81 -20.28 47.50
N GLU C 534 -2.66 -19.27 47.55
CA GLU C 534 -4.11 -19.47 47.70
C GLU C 534 -4.45 -20.08 49.06
N VAL C 535 -3.70 -19.66 50.08
CA VAL C 535 -3.98 -20.03 51.46
C VAL C 535 -4.69 -18.93 52.20
N LEU C 536 -4.31 -17.68 51.94
CA LEU C 536 -4.80 -16.54 52.73
C LEU C 536 -4.72 -15.29 51.89
N ALA C 537 -5.84 -14.57 51.85
CA ALA C 537 -5.93 -13.31 51.12
C ALA C 537 -5.18 -12.21 51.86
N GLU C 538 -4.68 -11.26 51.07
CA GLU C 538 -3.91 -10.15 51.61
C GLU C 538 -4.72 -9.36 52.61
N ASP C 539 -5.99 -9.06 52.29
CA ASP C 539 -6.80 -8.28 53.23
C ASP C 539 -6.96 -9.01 54.55
N ASP C 540 -7.14 -10.33 54.51
CA ASP C 540 -7.28 -11.08 55.75
C ASP C 540 -5.98 -11.06 56.56
N PHE C 541 -4.84 -11.22 55.88
CA PHE C 541 -3.55 -11.12 56.55
C PHE C 541 -3.44 -9.80 57.28
N TRP C 542 -3.60 -8.68 56.54
CA TRP C 542 -3.35 -7.37 57.11
C TRP C 542 -4.42 -6.97 58.12
N ARG C 543 -5.65 -7.47 57.98
CA ARG C 543 -6.63 -7.25 59.03
C ARG C 543 -6.24 -7.98 60.30
N THR C 544 -5.71 -9.20 60.18
CA THR C 544 -5.23 -9.89 61.37
C THR C 544 -4.08 -9.11 62.02
N VAL C 545 -3.18 -8.54 61.22
CA VAL C 545 -2.13 -7.70 61.79
C VAL C 545 -2.74 -6.50 62.53
N ALA C 546 -3.69 -5.82 61.90
CA ALA C 546 -4.36 -4.70 62.55
C ALA C 546 -5.05 -5.13 63.85
N GLU C 547 -5.72 -6.29 63.85
CA GLU C 547 -6.42 -6.76 65.04
C GLU C 547 -5.46 -7.06 66.18
N VAL C 548 -4.34 -7.73 65.89
CA VAL C 548 -3.36 -8.01 66.94
C VAL C 548 -2.77 -6.72 67.46
N THR C 549 -2.54 -5.74 66.58
CA THR C 549 -2.00 -4.47 67.03
C THR C 549 -3.00 -3.79 67.98
N ARG C 550 -4.28 -3.78 67.61
CA ARG C 550 -5.27 -3.10 68.45
C ARG C 550 -5.52 -3.82 69.76
N GLU C 551 -5.52 -5.17 69.78
CA GLU C 551 -5.67 -5.85 71.05
C GLU C 551 -4.52 -5.52 71.97
N TYR C 552 -3.31 -5.44 71.42
CA TYR C 552 -2.19 -4.99 72.26
C TYR C 552 -2.42 -3.57 72.77
N GLN C 553 -2.75 -2.63 71.88
CA GLN C 553 -2.83 -1.23 72.31
C GLN C 553 -3.98 -1.04 73.30
N GLU C 554 -5.11 -1.68 73.06
CA GLU C 554 -6.26 -1.57 73.97
C GLU C 554 -5.97 -2.20 75.32
N ALA C 555 -5.00 -3.11 75.41
CA ALA C 555 -4.66 -3.66 76.72
C ALA C 555 -3.75 -2.76 77.56
N HIS C 556 -3.31 -1.62 77.02
CA HIS C 556 -2.34 -0.76 77.71
C HIS C 556 -2.65 0.71 77.44
N PRO C 557 -3.76 1.22 77.97
CA PRO C 557 -4.05 2.66 77.79
C PRO C 557 -3.02 3.57 78.44
N GLU C 558 -2.24 3.08 79.40
CA GLU C 558 -1.19 3.91 79.98
C GLU C 558 -0.14 4.33 78.97
N LEU C 559 -0.15 3.77 77.77
CA LEU C 559 0.78 4.15 76.71
C LEU C 559 0.11 4.92 75.58
N ASP C 560 -1.13 5.40 75.78
CA ASP C 560 -1.89 6.00 74.68
C ASP C 560 -1.13 7.15 74.04
N ASP C 561 -0.48 8.00 74.84
CA ASP C 561 0.30 9.08 74.26
C ASP C 561 1.30 8.56 73.23
N ARG C 562 2.10 7.56 73.61
CA ARG C 562 3.07 6.99 72.68
C ARG C 562 2.36 6.36 71.50
N PHE C 563 1.20 5.74 71.73
CA PHE C 563 0.46 5.20 70.59
C PHE C 563 0.10 6.28 69.58
N ARG C 564 -0.21 7.49 70.08
CA ARG C 564 -0.51 8.60 69.19
C ARG C 564 0.75 9.20 68.61
N GLN C 565 1.86 9.19 69.38
CA GLN C 565 3.11 9.77 68.91
C GLN C 565 3.69 8.97 67.74
N TYR C 566 3.61 7.65 67.81
CA TYR C 566 4.15 6.76 66.78
C TYR C 566 2.97 5.95 66.27
N ASP C 567 2.33 6.44 65.22
CA ASP C 567 1.05 5.92 64.76
C ASP C 567 1.25 4.78 63.77
N LEU C 568 1.01 3.54 64.24
CA LEU C 568 1.12 2.40 63.35
C LEU C 568 0.00 2.33 62.32
N PHE C 569 -1.01 3.20 62.43
CA PHE C 569 -2.10 3.22 61.46
C PHE C 569 -2.04 4.42 60.51
N ALA C 570 -0.89 5.11 60.46
CA ALA C 570 -0.74 6.26 59.60
C ALA C 570 -0.97 5.83 58.15
N PRO C 571 -1.53 6.72 57.33
CA PRO C 571 -1.87 6.28 55.95
C PRO C 571 -0.66 5.84 55.15
N GLU C 572 0.53 6.36 55.46
CA GLU C 572 1.74 6.10 54.70
C GLU C 572 2.94 6.08 55.64
N PHE C 573 4.01 5.44 55.18
CA PHE C 573 5.30 5.54 55.87
C PHE C 573 6.43 5.43 54.84
N ALA C 574 7.63 5.83 55.24
CA ALA C 574 8.74 5.94 54.29
C ALA C 574 9.12 4.61 53.68
N LEU C 575 9.46 4.65 52.40
CA LEU C 575 10.04 3.51 51.71
C LEU C 575 11.54 3.55 51.96
N SER C 576 12.05 2.61 52.75
CA SER C 576 13.48 2.52 53.03
C SER C 576 14.08 1.42 52.17
N CYS C 577 15.02 1.79 51.30
CA CYS C 577 15.51 0.89 50.25
C CYS C 577 16.73 0.14 50.74
N LEU C 578 16.69 -1.19 50.65
CA LEU C 578 17.78 -1.98 51.19
C LEU C 578 18.88 -2.22 50.16
N ASN C 579 18.49 -2.64 48.95
CA ASN C 579 19.48 -2.85 47.91
C ASN C 579 20.28 -1.59 47.59
N ARG C 580 19.65 -0.41 47.66
CA ARG C 580 20.39 0.81 47.41
C ARG C 580 21.58 0.96 48.35
N LEU C 581 21.44 0.51 49.61
CA LEU C 581 22.54 0.57 50.56
C LEU C 581 23.75 -0.21 50.06
N GLN C 582 23.50 -1.45 49.60
CA GLN C 582 24.58 -2.32 49.15
C GLN C 582 25.14 -1.85 47.81
N LEU C 583 24.27 -1.33 46.92
CA LEU C 583 24.76 -0.80 45.66
C LEU C 583 25.63 0.42 45.87
N ARG C 584 25.38 1.23 46.91
CA ARG C 584 26.23 2.41 47.14
C ARG C 584 27.56 2.05 47.82
N ASP C 585 27.56 1.14 48.79
CA ASP C 585 28.78 0.72 49.48
C ASP C 585 28.71 -0.78 49.73
N ASN C 586 29.43 -1.52 48.90
CA ASN C 586 29.50 -2.97 48.91
C ASN C 586 30.10 -3.51 50.23
N ARG C 587 31.05 -2.79 50.82
CA ARG C 587 31.87 -3.35 51.90
C ARG C 587 31.38 -2.97 53.29
N GLN C 588 30.68 -1.86 53.45
CA GLN C 588 30.23 -1.38 54.74
C GLN C 588 28.94 -0.62 54.47
N MET C 589 27.83 -1.37 54.40
CA MET C 589 26.56 -0.81 53.97
C MET C 589 26.15 0.37 54.82
N VAL C 590 26.44 0.32 56.12
CA VAL C 590 26.03 1.36 57.08
C VAL C 590 27.21 1.61 58.01
N ASP C 591 27.35 2.86 58.44
CA ASP C 591 28.34 3.25 59.43
C ASP C 591 27.77 2.84 60.78
N LEU C 592 28.38 1.86 61.43
CA LEU C 592 27.86 1.35 62.69
C LEU C 592 27.87 2.40 63.81
N ALA C 593 28.61 3.49 63.66
CA ALA C 593 28.55 4.57 64.64
C ALA C 593 27.36 5.49 64.43
N ASP C 594 26.83 5.60 63.21
CA ASP C 594 25.63 6.41 62.92
C ASP C 594 24.80 5.66 61.87
N PRO C 595 24.14 4.58 62.28
CA PRO C 595 23.54 3.68 61.27
C PRO C 595 22.40 4.30 60.49
N SER C 596 21.72 5.29 61.05
CA SER C 596 20.59 5.90 60.34
C SER C 596 21.02 6.84 59.22
N ALA C 597 22.28 7.28 59.23
CA ALA C 597 22.73 8.26 58.24
C ALA C 597 22.83 7.67 56.85
N ALA C 598 23.01 6.37 56.71
CA ALA C 598 23.11 5.74 55.40
C ALA C 598 21.77 5.35 54.83
N LEU C 599 20.68 5.44 55.59
CA LEU C 599 19.39 5.01 55.06
C LEU C 599 18.99 5.89 53.87
N GLN C 600 18.35 5.26 52.90
CA GLN C 600 17.91 5.92 51.68
C GLN C 600 16.40 5.83 51.64
N LEU C 601 15.73 6.90 52.06
CA LEU C 601 14.28 6.97 52.01
C LEU C 601 13.88 7.59 50.68
N VAL C 602 13.05 6.87 49.91
CA VAL C 602 12.67 7.25 48.56
C VAL C 602 11.14 7.26 48.50
N GLY C 603 10.54 8.36 48.91
CA GLY C 603 9.10 8.40 48.86
C GLY C 603 8.49 7.61 49.99
N THR C 604 7.23 7.20 49.79
CA THR C 604 6.45 6.55 50.82
C THR C 604 5.71 5.37 50.25
N LEU C 605 5.30 4.49 51.16
CA LEU C 605 4.46 3.34 50.89
C LEU C 605 3.12 3.56 51.57
N ARG C 606 2.04 3.10 50.93
CA ARG C 606 0.72 3.16 51.55
C ARG C 606 0.65 2.07 52.62
N ASN C 607 0.33 2.47 53.85
CA ASN C 607 0.29 1.56 54.99
C ASN C 607 -0.89 0.60 54.91
N PRO C 608 -0.67 -0.70 54.84
CA PRO C 608 -1.81 -1.63 54.76
C PRO C 608 -2.72 -1.63 55.97
N LEU C 609 -2.29 -1.07 57.09
CA LEU C 609 -3.14 -0.97 58.27
C LEU C 609 -4.03 0.26 58.27
N ALA C 610 -3.90 1.15 57.29
CA ALA C 610 -4.62 2.43 57.32
C ALA C 610 -6.13 2.22 57.28
N GLY C 611 -6.58 1.36 56.38
CA GLY C 611 -8.00 1.03 56.34
C GLY C 611 -8.41 0.20 57.54
N LEU C 612 -7.95 -1.05 57.58
CA LEU C 612 -8.18 -1.96 58.67
C LEU C 612 -7.96 -1.28 60.02
N HIS D 20 32.64 -13.44 -30.73
CA HIS D 20 31.21 -13.62 -31.16
C HIS D 20 30.62 -14.96 -30.73
N MET D 21 31.47 -15.98 -30.59
CA MET D 21 30.99 -17.35 -30.41
C MET D 21 30.32 -17.57 -29.05
N SER D 22 31.03 -17.35 -27.96
CA SER D 22 30.40 -17.44 -26.65
C SER D 22 29.32 -16.37 -26.50
N LEU D 23 29.55 -15.18 -27.06
CA LEU D 23 28.55 -14.11 -26.96
C LEU D 23 27.23 -14.53 -27.59
N THR D 24 27.28 -15.00 -28.82
CA THR D 24 26.04 -15.35 -29.50
C THR D 24 25.50 -16.66 -28.94
N ASP D 25 26.34 -17.59 -28.54
CA ASP D 25 25.78 -18.82 -27.99
C ASP D 25 24.99 -18.58 -26.71
N ALA D 26 25.47 -17.64 -25.88
CA ALA D 26 24.88 -17.44 -24.56
C ALA D 26 23.46 -16.94 -24.66
N VAL D 27 23.08 -16.24 -25.74
CA VAL D 27 21.72 -15.74 -25.92
C VAL D 27 20.97 -16.47 -27.04
N ALA D 28 21.51 -17.58 -27.55
CA ALA D 28 20.83 -18.32 -28.60
C ALA D 28 19.44 -18.78 -28.18
N HIS D 29 19.20 -19.08 -26.90
CA HIS D 29 17.85 -19.50 -26.51
C HIS D 29 16.82 -18.37 -26.65
N LEU D 30 17.28 -17.12 -26.72
CA LEU D 30 16.37 -15.99 -26.91
C LEU D 30 16.15 -15.82 -28.41
N SER D 31 15.14 -16.48 -28.94
CA SER D 31 14.69 -16.33 -30.32
C SER D 31 13.23 -15.85 -30.36
N PRO D 32 12.78 -15.30 -31.52
CA PRO D 32 11.39 -14.82 -31.65
C PRO D 32 10.35 -15.87 -31.36
N GLU D 33 10.55 -17.12 -31.82
CA GLU D 33 9.53 -18.16 -31.68
C GLU D 33 9.40 -18.60 -30.22
N ARG D 34 10.53 -18.86 -29.57
CA ARG D 34 10.52 -19.24 -28.15
C ARG D 34 10.01 -18.12 -27.26
N TRP D 35 10.34 -16.87 -27.60
CA TRP D 35 9.81 -15.76 -26.82
C TRP D 35 8.29 -15.65 -26.98
N GLU D 36 7.79 -15.76 -28.21
CA GLU D 36 6.34 -15.75 -28.39
C GLU D 36 5.65 -16.87 -27.58
N GLU D 37 6.17 -18.09 -27.67
CA GLU D 37 5.57 -19.17 -26.90
C GLU D 37 5.64 -18.87 -25.40
N ALA D 38 6.78 -18.38 -24.93
CA ALA D 38 6.92 -18.13 -23.49
C ALA D 38 5.94 -17.08 -23.04
N ASN D 39 5.77 -16.02 -23.81
CA ASN D 39 4.82 -14.98 -23.42
C ASN D 39 3.38 -15.47 -23.42
N ARG D 40 2.99 -16.29 -24.41
CA ARG D 40 1.64 -16.87 -24.39
C ARG D 40 1.42 -17.71 -23.11
N LEU D 41 2.40 -18.56 -22.76
CA LEU D 41 2.26 -19.37 -21.54
C LEU D 41 2.22 -18.49 -20.29
N LEU D 42 3.00 -17.42 -20.28
CA LEU D 42 3.02 -16.65 -19.04
C LEU D 42 1.74 -15.81 -18.87
N VAL D 43 1.25 -15.24 -19.97
CA VAL D 43 -0.03 -14.53 -19.92
C VAL D 43 -1.16 -15.50 -19.54
N ARG D 44 -1.12 -16.75 -20.02
CA ARG D 44 -2.10 -17.74 -19.62
C ARG D 44 -2.08 -17.92 -18.12
N LYS D 45 -0.87 -18.04 -17.53
CA LYS D 45 -0.78 -18.22 -16.07
C LYS D 45 -1.29 -16.99 -15.35
N ALA D 46 -0.98 -15.81 -15.89
CA ALA D 46 -1.36 -14.57 -15.22
C ALA D 46 -2.87 -14.44 -15.20
N LEU D 47 -3.51 -14.68 -16.35
CA LEU D 47 -4.98 -14.64 -16.40
C LEU D 47 -5.57 -15.62 -15.41
N ALA D 48 -5.05 -16.86 -15.38
CA ALA D 48 -5.63 -17.89 -14.50
C ALA D 48 -5.50 -17.51 -13.02
N GLU D 49 -4.28 -17.19 -12.59
CA GLU D 49 -4.00 -17.03 -11.17
C GLU D 49 -4.44 -15.68 -10.66
N PHE D 50 -4.35 -14.62 -11.46
CA PHE D 50 -4.91 -13.37 -10.98
C PHE D 50 -6.45 -13.44 -10.91
N ALA D 51 -7.09 -14.25 -11.76
CA ALA D 51 -8.53 -14.48 -11.60
C ALA D 51 -8.79 -15.25 -10.31
N HIS D 52 -8.04 -16.32 -10.08
CA HIS D 52 -8.21 -17.04 -8.81
C HIS D 52 -8.09 -16.10 -7.59
N GLU D 53 -7.20 -15.12 -7.64
CA GLU D 53 -7.01 -14.23 -6.50
C GLU D 53 -7.92 -13.03 -6.57
N ARG D 54 -8.81 -12.99 -7.56
CA ARG D 54 -9.80 -11.92 -7.68
C ARG D 54 -9.16 -10.54 -7.89
N LEU D 55 -7.96 -10.49 -8.49
CA LEU D 55 -7.43 -9.21 -8.96
C LEU D 55 -8.28 -8.63 -10.08
N PHE D 56 -8.81 -9.51 -10.94
CA PHE D 56 -9.87 -9.17 -11.85
C PHE D 56 -10.86 -10.33 -11.92
N THR D 57 -12.05 -10.02 -12.42
CA THR D 57 -13.10 -11.03 -12.56
C THR D 57 -13.35 -11.23 -14.05
N PRO D 58 -12.89 -12.32 -14.65
CA PRO D 58 -13.17 -12.52 -16.07
C PRO D 58 -14.67 -12.53 -16.27
N GLU D 59 -15.14 -11.68 -17.14
CA GLU D 59 -16.54 -11.53 -17.48
C GLU D 59 -16.91 -12.33 -18.73
N PRO D 60 -18.07 -12.98 -18.76
CA PRO D 60 -18.50 -13.65 -20.01
C PRO D 60 -18.42 -12.73 -21.20
N ALA D 61 -17.90 -13.25 -22.31
CA ALA D 61 -17.44 -12.38 -23.37
C ALA D 61 -18.27 -12.61 -24.62
N ASP D 62 -18.53 -11.53 -25.35
CA ASP D 62 -19.33 -11.57 -26.59
C ASP D 62 -20.64 -12.27 -26.23
N GLY D 63 -21.08 -13.26 -26.98
CA GLY D 63 -22.23 -14.03 -26.52
C GLY D 63 -21.93 -15.51 -26.52
N GLN D 64 -20.65 -15.86 -26.28
CA GLN D 64 -20.17 -17.24 -26.35
C GLN D 64 -19.95 -17.77 -24.95
N ASP D 65 -20.72 -18.80 -24.59
CA ASP D 65 -20.49 -19.54 -23.36
C ASP D 65 -19.07 -20.10 -23.35
N GLY D 66 -18.37 -19.88 -22.25
CA GLY D 66 -17.02 -20.32 -22.04
C GLY D 66 -15.95 -19.39 -22.54
N ARG D 67 -16.30 -18.24 -23.12
CA ARG D 67 -15.35 -17.22 -23.52
C ARG D 67 -15.42 -16.12 -22.48
N TYR D 68 -14.26 -15.56 -22.15
CA TYR D 68 -14.17 -14.57 -21.10
C TYR D 68 -13.29 -13.43 -21.59
N VAL D 69 -13.45 -12.28 -20.95
CA VAL D 69 -12.71 -11.09 -21.32
C VAL D 69 -12.25 -10.43 -20.04
N VAL D 70 -10.99 -10.01 -20.05
CA VAL D 70 -10.35 -9.21 -19.00
C VAL D 70 -9.78 -7.98 -19.70
N ARG D 71 -9.96 -6.80 -19.13
CA ARG D 71 -9.56 -5.56 -19.78
C ARG D 71 -8.43 -4.86 -19.01
N SER D 72 -7.68 -4.06 -19.75
CA SER D 72 -6.67 -3.19 -19.18
C SER D 72 -7.29 -2.18 -18.21
N ASP D 73 -6.41 -1.46 -17.50
CA ASP D 73 -6.90 -0.47 -16.55
C ASP D 73 -7.83 0.51 -17.23
N ASP D 74 -7.45 0.97 -18.40
CA ASP D 74 -8.22 2.00 -19.07
C ASP D 74 -9.35 1.41 -19.90
N GLY D 75 -9.52 0.09 -19.93
CA GLY D 75 -10.59 -0.56 -20.68
C GLY D 75 -10.39 -0.72 -22.18
N LEU D 76 -9.38 -0.13 -22.78
CA LEU D 76 -9.25 -0.11 -24.25
C LEU D 76 -8.61 -1.37 -24.80
N THR D 77 -7.92 -2.13 -23.97
CA THR D 77 -7.37 -3.40 -24.39
C THR D 77 -8.21 -4.54 -23.83
N SER D 78 -8.50 -5.54 -24.65
CA SER D 78 -9.23 -6.72 -24.23
C SER D 78 -8.39 -7.97 -24.42
N TYR D 79 -8.35 -8.80 -23.37
CA TYR D 79 -7.76 -10.13 -23.40
C TYR D 79 -8.94 -11.10 -23.38
N ARG D 80 -9.08 -11.86 -24.45
CA ARG D 80 -10.17 -12.80 -24.58
C ARG D 80 -9.63 -14.21 -24.59
N PHE D 81 -10.36 -15.10 -23.93
CA PHE D 81 -9.86 -16.46 -23.81
C PHE D 81 -10.98 -17.42 -23.40
N THR D 82 -10.78 -18.70 -23.63
CA THR D 82 -11.69 -19.69 -23.09
C THR D 82 -11.05 -20.31 -21.85
N ALA D 83 -11.90 -20.82 -20.94
CA ALA D 83 -11.41 -21.42 -19.71
C ALA D 83 -12.41 -22.45 -19.22
N VAL D 84 -11.90 -23.55 -18.67
CA VAL D 84 -12.73 -24.48 -17.91
C VAL D 84 -12.58 -24.15 -16.43
N ARG D 85 -13.69 -24.04 -15.70
CA ARG D 85 -13.64 -23.69 -14.28
C ARG D 85 -13.82 -24.92 -13.39
N ARG D 86 -13.00 -24.97 -12.36
CA ARG D 86 -12.86 -26.15 -11.53
C ARG D 86 -12.87 -25.76 -10.06
N ALA D 87 -12.86 -26.78 -9.21
CA ALA D 87 -12.99 -26.56 -7.78
C ALA D 87 -11.88 -25.65 -7.25
N LEU D 88 -12.17 -25.03 -6.11
CA LEU D 88 -11.33 -24.04 -5.47
C LEU D 88 -11.14 -22.83 -6.36
N ASP D 89 -12.19 -22.50 -7.12
CA ASP D 89 -12.19 -21.33 -8.01
C ASP D 89 -10.95 -21.36 -8.90
N HIS D 90 -10.72 -22.52 -9.50
CA HIS D 90 -9.58 -22.69 -10.39
C HIS D 90 -9.98 -22.37 -11.82
N TRP D 91 -9.19 -21.55 -12.48
CA TRP D 91 -9.40 -21.20 -13.88
C TRP D 91 -8.37 -21.90 -14.77
N GLN D 92 -8.79 -22.93 -15.50
CA GLN D 92 -7.93 -23.59 -16.48
C GLN D 92 -8.03 -22.85 -17.82
N VAL D 93 -7.23 -21.80 -17.97
CA VAL D 93 -7.24 -20.97 -19.17
C VAL D 93 -6.54 -21.70 -20.31
N ASP D 94 -7.15 -21.71 -21.47
CA ASP D 94 -6.54 -22.36 -22.63
C ASP D 94 -5.55 -21.39 -23.28
N ALA D 95 -4.28 -21.79 -23.35
CA ALA D 95 -3.25 -20.88 -23.84
C ALA D 95 -3.48 -20.50 -25.29
N GLY D 96 -3.89 -21.48 -26.12
CA GLY D 96 -4.11 -21.25 -27.54
C GLY D 96 -5.22 -20.29 -27.86
N SER D 97 -6.15 -20.11 -26.93
CA SER D 97 -7.31 -19.28 -27.18
C SER D 97 -7.08 -17.81 -26.91
N ILE D 98 -5.97 -17.43 -26.26
CA ILE D 98 -5.82 -16.06 -25.79
C ILE D 98 -5.59 -15.14 -26.98
N THR D 99 -6.35 -14.05 -27.04
CA THR D 99 -6.13 -13.01 -28.01
C THR D 99 -6.09 -11.71 -27.23
N ARG D 100 -5.46 -10.71 -27.82
CA ARG D 100 -5.32 -9.37 -27.29
C ARG D 100 -5.70 -8.36 -28.37
N THR D 101 -6.61 -7.47 -28.04
CA THR D 101 -7.16 -6.50 -28.98
C THR D 101 -7.24 -5.10 -28.38
N ARG D 102 -6.89 -4.11 -29.20
CA ARG D 102 -7.02 -2.72 -28.82
C ARG D 102 -7.36 -1.99 -30.09
N ASP D 103 -8.33 -1.06 -30.05
CA ASP D 103 -8.74 -0.27 -31.23
C ASP D 103 -9.19 -1.14 -32.40
N GLY D 104 -9.81 -2.28 -32.12
CA GLY D 104 -10.24 -3.18 -33.17
C GLY D 104 -9.16 -3.94 -33.90
N ALA D 105 -7.91 -3.93 -33.43
CA ALA D 105 -6.82 -4.66 -34.08
C ALA D 105 -6.15 -5.58 -33.09
N GLU D 106 -5.79 -6.77 -33.54
CA GLU D 106 -5.10 -7.73 -32.69
C GLU D 106 -3.66 -7.34 -32.48
N LEU D 107 -3.19 -7.59 -31.28
CA LEU D 107 -1.87 -7.28 -30.83
C LEU D 107 -1.17 -8.56 -30.39
N PRO D 108 0.16 -8.63 -30.53
CA PRO D 108 0.89 -9.79 -30.01
C PRO D 108 0.76 -9.85 -28.48
N LEU D 109 0.76 -11.07 -27.95
CA LEU D 109 0.78 -11.26 -26.49
C LEU D 109 2.18 -10.91 -25.98
N ALA D 110 2.23 -10.00 -25.01
CA ALA D 110 3.51 -9.57 -24.44
C ALA D 110 3.29 -9.35 -22.95
N ALA D 111 3.86 -10.23 -22.12
CA ALA D 111 3.65 -10.14 -20.68
C ALA D 111 4.06 -8.77 -20.12
N LEU D 112 5.14 -8.20 -20.62
CA LEU D 112 5.55 -6.90 -20.12
C LEU D 112 4.47 -5.87 -20.32
N ASP D 113 3.93 -5.75 -21.55
CA ASP D 113 2.83 -4.83 -21.79
C ASP D 113 1.63 -5.19 -20.95
N PHE D 114 1.39 -6.48 -20.73
CA PHE D 114 0.29 -6.92 -19.89
C PHE D 114 0.36 -6.26 -18.52
N PHE D 115 1.54 -6.34 -17.87
CA PHE D 115 1.65 -5.80 -16.51
C PHE D 115 1.61 -4.28 -16.50
N ILE D 116 2.15 -3.65 -17.54
CA ILE D 116 2.06 -2.18 -17.56
C ILE D 116 0.60 -1.72 -17.78
N GLU D 117 -0.13 -2.40 -18.68
CA GLU D 117 -1.53 -2.07 -18.97
C GLU D 117 -2.41 -2.26 -17.76
N LEU D 118 -2.02 -3.16 -16.84
CA LEU D 118 -2.80 -3.48 -15.65
C LEU D 118 -2.13 -3.03 -14.35
N ARG D 119 -1.24 -2.04 -14.41
CA ARG D 119 -0.45 -1.72 -13.23
C ARG D 119 -1.33 -1.30 -12.06
N HIS D 120 -2.43 -0.60 -12.34
CA HIS D 120 -3.26 -0.19 -11.23
C HIS D 120 -4.16 -1.31 -10.75
N THR D 121 -4.73 -2.10 -11.66
CA THR D 121 -5.55 -3.25 -11.27
C THR D 121 -4.75 -4.22 -10.40
N LEU D 122 -3.49 -4.42 -10.72
CA LEU D 122 -2.70 -5.42 -10.03
C LEU D 122 -1.97 -4.85 -8.83
N GLY D 123 -2.10 -3.56 -8.57
CA GLY D 123 -1.46 -2.98 -7.41
C GLY D 123 0.05 -2.86 -7.48
N LEU D 124 0.59 -2.62 -8.67
CA LEU D 124 2.03 -2.45 -8.86
C LEU D 124 2.35 -0.97 -8.75
N SER D 125 2.99 -0.60 -7.65
CA SER D 125 3.37 0.78 -7.49
C SER D 125 4.48 1.17 -8.48
N ASP D 126 4.69 2.47 -8.65
CA ASP D 126 5.77 2.92 -9.53
C ASP D 126 7.13 2.43 -9.06
N GLU D 127 7.30 2.24 -7.75
CA GLU D 127 8.59 1.82 -7.25
C GLU D 127 8.87 0.35 -7.54
N ILE D 128 7.85 -0.50 -7.47
CA ILE D 128 8.06 -1.93 -7.67
C ILE D 128 7.95 -2.34 -9.14
N LEU D 129 7.10 -1.70 -9.94
CA LEU D 129 6.83 -2.17 -11.30
C LEU D 129 8.08 -2.49 -12.11
N PRO D 130 9.10 -1.62 -12.14
CA PRO D 130 10.28 -1.92 -13.01
C PRO D 130 11.04 -3.17 -12.60
N VAL D 131 11.18 -3.40 -11.29
CA VAL D 131 11.88 -4.58 -10.81
C VAL D 131 11.04 -5.82 -11.04
N TYR D 132 9.72 -5.71 -10.85
CA TYR D 132 8.83 -6.83 -11.14
C TYR D 132 8.92 -7.20 -12.63
N LEU D 133 9.02 -6.18 -13.47
CA LEU D 133 9.15 -6.43 -14.90
C LEU D 133 10.43 -7.17 -15.21
N GLU D 134 11.50 -6.86 -14.48
CA GLU D 134 12.74 -7.64 -14.63
C GLU D 134 12.50 -9.10 -14.26
N GLU D 135 11.81 -9.35 -13.15
CA GLU D 135 11.55 -10.73 -12.76
C GLU D 135 10.73 -11.46 -13.84
N ILE D 136 9.75 -10.78 -14.41
CA ILE D 136 8.96 -11.37 -15.48
C ILE D 136 9.86 -11.66 -16.67
N SER D 137 10.70 -10.69 -17.05
CA SER D 137 11.63 -10.91 -18.17
C SER D 137 12.51 -12.14 -17.94
N SER D 138 13.05 -12.31 -16.71
CA SER D 138 13.92 -13.45 -16.47
C SER D 138 13.13 -14.76 -16.46
N THR D 139 11.92 -14.76 -15.88
CA THR D 139 11.07 -15.95 -15.93
C THR D 139 10.84 -16.37 -17.37
N LEU D 140 10.56 -15.39 -18.27
CA LEU D 140 10.38 -15.66 -19.70
C LEU D 140 11.67 -16.19 -20.34
N SER D 141 12.82 -15.62 -19.96
CA SER D 141 14.08 -16.09 -20.52
C SER D 141 14.34 -17.52 -20.12
N GLY D 142 14.04 -17.87 -18.86
CA GLY D 142 14.22 -19.22 -18.40
C GLY D 142 13.34 -20.17 -19.16
N THR D 143 12.10 -19.77 -19.42
CA THR D 143 11.22 -20.62 -20.24
C THR D 143 11.79 -20.82 -21.65
N CYS D 144 12.31 -19.74 -22.27
CA CYS D 144 12.97 -19.92 -23.57
C CYS D 144 14.11 -20.95 -23.47
N TYR D 145 14.91 -20.86 -22.43
CA TYR D 145 15.95 -21.86 -22.31
C TYR D 145 15.35 -23.25 -22.19
N LYS D 146 14.30 -23.43 -21.37
CA LYS D 146 13.71 -24.75 -21.20
C LYS D 146 13.09 -25.27 -22.50
N LEU D 147 12.59 -24.37 -23.32
CA LEU D 147 12.11 -24.75 -24.64
C LEU D 147 13.22 -25.21 -25.57
N THR D 148 14.48 -24.86 -25.30
CA THR D 148 15.60 -25.39 -26.06
C THR D 148 15.91 -26.87 -25.73
N LYS D 149 15.51 -27.35 -24.57
CA LYS D 149 16.03 -28.64 -24.14
C LYS D 149 15.34 -29.75 -24.91
N PRO D 150 15.98 -30.91 -25.00
CA PRO D 150 15.29 -32.07 -25.58
C PRO D 150 13.95 -32.26 -24.87
N GLN D 151 12.90 -32.50 -25.64
CA GLN D 151 11.61 -32.86 -25.09
C GLN D 151 11.73 -34.21 -24.43
N VAL D 152 11.17 -34.36 -23.24
CA VAL D 152 11.20 -35.61 -22.50
C VAL D 152 9.78 -35.92 -21.99
N THR D 153 9.32 -37.14 -22.19
CA THR D 153 7.99 -37.50 -21.71
C THR D 153 8.08 -37.76 -20.21
N ALA D 154 6.91 -37.87 -19.58
CA ALA D 154 6.89 -38.25 -18.17
C ALA D 154 7.63 -39.56 -17.95
N ALA D 155 7.41 -40.54 -18.82
CA ALA D 155 8.12 -41.81 -18.72
C ALA D 155 9.61 -41.59 -18.92
N GLY D 156 9.98 -40.72 -19.84
CA GLY D 156 11.38 -40.42 -20.02
C GLY D 156 12.02 -39.83 -18.79
N LEU D 157 11.30 -38.95 -18.08
CA LEU D 157 11.81 -38.36 -16.86
C LEU D 157 11.99 -39.42 -15.78
N LEU D 158 10.98 -40.29 -15.59
CA LEU D 158 11.08 -41.35 -14.58
C LEU D 158 12.24 -42.27 -14.90
N GLU D 159 12.47 -42.55 -16.19
CA GLU D 159 13.62 -43.35 -16.55
C GLU D 159 14.93 -42.61 -16.24
N GLY D 160 14.97 -41.30 -16.50
CA GLY D 160 16.20 -40.56 -16.22
C GLY D 160 16.59 -40.62 -14.76
N GLY D 161 15.62 -40.57 -13.87
CA GLY D 161 15.90 -40.69 -12.46
C GLY D 161 15.76 -39.37 -11.71
N PHE D 162 16.26 -39.38 -10.47
CA PHE D 162 15.95 -38.35 -9.48
C PHE D 162 16.33 -36.95 -9.99
N GLN D 163 17.57 -36.81 -10.50
CA GLN D 163 18.02 -35.49 -10.94
C GLN D 163 17.53 -35.11 -12.34
N ALA D 164 17.22 -36.09 -13.21
CA ALA D 164 16.50 -35.80 -14.45
C ALA D 164 15.14 -35.16 -14.16
N LEU D 165 14.44 -35.67 -13.15
CA LEU D 165 13.18 -35.05 -12.74
C LEU D 165 13.44 -33.68 -12.14
N GLU D 166 14.44 -33.57 -11.25
CA GLU D 166 14.69 -32.30 -10.57
C GLU D 166 14.94 -31.18 -11.56
N SER D 167 15.88 -31.40 -12.49
CA SER D 167 16.22 -30.39 -13.48
C SER D 167 15.27 -30.34 -14.67
N GLY D 168 14.39 -31.32 -14.79
CA GLY D 168 13.40 -31.36 -15.83
C GLY D 168 12.12 -30.67 -15.49
N MET D 169 11.93 -30.24 -14.25
CA MET D 169 10.74 -29.46 -13.93
C MET D 169 10.76 -28.14 -14.70
N THR D 170 9.63 -27.73 -15.22
CA THR D 170 9.57 -26.49 -15.97
C THR D 170 8.72 -25.41 -15.31
N GLU D 171 7.70 -25.76 -14.55
CA GLU D 171 6.73 -24.76 -14.13
C GLU D 171 7.28 -23.87 -13.04
N GLY D 172 7.99 -24.44 -12.08
CA GLY D 172 8.23 -23.70 -10.85
C GLY D 172 6.98 -23.71 -9.98
N HIS D 173 6.99 -22.80 -8.99
CA HIS D 173 5.87 -22.69 -8.06
C HIS D 173 4.62 -22.44 -8.85
N PRO D 174 3.54 -23.22 -8.62
CA PRO D 174 2.40 -23.17 -9.53
C PRO D 174 1.50 -21.96 -9.36
N CYS D 175 1.63 -21.22 -8.26
CA CYS D 175 0.83 -20.01 -8.08
C CYS D 175 1.54 -18.73 -8.56
N PHE D 176 2.80 -18.51 -8.12
CA PHE D 176 3.46 -17.24 -8.36
C PHE D 176 3.78 -17.11 -9.84
N VAL D 177 3.36 -15.99 -10.41
CA VAL D 177 3.60 -15.76 -11.82
C VAL D 177 5.05 -15.35 -12.03
N ALA D 178 5.55 -14.41 -11.25
CA ALA D 178 6.95 -14.01 -11.36
C ALA D 178 7.78 -14.86 -10.41
N ASN D 179 7.89 -16.15 -10.77
CA ASN D 179 8.43 -17.13 -9.85
C ASN D 179 9.90 -17.51 -10.08
N ASN D 180 10.50 -17.14 -11.23
CA ASN D 180 11.86 -17.56 -11.59
C ASN D 180 12.70 -16.36 -12.02
N GLY D 181 12.69 -15.32 -11.21
CA GLY D 181 13.46 -14.13 -11.54
C GLY D 181 14.96 -14.37 -11.41
N ARG D 182 15.41 -14.96 -10.32
CA ARG D 182 16.86 -15.12 -10.07
C ARG D 182 17.64 -13.83 -10.37
N LEU D 183 17.12 -12.70 -9.91
CA LEU D 183 17.72 -11.40 -10.22
C LEU D 183 19.08 -11.28 -9.57
N GLY D 184 20.10 -11.01 -10.40
CA GLY D 184 21.48 -11.00 -9.97
C GLY D 184 22.33 -11.84 -10.90
N PHE D 185 21.76 -12.87 -11.52
CA PHE D 185 22.49 -13.65 -12.52
C PHE D 185 22.60 -12.81 -13.78
N GLY D 186 23.81 -12.62 -14.29
CA GLY D 186 23.98 -12.32 -15.69
C GLY D 186 23.64 -13.55 -16.50
N VAL D 187 23.58 -13.38 -17.82
CA VAL D 187 23.13 -14.48 -18.68
C VAL D 187 24.12 -15.64 -18.63
N ASP D 188 25.42 -15.36 -18.60
CA ASP D 188 26.40 -16.44 -18.44
C ASP D 188 26.23 -17.15 -17.09
N GLU D 189 25.96 -16.39 -16.02
CA GLU D 189 25.73 -16.98 -14.70
C GLU D 189 24.45 -17.78 -14.69
N TYR D 190 23.43 -17.30 -15.42
CA TYR D 190 22.20 -18.08 -15.59
C TYR D 190 22.54 -19.44 -16.18
N LEU D 191 23.30 -19.45 -17.28
CA LEU D 191 23.62 -20.71 -17.94
C LEU D 191 24.45 -21.61 -17.06
N ALA D 192 25.31 -21.04 -16.23
CA ALA D 192 26.14 -21.91 -15.41
C ALA D 192 25.40 -22.47 -14.19
N TYR D 193 24.47 -21.72 -13.60
CA TYR D 193 23.99 -21.99 -12.24
C TYR D 193 22.50 -22.32 -12.11
N ALA D 194 21.67 -22.04 -13.11
CA ALA D 194 20.24 -22.32 -12.95
C ALA D 194 19.97 -23.82 -12.93
N PRO D 195 19.06 -24.29 -12.09
CA PRO D 195 18.88 -25.75 -11.98
C PRO D 195 18.38 -26.42 -13.26
N GLU D 196 17.55 -25.75 -14.04
CA GLU D 196 17.11 -26.32 -15.31
C GLU D 196 18.21 -26.44 -16.37
N THR D 197 19.38 -25.80 -16.25
CA THR D 197 20.46 -26.13 -17.18
C THR D 197 21.27 -27.36 -16.75
N ALA D 198 21.25 -27.73 -15.46
CA ALA D 198 21.87 -28.96 -14.97
C ALA D 198 23.33 -29.03 -15.30
N HIS D 199 23.99 -27.91 -15.30
CA HIS D 199 25.44 -27.91 -15.47
C HIS D 199 26.14 -28.15 -14.13
N PRO D 200 27.09 -29.07 -14.07
CA PRO D 200 27.85 -29.26 -12.83
C PRO D 200 28.48 -27.97 -12.31
N VAL D 201 28.46 -27.83 -10.99
CA VAL D 201 29.03 -26.68 -10.30
C VAL D 201 30.06 -27.17 -9.28
N ARG D 202 31.17 -26.46 -9.18
CA ARG D 202 32.13 -26.70 -8.13
C ARG D 202 32.02 -25.60 -7.09
N LEU D 203 31.83 -25.99 -5.83
CA LEU D 203 31.68 -25.02 -4.75
C LEU D 203 33.04 -24.43 -4.42
N VAL D 204 33.03 -23.21 -3.90
CA VAL D 204 34.24 -22.56 -3.44
C VAL D 204 34.32 -22.77 -1.93
N TRP D 205 35.49 -23.14 -1.42
CA TRP D 205 35.65 -23.39 0.01
C TRP D 205 36.47 -22.27 0.62
N LEU D 206 35.98 -21.73 1.72
CA LEU D 206 36.70 -20.70 2.46
C LEU D 206 37.09 -21.27 3.82
N ALA D 207 38.24 -20.79 4.33
CA ALA D 207 38.62 -20.94 5.72
C ALA D 207 38.22 -19.66 6.43
N ALA D 208 37.45 -19.81 7.51
CA ALA D 208 36.90 -18.68 8.26
C ALA D 208 37.47 -18.74 9.67
N HIS D 209 38.03 -17.63 10.14
CA HIS D 209 38.65 -17.58 11.44
C HIS D 209 37.58 -17.83 12.52
N ARG D 210 37.95 -18.61 13.52
CA ARG D 210 37.02 -19.02 14.57
C ARG D 210 36.66 -17.91 15.52
N SER D 211 37.32 -16.74 15.49
CA SER D 211 36.83 -15.58 16.21
C SER D 211 35.56 -14.98 15.61
N ARG D 212 35.22 -15.32 14.37
CA ARG D 212 34.01 -14.84 13.74
C ARG D 212 33.08 -15.92 13.22
N ALA D 213 33.56 -17.14 13.02
CA ALA D 213 32.79 -18.19 12.40
C ALA D 213 32.50 -19.27 13.43
N ALA D 214 31.30 -19.82 13.37
CA ALA D 214 30.91 -20.93 14.23
C ALA D 214 30.39 -22.11 13.41
N PHE D 215 30.82 -23.31 13.79
CA PHE D 215 30.30 -24.56 13.26
C PHE D 215 29.38 -25.17 14.32
N THR D 216 28.15 -25.45 13.93
CA THR D 216 27.16 -26.00 14.84
C THR D 216 26.83 -27.40 14.36
N ALA D 217 26.93 -28.38 15.25
CA ALA D 217 26.79 -29.79 14.89
C ALA D 217 25.51 -30.39 15.44
N GLY D 218 24.80 -31.13 14.62
CA GLY D 218 23.68 -31.90 15.10
C GLY D 218 24.18 -33.09 15.88
N ALA D 219 23.24 -33.78 16.51
CA ALA D 219 23.55 -34.94 17.33
C ALA D 219 24.33 -35.97 16.53
N GLY D 220 25.46 -36.39 17.09
CA GLY D 220 26.28 -37.39 16.46
C GLY D 220 27.37 -36.88 15.55
N ILE D 221 27.49 -35.55 15.36
CA ILE D 221 28.42 -34.97 14.40
C ILE D 221 29.63 -34.44 15.14
N ASP D 222 30.79 -34.64 14.54
CA ASP D 222 32.08 -34.17 15.00
C ASP D 222 32.70 -33.43 13.82
N TYR D 223 33.17 -32.20 14.06
CA TYR D 223 33.65 -31.37 12.96
C TYR D 223 34.74 -32.06 12.15
N ALA D 224 35.81 -32.54 12.82
CA ALA D 224 36.97 -33.07 12.09
C ALA D 224 36.58 -34.26 11.23
N SER D 225 35.84 -35.21 11.80
CA SER D 225 35.43 -36.37 11.02
C SER D 225 34.38 -36.00 9.98
N PHE D 226 33.51 -35.03 10.27
CA PHE D 226 32.51 -34.61 9.30
C PHE D 226 33.18 -34.07 8.05
N VAL D 227 34.13 -33.16 8.22
CA VAL D 227 34.77 -32.62 7.05
C VAL D 227 35.61 -33.68 6.34
N ARG D 228 36.23 -34.62 7.09
CA ARG D 228 36.98 -35.67 6.44
C ARG D 228 36.07 -36.50 5.54
N GLN D 229 34.87 -36.82 6.00
CA GLN D 229 33.96 -37.61 5.17
C GLN D 229 33.48 -36.81 3.98
N GLU D 230 33.20 -35.52 4.16
CA GLU D 230 32.62 -34.72 3.10
C GLU D 230 33.64 -34.43 2.02
N LEU D 231 34.90 -34.18 2.39
CA LEU D 231 35.95 -33.78 1.45
C LEU D 231 36.98 -34.86 1.14
N GLY D 232 37.25 -35.78 2.03
CA GLY D 232 38.35 -36.69 1.81
C GLY D 232 39.64 -36.12 2.38
N GLU D 233 40.50 -37.01 2.89
CA GLU D 233 41.72 -36.58 3.58
C GLU D 233 42.66 -35.82 2.65
N GLU D 234 42.72 -36.19 1.37
CA GLU D 234 43.67 -35.53 0.49
C GLU D 234 43.31 -34.06 0.32
N THR D 235 42.02 -33.77 0.04
CA THR D 235 41.58 -32.40 -0.16
C THR D 235 41.69 -31.62 1.14
N VAL D 236 41.40 -32.25 2.28
CA VAL D 236 41.59 -31.58 3.56
C VAL D 236 43.05 -31.18 3.73
N GLU D 237 43.98 -32.07 3.37
CA GLU D 237 45.40 -31.76 3.50
C GLU D 237 45.82 -30.65 2.54
N ARG D 238 45.27 -30.63 1.33
CA ARG D 238 45.56 -29.52 0.42
C ARG D 238 45.10 -28.17 1.02
N PHE D 239 43.87 -28.12 1.55
CA PHE D 239 43.37 -26.88 2.17
C PHE D 239 44.22 -26.47 3.38
N ASP D 240 44.58 -27.45 4.22
CA ASP D 240 45.52 -27.22 5.30
C ASP D 240 46.84 -26.61 4.80
N GLY D 241 47.35 -27.12 3.68
CA GLY D 241 48.60 -26.59 3.14
C GLY D 241 48.47 -25.19 2.59
N VAL D 242 47.30 -24.84 2.02
CA VAL D 242 47.07 -23.45 1.64
C VAL D 242 47.21 -22.55 2.86
N LEU D 243 46.54 -22.94 3.95
CA LEU D 243 46.59 -22.11 5.15
C LEU D 243 48.03 -21.99 5.67
N ARG D 244 48.75 -23.11 5.74
CA ARG D 244 50.12 -23.08 6.26
C ARG D 244 51.02 -22.28 5.34
N GLY D 245 50.79 -22.37 4.04
CA GLY D 245 51.59 -21.60 3.10
C GLY D 245 51.43 -20.13 3.34
N ARG D 246 50.29 -19.70 3.86
CA ARG D 246 50.14 -18.29 4.20
C ARG D 246 50.63 -17.96 5.60
N GLY D 247 51.30 -18.87 6.28
CA GLY D 247 51.70 -18.64 7.66
C GLY D 247 50.60 -18.72 8.69
N LEU D 248 49.52 -19.44 8.39
CA LEU D 248 48.37 -19.48 9.27
C LEU D 248 48.23 -20.87 9.90
N ASP D 249 47.71 -20.89 11.12
CA ASP D 249 47.48 -22.12 11.86
C ASP D 249 46.09 -22.66 11.55
N PRO D 250 45.97 -23.86 10.97
CA PRO D 250 44.64 -24.37 10.61
C PRO D 250 43.70 -24.56 11.77
N ALA D 251 44.22 -24.72 12.99
CA ALA D 251 43.38 -24.88 14.17
C ALA D 251 42.58 -23.63 14.48
N ASP D 252 42.98 -22.48 13.90
CA ASP D 252 42.23 -21.24 14.09
C ASP D 252 41.05 -21.08 13.15
N TYR D 253 40.83 -22.01 12.20
CA TYR D 253 39.88 -21.81 11.10
C TYR D 253 38.90 -22.96 10.99
N LEU D 254 37.73 -22.69 10.44
CA LEU D 254 36.78 -23.72 10.08
C LEU D 254 36.42 -23.54 8.58
N LEU D 255 35.82 -24.57 8.00
CA LEU D 255 35.49 -24.54 6.58
C LEU D 255 34.05 -24.08 6.32
N ILE D 256 33.88 -23.22 5.30
CA ILE D 256 32.56 -22.78 4.86
C ILE D 256 32.49 -22.94 3.35
N PRO D 257 31.55 -23.73 2.82
CA PRO D 257 31.37 -23.78 1.37
C PRO D 257 30.45 -22.66 0.89
N VAL D 258 30.78 -22.09 -0.27
CA VAL D 258 29.99 -20.98 -0.83
C VAL D 258 29.68 -21.18 -2.31
N HIS D 259 28.52 -20.67 -2.69
CA HIS D 259 28.15 -20.57 -4.09
C HIS D 259 29.13 -19.69 -4.86
N PRO D 260 29.62 -20.14 -6.01
CA PRO D 260 30.61 -19.34 -6.73
C PRO D 260 30.12 -17.95 -7.09
N TRP D 261 28.85 -17.80 -7.48
CA TRP D 261 28.30 -16.48 -7.72
C TRP D 261 28.47 -15.60 -6.47
N GLN D 262 28.19 -16.16 -5.29
CA GLN D 262 28.30 -15.39 -4.06
C GLN D 262 29.73 -14.98 -3.80
N TRP D 263 30.69 -15.86 -4.09
CA TRP D 263 32.10 -15.52 -3.90
C TRP D 263 32.57 -14.43 -4.86
N TRP D 264 32.38 -14.64 -6.16
CA TRP D 264 32.91 -13.72 -7.17
C TRP D 264 32.23 -12.35 -7.12
N ASN D 265 30.94 -12.28 -6.77
CA ASN D 265 30.21 -11.02 -6.87
C ASN D 265 29.97 -10.34 -5.53
N LYS D 266 29.99 -11.07 -4.41
CA LYS D 266 29.66 -10.48 -3.12
C LYS D 266 30.78 -10.59 -2.10
N LEU D 267 31.23 -11.80 -1.76
CA LEU D 267 32.16 -11.97 -0.66
C LEU D 267 33.52 -11.36 -0.96
N SER D 268 34.04 -11.56 -2.18
CA SER D 268 35.35 -11.01 -2.51
C SER D 268 35.31 -9.51 -2.64
N VAL D 269 34.13 -8.90 -2.68
CA VAL D 269 33.97 -7.46 -2.85
C VAL D 269 33.40 -6.83 -1.59
N THR D 270 32.18 -7.24 -1.19
CA THR D 270 31.54 -6.70 0.02
C THR D 270 32.32 -7.05 1.27
N PHE D 271 32.86 -8.28 1.34
CA PHE D 271 33.63 -8.70 2.49
C PHE D 271 35.15 -8.61 2.22
N ALA D 272 35.59 -7.68 1.39
CA ALA D 272 37.01 -7.62 1.07
C ALA D 272 37.88 -7.42 2.29
N ALA D 273 37.38 -6.67 3.28
CA ALA D 273 38.17 -6.43 4.48
C ALA D 273 38.47 -7.73 5.17
N GLU D 274 37.52 -8.67 5.19
CA GLU D 274 37.69 -9.94 5.88
C GLU D 274 38.66 -10.84 5.12
N VAL D 275 38.63 -10.80 3.80
CA VAL D 275 39.59 -11.57 3.02
C VAL D 275 41.02 -10.98 3.20
N ALA D 276 41.16 -9.66 3.13
CA ALA D 276 42.48 -9.06 3.15
C ALA D 276 43.19 -9.33 4.46
N ARG D 277 42.46 -9.19 5.57
CA ARG D 277 43.03 -9.44 6.88
C ARG D 277 43.06 -10.92 7.26
N GLN D 278 42.60 -11.81 6.39
CA GLN D 278 42.70 -13.24 6.58
C GLN D 278 41.76 -13.75 7.66
N ASN D 279 40.70 -12.99 7.98
CA ASN D 279 39.57 -13.65 8.62
C ASN D 279 38.88 -14.64 7.67
N LEU D 280 38.98 -14.42 6.35
CA LEU D 280 38.51 -15.37 5.35
C LEU D 280 39.66 -15.61 4.39
N VAL D 281 39.88 -16.87 4.05
CA VAL D 281 40.96 -17.27 3.16
C VAL D 281 40.34 -18.15 2.11
N CYS D 282 40.52 -17.79 0.85
CA CYS D 282 39.99 -18.56 -0.25
C CYS D 282 40.83 -19.81 -0.45
N LEU D 283 40.27 -20.99 -0.26
CA LEU D 283 41.03 -22.22 -0.37
C LEU D 283 41.02 -22.79 -1.77
N GLY D 284 39.98 -22.53 -2.56
CA GLY D 284 39.83 -23.08 -3.91
C GLY D 284 38.56 -23.90 -4.04
N GLU D 285 38.50 -24.70 -5.09
CA GLU D 285 37.30 -25.44 -5.44
C GLU D 285 37.30 -26.85 -4.86
N SER D 286 36.10 -27.36 -4.69
CA SER D 286 35.88 -28.76 -4.37
C SER D 286 36.16 -29.62 -5.60
N ASP D 287 36.51 -30.89 -5.36
CA ASP D 287 36.64 -31.87 -6.43
C ASP D 287 35.29 -32.43 -6.84
N ASP D 288 34.40 -32.69 -5.89
CA ASP D 288 33.09 -33.22 -6.26
C ASP D 288 32.32 -32.20 -7.09
N GLU D 289 31.50 -32.72 -7.99
CA GLU D 289 30.65 -31.89 -8.83
C GLU D 289 29.25 -31.86 -8.24
N TYR D 290 28.65 -30.68 -8.21
CA TYR D 290 27.34 -30.46 -7.63
C TYR D 290 26.33 -30.00 -8.68
N LEU D 291 25.06 -30.31 -8.41
CA LEU D 291 23.92 -29.91 -9.24
C LEU D 291 22.95 -29.07 -8.41
N ALA D 292 22.67 -27.86 -8.91
CA ALA D 292 21.73 -26.95 -8.28
C ALA D 292 20.35 -27.57 -8.33
N GLN D 293 19.62 -27.53 -7.21
CA GLN D 293 18.28 -28.06 -7.10
C GLN D 293 17.27 -26.95 -7.41
N GLN D 294 16.00 -27.28 -7.32
CA GLN D 294 14.96 -26.32 -7.68
C GLN D 294 15.04 -25.02 -6.87
N SER D 295 15.58 -25.06 -5.64
CA SER D 295 15.78 -23.88 -4.80
C SER D 295 16.99 -23.02 -5.25
N ILE D 296 17.76 -23.48 -6.25
CA ILE D 296 18.88 -22.75 -6.87
C ILE D 296 20.08 -22.71 -5.93
N ARG D 297 19.87 -22.38 -4.66
CA ARG D 297 20.97 -22.21 -3.73
C ARG D 297 21.36 -23.49 -3.00
N THR D 298 20.63 -24.59 -3.15
CA THR D 298 20.98 -25.86 -2.54
C THR D 298 21.50 -26.80 -3.61
N PHE D 299 22.55 -27.55 -3.28
CA PHE D 299 23.27 -28.40 -4.22
C PHE D 299 23.27 -29.86 -3.80
N PHE D 300 22.96 -30.74 -4.74
CA PHE D 300 23.10 -32.18 -4.65
C PHE D 300 24.47 -32.60 -5.14
N ASN D 301 25.11 -33.53 -4.44
CA ASN D 301 26.45 -34.00 -4.85
C ASN D 301 26.27 -35.10 -5.90
N ALA D 302 26.58 -34.77 -7.16
CA ALA D 302 26.39 -35.71 -8.27
C ALA D 302 27.49 -36.75 -8.31
N THR D 303 28.69 -36.35 -7.92
CA THR D 303 29.80 -37.29 -7.86
C THR D 303 29.58 -38.34 -6.80
N HIS D 304 29.09 -37.93 -5.64
CA HIS D 304 28.83 -38.86 -4.54
C HIS D 304 27.44 -38.57 -4.00
N PRO D 305 26.40 -39.19 -4.60
CA PRO D 305 25.02 -38.86 -4.21
C PRO D 305 24.69 -39.15 -2.77
N GLU D 306 25.46 -40.02 -2.10
CA GLU D 306 25.18 -40.35 -0.70
C GLU D 306 25.63 -39.23 0.26
N LYS D 307 26.52 -38.37 -0.19
CA LYS D 307 27.01 -37.27 0.62
C LYS D 307 25.94 -36.20 0.73
N HIS D 308 26.18 -35.24 1.60
CA HIS D 308 25.18 -34.23 1.96
C HIS D 308 24.92 -33.23 0.84
N TYR D 309 23.68 -32.73 0.80
CA TYR D 309 23.39 -31.49 0.10
C TYR D 309 24.11 -30.37 0.80
N VAL D 310 24.54 -29.36 0.06
CA VAL D 310 25.09 -28.14 0.63
C VAL D 310 24.14 -27.01 0.25
N LYS D 311 23.55 -26.37 1.27
CA LYS D 311 22.69 -25.20 1.09
C LYS D 311 23.50 -23.94 1.37
N THR D 312 23.56 -23.05 0.38
CA THR D 312 24.46 -21.89 0.38
C THR D 312 23.68 -20.60 0.42
N ALA D 313 24.35 -19.55 0.85
CA ALA D 313 23.78 -18.20 0.82
C ALA D 313 23.93 -17.64 -0.59
N LEU D 314 22.82 -17.16 -1.15
CA LEU D 314 22.81 -16.65 -2.53
C LEU D 314 21.97 -15.37 -2.52
N SER D 315 22.68 -14.25 -2.59
CA SER D 315 22.08 -12.93 -2.46
C SER D 315 21.52 -12.52 -3.82
N VAL D 316 20.63 -13.34 -4.34
CA VAL D 316 19.84 -13.03 -5.52
C VAL D 316 18.37 -12.98 -5.08
N LEU D 317 17.55 -12.23 -5.83
CA LEU D 317 16.11 -12.11 -5.56
C LEU D 317 15.35 -13.17 -6.33
N ASN D 318 14.56 -13.95 -5.61
CA ASN D 318 13.74 -14.92 -6.29
C ASN D 318 12.43 -15.16 -5.53
N MET D 319 11.34 -14.92 -6.24
CA MET D 319 10.01 -15.26 -5.76
C MET D 319 9.74 -14.74 -4.35
N GLY D 320 9.92 -13.44 -4.19
CA GLY D 320 9.52 -12.73 -3.02
C GLY D 320 10.56 -12.58 -1.91
N PHE D 321 11.75 -13.19 -2.02
CA PHE D 321 12.78 -13.07 -0.98
C PHE D 321 14.18 -13.07 -1.59
N MET D 322 15.11 -12.30 -1.00
CA MET D 322 16.53 -12.53 -1.22
C MET D 322 16.93 -13.88 -0.61
N ARG D 323 17.80 -14.63 -1.28
CA ARG D 323 18.06 -16.02 -0.90
C ARG D 323 19.37 -16.17 -0.17
N GLY D 324 19.76 -15.17 0.62
CA GLY D 324 20.85 -15.33 1.55
C GLY D 324 20.48 -16.29 2.69
N LEU D 325 21.44 -16.52 3.59
CA LEU D 325 21.24 -17.47 4.69
C LEU D 325 21.78 -16.87 5.98
N SER D 326 20.94 -16.84 7.02
CA SER D 326 21.26 -16.16 8.28
C SER D 326 22.32 -16.93 9.07
N ALA D 327 23.47 -16.31 9.26
CA ALA D 327 24.52 -16.94 10.07
C ALA D 327 24.05 -17.15 11.50
N ALA D 328 23.31 -16.18 12.04
CA ALA D 328 22.84 -16.28 13.41
C ALA D 328 21.94 -17.50 13.59
N TYR D 329 21.04 -17.75 12.61
CA TYR D 329 20.06 -18.82 12.79
C TYR D 329 20.68 -20.18 12.60
N MET D 330 21.84 -20.24 11.95
CA MET D 330 22.51 -21.53 11.89
C MET D 330 22.73 -22.15 13.28
N GLU D 331 22.95 -21.33 14.32
CA GLU D 331 23.19 -21.82 15.66
C GLU D 331 22.07 -22.71 16.15
N ALA D 332 20.83 -22.46 15.72
CA ALA D 332 19.70 -23.27 16.21
C ALA D 332 19.29 -24.39 15.25
N THR D 333 19.91 -24.50 14.06
CA THR D 333 19.27 -25.28 13.00
C THR D 333 19.37 -26.77 13.23
N PRO D 334 20.53 -27.36 13.48
CA PRO D 334 20.58 -28.82 13.70
C PRO D 334 19.72 -29.29 14.86
N ALA D 335 19.72 -28.55 15.99
CA ALA D 335 18.97 -28.99 17.17
C ALA D 335 17.49 -29.12 16.86
N ILE D 336 16.92 -28.13 16.18
CA ILE D 336 15.53 -28.25 15.78
C ILE D 336 15.32 -29.52 14.95
N ASN D 337 16.22 -29.78 13.99
CA ASN D 337 16.09 -30.98 13.18
C ASN D 337 16.17 -32.22 14.07
N ASP D 338 17.18 -32.28 14.96
CA ASP D 338 17.30 -33.42 15.87
C ASP D 338 16.00 -33.63 16.65
N TRP D 339 15.47 -32.52 17.16
CA TRP D 339 14.21 -32.59 17.89
C TRP D 339 13.13 -33.21 17.02
N LEU D 340 12.91 -32.67 15.81
CA LEU D 340 11.79 -33.16 15.01
C LEU D 340 12.02 -34.62 14.66
N ASP D 341 13.28 -34.99 14.40
CA ASP D 341 13.58 -36.36 14.03
C ASP D 341 13.16 -37.30 15.14
N ARG D 342 13.44 -36.92 16.41
CA ARG D 342 13.02 -37.75 17.54
C ARG D 342 11.51 -37.75 17.66
N LEU D 343 10.87 -36.61 17.46
CA LEU D 343 9.41 -36.55 17.56
C LEU D 343 8.76 -37.52 16.60
N ILE D 344 9.18 -37.51 15.33
CA ILE D 344 8.63 -38.45 14.35
C ILE D 344 8.89 -39.89 14.76
N ASP D 345 10.07 -40.15 15.33
CA ASP D 345 10.46 -41.53 15.61
C ASP D 345 9.69 -42.10 16.79
N ASN D 346 9.24 -41.26 17.71
CA ASN D 346 8.53 -41.71 18.91
C ASN D 346 7.01 -41.65 18.77
N ASP D 347 6.49 -41.32 17.60
CA ASP D 347 5.03 -41.25 17.42
C ASP D 347 4.62 -42.39 16.50
N PRO D 348 3.85 -43.37 16.99
CA PRO D 348 3.54 -44.52 16.15
C PRO D 348 2.69 -44.16 14.95
N VAL D 349 1.83 -43.14 15.04
CA VAL D 349 1.06 -42.74 13.87
C VAL D 349 1.98 -42.24 12.75
N LEU D 350 2.89 -41.34 13.08
CA LEU D 350 3.82 -40.86 12.07
C LEU D 350 4.71 -41.99 11.58
N LYS D 351 5.11 -42.91 12.46
CA LYS D 351 5.94 -44.04 12.05
C LYS D 351 5.20 -44.96 11.08
N SER D 352 3.89 -45.14 11.28
CA SER D 352 3.12 -45.98 10.38
C SER D 352 2.96 -45.37 8.99
N THR D 353 3.06 -44.04 8.87
CA THR D 353 3.04 -43.42 7.54
C THR D 353 4.38 -43.53 6.83
N GLY D 354 5.44 -43.96 7.52
CA GLY D 354 6.77 -43.96 6.94
C GLY D 354 7.41 -42.61 6.84
N LEU D 355 6.81 -41.57 7.39
CA LEU D 355 7.37 -40.24 7.24
C LEU D 355 8.82 -40.19 7.70
N SER D 356 9.63 -39.42 6.98
CA SER D 356 10.94 -39.05 7.48
C SER D 356 11.26 -37.63 7.03
N ILE D 357 12.24 -37.02 7.70
CA ILE D 357 12.85 -35.77 7.25
C ILE D 357 14.27 -36.10 6.83
N ILE D 358 14.82 -35.35 5.89
CA ILE D 358 16.26 -35.36 5.67
C ILE D 358 16.81 -34.22 6.52
N ARG D 359 17.54 -34.55 7.58
CA ARG D 359 17.92 -33.55 8.56
C ARG D 359 18.94 -32.58 8.00
N GLU D 360 18.81 -31.32 8.44
CA GLU D 360 19.91 -30.37 8.40
C GLU D 360 20.86 -30.75 9.53
N ARG D 361 21.98 -31.36 9.17
CA ARG D 361 22.85 -32.04 10.11
C ARG D 361 23.91 -31.15 10.72
N ALA D 362 24.43 -30.20 9.97
CA ALA D 362 25.48 -29.31 10.44
C ALA D 362 25.29 -27.99 9.71
N ALA D 363 25.79 -26.92 10.32
CA ALA D 363 25.66 -25.57 9.78
C ALA D 363 26.87 -24.75 10.22
N VAL D 364 27.20 -23.73 9.44
CA VAL D 364 28.30 -22.81 9.75
C VAL D 364 27.82 -21.40 9.46
N GLY D 365 28.22 -20.49 10.31
CA GLY D 365 27.82 -19.10 10.17
C GLY D 365 29.01 -18.19 10.38
N TYR D 366 29.02 -17.10 9.63
CA TYR D 366 30.05 -16.08 9.78
C TYR D 366 29.37 -14.82 10.28
N ARG D 367 29.78 -14.32 11.44
CA ARG D 367 29.21 -13.12 12.05
C ARG D 367 30.10 -11.95 11.67
N HIS D 368 29.62 -11.13 10.74
CA HIS D 368 30.35 -9.96 10.28
C HIS D 368 30.02 -8.86 11.28
N LEU D 369 30.95 -8.57 12.21
CA LEU D 369 30.60 -7.67 13.32
C LEU D 369 30.32 -6.24 12.83
N GLU D 370 31.09 -5.76 11.87
CA GLU D 370 30.90 -4.39 11.42
C GLU D 370 29.56 -4.21 10.73
N TYR D 371 29.18 -5.15 9.84
CA TYR D 371 27.89 -5.05 9.17
C TYR D 371 26.73 -5.25 10.13
N GLU D 372 26.92 -6.06 11.16
CA GLU D 372 25.87 -6.19 12.16
C GLU D 372 25.63 -4.87 12.85
N ALA D 373 26.72 -4.20 13.25
CA ALA D 373 26.62 -2.88 13.85
C ALA D 373 25.96 -1.87 12.90
N ALA D 374 26.09 -2.08 11.58
CA ALA D 374 25.64 -1.11 10.60
C ALA D 374 24.23 -1.36 10.10
N THR D 375 23.58 -2.43 10.53
CA THR D 375 22.29 -2.82 9.97
C THR D 375 21.32 -3.22 11.08
N ASP D 376 20.10 -3.55 10.69
CA ASP D 376 19.04 -4.06 11.57
C ASP D 376 18.94 -5.57 11.45
N ARG D 377 17.98 -6.14 12.19
CA ARG D 377 17.93 -7.57 12.45
C ARG D 377 17.83 -8.42 11.17
N TYR D 378 17.12 -7.96 10.16
CA TYR D 378 16.88 -8.80 8.99
C TYR D 378 17.66 -8.37 7.74
N SER D 379 18.66 -7.54 7.90
CA SER D 379 19.34 -6.99 6.75
C SER D 379 19.90 -8.12 5.88
N PRO D 380 19.85 -7.97 4.57
CA PRO D 380 20.56 -8.93 3.74
C PRO D 380 22.06 -8.93 3.98
N TYR D 381 22.62 -7.85 4.56
CA TYR D 381 24.04 -7.83 4.83
C TYR D 381 24.44 -8.79 5.95
N ARG D 382 23.51 -9.24 6.77
CA ARG D 382 23.76 -10.26 7.77
C ARG D 382 23.51 -11.67 7.21
N LYS D 383 23.20 -11.82 5.90
CA LYS D 383 22.80 -13.10 5.33
C LYS D 383 23.67 -13.51 4.15
N MET D 384 24.89 -13.05 4.09
CA MET D 384 25.71 -13.28 2.91
C MET D 384 26.65 -14.46 3.04
N LEU D 385 26.86 -14.97 4.27
CA LEU D 385 27.91 -15.97 4.45
C LEU D 385 27.47 -16.94 5.56
N ALA D 386 26.90 -18.06 5.13
CA ALA D 386 26.45 -19.14 5.98
C ALA D 386 26.15 -20.31 5.06
N ALA D 387 26.12 -21.51 5.62
CA ALA D 387 25.84 -22.70 4.83
C ALA D 387 25.34 -23.76 5.80
N LEU D 388 24.60 -24.72 5.26
CA LEU D 388 24.24 -25.89 6.06
C LEU D 388 24.36 -27.11 5.18
N TRP D 389 24.46 -28.28 5.82
CA TRP D 389 24.57 -29.57 5.14
C TRP D 389 23.33 -30.38 5.49
N ARG D 390 22.68 -30.92 4.48
CA ARG D 390 21.45 -31.68 4.64
C ARG D 390 21.66 -33.12 4.18
N GLU D 391 21.16 -34.09 4.96
CA GLU D 391 21.22 -35.51 4.61
C GLU D 391 20.74 -35.77 3.19
N SER D 392 21.45 -36.67 2.49
CA SER D 392 20.93 -37.17 1.23
C SER D 392 19.82 -38.18 1.50
N PRO D 393 18.75 -38.19 0.69
CA PRO D 393 17.74 -39.26 0.86
C PRO D 393 18.12 -40.57 0.21
N VAL D 394 19.23 -40.61 -0.51
CA VAL D 394 19.56 -41.77 -1.33
C VAL D 394 19.93 -42.99 -0.50
N PRO D 395 20.77 -42.88 0.53
CA PRO D 395 21.18 -44.09 1.27
C PRO D 395 20.03 -44.92 1.83
N ALA D 396 18.92 -44.31 2.21
CA ALA D 396 17.83 -45.06 2.81
C ALA D 396 16.97 -45.79 1.79
N LEU D 397 17.27 -45.68 0.51
CA LEU D 397 16.46 -46.35 -0.50
C LEU D 397 16.61 -47.87 -0.38
N ARG D 398 15.49 -48.57 -0.43
CA ARG D 398 15.49 -50.03 -0.50
C ARG D 398 15.37 -50.49 -1.96
N ASP D 399 15.40 -51.80 -2.14
CA ASP D 399 15.41 -52.35 -3.49
C ASP D 399 14.14 -51.99 -4.25
N GLY D 400 14.31 -51.56 -5.50
CA GLY D 400 13.19 -51.14 -6.33
C GLY D 400 12.65 -49.74 -6.07
N GLU D 401 13.20 -48.99 -5.13
CA GLU D 401 12.68 -47.67 -4.77
C GLU D 401 13.44 -46.59 -5.52
N SER D 402 12.71 -45.52 -5.85
CA SER D 402 13.28 -44.37 -6.52
C SER D 402 12.74 -43.12 -5.86
N LEU D 403 13.33 -41.98 -6.20
CA LEU D 403 13.00 -40.69 -5.59
C LEU D 403 12.48 -39.73 -6.65
N THR D 404 11.48 -38.93 -6.28
CA THR D 404 11.14 -37.79 -7.13
C THR D 404 10.67 -36.61 -6.29
N THR D 405 11.02 -35.39 -6.71
CA THR D 405 10.38 -34.20 -6.13
C THR D 405 8.87 -34.28 -6.32
N MET D 406 8.09 -33.89 -5.30
CA MET D 406 6.63 -33.95 -5.44
C MET D 406 6.10 -33.00 -6.51
N ALA D 407 6.87 -31.96 -6.86
CA ALA D 407 6.51 -31.05 -7.93
C ALA D 407 6.28 -31.80 -9.23
N ALA D 408 6.94 -32.95 -9.44
CA ALA D 408 6.71 -33.74 -10.65
C ALA D 408 5.25 -34.16 -10.79
N LEU D 409 4.52 -34.30 -9.67
CA LEU D 409 3.13 -34.74 -9.82
C LEU D 409 2.32 -33.76 -10.66
N VAL D 410 2.67 -32.48 -10.64
CA VAL D 410 1.92 -31.52 -11.42
C VAL D 410 2.72 -31.07 -12.63
N HIS D 411 3.77 -31.81 -12.98
CA HIS D 411 4.51 -31.53 -14.20
C HIS D 411 3.83 -32.21 -15.39
N VAL D 412 3.54 -31.44 -16.45
CA VAL D 412 2.88 -31.96 -17.65
C VAL D 412 3.88 -31.91 -18.81
N ASP D 413 4.00 -32.99 -19.53
CA ASP D 413 4.97 -33.02 -20.59
C ASP D 413 4.34 -32.46 -21.87
N HIS D 414 5.08 -32.51 -22.99
CA HIS D 414 4.67 -31.98 -24.29
C HIS D 414 3.51 -32.77 -24.91
N GLU D 415 3.14 -33.94 -24.38
CA GLU D 415 2.02 -34.75 -24.88
C GLU D 415 0.78 -34.65 -24.00
N GLY D 416 0.80 -33.78 -23.00
CA GLY D 416 -0.33 -33.63 -22.10
C GLY D 416 -0.38 -34.64 -20.98
N ARG D 417 0.66 -35.43 -20.80
CA ARG D 417 0.75 -36.44 -19.76
C ARG D 417 1.52 -35.88 -18.57
N SER D 418 0.95 -36.01 -17.39
CA SER D 418 1.65 -35.59 -16.18
C SER D 418 2.41 -36.77 -15.61
N VAL D 419 3.40 -36.49 -14.77
CA VAL D 419 4.12 -37.60 -14.14
C VAL D 419 3.22 -38.36 -13.18
N ALA D 420 2.28 -37.70 -12.49
CA ALA D 420 1.31 -38.42 -11.69
C ALA D 420 0.47 -39.38 -12.55
N GLY D 421 0.04 -38.94 -13.74
CA GLY D 421 -0.72 -39.81 -14.63
C GLY D 421 0.11 -41.00 -15.09
N GLU D 422 1.36 -40.75 -15.47
CA GLU D 422 2.25 -41.84 -15.84
C GLU D 422 2.42 -42.83 -14.70
N LEU D 423 2.56 -42.35 -13.48
CA LEU D 423 2.72 -43.26 -12.35
C LEU D 423 1.46 -44.07 -12.08
N ILE D 424 0.30 -43.42 -12.11
CA ILE D 424 -0.95 -44.14 -11.91
C ILE D 424 -1.09 -45.26 -12.94
N ALA D 425 -0.88 -44.92 -14.22
CA ALA D 425 -0.94 -45.94 -15.28
C ALA D 425 0.11 -47.05 -15.03
N ARG D 426 1.34 -46.68 -14.74
CA ARG D 426 2.37 -47.69 -14.56
C ARG D 426 2.09 -48.58 -13.36
N SER D 427 1.36 -48.08 -12.36
CA SER D 427 1.12 -48.86 -11.15
C SER D 427 0.09 -49.95 -11.37
N GLY D 428 -0.76 -49.80 -12.36
CA GLY D 428 -1.82 -50.74 -12.60
C GLY D 428 -2.95 -50.67 -11.61
N LEU D 429 -2.94 -49.69 -10.71
CA LEU D 429 -3.96 -49.54 -9.69
C LEU D 429 -5.04 -48.62 -10.19
N ALA D 430 -6.19 -48.66 -9.55
CA ALA D 430 -7.21 -47.67 -9.84
C ALA D 430 -6.74 -46.30 -9.40
N PRO D 431 -7.07 -45.24 -10.14
CA PRO D 431 -6.58 -43.90 -9.77
C PRO D 431 -6.83 -43.55 -8.31
N THR D 432 -8.04 -43.81 -7.77
CA THR D 432 -8.35 -43.46 -6.38
C THR D 432 -7.49 -44.27 -5.40
N ALA D 433 -7.15 -45.51 -5.74
CA ALA D 433 -6.29 -46.31 -4.86
C ALA D 433 -4.85 -45.79 -4.86
N TRP D 434 -4.31 -45.47 -6.04
CA TRP D 434 -3.01 -44.80 -6.14
C TRP D 434 -3.01 -43.53 -5.30
N LEU D 435 -4.04 -42.71 -5.49
CA LEU D 435 -4.17 -41.46 -4.74
C LEU D 435 -4.21 -41.71 -3.24
N ARG D 436 -4.86 -42.79 -2.82
CA ARG D 436 -4.94 -43.11 -1.39
C ARG D 436 -3.56 -43.41 -0.83
N HIS D 437 -2.75 -44.17 -1.57
CA HIS D 437 -1.37 -44.37 -1.09
C HIS D 437 -0.63 -43.04 -0.98
N TYR D 438 -0.76 -42.21 -2.01
CA TYR D 438 -0.07 -40.91 -2.00
C TYR D 438 -0.51 -40.10 -0.79
N LEU D 439 -1.83 -40.05 -0.52
CA LEU D 439 -2.37 -39.22 0.55
C LEU D 439 -1.95 -39.73 1.92
N ARG D 440 -1.89 -41.05 2.10
CA ARG D 440 -1.42 -41.57 3.38
C ARG D 440 0.07 -41.24 3.59
N ALA D 441 0.84 -41.22 2.51
CA ALA D 441 2.27 -40.92 2.68
C ALA D 441 2.51 -39.43 2.93
N TYR D 442 1.81 -38.56 2.22
CA TYR D 442 2.10 -37.13 2.22
C TYR D 442 1.17 -36.32 3.11
N TYR D 443 -0.13 -36.58 3.07
CA TYR D 443 -1.15 -35.72 3.66
C TYR D 443 -1.50 -36.10 5.10
N THR D 444 -1.65 -37.39 5.40
CA THR D 444 -2.00 -37.79 6.76
C THR D 444 -1.01 -37.29 7.79
N PRO D 445 0.30 -37.36 7.55
CA PRO D 445 1.26 -36.81 8.52
C PRO D 445 1.04 -35.35 8.79
N LEU D 446 0.59 -34.58 7.80
CA LEU D 446 0.29 -33.18 8.05
C LEU D 446 -0.90 -33.03 8.98
N LEU D 447 -1.94 -33.84 8.77
CA LEU D 447 -3.09 -33.81 9.66
C LEU D 447 -2.69 -34.13 11.09
N HIS D 448 -1.90 -35.19 11.26
CA HIS D 448 -1.52 -35.57 12.61
C HIS D 448 -0.60 -34.53 13.23
N SER D 449 0.35 -33.99 12.47
CA SER D 449 1.20 -32.94 13.01
C SER D 449 0.35 -31.77 13.51
N PHE D 450 -0.62 -31.34 12.71
CA PHE D 450 -1.43 -30.20 13.12
C PHE D 450 -2.24 -30.51 14.37
N TYR D 451 -3.04 -31.60 14.34
CA TYR D 451 -4.04 -31.85 15.38
C TYR D 451 -3.41 -32.33 16.69
N ALA D 452 -2.34 -33.14 16.61
CA ALA D 452 -1.72 -33.68 17.80
C ALA D 452 -0.56 -32.84 18.30
N TYR D 453 0.06 -31.98 17.47
CA TYR D 453 1.24 -31.25 17.93
C TYR D 453 1.21 -29.77 17.63
N ASP D 454 0.13 -29.26 17.02
CA ASP D 454 0.10 -27.86 16.58
C ASP D 454 1.27 -27.53 15.64
N LEU D 455 1.75 -28.53 14.92
CA LEU D 455 2.93 -28.41 14.08
C LEU D 455 2.53 -28.22 12.62
N ALA D 456 3.08 -27.17 11.99
CA ALA D 456 2.86 -26.87 10.58
C ALA D 456 4.20 -26.82 9.84
N PHE D 457 4.24 -27.35 8.63
CA PHE D 457 5.37 -27.28 7.72
C PHE D 457 5.06 -26.22 6.68
N MET D 458 5.89 -26.13 5.62
CA MET D 458 5.54 -25.47 4.37
C MET D 458 5.59 -26.55 3.28
N PRO D 459 4.58 -27.40 3.20
CA PRO D 459 4.73 -28.61 2.42
C PRO D 459 4.35 -28.55 0.94
N HIS D 460 5.01 -27.64 0.22
CA HIS D 460 4.79 -27.54 -1.22
C HIS D 460 5.65 -28.57 -2.00
N GLY D 461 5.61 -28.46 -3.33
CA GLY D 461 6.19 -29.50 -4.18
C GLY D 461 7.70 -29.58 -4.09
N GLU D 462 8.36 -28.46 -3.85
CA GLU D 462 9.80 -28.46 -3.77
C GLU D 462 10.32 -28.94 -2.42
N ASN D 463 9.53 -28.84 -1.35
CA ASN D 463 9.95 -29.28 -0.02
C ASN D 463 9.58 -30.73 0.27
N THR D 464 9.02 -31.42 -0.69
CA THR D 464 8.58 -32.78 -0.46
C THR D 464 9.22 -33.63 -1.54
N ILE D 465 9.79 -34.77 -1.11
CA ILE D 465 10.29 -35.82 -1.99
C ILE D 465 9.46 -37.08 -1.74
N LEU D 466 9.07 -37.77 -2.81
CA LEU D 466 8.27 -38.97 -2.73
C LEU D 466 9.17 -40.15 -3.05
N VAL D 467 9.02 -41.23 -2.30
CA VAL D 467 9.73 -42.48 -2.56
C VAL D 467 8.76 -43.39 -3.29
N LEU D 468 9.15 -43.88 -4.46
CA LEU D 468 8.31 -44.63 -5.37
C LEU D 468 8.76 -46.08 -5.43
N LYS D 469 7.79 -46.99 -5.52
CA LYS D 469 8.10 -48.39 -5.82
C LYS D 469 6.92 -48.97 -6.59
N ASP D 470 7.20 -49.54 -7.76
CA ASP D 470 6.16 -50.10 -8.62
C ASP D 470 5.14 -49.04 -9.02
N GLY D 471 5.61 -47.80 -9.16
CA GLY D 471 4.76 -46.69 -9.53
C GLY D 471 3.87 -46.16 -8.43
N VAL D 472 4.09 -46.63 -7.20
CA VAL D 472 3.25 -46.28 -6.06
C VAL D 472 4.11 -45.54 -5.06
N VAL D 473 3.54 -44.48 -4.49
CA VAL D 473 4.22 -43.77 -3.42
C VAL D 473 4.24 -44.63 -2.15
N GLN D 474 5.43 -44.98 -1.69
CA GLN D 474 5.61 -45.74 -0.47
C GLN D 474 5.68 -44.86 0.78
N ARG D 475 6.30 -43.68 0.68
CA ARG D 475 6.48 -42.80 1.82
C ARG D 475 6.94 -41.43 1.29
N ALA D 476 6.88 -40.43 2.16
CA ALA D 476 7.31 -39.08 1.84
C ALA D 476 8.47 -38.65 2.73
N VAL D 477 9.31 -37.77 2.17
CA VAL D 477 10.45 -37.18 2.83
C VAL D 477 10.23 -35.67 2.81
N TYR D 478 10.27 -35.05 4.00
CA TYR D 478 10.14 -33.62 4.13
C TYR D 478 11.52 -33.01 4.29
N LYS D 479 11.71 -31.81 3.73
CA LYS D 479 12.95 -31.06 3.90
C LYS D 479 12.64 -29.58 4.05
N ASP D 480 13.67 -28.79 4.40
CA ASP D 480 13.60 -27.35 4.65
C ASP D 480 12.80 -27.18 5.93
N ILE D 481 13.46 -27.49 7.04
CA ILE D 481 12.79 -27.74 8.31
C ILE D 481 12.95 -26.56 9.27
N ALA D 482 14.19 -26.28 9.68
CA ALA D 482 14.36 -25.35 10.81
C ALA D 482 13.81 -23.96 10.53
N GLU D 483 13.94 -23.48 9.30
CA GLU D 483 13.49 -22.15 8.94
C GLU D 483 12.02 -22.13 8.63
N GLU D 484 11.38 -23.27 8.45
CA GLU D 484 9.99 -23.31 7.97
C GLU D 484 8.98 -23.75 9.02
N ILE D 485 9.29 -24.71 9.89
CA ILE D 485 8.25 -25.26 10.76
C ILE D 485 7.78 -24.21 11.75
N VAL D 486 6.52 -24.33 12.18
CA VAL D 486 5.95 -23.46 13.19
C VAL D 486 5.13 -24.32 14.13
N VAL D 487 5.33 -24.12 15.43
CA VAL D 487 4.51 -24.74 16.47
C VAL D 487 3.54 -23.66 16.94
N MET D 488 2.26 -23.84 16.64
CA MET D 488 1.28 -22.77 16.83
C MET D 488 0.68 -22.81 18.24
N ASP D 489 1.59 -22.68 19.20
CA ASP D 489 1.27 -22.69 20.62
C ASP D 489 2.38 -21.98 21.36
N PRO D 490 2.21 -20.69 21.71
CA PRO D 490 3.33 -19.95 22.34
C PRO D 490 3.79 -20.53 23.66
N ASP D 491 2.94 -21.32 24.34
CA ASP D 491 3.26 -21.86 25.64
C ASP D 491 3.62 -23.35 25.59
N ALA D 492 3.90 -23.87 24.40
CA ALA D 492 4.28 -25.27 24.27
C ALA D 492 5.59 -25.53 24.99
N VAL D 493 5.69 -26.70 25.61
CA VAL D 493 6.90 -27.11 26.30
C VAL D 493 7.82 -27.79 25.30
N LEU D 494 9.00 -27.22 25.11
CA LEU D 494 9.93 -27.67 24.09
C LEU D 494 11.35 -27.50 24.59
N PRO D 495 12.30 -28.25 24.03
CA PRO D 495 13.73 -28.02 24.39
C PRO D 495 14.11 -26.58 24.15
N PRO D 496 15.18 -26.11 24.79
CA PRO D 496 15.49 -24.68 24.73
C PRO D 496 15.62 -24.14 23.31
N GLU D 497 16.57 -24.69 22.55
CA GLU D 497 16.90 -24.18 21.22
C GLU D 497 15.77 -24.37 20.21
N VAL D 498 14.73 -25.11 20.56
CA VAL D 498 13.59 -25.31 19.70
C VAL D 498 12.47 -24.33 20.00
N ARG D 499 12.49 -23.68 21.16
CA ARG D 499 11.38 -22.82 21.57
C ARG D 499 11.16 -21.66 20.61
N ARG D 500 12.16 -21.29 19.83
CA ARG D 500 12.01 -20.18 18.90
C ARG D 500 11.02 -20.49 17.78
N VAL D 501 10.75 -21.77 17.50
CA VAL D 501 9.80 -22.10 16.43
C VAL D 501 8.37 -21.89 16.87
N ARG D 502 8.14 -21.62 18.16
CA ARG D 502 6.79 -21.31 18.64
C ARG D 502 6.36 -19.93 18.13
N ALA D 503 5.07 -19.81 17.83
CA ALA D 503 4.56 -18.55 17.32
C ALA D 503 3.09 -18.43 17.69
N GLU D 504 2.62 -17.18 17.67
CA GLU D 504 1.22 -16.86 17.90
C GLU D 504 0.53 -16.67 16.56
N VAL D 505 -0.33 -17.62 16.18
CA VAL D 505 -1.07 -17.58 14.94
C VAL D 505 -2.54 -17.41 15.31
N PRO D 506 -3.25 -16.42 14.78
CA PRO D 506 -4.65 -16.25 15.17
C PRO D 506 -5.41 -17.57 15.08
N GLU D 507 -6.42 -17.68 15.95
CA GLU D 507 -7.18 -18.93 16.10
C GLU D 507 -7.70 -19.38 14.74
N ASP D 508 -8.30 -18.44 13.98
CA ASP D 508 -9.04 -18.73 12.70
C ASP D 508 -8.13 -18.77 11.46
N MET D 509 -6.83 -18.61 11.59
CA MET D 509 -5.85 -18.69 10.46
C MET D 509 -4.95 -19.90 10.67
N LYS D 510 -5.18 -20.70 11.71
CA LYS D 510 -4.29 -21.83 12.05
C LYS D 510 -4.51 -22.94 11.01
N LEU D 511 -5.74 -23.26 10.58
CA LEU D 511 -6.02 -24.38 9.69
C LEU D 511 -5.73 -24.04 8.24
N LEU D 512 -5.42 -22.77 7.94
CA LEU D 512 -4.92 -22.39 6.62
C LEU D 512 -3.67 -23.17 6.26
N SER D 513 -2.90 -23.57 7.27
CA SER D 513 -1.72 -24.37 6.99
C SER D 513 -2.06 -25.64 6.23
N ILE D 514 -3.27 -26.16 6.37
CA ILE D 514 -3.75 -27.19 5.45
C ILE D 514 -4.56 -26.58 4.30
N PHE D 515 -5.47 -25.66 4.59
CA PHE D 515 -6.37 -25.17 3.55
C PHE D 515 -5.61 -24.47 2.45
N THR D 516 -4.68 -23.59 2.84
CA THR D 516 -3.93 -22.81 1.86
C THR D 516 -2.76 -23.60 1.29
N ASP D 517 -1.87 -24.07 2.16
CA ASP D 517 -0.62 -24.65 1.69
C ASP D 517 -0.84 -25.98 0.98
N VAL D 518 -1.86 -26.74 1.36
CA VAL D 518 -2.05 -28.05 0.76
C VAL D 518 -3.17 -27.95 -0.28
N PHE D 519 -4.37 -27.53 0.14
CA PHE D 519 -5.53 -27.59 -0.76
C PHE D 519 -5.44 -26.55 -1.88
N ASP D 520 -5.40 -25.29 -1.53
CA ASP D 520 -5.49 -24.29 -2.58
C ASP D 520 -4.18 -24.12 -3.35
N CYS D 521 -3.01 -24.52 -2.81
CA CYS D 521 -1.72 -24.27 -3.48
C CYS D 521 -1.05 -25.49 -4.09
N PHE D 522 -1.57 -26.69 -3.84
CA PHE D 522 -1.07 -27.87 -4.54
C PHE D 522 -2.20 -28.78 -5.03
N PHE D 523 -3.13 -29.19 -4.14
CA PHE D 523 -4.17 -30.11 -4.60
C PHE D 523 -5.05 -29.46 -5.66
N ARG D 524 -5.25 -28.16 -5.59
CA ARG D 524 -6.05 -27.53 -6.63
C ARG D 524 -5.51 -27.84 -8.02
N PHE D 525 -4.18 -27.75 -8.18
CA PHE D 525 -3.52 -28.03 -9.45
C PHE D 525 -3.48 -29.52 -9.76
N LEU D 526 -3.22 -30.38 -8.76
CA LEU D 526 -3.13 -31.81 -9.06
C LEU D 526 -4.50 -32.37 -9.49
N ALA D 527 -5.55 -31.98 -8.78
CA ALA D 527 -6.88 -32.47 -9.11
C ALA D 527 -7.33 -31.95 -10.47
N ALA D 528 -7.15 -30.63 -10.71
CA ALA D 528 -7.53 -30.10 -12.02
C ALA D 528 -6.74 -30.77 -13.13
N GLY D 529 -5.46 -31.04 -12.86
CA GLY D 529 -4.64 -31.63 -13.90
C GLY D 529 -5.08 -33.04 -14.22
N LEU D 530 -5.31 -33.88 -13.19
CA LEU D 530 -5.76 -35.24 -13.44
C LEU D 530 -7.15 -35.27 -14.09
N ALA D 531 -8.00 -34.27 -13.86
CA ALA D 531 -9.29 -34.27 -14.55
C ALA D 531 -9.10 -33.95 -16.03
N THR D 532 -8.37 -32.86 -16.34
CA THR D 532 -8.16 -32.51 -17.75
C THR D 532 -7.42 -33.63 -18.45
N GLU D 533 -6.56 -34.35 -17.75
CA GLU D 533 -5.85 -35.48 -18.33
C GLU D 533 -6.77 -36.68 -18.51
N GLU D 534 -8.00 -36.61 -18.00
CA GLU D 534 -8.97 -37.69 -18.13
C GLU D 534 -8.47 -38.95 -17.40
N VAL D 535 -7.82 -38.75 -16.27
CA VAL D 535 -7.39 -39.86 -15.42
C VAL D 535 -8.30 -40.04 -14.22
N LEU D 536 -8.79 -38.96 -13.65
CA LEU D 536 -9.54 -39.01 -12.40
C LEU D 536 -10.40 -37.76 -12.34
N ALA D 537 -11.69 -37.95 -12.10
CA ALA D 537 -12.60 -36.83 -12.01
C ALA D 537 -12.40 -36.06 -10.71
N GLU D 538 -12.74 -34.78 -10.73
CA GLU D 538 -12.54 -33.97 -9.54
C GLU D 538 -13.27 -34.55 -8.33
N ASP D 539 -14.55 -34.93 -8.52
CA ASP D 539 -15.33 -35.44 -7.41
C ASP D 539 -14.65 -36.64 -6.78
N ASP D 540 -14.09 -37.54 -7.59
CA ASP D 540 -13.42 -38.70 -7.05
C ASP D 540 -12.16 -38.30 -6.27
N PHE D 541 -11.40 -37.35 -6.80
CA PHE D 541 -10.24 -36.84 -6.07
C PHE D 541 -10.64 -36.32 -4.70
N TRP D 542 -11.55 -35.35 -4.65
CA TRP D 542 -11.89 -34.72 -3.37
C TRP D 542 -12.64 -35.66 -2.43
N ARG D 543 -13.41 -36.62 -2.95
CA ARG D 543 -14.01 -37.64 -2.09
C ARG D 543 -12.94 -38.54 -1.48
N THR D 544 -11.91 -38.89 -2.25
CA THR D 544 -10.84 -39.68 -1.65
C THR D 544 -10.13 -38.90 -0.56
N VAL D 545 -9.93 -37.60 -0.80
CA VAL D 545 -9.29 -36.79 0.22
C VAL D 545 -10.15 -36.79 1.49
N ALA D 546 -11.47 -36.59 1.32
CA ALA D 546 -12.39 -36.64 2.46
C ALA D 546 -12.36 -37.99 3.18
N GLU D 547 -12.32 -39.07 2.42
CA GLU D 547 -12.26 -40.40 3.01
C GLU D 547 -11.01 -40.57 3.85
N VAL D 548 -9.86 -40.11 3.34
CA VAL D 548 -8.62 -40.25 4.09
C VAL D 548 -8.65 -39.38 5.34
N THR D 549 -9.24 -38.20 5.23
CA THR D 549 -9.35 -37.33 6.40
C THR D 549 -10.20 -37.99 7.50
N ARG D 550 -11.35 -38.58 7.12
CA ARG D 550 -12.18 -39.27 8.10
C ARG D 550 -11.52 -40.54 8.61
N GLU D 551 -10.80 -41.25 7.75
CA GLU D 551 -10.02 -42.39 8.20
C GLU D 551 -9.03 -42.00 9.27
N TYR D 552 -8.41 -40.82 9.13
CA TYR D 552 -7.52 -40.36 10.19
C TYR D 552 -8.30 -40.02 11.46
N GLN D 553 -9.37 -39.22 11.32
CA GLN D 553 -10.07 -38.68 12.50
C GLN D 553 -10.76 -39.77 13.30
N GLU D 554 -11.39 -40.73 12.62
CA GLU D 554 -12.07 -41.82 13.30
C GLU D 554 -11.11 -42.73 14.05
N ALA D 555 -9.83 -42.74 13.67
CA ALA D 555 -8.84 -43.56 14.35
C ALA D 555 -8.31 -42.91 15.62
N HIS D 556 -8.70 -41.67 15.90
CA HIS D 556 -8.16 -40.92 17.04
C HIS D 556 -9.28 -40.08 17.68
N PRO D 557 -10.25 -40.74 18.33
CA PRO D 557 -11.34 -39.98 18.99
C PRO D 557 -10.85 -39.11 20.13
N GLU D 558 -9.67 -39.40 20.69
CA GLU D 558 -9.12 -38.58 21.76
C GLU D 558 -8.82 -37.15 21.31
N LEU D 559 -8.91 -36.89 20.00
CA LEU D 559 -8.70 -35.55 19.44
C LEU D 559 -9.99 -34.92 18.96
N ASP D 560 -11.14 -35.50 19.31
CA ASP D 560 -12.40 -35.04 18.74
C ASP D 560 -12.63 -33.56 19.00
N ASP D 561 -12.31 -33.09 20.21
CA ASP D 561 -12.47 -31.67 20.49
C ASP D 561 -11.73 -30.82 19.48
N ARG D 562 -10.45 -31.13 19.26
CA ARG D 562 -9.67 -30.37 18.29
C ARG D 562 -10.22 -30.54 16.87
N PHE D 563 -10.74 -31.74 16.54
CA PHE D 563 -11.37 -31.91 15.24
C PHE D 563 -12.53 -30.93 15.06
N ARG D 564 -13.29 -30.63 16.12
CA ARG D 564 -14.38 -29.66 16.03
C ARG D 564 -13.85 -28.24 16.09
N GLN D 565 -12.78 -28.02 16.82
CA GLN D 565 -12.26 -26.67 16.94
C GLN D 565 -11.72 -26.17 15.60
N TYR D 566 -11.09 -27.06 14.82
CA TYR D 566 -10.51 -26.74 13.51
C TYR D 566 -11.15 -27.69 12.51
N ASP D 567 -12.26 -27.25 11.93
CA ASP D 567 -13.13 -28.11 11.15
C ASP D 567 -12.61 -28.15 9.71
N LEU D 568 -12.02 -29.27 9.32
CA LEU D 568 -11.61 -29.44 7.94
C LEU D 568 -12.78 -29.60 6.98
N PHE D 569 -14.00 -29.78 7.49
CA PHE D 569 -15.17 -29.95 6.63
C PHE D 569 -16.07 -28.73 6.65
N ALA D 570 -15.58 -27.60 7.13
CA ALA D 570 -16.39 -26.40 7.09
C ALA D 570 -16.81 -26.08 5.65
N PRO D 571 -17.97 -25.47 5.46
CA PRO D 571 -18.41 -25.18 4.07
C PRO D 571 -17.46 -24.28 3.27
N GLU D 572 -16.69 -23.42 3.95
CA GLU D 572 -15.84 -22.45 3.26
C GLU D 572 -14.58 -22.21 4.09
N PHE D 573 -13.55 -21.67 3.43
CA PHE D 573 -12.39 -21.18 4.16
C PHE D 573 -11.81 -19.98 3.41
N ALA D 574 -10.97 -19.22 4.09
CA ALA D 574 -10.48 -17.97 3.54
C ALA D 574 -9.68 -18.22 2.27
N LEU D 575 -9.83 -17.32 1.30
CA LEU D 575 -9.00 -17.27 0.10
C LEU D 575 -7.77 -16.45 0.46
N SER D 576 -6.64 -17.09 0.60
CA SER D 576 -5.38 -16.44 0.88
C SER D 576 -4.58 -16.33 -0.43
N CYS D 577 -4.30 -15.09 -0.84
CA CYS D 577 -3.74 -14.81 -2.16
C CYS D 577 -2.22 -14.73 -2.10
N LEU D 578 -1.52 -15.52 -2.93
CA LEU D 578 -0.05 -15.52 -2.93
C LEU D 578 0.53 -14.44 -3.84
N ASN D 579 0.07 -14.32 -5.09
CA ASN D 579 0.60 -13.26 -5.94
C ASN D 579 0.39 -11.88 -5.36
N ARG D 580 -0.71 -11.66 -4.64
CA ARG D 580 -0.93 -10.35 -4.05
C ARG D 580 0.22 -9.95 -3.12
N LEU D 581 0.81 -10.93 -2.41
CA LEU D 581 1.96 -10.70 -1.55
C LEU D 581 3.15 -10.15 -2.32
N GLN D 582 3.51 -10.80 -3.42
CA GLN D 582 4.66 -10.40 -4.22
C GLN D 582 4.38 -9.12 -4.97
N LEU D 583 3.12 -8.90 -5.42
CA LEU D 583 2.81 -7.63 -6.07
C LEU D 583 2.94 -6.47 -5.08
N ARG D 584 2.64 -6.70 -3.82
CA ARG D 584 2.74 -5.61 -2.85
C ARG D 584 4.17 -5.35 -2.45
N ASP D 585 4.93 -6.41 -2.21
CA ASP D 585 6.32 -6.25 -1.79
C ASP D 585 7.14 -7.31 -2.49
N ASN D 586 7.86 -6.86 -3.51
CA ASN D 586 8.75 -7.66 -4.37
C ASN D 586 9.91 -8.33 -3.62
N ARG D 587 10.51 -7.63 -2.67
CA ARG D 587 11.77 -8.05 -2.09
C ARG D 587 11.62 -8.86 -0.83
N GLN D 588 10.52 -8.68 -0.09
CA GLN D 588 10.29 -9.29 1.23
C GLN D 588 8.78 -9.47 1.36
N MET D 589 8.27 -10.56 0.78
CA MET D 589 6.84 -10.79 0.69
C MET D 589 6.16 -10.75 2.05
N VAL D 590 6.84 -11.23 3.10
CA VAL D 590 6.30 -11.35 4.46
C VAL D 590 7.39 -10.86 5.41
N ASP D 591 6.96 -10.42 6.60
CA ASP D 591 7.92 -9.85 7.54
C ASP D 591 8.88 -10.89 8.10
N LEU D 592 8.38 -12.09 8.42
CA LEU D 592 9.17 -13.17 9.02
C LEU D 592 9.26 -13.04 10.55
N ALA D 593 9.11 -11.83 11.08
CA ALA D 593 8.87 -11.65 12.51
C ALA D 593 7.38 -11.71 12.86
N ASP D 594 6.52 -11.33 11.91
CA ASP D 594 5.07 -11.41 12.05
C ASP D 594 4.52 -11.85 10.70
N PRO D 595 4.81 -13.10 10.29
CA PRO D 595 4.49 -13.52 8.92
C PRO D 595 3.00 -13.58 8.64
N SER D 596 2.16 -13.67 9.67
CA SER D 596 0.72 -13.70 9.46
C SER D 596 0.19 -12.33 9.10
N ALA D 597 0.95 -11.26 9.34
CA ALA D 597 0.43 -9.92 9.13
C ALA D 597 0.35 -9.53 7.66
N ALA D 598 1.17 -10.12 6.81
CA ALA D 598 1.17 -9.74 5.41
C ALA D 598 0.13 -10.51 4.60
N LEU D 599 -0.52 -11.53 5.16
CA LEU D 599 -1.48 -12.34 4.39
C LEU D 599 -2.65 -11.50 3.91
N GLN D 600 -3.14 -11.79 2.71
CA GLN D 600 -4.24 -11.05 2.11
C GLN D 600 -5.36 -12.04 1.85
N LEU D 601 -6.33 -12.05 2.78
CA LEU D 601 -7.54 -12.85 2.69
C LEU D 601 -8.59 -12.02 1.98
N VAL D 602 -9.11 -12.56 0.88
CA VAL D 602 -9.99 -11.84 -0.03
C VAL D 602 -11.21 -12.74 -0.24
N GLY D 603 -12.17 -12.64 0.66
CA GLY D 603 -13.33 -13.50 0.53
C GLY D 603 -13.02 -14.94 0.91
N THR D 604 -13.83 -15.85 0.39
CA THR D 604 -13.75 -17.25 0.80
C THR D 604 -13.87 -18.16 -0.41
N LEU D 605 -13.43 -19.39 -0.24
CA LEU D 605 -13.59 -20.45 -1.22
C LEU D 605 -14.51 -21.53 -0.67
N ARG D 606 -15.27 -22.13 -1.58
CA ARG D 606 -16.12 -23.28 -1.28
C ARG D 606 -15.23 -24.49 -1.01
N ASN D 607 -15.35 -25.05 0.17
CA ASN D 607 -14.52 -26.17 0.58
C ASN D 607 -14.95 -27.42 -0.16
N PRO D 608 -14.09 -28.04 -0.97
CA PRO D 608 -14.49 -29.26 -1.68
C PRO D 608 -14.82 -30.44 -0.77
N LEU D 609 -14.38 -30.40 0.49
CA LEU D 609 -14.70 -31.46 1.44
C LEU D 609 -16.08 -31.30 2.10
N ALA D 610 -16.79 -30.19 1.82
CA ALA D 610 -18.10 -29.96 2.44
C ALA D 610 -19.07 -31.09 2.10
N GLY D 611 -19.08 -31.52 0.84
CA GLY D 611 -19.84 -32.72 0.50
C GLY D 611 -19.19 -33.98 1.07
N HIS E 20 -34.48 11.81 -46.53
CA HIS E 20 -32.98 11.83 -46.50
C HIS E 20 -32.46 13.24 -46.49
N MET E 21 -33.21 14.17 -47.06
CA MET E 21 -32.72 15.54 -47.24
C MET E 21 -32.62 16.27 -45.90
N SER E 22 -33.73 16.35 -45.16
CA SER E 22 -33.64 16.92 -43.81
C SER E 22 -32.78 16.03 -42.93
N LEU E 23 -32.90 14.71 -43.08
CA LEU E 23 -32.06 13.78 -42.32
C LEU E 23 -30.58 14.04 -42.55
N THR E 24 -30.15 14.10 -43.82
CA THR E 24 -28.73 14.29 -44.13
C THR E 24 -28.29 15.72 -43.87
N ASP E 25 -29.18 16.69 -44.07
CA ASP E 25 -28.80 18.08 -43.78
C ASP E 25 -28.55 18.29 -42.31
N ALA E 26 -29.34 17.65 -41.44
CA ALA E 26 -29.20 17.90 -40.00
C ALA E 26 -27.82 17.48 -39.50
N VAL E 27 -27.17 16.51 -40.15
CA VAL E 27 -25.85 16.04 -39.73
C VAL E 27 -24.73 16.45 -40.70
N ALA E 28 -25.02 17.38 -41.62
CA ALA E 28 -24.03 17.77 -42.62
C ALA E 28 -22.81 18.42 -41.99
N HIS E 29 -22.98 19.10 -40.86
CA HIS E 29 -21.83 19.71 -40.21
C HIS E 29 -20.87 18.70 -39.64
N LEU E 30 -21.30 17.45 -39.44
CA LEU E 30 -20.45 16.39 -38.91
C LEU E 30 -19.74 15.72 -40.07
N SER E 31 -18.57 16.22 -40.44
CA SER E 31 -17.75 15.66 -41.50
C SER E 31 -16.41 15.20 -40.94
N PRO E 32 -15.67 14.37 -41.69
CA PRO E 32 -14.36 13.92 -41.20
C PRO E 32 -13.36 15.05 -40.97
N GLU E 33 -13.31 16.05 -41.86
CA GLU E 33 -12.30 17.11 -41.70
C GLU E 33 -12.65 18.01 -40.52
N ARG E 34 -13.91 18.40 -40.39
CA ARG E 34 -14.30 19.24 -39.26
C ARG E 34 -14.16 18.49 -37.94
N TRP E 35 -14.46 17.21 -37.94
CA TRP E 35 -14.31 16.44 -36.70
C TRP E 35 -12.84 16.37 -36.32
N GLU E 36 -11.95 16.17 -37.28
CA GLU E 36 -10.53 16.19 -36.97
C GLU E 36 -10.09 17.53 -36.37
N GLU E 37 -10.52 18.63 -36.99
CA GLU E 37 -10.13 19.94 -36.49
C GLU E 37 -10.67 20.17 -35.06
N ALA E 38 -11.93 19.77 -34.84
CA ALA E 38 -12.57 19.95 -33.53
C ALA E 38 -11.84 19.18 -32.47
N ASN E 39 -11.42 17.96 -32.79
CA ASN E 39 -10.70 17.19 -31.80
C ASN E 39 -9.33 17.77 -31.53
N ARG E 40 -8.65 18.26 -32.57
CA ARG E 40 -7.33 18.84 -32.33
C ARG E 40 -7.48 20.02 -31.36
N LEU E 41 -8.50 20.86 -31.59
CA LEU E 41 -8.70 22.04 -30.75
C LEU E 41 -9.09 21.63 -29.33
N LEU E 42 -9.90 20.60 -29.20
CA LEU E 42 -10.35 20.29 -27.85
C LEU E 42 -9.26 19.62 -27.03
N VAL E 43 -8.47 18.74 -27.66
CA VAL E 43 -7.34 18.15 -26.95
C VAL E 43 -6.32 19.25 -26.59
N ARG E 44 -6.15 20.24 -27.48
CA ARG E 44 -5.29 21.38 -27.14
C ARG E 44 -5.78 22.02 -25.86
N LYS E 45 -7.09 22.32 -25.78
CA LYS E 45 -7.64 22.97 -24.59
C LYS E 45 -7.49 22.08 -23.35
N ALA E 46 -7.67 20.77 -23.51
CA ALA E 46 -7.59 19.85 -22.39
C ALA E 46 -6.16 19.81 -21.84
N LEU E 47 -5.15 19.70 -22.72
CA LEU E 47 -3.75 19.76 -22.28
C LEU E 47 -3.46 21.05 -21.51
N ALA E 48 -3.88 22.17 -22.08
CA ALA E 48 -3.57 23.45 -21.47
C ALA E 48 -4.22 23.59 -20.09
N GLU E 49 -5.54 23.37 -20.02
CA GLU E 49 -6.25 23.69 -18.79
C GLU E 49 -6.04 22.64 -17.73
N PHE E 50 -5.91 21.35 -18.11
CA PHE E 50 -5.59 20.33 -17.12
C PHE E 50 -4.16 20.50 -16.60
N ALA E 51 -3.24 21.08 -17.39
CA ALA E 51 -1.93 21.46 -16.84
C ALA E 51 -2.07 22.60 -15.83
N HIS E 52 -2.82 23.66 -16.20
CA HIS E 52 -3.04 24.77 -15.28
C HIS E 52 -3.55 24.27 -13.93
N GLU E 53 -4.40 23.24 -13.93
CA GLU E 53 -4.98 22.73 -12.70
C GLU E 53 -4.17 21.61 -12.08
N ARG E 54 -3.05 21.26 -12.69
CA ARG E 54 -2.09 20.30 -12.12
C ARG E 54 -2.69 18.90 -12.04
N LEU E 55 -3.65 18.60 -12.90
CA LEU E 55 -4.10 17.22 -13.03
C LEU E 55 -3.00 16.33 -13.56
N PHE E 56 -2.16 16.87 -14.45
CA PHE E 56 -0.89 16.27 -14.81
C PHE E 56 0.12 17.40 -14.98
N THR E 57 1.40 17.05 -14.87
CA THR E 57 2.50 18.01 -15.01
C THR E 57 3.27 17.74 -16.29
N PRO E 58 3.10 18.55 -17.33
CA PRO E 58 3.82 18.27 -18.59
C PRO E 58 5.32 18.27 -18.32
N GLU E 59 5.98 17.19 -18.73
CA GLU E 59 7.43 17.15 -18.56
C GLU E 59 8.15 17.54 -19.86
N PRO E 60 9.23 18.32 -19.73
CA PRO E 60 10.00 18.69 -20.94
C PRO E 60 10.45 17.42 -21.66
N ALA E 61 10.37 17.48 -22.98
CA ALA E 61 10.54 16.33 -23.85
C ALA E 61 12.00 16.00 -24.07
N ASP E 62 12.25 14.71 -24.37
CA ASP E 62 13.56 14.20 -24.77
C ASP E 62 14.59 14.83 -25.71
N GLY E 63 14.12 15.38 -26.83
CA GLY E 63 14.94 16.21 -27.67
C GLY E 63 13.96 17.38 -27.78
N GLN E 64 14.49 18.51 -28.24
CA GLN E 64 13.79 19.79 -28.30
C GLN E 64 13.63 20.43 -26.93
N ASP E 65 13.58 21.76 -26.92
CA ASP E 65 13.38 22.58 -25.73
C ASP E 65 12.08 23.37 -25.91
N GLY E 66 11.23 23.34 -24.90
CA GLY E 66 9.90 23.90 -25.04
C GLY E 66 8.87 22.94 -25.56
N ARG E 67 9.25 21.69 -25.80
CA ARG E 67 8.35 20.60 -26.14
C ARG E 67 8.12 19.79 -24.87
N TYR E 68 6.90 19.31 -24.70
CA TYR E 68 6.48 18.66 -23.46
C TYR E 68 5.76 17.37 -23.80
N VAL E 69 5.64 16.51 -22.79
CA VAL E 69 4.97 15.23 -22.94
C VAL E 69 4.04 15.01 -21.74
N VAL E 70 2.84 14.52 -22.01
CA VAL E 70 1.90 14.07 -21.01
C VAL E 70 1.55 12.63 -21.38
N ARG E 71 1.51 11.75 -20.39
CA ARG E 71 1.25 10.36 -20.71
C ARG E 71 -0.11 9.90 -20.19
N SER E 72 -0.66 8.89 -20.87
CA SER E 72 -1.88 8.24 -20.41
C SER E 72 -1.64 7.64 -19.03
N ASP E 73 -2.73 7.15 -18.43
CA ASP E 73 -2.67 6.56 -17.10
C ASP E 73 -1.60 5.47 -17.05
N ASP E 74 -1.57 4.58 -18.04
CA ASP E 74 -0.68 3.43 -18.00
C ASP E 74 0.69 3.74 -18.57
N GLY E 75 0.95 4.97 -18.97
CA GLY E 75 2.23 5.41 -19.47
C GLY E 75 2.54 5.07 -20.91
N LEU E 76 1.73 4.22 -21.56
CA LEU E 76 2.13 3.74 -22.86
C LEU E 76 1.76 4.68 -23.98
N THR E 77 0.88 5.64 -23.76
CA THR E 77 0.53 6.61 -24.79
C THR E 77 1.17 7.92 -24.40
N SER E 78 1.80 8.61 -25.37
CA SER E 78 2.44 9.90 -25.16
C SER E 78 1.78 10.96 -26.01
N TYR E 79 1.40 12.08 -25.37
CA TYR E 79 0.93 13.30 -26.04
C TYR E 79 2.06 14.31 -25.94
N ARG E 80 2.57 14.71 -27.09
CA ARG E 80 3.71 15.63 -27.17
C ARG E 80 3.27 16.91 -27.82
N PHE E 81 3.83 18.02 -27.36
CA PHE E 81 3.36 19.30 -27.87
C PHE E 81 4.32 20.40 -27.48
N THR E 82 4.24 21.52 -28.18
CA THR E 82 4.95 22.71 -27.72
C THR E 82 3.96 23.65 -27.05
N ALA E 83 4.50 24.46 -26.13
CA ALA E 83 3.66 25.40 -25.40
C ALA E 83 4.50 26.57 -24.94
N VAL E 84 3.94 27.77 -24.99
CA VAL E 84 4.54 28.94 -24.36
C VAL E 84 3.90 29.14 -22.99
N ARG E 85 4.72 29.35 -21.96
CA ARG E 85 4.24 29.48 -20.60
C ARG E 85 4.16 30.95 -20.19
N ARG E 86 3.04 31.33 -19.60
CA ARG E 86 2.72 32.73 -19.29
C ARG E 86 2.19 32.80 -17.88
N ALA E 87 1.95 34.02 -17.42
CA ALA E 87 1.66 34.28 -16.01
C ALA E 87 0.41 33.55 -15.54
N LEU E 88 0.34 33.32 -14.22
CA LEU E 88 -0.73 32.56 -13.58
C LEU E 88 -0.76 31.13 -14.09
N ASP E 89 0.44 30.57 -14.34
CA ASP E 89 0.58 29.20 -14.81
C ASP E 89 -0.30 28.94 -16.04
N HIS E 90 -0.23 29.84 -17.01
CA HIS E 90 -0.99 29.65 -18.23
C HIS E 90 -0.15 28.90 -19.25
N TRP E 91 -0.71 27.83 -19.81
CA TRP E 91 -0.05 27.03 -20.83
C TRP E 91 -0.72 27.30 -22.17
N GLN E 92 -0.04 28.05 -23.03
CA GLN E 92 -0.52 28.33 -24.38
C GLN E 92 0.00 27.19 -25.26
N VAL E 93 -0.77 26.11 -25.28
CA VAL E 93 -0.44 24.93 -26.06
C VAL E 93 -0.72 25.23 -27.53
N ASP E 94 0.21 24.85 -28.39
CA ASP E 94 0.06 25.04 -29.82
C ASP E 94 -0.71 23.87 -30.39
N ALA E 95 -1.83 24.14 -31.06
CA ALA E 95 -2.68 23.06 -31.54
C ALA E 95 -1.97 22.22 -32.59
N GLY E 96 -1.28 22.86 -33.53
CA GLY E 96 -0.63 22.14 -34.62
C GLY E 96 0.49 21.23 -34.17
N SER E 97 1.09 21.49 -33.02
CA SER E 97 2.23 20.73 -32.58
C SER E 97 1.88 19.41 -31.91
N ILE E 98 0.60 19.16 -31.62
CA ILE E 98 0.23 18.03 -30.78
C ILE E 98 0.34 16.74 -31.56
N THR E 99 1.06 15.77 -31.01
CA THR E 99 1.06 14.42 -31.55
C THR E 99 0.70 13.43 -30.44
N ARG E 100 0.25 12.26 -30.88
CA ARG E 100 -0.13 11.19 -29.97
C ARG E 100 0.52 9.91 -30.46
N THR E 101 1.23 9.22 -29.57
CA THR E 101 2.02 8.04 -29.91
C THR E 101 1.79 6.88 -28.95
N ARG E 102 1.68 5.68 -29.49
CA ARG E 102 1.56 4.50 -28.64
C ARG E 102 2.26 3.37 -29.38
N ASP E 103 3.07 2.60 -28.69
CA ASP E 103 3.80 1.50 -29.32
C ASP E 103 4.69 1.99 -30.46
N GLY E 104 5.25 3.20 -30.34
CA GLY E 104 6.06 3.72 -31.40
C GLY E 104 5.33 4.13 -32.67
N ALA E 105 4.00 4.21 -32.67
CA ALA E 105 3.24 4.60 -33.85
C ALA E 105 2.36 5.80 -33.53
N GLU E 106 2.25 6.70 -34.49
CA GLU E 106 1.35 7.84 -34.32
C GLU E 106 -0.10 7.41 -34.50
N LEU E 107 -0.98 7.97 -33.66
CA LEU E 107 -2.41 7.75 -33.60
C LEU E 107 -3.14 9.06 -33.87
N PRO E 108 -4.31 9.00 -34.46
CA PRO E 108 -5.07 10.25 -34.64
C PRO E 108 -5.46 10.80 -33.28
N LEU E 109 -5.60 12.12 -33.22
CA LEU E 109 -6.09 12.78 -32.02
C LEU E 109 -7.59 12.54 -31.85
N ALA E 110 -7.98 12.02 -30.70
CA ALA E 110 -9.40 11.77 -30.44
C ALA E 110 -9.66 12.10 -28.98
N ALA E 111 -10.41 13.18 -28.72
CA ALA E 111 -10.70 13.56 -27.33
C ALA E 111 -11.36 12.42 -26.53
N LEU E 112 -12.24 11.64 -27.16
CA LEU E 112 -12.88 10.57 -26.40
C LEU E 112 -11.85 9.58 -25.85
N ASP E 113 -10.99 9.07 -26.73
CA ASP E 113 -9.92 8.19 -26.29
C ASP E 113 -9.06 8.90 -25.26
N PHE E 114 -8.85 10.20 -25.44
CA PHE E 114 -8.02 10.94 -24.51
C PHE E 114 -8.56 10.79 -23.10
N PHE E 115 -9.85 11.07 -22.93
CA PHE E 115 -10.40 11.02 -21.59
C PHE E 115 -10.41 9.61 -21.04
N ILE E 116 -10.60 8.59 -21.90
CA ILE E 116 -10.62 7.19 -21.44
C ILE E 116 -9.22 6.75 -21.00
N GLU E 117 -8.20 7.10 -21.80
CA GLU E 117 -6.81 6.80 -21.52
C GLU E 117 -6.36 7.45 -20.23
N LEU E 118 -6.97 8.59 -19.85
CA LEU E 118 -6.56 9.33 -18.67
C LEU E 118 -7.62 9.31 -17.57
N ARG E 119 -8.56 8.33 -17.61
CA ARG E 119 -9.71 8.34 -16.72
C ARG E 119 -9.28 8.37 -15.26
N HIS E 120 -8.17 7.69 -14.92
CA HIS E 120 -7.75 7.73 -13.52
C HIS E 120 -7.02 9.01 -13.15
N THR E 121 -6.16 9.53 -14.03
CA THR E 121 -5.46 10.77 -13.73
C THR E 121 -6.43 11.92 -13.54
N LEU E 122 -7.52 11.93 -14.33
CA LEU E 122 -8.46 13.04 -14.34
C LEU E 122 -9.57 12.84 -13.34
N GLY E 123 -9.56 11.73 -12.62
CA GLY E 123 -10.55 11.54 -11.58
C GLY E 123 -11.95 11.29 -12.07
N LEU E 124 -12.09 10.60 -13.20
CA LEU E 124 -13.37 10.30 -13.80
C LEU E 124 -13.83 8.93 -13.31
N SER E 125 -14.87 8.93 -12.47
CA SER E 125 -15.38 7.67 -11.99
C SER E 125 -16.08 6.92 -13.13
N ASP E 126 -16.31 5.62 -12.91
CA ASP E 126 -17.06 4.83 -13.89
C ASP E 126 -18.48 5.36 -14.06
N GLU E 127 -19.06 5.91 -13.00
CA GLU E 127 -20.42 6.44 -13.08
C GLU E 127 -20.48 7.72 -13.93
N ILE E 128 -19.45 8.56 -13.87
CA ILE E 128 -19.49 9.85 -14.55
C ILE E 128 -18.91 9.77 -15.95
N LEU E 129 -17.90 8.95 -16.16
CA LEU E 129 -17.20 8.97 -17.44
C LEU E 129 -18.12 8.92 -18.65
N PRO E 130 -19.09 8.01 -18.75
CA PRO E 130 -19.88 7.92 -20.00
C PRO E 130 -20.67 9.18 -20.28
N VAL E 131 -21.21 9.81 -19.23
CA VAL E 131 -21.98 11.04 -19.41
C VAL E 131 -21.05 12.18 -19.78
N TYR E 132 -19.89 12.24 -19.12
CA TYR E 132 -18.89 13.23 -19.48
C TYR E 132 -18.49 13.09 -20.94
N LEU E 133 -18.35 11.86 -21.43
CA LEU E 133 -18.03 11.67 -22.84
C LEU E 133 -19.16 12.18 -23.73
N GLU E 134 -20.41 12.02 -23.30
CA GLU E 134 -21.48 12.64 -24.10
C GLU E 134 -21.27 14.16 -24.18
N GLU E 135 -20.96 14.79 -23.06
CA GLU E 135 -20.75 16.23 -23.11
C GLU E 135 -19.58 16.61 -24.03
N ILE E 136 -18.51 15.82 -24.00
CA ILE E 136 -17.37 16.04 -24.90
C ILE E 136 -17.81 15.92 -26.37
N SER E 137 -18.56 14.85 -26.68
CA SER E 137 -19.07 14.66 -28.03
C SER E 137 -19.91 15.83 -28.49
N SER E 138 -20.79 16.34 -27.63
CA SER E 138 -21.63 17.47 -28.05
C SER E 138 -20.81 18.72 -28.23
N THR E 139 -19.83 18.97 -27.36
CA THR E 139 -18.94 20.12 -27.52
C THR E 139 -18.21 20.08 -28.86
N LEU E 140 -17.70 18.90 -29.24
CA LEU E 140 -17.08 18.69 -30.54
C LEU E 140 -18.08 18.90 -31.69
N SER E 141 -19.32 18.42 -31.53
CA SER E 141 -20.32 18.61 -32.58
C SER E 141 -20.63 20.08 -32.78
N GLY E 142 -20.67 20.81 -31.67
CA GLY E 142 -20.91 22.23 -31.73
C GLY E 142 -19.78 22.96 -32.44
N THR E 143 -18.53 22.55 -32.17
CA THR E 143 -17.38 23.11 -32.90
C THR E 143 -17.50 22.80 -34.39
N CYS E 144 -17.92 21.58 -34.75
CA CYS E 144 -18.15 21.28 -36.17
C CYS E 144 -19.20 22.22 -36.79
N TYR E 145 -20.34 22.40 -36.12
CA TYR E 145 -21.32 23.33 -36.67
C TYR E 145 -20.72 24.74 -36.79
N LYS E 146 -20.00 25.22 -35.78
CA LYS E 146 -19.42 26.57 -35.85
C LYS E 146 -18.39 26.70 -36.98
N LEU E 147 -17.66 25.63 -37.29
CA LEU E 147 -16.75 25.60 -38.45
C LEU E 147 -17.54 25.62 -39.76
N THR E 148 -18.81 25.25 -39.72
CA THR E 148 -19.65 25.39 -40.92
C THR E 148 -20.06 26.83 -41.24
N LYS E 149 -20.00 27.72 -40.26
CA LYS E 149 -20.55 29.07 -40.45
C LYS E 149 -19.59 29.91 -41.29
N PRO E 150 -20.09 30.96 -41.93
CA PRO E 150 -19.20 31.88 -42.63
C PRO E 150 -18.12 32.41 -41.69
N GLN E 151 -16.89 32.44 -42.19
CA GLN E 151 -15.80 33.04 -41.45
C GLN E 151 -16.05 34.53 -41.29
N VAL E 152 -15.79 35.05 -40.10
CA VAL E 152 -16.01 36.45 -39.79
C VAL E 152 -14.81 36.95 -39.02
N THR E 153 -14.30 38.12 -39.36
CA THR E 153 -13.21 38.71 -38.60
C THR E 153 -13.75 39.39 -37.34
N ALA E 154 -12.85 39.78 -36.44
CA ALA E 154 -13.28 40.58 -35.29
C ALA E 154 -13.97 41.86 -35.75
N ALA E 155 -13.42 42.53 -36.76
CA ALA E 155 -14.08 43.72 -37.31
C ALA E 155 -15.43 43.38 -37.90
N GLY E 156 -15.51 42.26 -38.63
CA GLY E 156 -16.79 41.82 -39.18
C GLY E 156 -17.84 41.58 -38.10
N LEU E 157 -17.42 41.01 -36.97
CA LEU E 157 -18.33 40.82 -35.85
C LEU E 157 -18.82 42.17 -35.31
N LEU E 158 -17.88 43.11 -35.09
CA LEU E 158 -18.27 44.42 -34.58
C LEU E 158 -19.24 45.10 -35.55
N GLU E 159 -19.04 44.92 -36.85
CA GLU E 159 -19.98 45.50 -37.80
C GLU E 159 -21.35 44.83 -37.71
N GLY E 160 -21.36 43.51 -37.53
CA GLY E 160 -22.64 42.82 -37.40
C GLY E 160 -23.46 43.32 -36.22
N GLY E 161 -22.80 43.61 -35.10
CA GLY E 161 -23.48 44.17 -33.96
C GLY E 161 -23.64 43.22 -32.78
N PHE E 162 -24.52 43.61 -31.85
CA PHE E 162 -24.60 42.96 -30.54
C PHE E 162 -24.89 41.47 -30.66
N GLN E 163 -25.88 41.11 -31.47
CA GLN E 163 -26.26 39.70 -31.55
C GLN E 163 -25.36 38.90 -32.49
N ALA E 164 -24.73 39.56 -33.47
CA ALA E 164 -23.72 38.89 -34.26
C ALA E 164 -22.53 38.53 -33.37
N LEU E 165 -22.19 39.42 -32.45
CA LEU E 165 -21.16 39.06 -31.49
C LEU E 165 -21.63 37.94 -30.56
N GLU E 166 -22.86 38.06 -30.05
CA GLU E 166 -23.38 37.08 -29.10
C GLU E 166 -23.38 35.68 -29.71
N SER E 167 -23.98 35.53 -30.88
CA SER E 167 -24.02 34.23 -31.53
C SER E 167 -22.74 33.87 -32.25
N GLY E 168 -21.79 34.79 -32.38
CA GLY E 168 -20.52 34.49 -33.00
C GLY E 168 -19.42 34.00 -32.06
N MET E 169 -19.62 34.08 -30.76
CA MET E 169 -18.65 33.50 -29.85
C MET E 169 -18.57 31.99 -30.08
N THR E 170 -17.34 31.48 -30.06
CA THR E 170 -17.06 30.08 -30.34
C THR E 170 -16.46 29.34 -29.17
N GLU E 171 -15.75 30.00 -28.28
CA GLU E 171 -15.03 29.23 -27.27
C GLU E 171 -15.93 28.72 -26.15
N GLY E 172 -16.88 29.53 -25.70
CA GLY E 172 -17.57 29.25 -24.47
C GLY E 172 -16.70 29.63 -23.30
N HIS E 173 -17.07 29.13 -22.12
CA HIS E 173 -16.28 29.39 -20.95
C HIS E 173 -14.83 28.97 -21.23
N PRO E 174 -13.83 29.82 -20.94
CA PRO E 174 -12.44 29.52 -21.38
C PRO E 174 -11.76 28.47 -20.52
N CYS E 175 -12.24 28.18 -19.33
CA CYS E 175 -11.59 27.18 -18.51
C CYS E 175 -12.16 25.77 -18.74
N PHE E 176 -13.49 25.64 -18.72
CA PHE E 176 -14.12 24.34 -18.74
C PHE E 176 -13.97 23.70 -20.12
N VAL E 177 -13.38 22.52 -20.15
CA VAL E 177 -13.23 21.78 -21.40
C VAL E 177 -14.58 21.25 -21.90
N ALA E 178 -15.33 20.58 -21.01
CA ALA E 178 -16.63 20.03 -21.38
C ALA E 178 -17.69 21.08 -21.09
N ASN E 179 -17.63 22.19 -21.85
CA ASN E 179 -18.42 23.37 -21.50
C ASN E 179 -19.69 23.54 -22.32
N ASN E 180 -19.88 22.80 -23.41
CA ASN E 180 -21.03 23.03 -24.29
C ASN E 180 -21.76 21.72 -24.54
N GLY E 181 -22.08 20.97 -23.51
CA GLY E 181 -22.77 19.71 -23.75
C GLY E 181 -24.22 19.87 -24.17
N ARG E 182 -24.96 20.73 -23.49
CA ARG E 182 -26.41 20.85 -23.79
C ARG E 182 -27.12 19.48 -23.86
N LEU E 183 -26.79 18.57 -22.95
CA LEU E 183 -27.31 17.21 -23.01
C LEU E 183 -28.81 17.21 -22.81
N GLY E 184 -29.52 16.63 -23.79
CA GLY E 184 -30.97 16.63 -23.81
C GLY E 184 -31.44 17.03 -25.19
N PHE E 185 -30.65 17.86 -25.89
CA PHE E 185 -30.96 18.24 -27.26
C PHE E 185 -30.68 17.08 -28.20
N GLY E 186 -31.68 16.68 -28.96
CA GLY E 186 -31.40 15.98 -30.20
C GLY E 186 -30.77 16.90 -31.22
N VAL E 187 -30.26 16.34 -32.32
CA VAL E 187 -29.53 17.15 -33.30
C VAL E 187 -30.46 18.18 -33.94
N ASP E 188 -31.71 17.80 -34.22
CA ASP E 188 -32.67 18.78 -34.73
C ASP E 188 -32.93 19.91 -33.75
N GLU E 189 -33.06 19.57 -32.45
CA GLU E 189 -33.25 20.55 -31.39
C GLU E 189 -32.01 21.40 -31.20
N TYR E 190 -30.82 20.79 -31.33
CA TYR E 190 -29.57 21.56 -31.35
C TYR E 190 -29.61 22.62 -32.45
N LEU E 191 -29.98 22.21 -33.66
CA LEU E 191 -30.01 23.14 -34.79
C LEU E 191 -31.01 24.25 -34.55
N ALA E 192 -32.13 23.93 -33.89
CA ALA E 192 -33.14 24.96 -33.64
C ALA E 192 -32.76 25.92 -32.52
N TYR E 193 -32.08 25.44 -31.45
CA TYR E 193 -32.03 26.16 -30.18
C TYR E 193 -30.65 26.58 -29.72
N ALA E 194 -29.57 26.07 -30.31
CA ALA E 194 -28.24 26.45 -29.84
C ALA E 194 -27.99 27.92 -30.15
N PRO E 195 -27.41 28.70 -29.23
CA PRO E 195 -27.20 30.13 -29.52
C PRO E 195 -26.27 30.39 -30.72
N GLU E 196 -25.28 29.53 -30.96
CA GLU E 196 -24.39 29.71 -32.10
C GLU E 196 -25.07 29.45 -33.45
N THR E 197 -26.27 28.84 -33.49
CA THR E 197 -26.97 28.75 -34.75
C THR E 197 -27.79 30.01 -35.03
N ALA E 198 -28.12 30.80 -34.01
CA ALA E 198 -28.82 32.06 -34.22
C ALA E 198 -30.14 31.88 -34.99
N HIS E 199 -30.83 30.76 -34.76
CA HIS E 199 -32.13 30.60 -35.42
C HIS E 199 -33.24 31.22 -34.56
N PRO E 200 -34.14 32.00 -35.17
CA PRO E 200 -35.23 32.61 -34.40
C PRO E 200 -36.04 31.56 -33.67
N VAL E 201 -36.46 31.88 -32.45
CA VAL E 201 -37.25 30.99 -31.62
C VAL E 201 -38.51 31.73 -31.19
N ARG E 202 -39.64 31.02 -31.24
CA ARG E 202 -40.89 31.52 -30.66
C ARG E 202 -41.17 30.84 -29.31
N LEU E 203 -41.40 31.64 -28.28
CA LEU E 203 -41.67 31.06 -26.96
C LEU E 203 -43.08 30.48 -26.90
N VAL E 204 -43.25 29.49 -26.04
CA VAL E 204 -44.56 28.90 -25.79
C VAL E 204 -45.14 29.56 -24.55
N TRP E 205 -46.40 29.98 -24.60
CA TRP E 205 -47.03 30.66 -23.47
C TRP E 205 -48.06 29.75 -22.84
N LEU E 206 -48.01 29.65 -21.52
CA LEU E 206 -48.95 28.89 -20.73
C LEU E 206 -49.73 29.82 -19.80
N ALA E 207 -51.00 29.47 -19.56
CA ALA E 207 -51.79 30.02 -18.46
C ALA E 207 -51.69 29.06 -17.29
N ALA E 208 -51.31 29.60 -16.14
CA ALA E 208 -51.04 28.82 -14.92
C ALA E 208 -51.98 29.28 -13.82
N HIS E 209 -52.70 28.34 -13.25
CA HIS E 209 -53.70 28.67 -12.25
C HIS E 209 -53.03 29.28 -11.01
N ARG E 210 -53.70 30.28 -10.41
CA ARG E 210 -53.11 31.02 -9.30
C ARG E 210 -53.07 30.23 -8.00
N SER E 211 -53.75 29.09 -7.94
CA SER E 211 -53.56 28.19 -6.82
C SER E 211 -52.19 27.54 -6.81
N ARG E 212 -51.47 27.54 -7.95
CA ARG E 212 -50.14 26.95 -8.00
C ARG E 212 -49.06 27.95 -8.45
N ALA E 213 -49.44 29.03 -9.12
CA ALA E 213 -48.50 29.95 -9.75
C ALA E 213 -48.53 31.31 -9.07
N ALA E 214 -47.36 31.94 -8.96
CA ALA E 214 -47.22 33.27 -8.40
C ALA E 214 -46.38 34.16 -9.32
N PHE E 215 -46.88 35.38 -9.50
CA PHE E 215 -46.19 36.44 -10.22
C PHE E 215 -45.61 37.41 -9.20
N THR E 216 -44.32 37.65 -9.28
CA THR E 216 -43.64 38.59 -8.42
C THR E 216 -43.18 39.76 -9.26
N ALA E 217 -43.56 40.97 -8.86
CA ALA E 217 -43.29 42.20 -9.60
C ALA E 217 -42.20 42.97 -8.85
N GLY E 218 -41.18 43.42 -9.57
CA GLY E 218 -40.20 44.32 -9.00
C GLY E 218 -40.80 45.70 -8.82
N ALA E 219 -40.03 46.57 -8.15
CA ALA E 219 -40.46 47.94 -7.89
C ALA E 219 -40.83 48.60 -9.21
N GLY E 220 -42.02 49.18 -9.27
CA GLY E 220 -42.50 49.87 -10.45
C GLY E 220 -43.23 49.02 -11.45
N ILE E 221 -43.34 47.71 -11.22
CA ILE E 221 -43.97 46.79 -12.16
C ILE E 221 -45.39 46.52 -11.70
N ASP E 222 -46.29 46.43 -12.67
CA ASP E 222 -47.69 46.11 -12.49
C ASP E 222 -48.03 44.98 -13.47
N TYR E 223 -48.65 43.92 -12.98
CA TYR E 223 -48.82 42.73 -13.81
C TYR E 223 -49.56 43.04 -15.11
N ALA E 224 -50.73 43.67 -15.02
CA ALA E 224 -51.53 43.89 -16.22
C ALA E 224 -50.79 44.75 -17.24
N SER E 225 -50.25 45.88 -16.82
CA SER E 225 -49.56 46.74 -17.78
C SER E 225 -48.27 46.07 -18.26
N PHE E 226 -47.59 45.33 -17.38
CA PHE E 226 -46.38 44.63 -17.79
C PHE E 226 -46.67 43.65 -18.91
N VAL E 227 -47.73 42.86 -18.77
CA VAL E 227 -48.11 41.90 -19.79
C VAL E 227 -48.57 42.61 -21.07
N ARG E 228 -49.28 43.74 -20.93
CA ARG E 228 -49.70 44.48 -22.11
C ARG E 228 -48.50 44.99 -22.89
N GLN E 229 -47.49 45.53 -22.19
CA GLN E 229 -46.29 46.03 -22.86
C GLN E 229 -45.49 44.90 -23.49
N GLU E 230 -45.41 43.74 -22.84
CA GLU E 230 -44.60 42.66 -23.39
C GLU E 230 -45.27 41.96 -24.56
N LEU E 231 -46.58 41.76 -24.52
CA LEU E 231 -47.27 40.98 -25.54
C LEU E 231 -48.11 41.80 -26.52
N GLY E 232 -48.61 42.96 -26.12
CA GLY E 232 -49.55 43.69 -26.97
C GLY E 232 -51.00 43.32 -26.69
N GLU E 233 -51.89 44.31 -26.85
CA GLU E 233 -53.29 44.14 -26.47
C GLU E 233 -53.94 43.03 -27.28
N GLU E 234 -53.59 42.90 -28.56
CA GLU E 234 -54.22 41.89 -29.40
C GLU E 234 -53.89 40.47 -28.92
N THR E 235 -52.60 40.19 -28.67
CA THR E 235 -52.20 38.86 -28.22
C THR E 235 -52.78 38.55 -26.85
N VAL E 236 -52.78 39.54 -25.94
CA VAL E 236 -53.40 39.33 -24.63
C VAL E 236 -54.87 38.97 -24.79
N GLU E 237 -55.58 39.64 -25.71
CA GLU E 237 -56.99 39.34 -25.92
C GLU E 237 -57.17 37.93 -26.51
N ARG E 238 -56.30 37.52 -27.42
CA ARG E 238 -56.35 36.16 -27.96
C ARG E 238 -56.16 35.11 -26.86
N PHE E 239 -55.18 35.32 -25.97
CA PHE E 239 -54.97 34.37 -24.87
C PHE E 239 -56.17 34.35 -23.93
N ASP E 240 -56.70 35.52 -23.62
CA ASP E 240 -57.92 35.60 -22.84
C ASP E 240 -59.03 34.76 -23.49
N GLY E 241 -59.13 34.84 -24.81
CA GLY E 241 -60.17 34.10 -25.50
C GLY E 241 -59.96 32.61 -25.51
N VAL E 242 -58.71 32.15 -25.57
CA VAL E 242 -58.46 30.72 -25.40
C VAL E 242 -58.99 30.25 -24.04
N LEU E 243 -58.65 30.99 -22.98
CA LEU E 243 -59.11 30.58 -21.66
C LEU E 243 -60.65 30.60 -21.57
N ARG E 244 -61.28 31.66 -22.08
CA ARG E 244 -62.74 31.73 -22.05
C ARG E 244 -63.36 30.64 -22.91
N GLY E 245 -62.75 30.32 -24.05
CA GLY E 245 -63.25 29.23 -24.87
C GLY E 245 -63.26 27.92 -24.12
N ARG E 246 -62.36 27.77 -23.15
CA ARG E 246 -62.40 26.57 -22.32
C ARG E 246 -63.32 26.73 -21.11
N GLY E 247 -64.12 27.80 -21.03
CA GLY E 247 -64.98 27.97 -19.88
C GLY E 247 -64.28 28.38 -18.60
N LEU E 248 -63.15 29.05 -18.70
CA LEU E 248 -62.31 29.40 -17.57
C LEU E 248 -62.29 30.91 -17.39
N ASP E 249 -62.06 31.34 -16.16
CA ASP E 249 -61.96 32.75 -15.85
C ASP E 249 -60.50 33.21 -15.98
N PRO E 250 -60.21 34.12 -16.91
CA PRO E 250 -58.81 34.53 -17.08
C PRO E 250 -58.21 35.16 -15.84
N ALA E 251 -59.04 35.72 -14.95
CA ALA E 251 -58.54 36.33 -13.73
C ALA E 251 -57.95 35.28 -12.79
N ASP E 252 -58.27 34.00 -12.98
CA ASP E 252 -57.69 32.96 -12.12
C ASP E 252 -56.30 32.50 -12.58
N TYR E 253 -55.75 33.06 -13.66
CA TYR E 253 -54.55 32.53 -14.30
C TYR E 253 -53.49 33.61 -14.47
N LEU E 254 -52.24 33.17 -14.57
CA LEU E 254 -51.10 34.01 -14.82
C LEU E 254 -50.37 33.50 -16.05
N LEU E 255 -49.60 34.36 -16.71
CA LEU E 255 -48.85 33.93 -17.90
C LEU E 255 -47.44 33.46 -17.54
N ILE E 256 -47.04 32.33 -18.14
CA ILE E 256 -45.68 31.84 -18.02
C ILE E 256 -45.17 31.51 -19.40
N PRO E 257 -44.08 32.14 -19.86
CA PRO E 257 -43.42 31.72 -21.10
C PRO E 257 -42.47 30.57 -20.83
N VAL E 258 -42.38 29.64 -21.78
CA VAL E 258 -41.55 28.44 -21.65
C VAL E 258 -40.75 28.22 -22.93
N HIS E 259 -39.58 27.65 -22.73
CA HIS E 259 -38.77 27.21 -23.83
C HIS E 259 -39.51 26.09 -24.56
N PRO E 260 -39.62 26.16 -25.88
CA PRO E 260 -40.35 25.08 -26.56
C PRO E 260 -39.78 23.68 -26.24
N TRP E 261 -38.46 23.54 -26.09
CA TRP E 261 -37.91 22.23 -25.72
C TRP E 261 -38.53 21.74 -24.43
N GLN E 262 -38.62 22.62 -23.42
CA GLN E 262 -39.19 22.28 -22.11
C GLN E 262 -40.64 21.88 -22.22
N TRP E 263 -41.41 22.60 -23.04
CA TRP E 263 -42.81 22.24 -23.20
C TRP E 263 -42.95 20.88 -23.88
N TRP E 264 -42.32 20.73 -25.05
CA TRP E 264 -42.53 19.54 -25.83
C TRP E 264 -41.97 18.31 -25.17
N ASN E 265 -40.89 18.44 -24.41
CA ASN E 265 -40.24 17.26 -23.87
C ASN E 265 -40.48 17.04 -22.39
N LYS E 266 -40.79 18.07 -21.60
CA LYS E 266 -40.95 17.91 -20.16
C LYS E 266 -42.34 18.28 -19.66
N LEU E 267 -42.84 19.49 -19.93
CA LEU E 267 -44.06 19.95 -19.28
C LEU E 267 -45.27 19.19 -19.78
N SER E 268 -45.35 18.93 -21.08
CA SER E 268 -46.48 18.23 -21.64
C SER E 268 -46.53 16.77 -21.21
N VAL E 269 -45.47 16.25 -20.62
CA VAL E 269 -45.37 14.84 -20.28
C VAL E 269 -45.25 14.70 -18.78
N THR E 270 -44.16 15.23 -18.20
CA THR E 270 -43.97 15.17 -16.75
C THR E 270 -45.11 15.88 -16.01
N PHE E 271 -45.59 17.00 -16.54
CA PHE E 271 -46.70 17.72 -15.91
C PHE E 271 -48.02 17.45 -16.61
N ALA E 272 -48.19 16.26 -17.19
CA ALA E 272 -49.43 15.99 -17.93
C ALA E 272 -50.66 16.19 -17.06
N ALA E 273 -50.61 15.79 -15.78
CA ALA E 273 -51.76 16.02 -14.90
C ALA E 273 -52.13 17.50 -14.77
N GLU E 274 -51.13 18.39 -14.77
CA GLU E 274 -51.48 19.79 -14.61
C GLU E 274 -52.16 20.29 -15.87
N VAL E 275 -51.72 19.83 -17.03
CA VAL E 275 -52.34 20.24 -18.27
C VAL E 275 -53.76 19.68 -18.35
N ALA E 276 -53.92 18.40 -18.03
CA ALA E 276 -55.24 17.76 -18.16
C ALA E 276 -56.24 18.43 -17.22
N ARG E 277 -55.84 18.72 -15.99
CA ARG E 277 -56.76 19.31 -15.03
C ARG E 277 -56.91 20.82 -15.22
N GLN E 278 -56.20 21.42 -16.19
CA GLN E 278 -56.32 22.84 -16.50
C GLN E 278 -55.69 23.71 -15.42
N ASN E 279 -54.80 23.15 -14.60
CA ASN E 279 -53.87 24.00 -13.87
C ASN E 279 -52.90 24.68 -14.81
N LEU E 280 -52.63 24.06 -15.96
CA LEU E 280 -51.85 24.65 -17.03
C LEU E 280 -52.63 24.55 -18.33
N VAL E 281 -52.62 25.66 -19.08
CA VAL E 281 -53.30 25.71 -20.36
C VAL E 281 -52.35 26.26 -21.41
N CYS E 282 -52.15 25.49 -22.46
CA CYS E 282 -51.27 25.90 -23.54
C CYS E 282 -51.98 26.98 -24.37
N LEU E 283 -51.42 28.18 -24.37
CA LEU E 283 -51.99 29.28 -25.15
C LEU E 283 -51.48 29.33 -26.57
N GLY E 284 -50.30 28.85 -26.86
CA GLY E 284 -49.71 28.91 -28.17
C GLY E 284 -48.42 29.71 -28.16
N GLU E 285 -47.98 30.09 -29.34
CA GLU E 285 -46.72 30.76 -29.53
C GLU E 285 -46.85 32.27 -29.40
N SER E 286 -45.72 32.90 -29.07
CA SER E 286 -45.56 34.35 -29.09
C SER E 286 -45.47 34.84 -30.53
N ASP E 287 -45.83 36.11 -30.74
CA ASP E 287 -45.65 36.70 -32.05
C ASP E 287 -44.20 37.13 -32.26
N ASP E 288 -43.54 37.67 -31.24
CA ASP E 288 -42.16 38.11 -31.38
C ASP E 288 -41.22 36.91 -31.59
N GLU E 289 -40.13 37.17 -32.30
CA GLU E 289 -39.07 36.19 -32.50
C GLU E 289 -37.89 36.44 -31.56
N TYR E 290 -37.38 35.35 -30.97
CA TYR E 290 -36.35 35.45 -29.95
C TYR E 290 -35.09 34.73 -30.39
N LEU E 291 -33.98 35.19 -29.84
CA LEU E 291 -32.67 34.63 -30.12
C LEU E 291 -32.09 34.11 -28.83
N ALA E 292 -31.69 32.84 -28.82
CA ALA E 292 -31.02 32.25 -27.66
C ALA E 292 -29.66 32.94 -27.47
N GLN E 293 -29.37 33.34 -26.23
CA GLN E 293 -28.11 33.96 -25.85
C GLN E 293 -27.12 32.88 -25.41
N GLN E 294 -25.93 33.31 -24.98
CA GLN E 294 -24.87 32.34 -24.68
C GLN E 294 -25.26 31.40 -23.57
N SER E 295 -26.16 31.81 -22.67
CA SER E 295 -26.63 30.96 -21.57
C SER E 295 -27.62 29.90 -22.05
N ILE E 296 -28.01 29.93 -23.34
CA ILE E 296 -28.91 28.97 -24.00
C ILE E 296 -30.37 29.19 -23.59
N ARG E 297 -30.60 29.31 -22.30
CA ARG E 297 -31.95 29.33 -21.78
C ARG E 297 -32.53 30.73 -21.68
N THR E 298 -31.71 31.77 -21.92
CA THR E 298 -32.16 33.15 -21.89
C THR E 298 -32.27 33.67 -23.31
N PHE E 299 -33.37 34.40 -23.59
CA PHE E 299 -33.71 34.84 -24.94
C PHE E 299 -33.77 36.36 -25.07
N PHE E 300 -33.09 36.88 -26.10
CA PHE E 300 -33.14 38.28 -26.47
C PHE E 300 -34.29 38.43 -27.45
N ASN E 301 -35.06 39.51 -27.32
CA ASN E 301 -36.19 39.74 -28.24
C ASN E 301 -35.67 40.44 -29.49
N ALA E 302 -35.58 39.69 -30.61
CA ALA E 302 -35.03 40.24 -31.86
C ALA E 302 -36.03 41.15 -32.57
N THR E 303 -37.31 40.84 -32.48
CA THR E 303 -38.31 41.71 -33.07
C THR E 303 -38.35 43.08 -32.39
N HIS E 304 -38.20 43.10 -31.08
CA HIS E 304 -38.25 44.35 -30.32
C HIS E 304 -37.12 44.30 -29.31
N PRO E 305 -35.92 44.72 -29.70
CA PRO E 305 -34.77 44.64 -28.77
C PRO E 305 -34.97 45.40 -27.48
N GLU E 306 -35.91 46.36 -27.43
CA GLU E 306 -36.14 47.14 -26.22
C GLU E 306 -36.95 46.36 -25.19
N LYS E 307 -37.66 45.34 -25.61
CA LYS E 307 -38.38 44.52 -24.66
C LYS E 307 -37.44 43.64 -23.82
N HIS E 308 -38.02 43.00 -22.81
CA HIS E 308 -37.20 42.29 -21.83
C HIS E 308 -36.61 41.02 -22.43
N TYR E 309 -35.46 40.62 -21.89
CA TYR E 309 -35.03 39.23 -22.02
C TYR E 309 -36.03 38.36 -21.31
N VAL E 310 -36.24 37.14 -21.82
CA VAL E 310 -36.98 36.10 -21.13
C VAL E 310 -36.02 34.99 -20.78
N LYS E 311 -35.82 34.75 -19.48
CA LYS E 311 -35.03 33.64 -18.99
C LYS E 311 -35.95 32.49 -18.60
N THR E 312 -35.76 31.32 -19.23
CA THR E 312 -36.66 30.17 -19.10
C THR E 312 -36.01 29.00 -18.37
N ALA E 313 -36.84 28.10 -17.86
CA ALA E 313 -36.36 26.86 -17.26
C ALA E 313 -36.06 25.86 -18.38
N LEU E 314 -34.84 25.29 -18.38
CA LEU E 314 -34.42 24.33 -19.41
C LEU E 314 -33.70 23.17 -18.73
N SER E 315 -34.39 22.04 -18.67
CA SER E 315 -33.89 20.89 -17.93
C SER E 315 -32.97 20.06 -18.81
N VAL E 316 -31.93 20.75 -19.30
CA VAL E 316 -30.81 20.14 -20.00
C VAL E 316 -29.59 20.35 -19.12
N LEU E 317 -28.59 19.47 -19.27
CA LEU E 317 -27.33 19.54 -18.55
C LEU E 317 -26.33 20.40 -19.33
N ASN E 318 -25.76 21.40 -18.68
CA ASN E 318 -24.69 22.14 -19.34
C ASN E 318 -23.73 22.69 -18.31
N MET E 319 -22.46 22.33 -18.48
CA MET E 319 -21.32 22.89 -17.76
C MET E 319 -21.54 22.85 -16.24
N GLY E 320 -21.87 21.67 -15.76
CA GLY E 320 -21.90 21.34 -14.35
C GLY E 320 -23.23 21.51 -13.65
N PHE E 321 -24.26 22.04 -14.32
CA PHE E 321 -25.57 22.19 -13.69
C PHE E 321 -26.68 21.91 -14.69
N MET E 322 -27.78 21.30 -14.22
CA MET E 322 -29.04 21.31 -14.96
C MET E 322 -29.55 22.76 -15.00
N ARG E 323 -30.14 23.20 -16.12
CA ARG E 323 -30.44 24.60 -16.30
C ARG E 323 -31.91 24.90 -16.08
N GLY E 324 -32.55 24.16 -15.20
CA GLY E 324 -33.88 24.52 -14.78
C GLY E 324 -33.84 25.80 -13.95
N LEU E 325 -35.02 26.24 -13.52
CA LEU E 325 -35.14 27.50 -12.79
C LEU E 325 -36.12 27.29 -11.64
N SER E 326 -35.66 27.66 -10.44
CA SER E 326 -36.40 27.38 -9.22
C SER E 326 -37.63 28.27 -9.06
N ALA E 327 -38.80 27.65 -8.94
CA ALA E 327 -40.02 28.42 -8.73
C ALA E 327 -40.00 29.13 -7.39
N ALA E 328 -39.48 28.46 -6.36
CA ALA E 328 -39.51 29.06 -5.03
C ALA E 328 -38.67 30.32 -4.99
N TYR E 329 -37.53 30.33 -5.66
CA TYR E 329 -36.65 31.48 -5.65
C TYR E 329 -37.16 32.69 -6.48
N MET E 330 -38.08 32.50 -7.42
CA MET E 330 -38.56 33.65 -8.17
C MET E 330 -39.12 34.65 -7.18
N GLU E 331 -39.65 34.16 -6.05
CA GLU E 331 -40.35 35.08 -5.14
C GLU E 331 -39.40 36.15 -4.62
N ALA E 332 -38.13 35.86 -4.51
CA ALA E 332 -37.20 36.80 -3.97
C ALA E 332 -36.39 37.56 -5.00
N THR E 333 -36.55 37.22 -6.28
CA THR E 333 -35.59 37.69 -7.27
C THR E 333 -35.72 39.17 -7.59
N PRO E 334 -36.90 39.69 -7.94
CA PRO E 334 -36.95 41.15 -8.28
C PRO E 334 -36.50 42.05 -7.13
N ALA E 335 -36.93 41.75 -5.90
CA ALA E 335 -36.58 42.60 -4.77
C ALA E 335 -35.06 42.75 -4.63
N ILE E 336 -34.33 41.64 -4.73
CA ILE E 336 -32.87 41.72 -4.63
C ILE E 336 -32.32 42.66 -5.69
N ASN E 337 -32.77 42.54 -6.93
CA ASN E 337 -32.30 43.47 -7.95
C ASN E 337 -32.60 44.91 -7.52
N ASP E 338 -33.84 45.17 -7.08
CA ASP E 338 -34.19 46.52 -6.61
C ASP E 338 -33.22 46.97 -5.54
N TRP E 339 -32.92 46.09 -4.58
CA TRP E 339 -31.99 46.46 -3.52
C TRP E 339 -30.65 46.86 -4.12
N LEU E 340 -30.09 45.98 -4.95
CA LEU E 340 -28.76 46.26 -5.48
C LEU E 340 -28.80 47.53 -6.33
N ASP E 341 -29.89 47.71 -7.08
CA ASP E 341 -30.00 48.88 -7.93
C ASP E 341 -29.92 50.15 -7.10
N ARG E 342 -30.56 50.14 -5.92
CA ARG E 342 -30.50 51.30 -5.04
C ARG E 342 -29.08 51.50 -4.52
N LEU E 343 -28.43 50.40 -4.12
CA LEU E 343 -27.06 50.48 -3.61
C LEU E 343 -26.14 51.11 -4.63
N ILE E 344 -26.21 50.66 -5.88
CA ILE E 344 -25.39 51.25 -6.93
C ILE E 344 -25.69 52.73 -7.06
N ASP E 345 -26.97 53.10 -6.97
CA ASP E 345 -27.37 54.47 -7.28
C ASP E 345 -26.98 55.43 -6.17
N ASN E 346 -26.88 54.94 -4.94
CA ASN E 346 -26.56 55.75 -3.77
C ASN E 346 -25.10 55.75 -3.42
N ASP E 347 -24.23 55.14 -4.25
CA ASP E 347 -22.81 55.10 -3.95
C ASP E 347 -22.05 55.91 -4.99
N PRO E 348 -21.39 57.02 -4.62
CA PRO E 348 -20.72 57.86 -5.63
C PRO E 348 -19.54 57.18 -6.30
N VAL E 349 -18.81 56.31 -5.59
CA VAL E 349 -17.72 55.57 -6.24
C VAL E 349 -18.28 54.73 -7.38
N LEU E 350 -19.35 53.98 -7.12
CA LEU E 350 -19.97 53.18 -8.18
C LEU E 350 -20.61 54.06 -9.25
N LYS E 351 -21.15 55.21 -8.86
CA LYS E 351 -21.76 56.09 -9.86
C LYS E 351 -20.73 56.63 -10.83
N SER E 352 -19.52 56.96 -10.33
CA SER E 352 -18.47 57.52 -11.19
C SER E 352 -17.95 56.49 -12.19
N THR E 353 -18.09 55.19 -11.90
CA THR E 353 -17.68 54.17 -12.84
C THR E 353 -18.72 53.93 -13.94
N GLY E 354 -19.90 54.52 -13.82
CA GLY E 354 -20.95 54.28 -14.79
C GLY E 354 -21.62 52.92 -14.67
N LEU E 355 -21.29 52.16 -13.63
CA LEU E 355 -21.82 50.81 -13.49
C LEU E 355 -23.35 50.83 -13.52
N SER E 356 -23.92 49.82 -14.15
CA SER E 356 -25.34 49.52 -14.03
C SER E 356 -25.53 48.02 -14.05
N ILE E 357 -26.71 47.57 -13.58
CA ILE E 357 -27.18 46.20 -13.77
C ILE E 357 -28.38 46.28 -14.69
N ILE E 358 -28.60 45.24 -15.50
CA ILE E 358 -29.89 45.07 -16.15
C ILE E 358 -30.71 44.20 -15.21
N ARG E 359 -31.71 44.81 -14.59
CA ARG E 359 -32.42 44.14 -13.51
C ARG E 359 -33.29 42.98 -14.00
N GLU E 360 -33.38 41.96 -13.16
CA GLU E 360 -34.47 40.98 -13.25
C GLU E 360 -35.69 41.68 -12.64
N ARG E 361 -36.60 42.08 -13.51
CA ARG E 361 -37.70 42.98 -13.16
C ARG E 361 -38.97 42.26 -12.69
N ALA E 362 -39.23 41.06 -13.18
CA ALA E 362 -40.42 40.31 -12.84
C ALA E 362 -40.08 38.84 -12.96
N ALA E 363 -40.82 38.02 -12.22
CA ALA E 363 -40.56 36.59 -12.20
C ALA E 363 -41.87 35.87 -11.96
N VAL E 364 -41.96 34.65 -12.45
CA VAL E 364 -43.17 33.87 -12.27
C VAL E 364 -42.75 32.44 -11.99
N GLY E 365 -43.42 31.82 -11.02
CA GLY E 365 -43.11 30.46 -10.63
C GLY E 365 -44.34 29.59 -10.50
N TYR E 366 -44.16 28.31 -10.85
CA TYR E 366 -45.19 27.30 -10.72
C TYR E 366 -44.78 26.27 -9.67
N ARG E 367 -45.60 26.10 -8.65
CA ARG E 367 -45.31 25.20 -7.54
C ARG E 367 -46.05 23.90 -7.78
N HIS E 368 -45.31 22.87 -8.18
CA HIS E 368 -45.90 21.55 -8.40
C HIS E 368 -46.02 20.85 -7.05
N LEU E 369 -47.25 20.83 -6.49
CA LEU E 369 -47.45 20.38 -5.12
C LEU E 369 -47.07 18.91 -4.92
N GLU E 370 -47.40 18.04 -5.89
CA GLU E 370 -47.08 16.62 -5.76
C GLU E 370 -45.59 16.36 -5.85
N TYR E 371 -44.89 16.98 -6.79
CA TYR E 371 -43.46 16.76 -6.84
C TYR E 371 -42.74 17.38 -5.65
N GLU E 372 -43.24 18.50 -5.13
CA GLU E 372 -42.70 19.01 -3.87
C GLU E 372 -42.87 17.99 -2.74
N ALA E 373 -44.04 17.36 -2.66
CA ALA E 373 -44.24 16.32 -1.67
C ALA E 373 -43.33 15.13 -1.91
N ALA E 374 -42.94 14.90 -3.17
CA ALA E 374 -42.18 13.69 -3.54
C ALA E 374 -40.67 13.89 -3.57
N THR E 375 -40.17 15.10 -3.38
CA THR E 375 -38.76 15.38 -3.56
C THR E 375 -38.26 16.22 -2.39
N ASP E 376 -36.97 16.53 -2.40
CA ASP E 376 -36.37 17.44 -1.45
C ASP E 376 -36.16 18.80 -2.11
N ARG E 377 -35.71 19.76 -1.28
CA ARG E 377 -35.74 21.17 -1.65
C ARG E 377 -34.88 21.45 -2.87
N TYR E 378 -33.89 20.62 -3.17
CA TYR E 378 -32.94 20.89 -4.24
C TYR E 378 -33.20 20.08 -5.51
N SER E 379 -34.30 19.34 -5.58
CA SER E 379 -34.54 18.47 -6.70
C SER E 379 -34.68 19.23 -8.02
N PRO E 380 -34.22 18.64 -9.12
CA PRO E 380 -34.54 19.23 -10.43
C PRO E 380 -36.03 19.21 -10.78
N TYR E 381 -36.83 18.34 -10.16
CA TYR E 381 -38.27 18.35 -10.41
C TYR E 381 -38.96 19.60 -9.88
N ARG E 382 -38.34 20.36 -8.97
CA ARG E 382 -38.90 21.63 -8.51
C ARG E 382 -38.43 22.82 -9.34
N LYS E 383 -37.70 22.57 -10.44
CA LYS E 383 -37.04 23.60 -11.23
C LYS E 383 -37.45 23.52 -12.70
N MET E 384 -38.60 22.96 -12.99
CA MET E 384 -38.99 22.70 -14.36
C MET E 384 -39.89 23.79 -14.94
N LEU E 385 -40.47 24.65 -14.13
CA LEU E 385 -41.43 25.62 -14.66
C LEU E 385 -41.31 26.90 -13.85
N ALA E 386 -40.61 27.87 -14.41
CA ALA E 386 -40.49 29.20 -13.83
C ALA E 386 -39.87 30.04 -14.92
N ALA E 387 -39.99 31.36 -14.80
CA ALA E 387 -39.39 32.25 -15.79
C ALA E 387 -39.17 33.61 -15.15
N LEU E 388 -38.23 34.38 -15.69
CA LEU E 388 -38.09 35.75 -15.26
C LEU E 388 -37.81 36.62 -16.48
N TRP E 389 -38.06 37.91 -16.31
CA TRP E 389 -37.88 38.92 -17.34
C TRP E 389 -36.77 39.87 -16.89
N ARG E 390 -35.84 40.15 -17.77
CA ARG E 390 -34.68 40.98 -17.46
C ARG E 390 -34.68 42.20 -18.37
N GLU E 391 -34.41 43.37 -17.79
CA GLU E 391 -34.31 44.60 -18.57
C GLU E 391 -33.39 44.43 -19.79
N SER E 392 -33.77 44.98 -20.93
CA SER E 392 -32.86 45.08 -22.07
C SER E 392 -31.87 46.23 -21.87
N PRO E 393 -30.60 46.06 -22.29
CA PRO E 393 -29.64 47.18 -22.18
C PRO E 393 -29.68 48.17 -23.32
N VAL E 394 -30.46 47.88 -24.37
CA VAL E 394 -30.47 48.70 -25.56
C VAL E 394 -31.05 50.09 -25.29
N PRO E 395 -32.17 50.22 -24.58
CA PRO E 395 -32.77 51.57 -24.42
C PRO E 395 -31.81 52.60 -23.84
N ALA E 396 -30.89 52.19 -22.98
CA ALA E 396 -30.00 53.13 -22.33
C ALA E 396 -28.86 53.60 -23.23
N LEU E 397 -28.78 53.08 -24.46
CA LEU E 397 -27.69 53.45 -25.35
C LEU E 397 -27.78 54.91 -25.75
N ARG E 398 -26.66 55.62 -25.70
CA ARG E 398 -26.58 56.99 -26.16
C ARG E 398 -26.02 56.99 -27.58
N ASP E 399 -25.91 58.18 -28.16
CA ASP E 399 -25.44 58.30 -29.55
C ASP E 399 -24.00 57.77 -29.69
N GLY E 400 -23.79 56.95 -30.73
CA GLY E 400 -22.49 56.36 -30.97
C GLY E 400 -22.10 55.17 -30.12
N GLU E 401 -22.97 54.72 -29.21
CA GLU E 401 -22.65 53.61 -28.33
C GLU E 401 -23.18 52.29 -28.89
N SER E 402 -22.43 51.23 -28.66
CA SER E 402 -22.82 49.89 -29.07
C SER E 402 -22.54 48.93 -27.92
N LEU E 403 -23.05 47.70 -28.05
CA LEU E 403 -22.98 46.70 -26.99
C LEU E 403 -22.20 45.48 -27.43
N THR E 404 -21.44 44.92 -26.49
CA THR E 404 -20.85 43.59 -26.74
C THR E 404 -20.76 42.79 -25.45
N THR E 405 -20.96 41.47 -25.55
CA THR E 405 -20.64 40.60 -24.42
C THR E 405 -19.16 40.71 -24.11
N MET E 406 -18.81 40.73 -22.82
CA MET E 406 -17.39 40.83 -22.49
C MET E 406 -16.59 39.62 -22.99
N ALA E 407 -17.24 38.48 -23.20
CA ALA E 407 -16.56 37.30 -23.72
C ALA E 407 -15.86 37.61 -25.05
N ALA E 408 -16.39 38.61 -25.79
CA ALA E 408 -15.83 38.95 -27.09
C ALA E 408 -14.38 39.36 -26.94
N LEU E 409 -14.01 39.91 -25.78
CA LEU E 409 -12.65 40.38 -25.62
C LEU E 409 -11.66 39.24 -25.79
N VAL E 410 -12.03 38.01 -25.43
CA VAL E 410 -11.10 36.89 -25.59
C VAL E 410 -11.51 35.98 -26.74
N HIS E 411 -12.35 36.45 -27.65
CA HIS E 411 -12.64 35.73 -28.89
C HIS E 411 -11.59 36.09 -29.94
N VAL E 412 -10.96 35.07 -30.52
CA VAL E 412 -9.92 35.21 -31.54
C VAL E 412 -10.48 34.67 -32.84
N ASP E 413 -10.33 35.41 -33.93
CA ASP E 413 -10.93 35.00 -35.19
C ASP E 413 -9.98 34.11 -35.97
N HIS E 414 -10.35 33.75 -37.21
CA HIS E 414 -9.55 32.83 -38.03
C HIS E 414 -8.17 33.39 -38.44
N GLU E 415 -7.90 34.69 -38.24
CA GLU E 415 -6.63 35.33 -38.56
C GLU E 415 -5.78 35.62 -37.33
N GLY E 416 -6.24 35.20 -36.14
CA GLY E 416 -5.48 35.46 -34.95
C GLY E 416 -5.76 36.80 -34.33
N ARG E 417 -6.78 37.51 -34.80
CA ARG E 417 -7.14 38.82 -34.29
C ARG E 417 -8.31 38.68 -33.32
N SER E 418 -8.15 39.24 -32.14
CA SER E 418 -9.18 39.23 -31.13
C SER E 418 -10.03 40.49 -31.23
N VAL E 419 -11.22 40.44 -30.64
CA VAL E 419 -12.05 41.64 -30.65
C VAL E 419 -11.42 42.74 -29.80
N ALA E 420 -10.75 42.37 -28.71
CA ALA E 420 -10.07 43.37 -27.89
C ALA E 420 -8.99 44.06 -28.71
N GLY E 421 -8.20 43.28 -29.47
CA GLY E 421 -7.18 43.88 -30.31
C GLY E 421 -7.76 44.77 -31.40
N GLU E 422 -8.82 44.30 -32.04
CA GLU E 422 -9.47 45.12 -33.05
C GLU E 422 -9.96 46.42 -32.44
N LEU E 423 -10.52 46.37 -31.23
CA LEU E 423 -11.00 47.59 -30.60
C LEU E 423 -9.86 48.52 -30.24
N ILE E 424 -8.77 47.98 -29.71
CA ILE E 424 -7.61 48.80 -29.37
C ILE E 424 -7.12 49.53 -30.62
N ALA E 425 -6.97 48.79 -31.72
CA ALA E 425 -6.55 49.41 -32.98
C ALA E 425 -7.54 50.47 -33.42
N ARG E 426 -8.83 50.16 -33.42
CA ARG E 426 -9.81 51.10 -33.95
C ARG E 426 -9.89 52.35 -33.10
N SER E 427 -9.57 52.25 -31.80
CA SER E 427 -9.70 53.39 -30.91
C SER E 427 -8.60 54.42 -31.10
N GLY E 428 -7.44 54.01 -31.63
CA GLY E 428 -6.30 54.89 -31.75
C GLY E 428 -5.57 55.19 -30.46
N LEU E 429 -5.93 54.57 -29.35
CA LEU E 429 -5.24 54.85 -28.10
C LEU E 429 -4.08 53.87 -27.87
N ALA E 430 -3.22 54.23 -26.92
CA ALA E 430 -2.19 53.30 -26.48
C ALA E 430 -2.85 52.08 -25.82
N PRO E 431 -2.31 50.88 -26.04
CA PRO E 431 -2.95 49.68 -25.45
C PRO E 431 -3.20 49.81 -23.96
N THR E 432 -2.22 50.33 -23.19
CA THR E 432 -2.41 50.45 -21.75
C THR E 432 -3.54 51.42 -21.43
N ALA E 433 -3.72 52.45 -22.26
CA ALA E 433 -4.78 53.42 -21.99
C ALA E 433 -6.17 52.81 -22.23
N TRP E 434 -6.33 52.13 -23.36
CA TRP E 434 -7.57 51.40 -23.62
C TRP E 434 -7.85 50.44 -22.48
N LEU E 435 -6.82 49.70 -22.05
CA LEU E 435 -6.99 48.78 -20.93
C LEU E 435 -7.45 49.52 -19.69
N ARG E 436 -6.93 50.73 -19.49
CA ARG E 436 -7.23 51.51 -18.30
C ARG E 436 -8.70 51.88 -18.27
N HIS E 437 -9.24 52.25 -19.42
CA HIS E 437 -10.67 52.54 -19.48
C HIS E 437 -11.49 51.29 -19.18
N TYR E 438 -11.12 50.17 -19.83
CA TYR E 438 -11.84 48.90 -19.61
C TYR E 438 -11.83 48.52 -18.15
N LEU E 439 -10.67 48.63 -17.50
CA LEU E 439 -10.54 48.25 -16.10
C LEU E 439 -11.37 49.16 -15.19
N ARG E 440 -11.39 50.46 -15.48
CA ARG E 440 -12.19 51.37 -14.67
C ARG E 440 -13.68 51.07 -14.84
N ALA E 441 -14.08 50.59 -16.00
CA ALA E 441 -15.49 50.25 -16.17
C ALA E 441 -15.87 48.94 -15.50
N TYR E 442 -15.03 47.91 -15.63
CA TYR E 442 -15.37 46.55 -15.23
C TYR E 442 -14.77 46.14 -13.89
N TYR E 443 -13.50 46.43 -13.65
CA TYR E 443 -12.77 45.87 -12.51
C TYR E 443 -12.89 46.74 -11.27
N THR E 444 -12.84 48.07 -11.42
CA THR E 444 -12.94 48.95 -10.27
C THR E 444 -14.24 48.74 -9.48
N PRO E 445 -15.39 48.61 -10.12
CA PRO E 445 -16.61 48.35 -9.36
C PRO E 445 -16.55 47.08 -8.56
N LEU E 446 -15.84 46.04 -9.06
CA LEU E 446 -15.70 44.81 -8.29
C LEU E 446 -14.86 45.06 -7.03
N LEU E 447 -13.77 45.82 -7.16
CA LEU E 447 -12.98 46.19 -6.00
C LEU E 447 -13.82 46.93 -4.97
N HIS E 448 -14.57 47.93 -5.41
CA HIS E 448 -15.35 48.69 -4.43
C HIS E 448 -16.45 47.84 -3.80
N SER E 449 -17.13 46.99 -4.59
CA SER E 449 -18.14 46.11 -4.02
C SER E 449 -17.54 45.22 -2.94
N PHE E 450 -16.38 44.62 -3.21
CA PHE E 450 -15.75 43.76 -2.21
C PHE E 450 -15.37 44.55 -0.96
N TYR E 451 -14.60 45.63 -1.11
CA TYR E 451 -13.98 46.24 0.07
C TYR E 451 -15.01 47.02 0.90
N ALA E 452 -15.97 47.67 0.23
CA ALA E 452 -16.92 48.54 0.90
C ALA E 452 -18.19 47.82 1.31
N TYR E 453 -18.53 46.69 0.69
CA TYR E 453 -19.80 46.06 0.98
C TYR E 453 -19.74 44.57 1.23
N ASP E 454 -18.57 43.93 1.18
CA ASP E 454 -18.49 42.47 1.23
C ASP E 454 -19.31 41.80 0.12
N LEU E 455 -19.46 42.47 -1.00
CA LEU E 455 -20.33 42.02 -2.09
C LEU E 455 -19.49 41.40 -3.20
N ALA E 456 -19.86 40.20 -3.62
CA ALA E 456 -19.19 39.52 -4.73
C ALA E 456 -20.21 39.14 -5.78
N PHE E 457 -19.81 39.31 -7.04
CA PHE E 457 -20.58 38.88 -8.18
C PHE E 457 -19.97 37.56 -8.68
N MET E 458 -20.44 37.09 -9.84
CA MET E 458 -19.74 36.07 -10.63
C MET E 458 -19.44 36.72 -11.97
N PRO E 459 -18.44 37.59 -12.05
CA PRO E 459 -18.35 38.47 -13.22
C PRO E 459 -17.57 37.96 -14.41
N HIS E 460 -17.98 36.80 -14.92
CA HIS E 460 -17.26 36.25 -16.06
C HIS E 460 -17.76 36.88 -17.36
N GLY E 461 -17.25 36.39 -18.48
CA GLY E 461 -17.53 37.04 -19.75
C GLY E 461 -18.99 37.03 -20.16
N GLU E 462 -19.73 35.98 -19.79
CA GLU E 462 -21.12 35.87 -20.16
C GLU E 462 -22.01 36.72 -19.27
N ASN E 463 -21.58 37.02 -18.05
CA ASN E 463 -22.38 37.84 -17.15
C ASN E 463 -22.11 39.34 -17.26
N THR E 464 -21.24 39.78 -18.16
CA THR E 464 -20.85 41.18 -18.27
C THR E 464 -21.06 41.61 -19.71
N ILE E 465 -21.73 42.75 -19.88
CA ILE E 465 -21.87 43.42 -21.17
C ILE E 465 -21.11 44.75 -21.12
N LEU E 466 -20.40 45.06 -22.20
CA LEU E 466 -19.60 46.28 -22.28
C LEU E 466 -20.27 47.23 -23.26
N VAL E 467 -20.31 48.51 -22.88
CA VAL E 467 -20.80 49.59 -23.73
C VAL E 467 -19.59 50.28 -24.34
N LEU E 468 -19.56 50.31 -25.67
CA LEU E 468 -18.42 50.79 -26.43
C LEU E 468 -18.79 52.08 -27.15
N LYS E 469 -17.82 53.00 -27.21
CA LYS E 469 -17.94 54.18 -28.05
C LYS E 469 -16.56 54.56 -28.55
N ASP E 470 -16.43 54.69 -29.87
CA ASP E 470 -15.15 54.99 -30.53
C ASP E 470 -14.11 53.90 -30.22
N GLY E 471 -14.56 52.65 -30.11
CA GLY E 471 -13.67 51.55 -29.78
C GLY E 471 -13.24 51.51 -28.33
N VAL E 472 -13.83 52.32 -27.47
CA VAL E 472 -13.41 52.42 -26.07
C VAL E 472 -14.53 51.93 -25.17
N VAL E 473 -14.15 51.21 -24.12
CA VAL E 473 -15.16 50.79 -23.14
C VAL E 473 -15.61 52.02 -22.37
N GLN E 474 -16.90 52.37 -22.47
CA GLN E 474 -17.46 53.50 -21.72
C GLN E 474 -17.92 53.09 -20.33
N ARG E 475 -18.55 51.93 -20.19
CA ARG E 475 -19.07 51.44 -18.93
C ARG E 475 -19.48 49.97 -19.10
N ALA E 476 -19.71 49.32 -17.97
CA ALA E 476 -20.09 47.93 -17.96
C ALA E 476 -21.48 47.76 -17.37
N VAL E 477 -22.16 46.72 -17.84
CA VAL E 477 -23.47 46.32 -17.36
C VAL E 477 -23.33 44.90 -16.82
N TYR E 478 -23.75 44.69 -15.58
CA TYR E 478 -23.77 43.38 -14.97
C TYR E 478 -25.17 42.75 -15.08
N LYS E 479 -25.20 41.42 -15.22
CA LYS E 479 -26.46 40.69 -15.25
C LYS E 479 -26.31 39.36 -14.52
N ASP E 480 -27.45 38.67 -14.35
CA ASP E 480 -27.50 37.40 -13.63
C ASP E 480 -27.22 37.69 -12.15
N ILE E 481 -28.20 38.28 -11.46
CA ILE E 481 -27.93 38.98 -10.21
C ILE E 481 -28.43 38.16 -9.02
N ALA E 482 -29.73 37.93 -8.96
CA ALA E 482 -30.29 37.32 -7.76
C ALA E 482 -29.68 35.95 -7.49
N GLU E 483 -29.38 35.18 -8.54
CA GLU E 483 -28.81 33.85 -8.37
C GLU E 483 -27.35 33.90 -8.00
N GLU E 484 -26.63 34.97 -8.30
CA GLU E 484 -25.18 34.93 -8.23
C GLU E 484 -24.57 35.77 -7.11
N ILE E 485 -25.15 36.93 -6.73
CA ILE E 485 -24.43 37.83 -5.81
C ILE E 485 -24.34 37.16 -4.45
N VAL E 486 -23.29 37.52 -3.70
CA VAL E 486 -23.08 37.00 -2.35
C VAL E 486 -22.59 38.15 -1.48
N VAL E 487 -23.19 38.30 -0.31
CA VAL E 487 -22.72 39.21 0.72
C VAL E 487 -22.04 38.35 1.76
N MET E 488 -20.72 38.51 1.87
CA MET E 488 -19.86 37.59 2.64
C MET E 488 -19.73 38.06 4.09
N ASP E 489 -20.86 38.14 4.75
CA ASP E 489 -20.94 38.58 6.14
C ASP E 489 -22.22 38.01 6.72
N PRO E 490 -22.16 36.88 7.42
CA PRO E 490 -23.41 36.24 7.89
C PRO E 490 -24.24 37.12 8.80
N ASP E 491 -23.61 38.10 9.47
CA ASP E 491 -24.30 38.97 10.41
C ASP E 491 -24.54 40.38 9.87
N ALA E 492 -24.39 40.57 8.55
CA ALA E 492 -24.65 41.87 7.96
C ALA E 492 -26.11 42.22 8.13
N VAL E 493 -26.37 43.52 8.33
CA VAL E 493 -27.72 44.02 8.46
C VAL E 493 -28.27 44.26 7.05
N LEU E 494 -29.33 43.54 6.70
CA LEU E 494 -29.87 43.59 5.35
C LEU E 494 -31.38 43.48 5.39
N PRO E 495 -32.06 44.09 4.44
CA PRO E 495 -33.51 44.01 4.40
C PRO E 495 -33.96 42.57 4.36
N PRO E 496 -35.22 42.31 4.73
CA PRO E 496 -35.69 40.92 4.76
C PRO E 496 -35.48 40.20 3.44
N GLU E 497 -35.99 40.74 2.35
CA GLU E 497 -35.97 40.02 1.10
C GLU E 497 -34.58 39.80 0.51
N VAL E 498 -33.55 40.50 1.02
CA VAL E 498 -32.18 40.34 0.55
C VAL E 498 -31.36 39.48 1.49
N ARG E 499 -31.82 39.24 2.73
CA ARG E 499 -30.97 38.56 3.70
C ARG E 499 -30.56 37.18 3.22
N ARG E 500 -31.26 36.61 2.23
CA ARG E 500 -30.92 35.28 1.73
C ARG E 500 -29.58 35.22 1.00
N VAL E 501 -29.07 36.34 0.50
CA VAL E 501 -27.78 36.28 -0.20
C VAL E 501 -26.58 36.23 0.74
N ARG E 502 -26.78 36.39 2.04
CA ARG E 502 -25.66 36.28 2.96
C ARG E 502 -25.13 34.86 2.98
N ALA E 503 -23.83 34.72 3.17
CA ALA E 503 -23.21 33.41 3.19
C ALA E 503 -21.98 33.45 4.08
N GLU E 504 -21.60 32.28 4.59
CA GLU E 504 -20.40 32.10 5.39
C GLU E 504 -19.28 31.60 4.48
N VAL E 505 -18.36 32.48 4.15
CA VAL E 505 -17.20 32.15 3.31
C VAL E 505 -15.94 32.29 4.18
N PRO E 506 -15.09 31.27 4.25
CA PRO E 506 -13.88 31.37 5.08
C PRO E 506 -13.07 32.61 4.73
N GLU E 507 -12.40 33.13 5.76
CA GLU E 507 -11.69 34.41 5.66
C GLU E 507 -10.69 34.42 4.52
N ASP E 508 -9.75 33.52 4.53
CA ASP E 508 -8.71 33.46 3.49
C ASP E 508 -9.20 32.99 2.11
N MET E 509 -10.51 32.78 1.95
CA MET E 509 -11.09 32.48 0.67
C MET E 509 -11.90 33.63 0.11
N LYS E 510 -12.23 34.65 0.94
CA LYS E 510 -13.11 35.70 0.45
C LYS E 510 -12.53 36.44 -0.76
N LEU E 511 -11.24 36.77 -0.72
CA LEU E 511 -10.65 37.51 -1.83
C LEU E 511 -10.50 36.65 -3.09
N LEU E 512 -10.76 35.35 -2.99
CA LEU E 512 -10.85 34.56 -4.22
C LEU E 512 -11.88 35.14 -5.19
N SER E 513 -12.89 35.85 -4.68
CA SER E 513 -13.85 36.43 -5.60
C SER E 513 -13.16 37.33 -6.62
N ILE E 514 -12.02 37.89 -6.27
CA ILE E 514 -11.20 38.59 -7.26
C ILE E 514 -10.14 37.67 -7.86
N PHE E 515 -9.45 36.92 -7.03
CA PHE E 515 -8.29 36.17 -7.50
C PHE E 515 -8.69 35.11 -8.53
N THR E 516 -9.74 34.34 -8.20
CA THR E 516 -10.17 33.25 -9.07
C THR E 516 -11.04 33.80 -10.20
N ASP E 517 -12.15 34.47 -9.85
CA ASP E 517 -13.18 34.79 -10.82
C ASP E 517 -12.72 35.85 -11.81
N VAL E 518 -11.82 36.75 -11.41
CA VAL E 518 -11.38 37.82 -12.30
C VAL E 518 -10.00 37.50 -12.88
N PHE E 519 -8.99 37.35 -12.01
CA PHE E 519 -7.62 37.20 -12.48
C PHE E 519 -7.43 35.87 -13.20
N ASP E 520 -7.65 34.77 -12.48
CA ASP E 520 -7.30 33.44 -13.00
C ASP E 520 -8.32 32.88 -14.01
N CYS E 521 -9.55 33.39 -14.03
CA CYS E 521 -10.56 32.84 -14.93
C CYS E 521 -10.91 33.75 -16.09
N PHE E 522 -10.41 35.00 -16.10
CA PHE E 522 -10.60 35.87 -17.26
C PHE E 522 -9.35 36.65 -17.66
N PHE E 523 -8.73 37.35 -16.70
CA PHE E 523 -7.56 38.16 -17.05
C PHE E 523 -6.38 37.31 -17.52
N ARG E 524 -6.17 36.12 -16.97
CA ARG E 524 -5.13 35.22 -17.49
C ARG E 524 -5.30 34.99 -18.98
N PHE E 525 -6.54 34.80 -19.45
CA PHE E 525 -6.73 34.58 -20.88
C PHE E 525 -6.56 35.87 -21.67
N LEU E 526 -7.07 37.01 -21.14
CA LEU E 526 -6.99 38.26 -21.91
C LEU E 526 -5.55 38.74 -22.02
N ALA E 527 -4.80 38.67 -20.93
CA ALA E 527 -3.40 39.07 -20.97
C ALA E 527 -2.61 38.14 -21.89
N ALA E 528 -2.79 36.81 -21.76
CA ALA E 528 -2.07 35.90 -22.64
C ALA E 528 -2.44 36.12 -24.11
N GLY E 529 -3.70 36.44 -24.39
CA GLY E 529 -4.09 36.66 -25.77
C GLY E 529 -3.48 37.93 -26.34
N LEU E 530 -3.58 39.03 -25.60
CA LEU E 530 -3.05 40.28 -26.09
C LEU E 530 -1.54 40.21 -26.25
N ALA E 531 -0.85 39.40 -25.43
CA ALA E 531 0.59 39.22 -25.61
C ALA E 531 0.88 38.41 -26.88
N THR E 532 0.28 37.23 -27.01
CA THR E 532 0.49 36.42 -28.20
C THR E 532 0.11 37.18 -29.47
N GLU E 533 -0.93 38.00 -29.39
CA GLU E 533 -1.38 38.81 -30.51
C GLU E 533 -0.42 39.96 -30.79
N GLU E 534 0.57 40.17 -29.93
CA GLU E 534 1.58 41.22 -30.11
C GLU E 534 0.93 42.60 -30.05
N VAL E 535 -0.05 42.74 -29.17
CA VAL E 535 -0.67 44.02 -28.91
C VAL E 535 -0.15 44.64 -27.62
N LEU E 536 0.07 43.82 -26.59
CA LEU E 536 0.35 44.33 -25.26
C LEU E 536 1.10 43.24 -24.51
N ALA E 537 2.23 43.61 -23.92
CA ALA E 537 3.06 42.68 -23.19
C ALA E 537 2.43 42.35 -21.84
N GLU E 538 2.77 41.17 -21.33
CA GLU E 538 2.19 40.71 -20.07
C GLU E 538 2.47 41.70 -18.95
N ASP E 539 3.74 42.12 -18.82
CA ASP E 539 4.15 43.03 -17.78
C ASP E 539 3.35 44.32 -17.87
N ASP E 540 3.10 44.81 -19.08
CA ASP E 540 2.32 46.03 -19.23
C ASP E 540 0.87 45.84 -18.79
N PHE E 541 0.25 44.73 -19.20
CA PHE E 541 -1.10 44.42 -18.75
C PHE E 541 -1.17 44.43 -17.22
N TRP E 542 -0.33 43.62 -16.58
CA TRP E 542 -0.48 43.46 -15.14
C TRP E 542 -0.06 44.70 -14.40
N ARG E 543 0.88 45.48 -14.97
CA ARG E 543 1.26 46.75 -14.36
C ARG E 543 0.08 47.72 -14.39
N THR E 544 -0.65 47.74 -15.51
CA THR E 544 -1.85 48.57 -15.58
C THR E 544 -2.88 48.12 -14.55
N VAL E 545 -3.02 46.80 -14.37
CA VAL E 545 -3.97 46.31 -13.35
C VAL E 545 -3.55 46.78 -11.96
N ALA E 546 -2.27 46.64 -11.63
CA ALA E 546 -1.78 47.09 -10.34
C ALA E 546 -1.98 48.59 -10.17
N GLU E 547 -1.72 49.37 -11.23
CA GLU E 547 -1.89 50.81 -11.16
C GLU E 547 -3.34 51.17 -10.87
N VAL E 548 -4.28 50.51 -11.53
CA VAL E 548 -5.69 50.79 -11.28
C VAL E 548 -6.07 50.38 -9.87
N THR E 549 -5.51 49.28 -9.38
CA THR E 549 -5.81 48.84 -8.01
C THR E 549 -5.34 49.87 -6.98
N ARG E 550 -4.11 50.36 -7.11
CA ARG E 550 -3.60 51.35 -6.16
C ARG E 550 -4.29 52.69 -6.36
N GLU E 551 -4.63 53.04 -7.59
CA GLU E 551 -5.40 54.24 -7.84
C GLU E 551 -6.72 54.18 -7.07
N TYR E 552 -7.35 53.01 -7.02
CA TYR E 552 -8.56 52.90 -6.22
C TYR E 552 -8.24 52.99 -4.73
N GLN E 553 -7.26 52.20 -4.25
CA GLN E 553 -7.04 52.09 -2.81
C GLN E 553 -6.56 53.42 -2.20
N GLU E 554 -5.66 54.13 -2.89
CA GLU E 554 -5.18 55.41 -2.38
C GLU E 554 -6.29 56.46 -2.32
N ALA E 555 -7.35 56.28 -3.09
CA ALA E 555 -8.47 57.21 -3.06
C ALA E 555 -9.44 56.95 -1.90
N HIS E 556 -9.21 55.89 -1.12
CA HIS E 556 -10.14 55.50 -0.05
C HIS E 556 -9.36 55.01 1.17
N PRO E 557 -8.65 55.92 1.85
CA PRO E 557 -7.91 55.51 3.05
C PRO E 557 -8.79 55.02 4.19
N GLU E 558 -10.08 55.38 4.19
CA GLU E 558 -10.96 54.87 5.23
C GLU E 558 -11.11 53.36 5.20
N LEU E 559 -10.65 52.70 4.13
CA LEU E 559 -10.72 51.25 4.04
C LEU E 559 -9.36 50.59 4.20
N ASP E 560 -8.34 51.37 4.63
CA ASP E 560 -6.98 50.85 4.66
C ASP E 560 -6.91 49.56 5.46
N ASP E 561 -7.64 49.48 6.57
CA ASP E 561 -7.62 48.26 7.37
C ASP E 561 -8.03 47.06 6.54
N ARG E 562 -9.17 47.16 5.84
CA ARG E 562 -9.61 46.07 4.98
C ARG E 562 -8.63 45.83 3.84
N PHE E 563 -8.01 46.89 3.31
CA PHE E 563 -6.97 46.71 2.30
C PHE E 563 -5.84 45.83 2.83
N ARG E 564 -5.53 45.96 4.12
CA ARG E 564 -4.53 45.08 4.70
C ARG E 564 -5.13 43.70 5.00
N GLN E 565 -6.40 43.65 5.39
CA GLN E 565 -6.98 42.38 5.79
C GLN E 565 -7.08 41.43 4.59
N TYR E 566 -7.38 41.99 3.42
CA TYR E 566 -7.53 41.25 2.17
C TYR E 566 -6.54 41.87 1.18
N ASP E 567 -5.33 41.32 1.15
CA ASP E 567 -4.21 41.92 0.45
C ASP E 567 -4.21 41.46 -1.00
N LEU E 568 -4.60 42.35 -1.91
CA LEU E 568 -4.53 42.02 -3.32
C LEU E 568 -3.10 41.95 -3.84
N PHE E 569 -2.11 42.37 -3.05
CA PHE E 569 -0.72 42.37 -3.48
C PHE E 569 0.12 41.29 -2.79
N ALA E 570 -0.53 40.33 -2.16
CA ALA E 570 0.18 39.22 -1.56
C ALA E 570 1.01 38.50 -2.63
N PRO E 571 2.13 37.89 -2.24
CA PRO E 571 2.98 37.21 -3.23
C PRO E 571 2.27 36.04 -3.94
N GLU E 572 1.29 35.42 -3.28
CA GLU E 572 0.67 34.22 -3.82
C GLU E 572 -0.81 34.17 -3.42
N PHE E 573 -1.57 33.39 -4.17
CA PHE E 573 -2.93 33.07 -3.74
C PHE E 573 -3.31 31.68 -4.22
N ALA E 574 -4.36 31.13 -3.64
CA ALA E 574 -4.69 29.73 -3.88
C ALA E 574 -5.05 29.51 -5.35
N LEU E 575 -4.65 28.36 -5.87
CA LEU E 575 -5.09 27.88 -7.18
C LEU E 575 -6.40 27.12 -7.01
N SER E 576 -7.49 27.69 -7.47
CA SER E 576 -8.81 27.07 -7.42
C SER E 576 -9.17 26.46 -8.77
N CYS E 577 -9.34 25.15 -8.82
CA CYS E 577 -9.46 24.42 -10.07
C CYS E 577 -10.93 24.28 -10.50
N LEU E 578 -11.25 24.73 -11.70
CA LEU E 578 -12.64 24.65 -12.12
C LEU E 578 -12.98 23.32 -12.76
N ASN E 579 -12.15 22.85 -13.68
CA ASN E 579 -12.47 21.57 -14.30
C ASN E 579 -12.56 20.46 -13.26
N ARG E 580 -11.79 20.55 -12.18
CA ARG E 580 -11.86 19.48 -11.20
C ARG E 580 -13.25 19.35 -10.64
N LEU E 581 -13.96 20.47 -10.49
CA LEU E 581 -15.32 20.46 -9.99
C LEU E 581 -16.21 19.65 -10.89
N GLN E 582 -16.16 19.92 -12.20
CA GLN E 582 -17.00 19.20 -13.15
C GLN E 582 -16.58 17.74 -13.30
N LEU E 583 -15.29 17.43 -13.25
CA LEU E 583 -14.89 16.03 -13.34
C LEU E 583 -15.34 15.24 -12.11
N ARG E 584 -15.41 15.89 -10.94
CA ARG E 584 -15.83 15.14 -9.76
C ARG E 584 -17.35 14.95 -9.71
N ASP E 585 -18.11 15.96 -10.11
CA ASP E 585 -19.56 15.86 -10.14
C ASP E 585 -20.05 16.59 -11.39
N ASN E 586 -20.42 15.79 -12.40
CA ASN E 586 -20.89 16.25 -13.71
C ASN E 586 -22.20 17.03 -13.63
N ARG E 587 -23.05 16.68 -12.68
CA ARG E 587 -24.42 17.17 -12.67
C ARG E 587 -24.68 18.32 -11.71
N GLN E 588 -23.86 18.47 -10.70
CA GLN E 588 -24.05 19.51 -9.69
C GLN E 588 -22.66 19.83 -9.15
N MET E 589 -21.94 20.72 -9.84
CA MET E 589 -20.55 20.98 -9.52
C MET E 589 -20.34 21.42 -8.08
N VAL E 590 -21.27 22.22 -7.54
CA VAL E 590 -21.18 22.82 -6.20
C VAL E 590 -22.58 22.67 -5.62
N ASP E 591 -22.66 22.69 -4.27
CA ASP E 591 -23.94 22.48 -3.58
C ASP E 591 -24.89 23.65 -3.82
N LEU E 592 -24.37 24.87 -3.81
CA LEU E 592 -25.17 26.10 -3.92
C LEU E 592 -25.76 26.52 -2.58
N ALA E 593 -25.94 25.58 -1.66
CA ALA E 593 -26.20 25.91 -0.27
C ALA E 593 -24.90 26.16 0.51
N ASP E 594 -23.81 25.54 0.08
CA ASP E 594 -22.48 25.71 0.68
C ASP E 594 -21.47 25.65 -0.47
N PRO E 595 -21.47 26.65 -1.34
CA PRO E 595 -20.70 26.52 -2.60
C PRO E 595 -19.18 26.49 -2.42
N SER E 596 -18.65 27.03 -1.34
CA SER E 596 -17.21 27.00 -1.13
C SER E 596 -16.74 25.63 -0.67
N ALA E 597 -17.65 24.75 -0.26
CA ALA E 597 -17.24 23.43 0.24
C ALA E 597 -16.73 22.51 -0.88
N ALA E 598 -17.16 22.72 -2.12
CA ALA E 598 -16.72 21.88 -3.22
C ALA E 598 -15.45 22.39 -3.90
N LEU E 599 -14.99 23.60 -3.54
CA LEU E 599 -13.84 24.17 -4.21
C LEU E 599 -12.62 23.30 -3.95
N GLN E 600 -11.75 23.20 -4.96
CA GLN E 600 -10.54 22.38 -4.89
C GLN E 600 -9.35 23.28 -5.15
N LEU E 601 -8.76 23.79 -4.08
CA LEU E 601 -7.54 24.61 -4.17
C LEU E 601 -6.35 23.69 -4.07
N VAL E 602 -5.50 23.73 -5.09
CA VAL E 602 -4.39 22.78 -5.25
C VAL E 602 -3.11 23.62 -5.36
N GLY E 603 -2.50 23.92 -4.22
CA GLY E 603 -1.31 24.73 -4.23
C GLY E 603 -1.66 26.18 -4.49
N THR E 604 -0.69 26.94 -4.98
CA THR E 604 -0.82 28.39 -5.09
C THR E 604 -0.23 28.85 -6.42
N LEU E 605 -0.66 30.04 -6.81
CA LEU E 605 -0.17 30.74 -7.96
C LEU E 605 0.57 31.99 -7.49
N ARG E 606 1.64 32.35 -8.20
CA ARG E 606 2.34 33.59 -7.93
C ARG E 606 1.53 34.76 -8.45
N ASN E 607 1.22 35.71 -7.57
CA ASN E 607 0.38 36.85 -7.90
C ASN E 607 1.11 37.79 -8.85
N PRO E 608 0.58 38.04 -10.05
CA PRO E 608 1.27 38.95 -10.96
C PRO E 608 1.37 40.37 -10.43
N LEU E 609 0.56 40.72 -9.42
CA LEU E 609 0.59 42.04 -8.80
C LEU E 609 1.65 42.15 -7.70
N ALA E 610 2.39 41.08 -7.42
CA ALA E 610 3.38 41.10 -6.35
C ALA E 610 4.39 42.22 -6.58
N GLY E 611 4.80 42.43 -7.82
CA GLY E 611 5.65 43.57 -8.13
C GLY E 611 4.90 44.90 -8.02
#